data_1Q9X
#
_entry.id   1Q9X
#
_cell.length_a   131.948
_cell.length_b   122.237
_cell.length_c   165.358
_cell.angle_alpha   90.00
_cell.angle_beta   96.85
_cell.angle_gamma   90.00
#
_symmetry.space_group_name_H-M   'P 1 21 1'
#
loop_
_entity.id
_entity.type
_entity.pdbx_description
1 polymer "5'-GCGGACTGCTTAC(dideoxycytidine)-3'"
2 polymer "5'-AC(tetrahydrofuran)GGTAAGCAGTCCGCGG-3'"
3 polymer 'DNA polymerase'
4 non-polymer "1',2'-DIDEOXYRIBOFURANOSE-5'-PHOSPHATE"
5 non-polymer "2',3'-DIDEOXYCYTIDINE-5'-MONOPHOSPHATE"
6 non-polymer "2'-DEOXYGUANOSINE-5'-MONOPHOSPHATE"
7 non-polymer 'CALCIUM ION'
8 water water
#
loop_
_entity_poly.entity_id
_entity_poly.type
_entity_poly.pdbx_seq_one_letter_code
_entity_poly.pdbx_strand_id
1 'polydeoxyribonucleotide' (DA)(DC)(DG)(DG)(DT)(DA)(DA)(DG)(DC)(DA)(DG)(DT)(DC)(DC)(DG)(DC)(DG)(DG) E,F,G,H
2 'polydeoxyribonucleotide' (DG)(DC)(DG)(DG)(DA)(DC)(DT)(DG)(DC)(DT)(DT)(DA)(DC) I,J,K,L
3 'polypeptide(L)'
;MKEFYLTVEQIGDSIFERYIDSNGRERTREVEYKPSLFAHCPESQATKYFDIYGKPCTRKLFANMRDASQWIKRMEDIGL
EALGMDDFKLAYLSDTYNYEIKYDHTKIRVANFDIEVTSPDGFPEPSQAKHPIDAITHYDSIDDRFYVFDLLNSPYGNVE
EWSIEIAAKLQEQGGDEVPSEIIDKIIYMPFDNEKELLMEYLNFWQQKTPVILTGWNVESFAIPYVYNRIKNIFGESTAK
RLSPHRKTRVKVIENMYGSREIITLFGISVLDYIDLYKKFSFTNQPSYSLDYISEFELNVGKLKYDGPISKLRESNHQRY
ISYNIIAVYRVLQIDAKRQFINLSLDMGYYAKIQIQSVFSPIKTWDAIIFNSLKEQNKVIPQGRSHPVQPYPGAFVKEPI
PNRYKYVMSFDLTSLYPSIIRQVNISPETIAGTFKVAPLHDYINAVAERPSDVYSCSPNGMMYYKDRDGVVPTEITKVFN
QRKEHKGYMLAAQRNGEIIKEALHNPNLSVDEPLDVDYRFDFSDEIKEKIKKLSAKSLNEMLFRAQRTEVAGMTAQINRK
LLINSLYGALGNVWFRYYDLRNATAITTFGQMALQWIERKVNEYLNEVCGTEGEAFVLYGDTDSIYVSADKIIDKVGESK
FRDTNHWVDFLDKFARERMEPAIDRGFREMCEYMNNKQHLMFMDREAIAGPPLGSKGIGGFWTGKKRYALNVWDMEGTRY
AEPKLKIMGLETQKSSTPKAVQKALKECIRRMLQEGEESLQEYFKEFEKEFRQLNYISIASVSSANNIAKYDVGGFPGPK
CPFHIRGILTYNRAIKGNIDAPQVVEGEKVYVLPLREGNPFGDKCIAWPSGTEITDLIKDDVLHWMDYTVLLEKTFIKPL
EGFTSAAKLDYEKKASLFDMFDF
;
A,B,C,D
#
loop_
_chem_comp.id
_chem_comp.type
_chem_comp.name
_chem_comp.formula
3DR DNA linking 1',2'-DIDEOXYRIBOFURANOSE-5'-PHOSPHATE 'C5 H11 O6 P'
CA non-polymer 'CALCIUM ION' 'Ca 2'
DA DNA linking 2'-DEOXYADENOSINE-5'-MONOPHOSPHATE 'C10 H14 N5 O6 P'
DC DNA linking 2'-DEOXYCYTIDINE-5'-MONOPHOSPHATE 'C9 H14 N3 O7 P'
DG DNA linking 2'-DEOXYGUANOSINE-5'-MONOPHOSPHATE 'C10 H14 N5 O7 P'
DGP non-polymer 2'-DEOXYGUANOSINE-5'-MONOPHOSPHATE 'C10 H14 N5 O7 P'
DOC DNA linking 2',3'-DIDEOXYCYTIDINE-5'-MONOPHOSPHATE 'C9 H14 N3 O6 P'
DT DNA linking THYMIDINE-5'-MONOPHOSPHATE 'C10 H15 N2 O8 P'
#
# COMPACT_ATOMS: atom_id res chain seq x y z
N MET I 1 -27.69 -10.37 1.52
CA MET I 1 -28.33 -11.49 2.25
C MET I 1 -27.31 -12.60 2.62
N LYS I 2 -27.44 -13.14 3.84
CA LYS I 2 -26.55 -14.19 4.39
C LYS I 2 -27.13 -15.59 4.18
N GLU I 3 -26.26 -16.60 4.22
CA GLU I 3 -26.67 -18.01 4.01
C GLU I 3 -27.40 -18.60 5.21
N PHE I 4 -28.38 -19.46 4.92
CA PHE I 4 -29.08 -20.27 5.91
C PHE I 4 -29.60 -21.58 5.29
N TYR I 5 -29.76 -22.60 6.14
CA TYR I 5 -30.19 -23.94 5.75
C TYR I 5 -31.69 -24.04 5.54
N LEU I 6 -32.09 -24.93 4.64
CA LEU I 6 -33.49 -25.17 4.44
C LEU I 6 -33.88 -26.42 5.20
N THR I 7 -33.20 -27.53 4.90
CA THR I 7 -33.38 -28.83 5.57
C THR I 7 -32.03 -29.53 5.66
N VAL I 8 -31.89 -30.51 6.55
CA VAL I 8 -30.63 -31.26 6.68
C VAL I 8 -30.88 -32.69 7.10
N GLU I 9 -30.14 -33.64 6.52
CA GLU I 9 -30.26 -35.05 6.94
C GLU I 9 -28.93 -35.77 6.91
N GLN I 10 -28.84 -36.86 7.67
CA GLN I 10 -27.69 -37.76 7.58
C GLN I 10 -28.02 -38.99 6.74
N ILE I 11 -27.21 -39.24 5.73
CA ILE I 11 -27.34 -40.44 4.93
C ILE I 11 -25.94 -41.07 4.86
N GLY I 12 -25.74 -42.15 5.62
CA GLY I 12 -24.45 -42.80 5.69
C GLY I 12 -23.40 -41.91 6.36
N ASP I 13 -22.30 -41.69 5.65
CA ASP I 13 -21.27 -40.76 6.10
C ASP I 13 -21.42 -39.37 5.47
N SER I 14 -22.59 -39.12 4.88
CA SER I 14 -22.86 -37.83 4.25
C SER I 14 -23.91 -37.06 5.02
N ILE I 15 -23.69 -35.76 5.15
CA ILE I 15 -24.80 -34.90 5.46
C ILE I 15 -25.26 -34.32 4.15
N PHE I 16 -26.57 -34.41 3.92
CA PHE I 16 -27.23 -33.85 2.73
C PHE I 16 -28.00 -32.58 3.09
N GLU I 17 -27.53 -31.44 2.63
CA GLU I 17 -28.12 -30.19 3.08
C GLU I 17 -28.72 -29.43 1.93
N ARG I 18 -29.93 -28.93 2.16
CA ARG I 18 -30.55 -27.95 1.29
C ARG I 18 -30.41 -26.61 2.01
N TYR I 19 -30.05 -25.57 1.24
CA TYR I 19 -29.81 -24.24 1.80
C TYR I 19 -30.08 -23.12 0.81
N ILE I 20 -30.31 -21.92 1.34
CA ILE I 20 -30.35 -20.69 0.57
C ILE I 20 -28.97 -20.05 0.68
N ASP I 21 -28.47 -19.50 -0.42
CA ASP I 21 -27.09 -19.07 -0.49
C ASP I 21 -26.88 -17.54 -0.56
N SER I 22 -25.61 -17.13 -0.51
CA SER I 22 -25.15 -15.76 -0.77
C SER I 22 -26.16 -14.84 -1.47
N ASN I 23 -26.83 -15.35 -2.50
CA ASN I 23 -27.66 -14.52 -3.40
C ASN I 23 -29.15 -14.84 -3.44
N GLY I 24 -29.57 -15.83 -2.69
CA GLY I 24 -30.98 -16.14 -2.58
C GLY I 24 -31.43 -17.42 -3.27
N ARG I 25 -30.51 -18.13 -3.90
CA ARG I 25 -30.86 -19.36 -4.61
C ARG I 25 -30.82 -20.56 -3.68
N GLU I 26 -31.77 -21.48 -3.80
CA GLU I 26 -31.65 -22.70 -3.01
C GLU I 26 -30.71 -23.70 -3.70
N ARG I 27 -29.94 -24.43 -2.89
CA ARG I 27 -29.05 -25.46 -3.41
C ARG I 27 -28.95 -26.67 -2.52
N THR I 28 -28.43 -27.75 -3.08
CA THR I 28 -28.17 -28.97 -2.37
C THR I 28 -26.68 -29.15 -2.36
N ARG I 29 -26.13 -29.48 -1.19
CA ARG I 29 -24.76 -29.93 -1.17
C ARG I 29 -24.70 -31.16 -0.32
N GLU I 30 -23.80 -32.06 -0.69
CA GLU I 30 -23.51 -33.23 0.09
C GLU I 30 -22.14 -33.00 0.68
N VAL I 31 -22.03 -33.25 1.98
CA VAL I 31 -20.81 -33.01 2.73
C VAL I 31 -20.46 -34.31 3.43
N GLU I 32 -19.25 -34.81 3.20
CA GLU I 32 -18.78 -36.02 3.86
C GLU I 32 -18.23 -35.64 5.24
N TYR I 33 -19.12 -35.13 6.09
CA TYR I 33 -18.78 -34.52 7.38
C TYR I 33 -17.89 -35.35 8.30
N LYS I 34 -16.79 -34.74 8.73
CA LYS I 34 -15.91 -35.25 9.82
C LYS I 34 -16.38 -34.72 11.20
N PRO I 35 -16.98 -35.55 12.05
CA PRO I 35 -17.47 -35.06 13.35
C PRO I 35 -16.41 -35.12 14.45
N SER I 36 -16.69 -34.44 15.55
CA SER I 36 -15.87 -34.55 16.75
C SER I 36 -16.69 -35.02 17.94
N LEU I 37 -16.07 -35.86 18.76
CA LEU I 37 -16.58 -36.12 20.11
C LEU I 37 -15.41 -35.94 21.07
N PHE I 38 -15.68 -36.08 22.36
CA PHE I 38 -14.66 -35.82 23.36
C PHE I 38 -14.57 -36.94 24.39
N ALA I 39 -13.36 -37.14 24.91
CA ALA I 39 -13.14 -38.06 26.03
C ALA I 39 -12.38 -37.34 27.13
N HIS I 40 -12.41 -37.86 28.36
CA HIS I 40 -11.64 -37.27 29.47
C HIS I 40 -10.17 -37.54 29.26
N CYS I 41 -9.33 -36.95 30.12
CA CYS I 41 -7.88 -37.02 29.97
C CYS I 41 -7.18 -36.60 31.27
N PRO I 42 -5.88 -36.87 31.40
CA PRO I 42 -5.07 -36.32 32.49
C PRO I 42 -5.28 -34.81 32.73
N GLU I 43 -4.90 -34.33 33.91
CA GLU I 43 -4.92 -32.90 34.19
C GLU I 43 -3.99 -32.23 33.18
N SER I 44 -2.69 -32.48 33.33
CA SER I 44 -1.64 -32.04 32.42
C SER I 44 -2.12 -31.84 30.97
N GLN I 45 -2.42 -32.94 30.27
CA GLN I 45 -2.77 -32.95 28.84
C GLN I 45 -3.97 -32.03 28.49
N ALA I 46 -4.25 -31.07 29.38
CA ALA I 46 -5.36 -30.10 29.26
C ALA I 46 -5.38 -29.34 27.93
N THR I 47 -6.58 -29.12 27.42
CA THR I 47 -6.75 -28.47 26.14
C THR I 47 -7.34 -27.09 26.33
N LYS I 48 -8.16 -26.73 25.35
CA LYS I 48 -9.02 -25.57 25.44
C LYS I 48 -10.34 -26.04 26.02
N TYR I 49 -10.65 -27.33 25.84
CA TYR I 49 -11.97 -27.90 26.16
C TYR I 49 -12.17 -28.51 27.57
N PHE I 50 -13.30 -28.22 28.18
CA PHE I 50 -13.66 -28.79 29.48
C PHE I 50 -15.12 -29.20 29.51
N ASP I 51 -15.46 -30.21 30.30
CA ASP I 51 -16.88 -30.56 30.49
C ASP I 51 -17.56 -29.56 31.43
N ILE I 52 -18.86 -29.70 31.63
CA ILE I 52 -19.62 -28.69 32.34
C ILE I 52 -19.32 -28.71 33.82
N TYR I 53 -18.72 -29.83 34.22
CA TYR I 53 -18.25 -30.06 35.58
C TYR I 53 -16.84 -29.48 35.73
N GLY I 54 -16.30 -28.91 34.65
CA GLY I 54 -15.00 -28.28 34.63
C GLY I 54 -13.86 -29.25 34.46
N LYS I 55 -14.13 -30.43 33.90
CA LYS I 55 -13.09 -31.44 33.79
C LYS I 55 -12.44 -31.45 32.40
N PRO I 56 -11.10 -31.52 32.34
CA PRO I 56 -10.37 -31.46 31.06
C PRO I 56 -10.76 -32.56 30.09
N CYS I 57 -10.82 -32.23 28.80
CA CYS I 57 -11.28 -33.16 27.77
C CYS I 57 -10.40 -33.20 26.52
N THR I 58 -10.14 -34.41 26.03
CA THR I 58 -9.41 -34.61 24.79
C THR I 58 -10.38 -34.72 23.62
N ARG I 59 -10.15 -33.89 22.60
CA ARG I 59 -10.94 -33.91 21.36
C ARG I 59 -10.46 -35.00 20.41
N LYS I 60 -11.38 -35.86 19.99
CA LYS I 60 -11.07 -36.84 18.95
C LYS I 60 -11.80 -36.45 17.65
N LEU I 61 -11.08 -36.49 16.53
CA LEU I 61 -11.67 -36.17 15.23
C LEU I 61 -11.77 -37.42 14.34
N PHE I 62 -12.91 -37.60 13.69
CA PHE I 62 -13.17 -38.86 13.01
C PHE I 62 -13.21 -38.67 11.51
N ALA I 63 -12.64 -39.63 10.78
CA ALA I 63 -12.71 -39.67 9.31
C ALA I 63 -14.14 -39.59 8.73
N ASN I 64 -15.10 -40.17 9.45
CA ASN I 64 -16.47 -40.21 9.00
C ASN I 64 -17.42 -40.32 10.18
N MET I 65 -18.71 -40.22 9.94
CA MET I 65 -19.70 -40.31 11.02
C MET I 65 -19.92 -41.70 11.57
N ARG I 66 -19.86 -42.73 10.71
CA ARG I 66 -19.90 -44.13 11.17
C ARG I 66 -18.81 -44.41 12.19
N ASP I 67 -17.60 -43.95 11.93
CA ASP I 67 -16.49 -44.20 12.84
C ASP I 67 -16.75 -43.58 14.21
N ALA I 68 -17.44 -42.44 14.24
CA ALA I 68 -17.75 -41.79 15.50
C ALA I 68 -18.66 -42.69 16.34
N SER I 69 -19.72 -43.17 15.69
CA SER I 69 -20.71 -44.04 16.28
C SER I 69 -20.13 -45.35 16.74
N GLN I 70 -19.22 -45.90 15.95
CA GLN I 70 -18.44 -47.07 16.33
C GLN I 70 -17.58 -46.84 17.59
N TRP I 71 -17.17 -45.60 17.80
CA TRP I 71 -16.40 -45.22 18.98
C TRP I 71 -17.27 -45.09 20.23
N ILE I 72 -18.43 -44.46 20.09
CA ILE I 72 -19.38 -44.38 21.20
C ILE I 72 -19.69 -45.79 21.70
N LYS I 73 -19.95 -46.69 20.75
CA LYS I 73 -20.23 -48.10 21.04
C LYS I 73 -19.08 -48.77 21.80
N ARG I 74 -17.85 -48.54 21.37
CA ARG I 74 -16.67 -49.05 22.07
C ARG I 74 -16.52 -48.48 23.48
N MET I 75 -16.78 -47.17 23.64
CA MET I 75 -16.69 -46.52 24.95
C MET I 75 -17.77 -46.98 25.91
N GLU I 76 -18.97 -47.26 25.39
CA GLU I 76 -20.08 -47.83 26.16
C GLU I 76 -19.60 -49.13 26.76
N ASP I 77 -19.26 -50.05 25.86
CA ASP I 77 -18.85 -51.41 26.21
C ASP I 77 -17.63 -51.45 27.12
N ILE I 78 -17.06 -50.28 27.41
CA ILE I 78 -16.00 -50.11 28.41
C ILE I 78 -16.53 -49.50 29.72
N GLY I 79 -17.37 -48.47 29.63
CA GLY I 79 -17.86 -47.78 30.81
C GLY I 79 -17.15 -46.48 31.09
N LEU I 80 -16.93 -45.71 30.03
CA LEU I 80 -16.35 -44.36 30.09
C LEU I 80 -17.27 -43.38 29.37
N GLU I 81 -17.28 -42.11 29.81
CA GLU I 81 -18.15 -41.10 29.23
C GLU I 81 -17.70 -40.75 27.82
N ALA I 82 -18.65 -40.65 26.89
CA ALA I 82 -18.40 -40.26 25.50
C ALA I 82 -19.11 -38.96 25.21
N LEU I 83 -18.36 -37.86 25.33
CA LEU I 83 -18.91 -36.52 25.39
C LEU I 83 -18.99 -35.79 24.05
N GLY I 84 -19.91 -34.84 23.96
CA GLY I 84 -20.13 -34.08 22.74
C GLY I 84 -21.48 -34.41 22.13
N MET I 85 -21.77 -33.75 21.00
CA MET I 85 -23.02 -33.85 20.26
C MET I 85 -23.09 -35.09 19.36
N ASP I 86 -23.93 -36.04 19.74
CA ASP I 86 -23.99 -37.32 19.04
C ASP I 86 -25.02 -37.33 17.92
N ASP I 87 -25.88 -36.31 17.90
CA ASP I 87 -26.70 -35.96 16.72
C ASP I 87 -25.81 -35.09 15.81
N PHE I 88 -25.19 -35.73 14.84
CA PHE I 88 -24.23 -35.05 14.00
C PHE I 88 -24.82 -33.97 13.13
N LYS I 89 -26.14 -33.96 12.97
CA LYS I 89 -26.80 -32.93 12.17
C LYS I 89 -26.73 -31.60 12.92
N LEU I 90 -26.95 -31.68 14.22
CA LEU I 90 -26.94 -30.49 15.05
C LEU I 90 -25.54 -29.91 15.10
N ALA I 91 -24.57 -30.81 14.96
CA ALA I 91 -23.15 -30.47 14.91
C ALA I 91 -22.77 -29.90 13.55
N TYR I 92 -23.31 -30.50 12.48
CA TYR I 92 -23.15 -29.92 11.15
C TYR I 92 -23.67 -28.49 11.09
N LEU I 93 -24.89 -28.28 11.57
CA LEU I 93 -25.53 -26.98 11.53
C LEU I 93 -24.78 -26.02 12.41
N SER I 94 -24.29 -26.52 13.53
CA SER I 94 -23.59 -25.66 14.47
C SER I 94 -22.27 -25.19 13.91
N ASP I 95 -21.56 -26.08 13.22
CA ASP I 95 -20.31 -25.70 12.55
C ASP I 95 -20.55 -24.78 11.36
N THR I 96 -21.42 -25.19 10.44
CA THR I 96 -21.74 -24.40 9.25
C THR I 96 -22.34 -23.02 9.56
N TYR I 97 -23.09 -22.90 10.65
CA TYR I 97 -23.75 -21.63 10.96
C TYR I 97 -23.41 -21.08 12.37
N ASN I 98 -22.21 -20.56 12.56
CA ASN I 98 -21.91 -19.95 13.83
C ASN I 98 -22.34 -18.48 13.87
N TYR I 99 -23.66 -18.26 13.95
CA TYR I 99 -24.20 -16.89 14.01
C TYR I 99 -25.71 -16.90 13.99
N GLU I 100 -26.31 -15.85 14.54
CA GLU I 100 -27.74 -15.62 14.40
C GLU I 100 -28.11 -15.81 12.94
N ILE I 101 -28.74 -16.93 12.62
CA ILE I 101 -29.30 -17.16 11.31
C ILE I 101 -30.39 -16.13 11.11
N LYS I 102 -30.39 -15.43 9.99
CA LYS I 102 -31.52 -14.58 9.64
C LYS I 102 -32.14 -15.07 8.33
N TYR I 103 -33.15 -15.92 8.46
CA TYR I 103 -33.93 -16.39 7.33
C TYR I 103 -34.81 -15.31 6.76
N ASP I 104 -35.02 -15.39 5.45
CA ASP I 104 -36.02 -14.62 4.73
C ASP I 104 -37.02 -15.64 4.20
N HIS I 105 -38.22 -15.62 4.78
CA HIS I 105 -39.20 -16.69 4.54
C HIS I 105 -39.77 -16.70 3.12
N THR I 106 -39.61 -15.59 2.39
CA THR I 106 -40.05 -15.52 0.99
C THR I 106 -39.17 -16.38 0.07
N LYS I 107 -38.05 -16.82 0.63
CA LYS I 107 -37.12 -17.67 -0.08
C LYS I 107 -37.29 -19.15 0.32
N ILE I 108 -38.24 -19.43 1.19
CA ILE I 108 -38.48 -20.79 1.65
C ILE I 108 -39.75 -21.30 1.04
N ARG I 109 -39.65 -22.39 0.29
CA ARG I 109 -40.82 -22.99 -0.33
C ARG I 109 -41.68 -23.76 0.66
N VAL I 110 -42.81 -23.16 1.06
CA VAL I 110 -43.76 -23.91 1.88
C VAL I 110 -44.99 -24.33 1.08
N ALA I 111 -45.09 -25.64 0.85
CA ALA I 111 -46.15 -26.25 0.08
C ALA I 111 -47.33 -26.60 0.95
N ASN I 112 -48.52 -26.40 0.42
CA ASN I 112 -49.75 -26.67 1.12
C ASN I 112 -50.60 -27.51 0.18
N PHE I 113 -50.86 -28.76 0.52
CA PHE I 113 -51.64 -29.61 -0.38
C PHE I 113 -52.75 -30.45 0.26
N ASP I 114 -53.69 -30.88 -0.55
CA ASP I 114 -54.76 -31.76 -0.12
C ASP I 114 -55.07 -32.61 -1.32
N ILE I 115 -55.51 -33.85 -1.09
CA ILE I 115 -55.87 -34.76 -2.17
C ILE I 115 -57.27 -35.29 -1.98
N GLU I 116 -57.87 -35.73 -3.06
CA GLU I 116 -59.19 -36.36 -2.98
C GLU I 116 -59.10 -37.75 -3.59
N VAL I 117 -59.77 -38.71 -2.97
CA VAL I 117 -59.79 -40.10 -3.37
C VAL I 117 -61.22 -40.62 -3.28
N THR I 118 -61.93 -40.70 -4.41
CA THR I 118 -63.26 -41.31 -4.43
C THR I 118 -63.14 -42.78 -3.97
N SER I 119 -63.95 -43.19 -3.00
CA SER I 119 -63.85 -44.52 -2.43
C SER I 119 -65.18 -45.12 -1.98
N PRO I 120 -65.82 -45.91 -2.84
CA PRO I 120 -67.20 -46.36 -2.59
C PRO I 120 -67.32 -47.45 -1.53
N ASP I 121 -66.21 -48.06 -1.14
CA ASP I 121 -66.24 -49.03 -0.03
C ASP I 121 -65.90 -48.30 1.25
N GLY I 122 -64.79 -48.68 1.89
CA GLY I 122 -64.45 -48.04 3.14
C GLY I 122 -63.79 -46.69 2.96
N PHE I 123 -63.45 -46.06 4.08
CA PHE I 123 -62.42 -45.03 4.08
C PHE I 123 -61.24 -45.69 3.36
N PRO I 124 -60.52 -44.95 2.52
CA PRO I 124 -59.41 -45.55 1.76
C PRO I 124 -58.16 -45.57 2.62
N GLU I 125 -57.72 -46.75 3.03
CA GLU I 125 -56.47 -46.86 3.76
C GLU I 125 -55.26 -46.47 2.90
N PRO I 126 -54.44 -45.53 3.41
CA PRO I 126 -53.28 -45.03 2.67
C PRO I 126 -52.15 -46.05 2.50
N SER I 127 -52.07 -47.09 3.31
CA SER I 127 -50.98 -48.04 3.17
C SER I 127 -51.26 -49.05 2.05
N GLN I 128 -52.51 -49.14 1.62
CA GLN I 128 -52.80 -49.97 0.46
C GLN I 128 -53.05 -49.11 -0.75
N ALA I 129 -53.44 -47.85 -0.53
CA ALA I 129 -53.78 -46.89 -1.60
C ALA I 129 -54.32 -47.62 -2.84
N LYS I 130 -55.53 -48.15 -2.72
CA LYS I 130 -56.03 -49.04 -3.75
C LYS I 130 -57.07 -48.38 -4.65
N HIS I 131 -57.28 -47.09 -4.46
CA HIS I 131 -58.24 -46.33 -5.24
C HIS I 131 -57.51 -45.15 -5.87
N PRO I 132 -57.92 -44.71 -7.06
CA PRO I 132 -57.21 -43.67 -7.77
C PRO I 132 -57.31 -42.33 -7.05
N ILE I 133 -56.28 -41.50 -7.24
CA ILE I 133 -56.29 -40.16 -6.67
C ILE I 133 -56.99 -39.31 -7.73
N ASP I 134 -58.09 -38.67 -7.37
CA ASP I 134 -58.83 -38.01 -8.43
C ASP I 134 -58.78 -36.48 -8.43
N ALA I 135 -58.07 -35.92 -7.46
CA ALA I 135 -57.81 -34.49 -7.41
C ALA I 135 -56.66 -34.26 -6.43
N ILE I 136 -55.78 -33.33 -6.80
CA ILE I 136 -54.79 -32.78 -5.91
C ILE I 136 -54.79 -31.27 -6.06
N THR I 137 -54.92 -30.54 -4.94
CA THR I 137 -54.59 -29.12 -4.94
C THR I 137 -53.31 -28.86 -4.16
N HIS I 138 -52.37 -28.18 -4.80
CA HIS I 138 -51.06 -27.97 -4.24
C HIS I 138 -50.72 -26.50 -4.34
N TYR I 139 -50.64 -25.85 -3.19
CA TYR I 139 -50.36 -24.44 -3.13
C TYR I 139 -48.89 -24.21 -2.80
N ASP I 140 -48.29 -23.28 -3.55
CA ASP I 140 -46.86 -23.06 -3.48
C ASP I 140 -46.56 -21.61 -3.12
N SER I 141 -45.94 -21.40 -1.96
CA SER I 141 -45.76 -20.07 -1.41
C SER I 141 -44.82 -19.16 -2.19
N ILE I 142 -43.87 -19.75 -2.91
CA ILE I 142 -42.92 -18.97 -3.70
C ILE I 142 -43.64 -18.42 -4.93
N ASP I 143 -44.39 -19.31 -5.60
CA ASP I 143 -45.20 -18.96 -6.76
C ASP I 143 -46.46 -18.19 -6.37
N ASP I 144 -46.99 -18.50 -5.19
CA ASP I 144 -48.29 -18.01 -4.74
C ASP I 144 -49.40 -18.45 -5.71
N ARG I 145 -49.47 -19.76 -5.94
CA ARG I 145 -50.46 -20.30 -6.87
C ARG I 145 -51.05 -21.60 -6.34
N PHE I 146 -52.30 -21.87 -6.67
CA PHE I 146 -52.89 -23.14 -6.31
C PHE I 146 -52.80 -23.99 -7.55
N TYR I 147 -51.98 -25.04 -7.50
CA TYR I 147 -51.84 -25.91 -8.66
C TYR I 147 -52.84 -27.07 -8.55
N VAL I 148 -53.87 -27.07 -9.41
CA VAL I 148 -54.95 -28.08 -9.36
C VAL I 148 -54.82 -29.15 -10.44
N PHE I 149 -54.75 -30.39 -10.02
CA PHE I 149 -54.66 -31.51 -10.95
C PHE I 149 -55.96 -32.29 -10.82
N ASP I 150 -56.72 -32.41 -11.90
CA ASP I 150 -58.07 -32.93 -11.80
C ASP I 150 -58.28 -34.11 -12.72
N LEU I 151 -58.48 -35.28 -12.17
CA LEU I 151 -58.67 -36.48 -12.98
C LEU I 151 -60.06 -36.45 -13.53
N LEU I 152 -60.19 -36.52 -14.85
CA LEU I 152 -61.53 -36.52 -15.48
C LEU I 152 -62.10 -37.93 -15.78
N ASN I 153 -61.22 -38.89 -16.07
CA ASN I 153 -61.64 -40.28 -16.25
C ASN I 153 -61.10 -41.20 -15.15
N SER I 154 -62.01 -41.89 -14.47
CA SER I 154 -61.62 -42.88 -13.46
C SER I 154 -62.64 -44.01 -13.39
N PRO I 155 -62.30 -45.11 -12.75
CA PRO I 155 -63.21 -46.27 -12.73
C PRO I 155 -64.57 -45.84 -12.23
N TYR I 156 -64.59 -44.76 -11.43
CA TYR I 156 -65.80 -44.31 -10.75
C TYR I 156 -66.54 -43.18 -11.47
N GLY I 157 -66.10 -42.84 -12.67
CA GLY I 157 -66.85 -41.95 -13.55
C GLY I 157 -66.05 -41.14 -14.55
N ASN I 158 -66.69 -40.73 -15.64
CA ASN I 158 -66.09 -39.75 -16.51
C ASN I 158 -66.82 -38.43 -16.33
N VAL I 159 -66.08 -37.36 -16.09
CA VAL I 159 -66.66 -36.06 -15.76
C VAL I 159 -66.02 -34.92 -16.54
N GLU I 160 -66.82 -33.93 -16.91
CA GLU I 160 -66.30 -32.79 -17.69
C GLU I 160 -65.36 -31.93 -16.87
N GLU I 161 -64.74 -30.96 -17.53
CA GLU I 161 -63.78 -30.06 -16.87
C GLU I 161 -64.47 -29.19 -15.82
N TRP I 162 -63.75 -28.92 -14.73
CA TRP I 162 -64.17 -27.97 -13.72
C TRP I 162 -64.11 -26.64 -14.41
N SER I 163 -65.00 -25.74 -14.04
CA SER I 163 -64.96 -24.42 -14.61
C SER I 163 -64.64 -23.42 -13.50
N ILE I 164 -63.66 -22.55 -13.74
CA ILE I 164 -63.36 -21.48 -12.79
C ILE I 164 -64.45 -20.42 -12.76
N GLU I 165 -64.96 -20.03 -13.94
CA GLU I 165 -66.00 -19.02 -14.04
C GLU I 165 -67.20 -19.39 -13.18
N ILE I 166 -67.71 -20.60 -13.34
CA ILE I 166 -68.75 -21.16 -12.46
C ILE I 166 -68.30 -21.26 -10.98
N ALA I 167 -67.01 -21.51 -10.75
CA ALA I 167 -66.51 -21.65 -9.37
C ALA I 167 -66.49 -20.34 -8.58
N ALA I 168 -66.34 -19.21 -9.28
CA ALA I 168 -66.20 -17.90 -8.63
C ALA I 168 -67.53 -17.34 -8.22
N LYS I 169 -68.57 -17.80 -8.92
CA LYS I 169 -69.91 -17.27 -8.79
C LYS I 169 -70.54 -17.75 -7.48
N LEU I 170 -71.67 -17.12 -7.15
CA LEU I 170 -72.28 -17.21 -5.81
C LEU I 170 -72.91 -18.56 -5.42
N GLN I 171 -73.17 -18.69 -4.12
CA GLN I 171 -73.93 -19.79 -3.53
C GLN I 171 -75.26 -20.06 -4.27
N GLU I 172 -76.10 -19.03 -4.43
CA GLU I 172 -77.48 -19.18 -4.91
C GLU I 172 -77.69 -19.36 -6.43
N GLN I 173 -76.63 -19.61 -7.19
CA GLN I 173 -76.78 -19.83 -8.63
C GLN I 173 -75.84 -20.88 -9.26
N GLY I 174 -75.71 -22.03 -8.61
CA GLY I 174 -74.90 -23.11 -9.14
C GLY I 174 -73.41 -22.81 -9.06
N GLY I 175 -73.06 -21.66 -8.47
CA GLY I 175 -71.67 -21.31 -8.24
C GLY I 175 -71.12 -21.96 -6.99
N ASP I 176 -69.80 -22.00 -6.86
CA ASP I 176 -69.14 -22.65 -5.72
C ASP I 176 -68.73 -21.71 -4.60
N GLU I 177 -68.61 -20.41 -4.92
CA GLU I 177 -68.18 -19.38 -3.97
C GLU I 177 -66.73 -19.60 -3.51
N VAL I 178 -65.89 -20.02 -4.45
CA VAL I 178 -64.44 -19.99 -4.31
C VAL I 178 -64.05 -18.48 -4.22
N PRO I 179 -63.36 -18.09 -3.15
CA PRO I 179 -63.20 -16.65 -2.82
C PRO I 179 -62.45 -15.82 -3.87
N SER I 180 -62.84 -14.56 -4.00
CA SER I 180 -62.40 -13.73 -5.12
C SER I 180 -60.88 -13.52 -5.21
N GLU I 181 -60.22 -13.42 -4.06
CA GLU I 181 -58.77 -13.21 -4.00
C GLU I 181 -57.88 -14.41 -4.40
N ILE I 182 -58.46 -15.60 -4.54
CA ILE I 182 -57.64 -16.73 -5.01
C ILE I 182 -58.01 -17.21 -6.41
N ILE I 183 -59.10 -16.69 -6.96
CA ILE I 183 -59.60 -17.18 -8.23
C ILE I 183 -58.58 -16.91 -9.33
N ASP I 184 -58.03 -15.70 -9.30
CA ASP I 184 -56.94 -15.31 -10.20
C ASP I 184 -55.61 -16.03 -9.88
N LYS I 185 -55.63 -16.95 -8.90
CA LYS I 185 -54.40 -17.62 -8.48
C LYS I 185 -54.33 -19.12 -8.82
N ILE I 186 -55.44 -19.68 -9.30
CA ILE I 186 -55.54 -21.10 -9.62
C ILE I 186 -55.07 -21.47 -11.04
N ILE I 187 -54.20 -22.49 -11.12
CA ILE I 187 -53.72 -23.03 -12.40
C ILE I 187 -54.36 -24.39 -12.60
N TYR I 188 -55.40 -24.43 -13.40
CA TYR I 188 -56.17 -25.64 -13.56
C TYR I 188 -55.55 -26.58 -14.60
N MET I 189 -55.51 -27.87 -14.26
CA MET I 189 -54.88 -28.88 -15.11
C MET I 189 -55.68 -30.18 -15.10
N PRO I 190 -56.39 -30.48 -16.18
CA PRO I 190 -57.18 -31.71 -16.27
C PRO I 190 -56.36 -32.88 -16.82
N PHE I 191 -56.83 -34.10 -16.57
CA PHE I 191 -56.17 -35.32 -17.04
C PHE I 191 -57.18 -36.38 -17.42
N ASP I 192 -56.90 -37.07 -18.53
CA ASP I 192 -57.75 -38.16 -18.98
C ASP I 192 -57.45 -39.54 -18.36
N ASN I 193 -56.30 -39.69 -17.72
CA ASN I 193 -56.02 -40.88 -16.91
C ASN I 193 -55.08 -40.66 -15.73
N GLU I 194 -55.12 -41.60 -14.79
CA GLU I 194 -54.46 -41.43 -13.52
C GLU I 194 -52.94 -41.45 -13.58
N LYS I 195 -52.38 -42.25 -14.47
CA LYS I 195 -50.93 -42.32 -14.56
C LYS I 195 -50.38 -40.97 -15.05
N GLU I 196 -51.01 -40.41 -16.09
CA GLU I 196 -50.65 -39.08 -16.60
C GLU I 196 -50.66 -38.02 -15.49
N LEU I 197 -51.74 -37.97 -14.71
CA LEU I 197 -51.87 -37.04 -13.59
C LEU I 197 -50.72 -37.24 -12.61
N LEU I 198 -50.50 -38.48 -12.17
CA LEU I 198 -49.48 -38.74 -11.14
C LEU I 198 -48.10 -38.40 -11.67
N MET I 199 -47.85 -38.75 -12.91
CA MET I 199 -46.58 -38.45 -13.54
C MET I 199 -46.32 -36.96 -13.67
N GLU I 200 -47.34 -36.20 -14.03
CA GLU I 200 -47.16 -34.79 -14.16
C GLU I 200 -46.89 -34.19 -12.78
N TYR I 201 -47.65 -34.69 -11.79
CA TYR I 201 -47.51 -34.24 -10.42
C TYR I 201 -46.09 -34.49 -9.87
N LEU I 202 -45.58 -35.71 -10.04
CA LEU I 202 -44.20 -36.05 -9.66
C LEU I 202 -43.19 -35.14 -10.31
N ASN I 203 -43.40 -34.82 -11.59
CA ASN I 203 -42.53 -33.87 -12.26
C ASN I 203 -42.56 -32.47 -11.65
N PHE I 204 -43.78 -31.97 -11.45
CA PHE I 204 -44.07 -30.70 -10.78
C PHE I 204 -43.30 -30.63 -9.49
N TRP I 205 -43.46 -31.67 -8.68
CA TRP I 205 -42.78 -31.79 -7.40
C TRP I 205 -41.26 -31.74 -7.55
N GLN I 206 -40.74 -32.36 -8.60
CA GLN I 206 -39.33 -32.32 -8.88
C GLN I 206 -38.84 -30.86 -9.00
N GLN I 207 -39.58 -30.05 -9.74
CA GLN I 207 -39.13 -28.69 -9.99
C GLN I 207 -39.58 -27.67 -8.96
N LYS I 208 -40.54 -28.04 -8.11
CA LYS I 208 -41.05 -27.12 -7.09
C LYS I 208 -41.11 -27.82 -5.73
N THR I 209 -40.05 -28.56 -5.44
CA THR I 209 -39.91 -29.39 -4.23
C THR I 209 -40.03 -28.58 -2.94
N PRO I 210 -40.97 -28.97 -2.08
CA PRO I 210 -41.14 -28.36 -0.76
C PRO I 210 -39.96 -28.51 0.16
N VAL I 211 -39.57 -27.40 0.78
CA VAL I 211 -38.78 -27.46 1.98
C VAL I 211 -39.73 -27.85 3.13
N ILE I 212 -40.79 -27.06 3.30
CA ILE I 212 -41.79 -27.25 4.32
C ILE I 212 -43.10 -27.68 3.69
N LEU I 213 -43.49 -28.90 4.00
CA LEU I 213 -44.68 -29.51 3.49
C LEU I 213 -45.74 -29.49 4.59
N THR I 214 -46.87 -28.87 4.32
CA THR I 214 -47.95 -28.86 5.31
C THR I 214 -49.36 -29.15 4.72
N GLY I 215 -50.42 -28.75 5.40
CA GLY I 215 -51.76 -29.20 5.07
C GLY I 215 -52.44 -29.79 6.29
N TRP I 216 -53.54 -30.51 6.06
CA TRP I 216 -54.35 -31.04 7.16
C TRP I 216 -54.43 -32.56 7.13
N ASN I 217 -53.80 -33.22 8.11
CA ASN I 217 -53.79 -34.67 8.21
C ASN I 217 -52.93 -35.23 7.09
N VAL I 218 -52.00 -34.41 6.65
CA VAL I 218 -51.20 -34.63 5.45
C VAL I 218 -50.12 -35.69 5.75
N GLU I 219 -49.74 -35.79 7.01
CA GLU I 219 -48.74 -36.74 7.43
C GLU I 219 -49.31 -38.14 7.64
N SER I 220 -50.56 -38.23 8.05
CA SER I 220 -51.17 -39.54 8.35
C SER I 220 -52.04 -40.07 7.20
N PHE I 221 -52.28 -39.20 6.24
CA PHE I 221 -53.11 -39.60 5.13
C PHE I 221 -52.50 -39.21 3.80
N ALA I 222 -52.44 -37.91 3.50
CA ALA I 222 -52.12 -37.47 2.15
C ALA I 222 -50.75 -37.94 1.61
N ILE I 223 -49.69 -37.75 2.39
CA ILE I 223 -48.35 -38.05 1.94
C ILE I 223 -48.19 -39.52 1.75
N PRO I 224 -48.54 -40.36 2.74
CA PRO I 224 -48.41 -41.80 2.55
C PRO I 224 -49.33 -42.30 1.46
N TYR I 225 -50.48 -41.65 1.23
CA TYR I 225 -51.39 -42.09 0.17
C TYR I 225 -50.74 -41.87 -1.18
N VAL I 226 -50.25 -40.68 -1.46
CA VAL I 226 -49.65 -40.44 -2.77
C VAL I 226 -48.38 -41.27 -2.90
N TYR I 227 -47.58 -41.32 -1.85
CA TYR I 227 -46.41 -42.18 -1.90
C TYR I 227 -46.82 -43.59 -2.25
N ASN I 228 -47.81 -44.14 -1.57
CA ASN I 228 -48.11 -45.56 -1.78
C ASN I 228 -48.81 -45.81 -3.11
N ARG I 229 -49.61 -44.84 -3.53
CA ARG I 229 -50.31 -44.89 -4.82
C ARG I 229 -49.27 -44.98 -5.92
N ILE I 230 -48.36 -44.03 -5.95
CA ILE I 230 -47.26 -44.03 -6.89
C ILE I 230 -46.45 -45.30 -6.77
N LYS I 231 -45.98 -45.63 -5.58
CA LYS I 231 -45.27 -46.90 -5.39
C LYS I 231 -46.02 -48.08 -6.00
N ASN I 232 -47.32 -48.17 -5.74
CA ASN I 232 -48.07 -49.35 -6.18
C ASN I 232 -48.20 -49.45 -7.70
N ILE I 233 -48.33 -48.30 -8.38
CA ILE I 233 -48.41 -48.29 -9.85
C ILE I 233 -47.03 -48.31 -10.52
N PHE I 234 -46.08 -47.55 -10.00
CA PHE I 234 -44.85 -47.30 -10.75
C PHE I 234 -43.63 -48.06 -10.29
N GLY I 235 -43.54 -48.33 -8.99
CA GLY I 235 -42.40 -49.04 -8.41
C GLY I 235 -41.78 -48.17 -7.34
N GLU I 236 -40.90 -48.73 -6.51
CA GLU I 236 -40.30 -48.00 -5.38
C GLU I 236 -39.48 -46.80 -5.84
N SER I 237 -38.75 -46.97 -6.93
CA SER I 237 -37.78 -45.99 -7.40
C SER I 237 -38.47 -44.72 -7.86
N THR I 238 -39.60 -44.89 -8.51
CA THR I 238 -40.40 -43.78 -8.95
C THR I 238 -40.91 -43.02 -7.75
N ALA I 239 -41.43 -43.75 -6.78
CA ALA I 239 -42.01 -43.09 -5.62
C ALA I 239 -40.97 -42.43 -4.73
N LYS I 240 -39.72 -42.91 -4.77
CA LYS I 240 -38.64 -42.24 -4.05
C LYS I 240 -38.39 -40.80 -4.53
N ARG I 241 -38.89 -40.44 -5.70
CA ARG I 241 -38.60 -39.10 -6.26
C ARG I 241 -39.35 -37.99 -5.54
N LEU I 242 -40.19 -38.38 -4.58
CA LEU I 242 -40.83 -37.45 -3.69
C LEU I 242 -39.80 -36.88 -2.73
N SER I 243 -38.70 -37.59 -2.54
CA SER I 243 -37.61 -37.09 -1.75
C SER I 243 -36.59 -36.43 -2.70
N PRO I 244 -36.17 -35.23 -2.36
CA PRO I 244 -35.14 -34.52 -3.11
C PRO I 244 -33.82 -35.28 -3.10
N HIS I 245 -33.66 -36.27 -2.21
CA HIS I 245 -32.43 -37.09 -2.16
C HIS I 245 -32.70 -38.54 -2.48
N ARG I 246 -33.95 -38.80 -2.90
CA ARG I 246 -34.43 -40.13 -3.27
C ARG I 246 -34.18 -41.15 -2.14
N LYS I 247 -34.47 -40.73 -0.92
CA LYS I 247 -34.47 -41.63 0.23
C LYS I 247 -35.76 -41.48 1.01
N THR I 248 -36.37 -42.59 1.37
CA THR I 248 -37.54 -42.56 2.23
C THR I 248 -37.37 -43.68 3.24
N ARG I 249 -38.00 -43.52 4.40
CA ARG I 249 -38.13 -44.60 5.37
C ARG I 249 -39.63 -44.86 5.52
N VAL I 250 -40.00 -46.14 5.59
CA VAL I 250 -41.37 -46.50 5.92
C VAL I 250 -41.32 -47.13 7.30
N LYS I 251 -41.87 -46.40 8.28
CA LYS I 251 -41.67 -46.72 9.69
C LYS I 251 -42.65 -47.80 10.22
N VAL I 252 -42.11 -48.79 10.94
CA VAL I 252 -42.86 -49.92 11.53
C VAL I 252 -44.30 -49.62 12.04
N ILE I 253 -45.26 -50.04 11.21
CA ILE I 253 -46.72 -49.80 11.35
C ILE I 253 -47.41 -50.25 12.68
N GLU I 254 -48.63 -49.74 12.90
CA GLU I 254 -49.49 -50.24 14.00
C GLU I 254 -50.69 -51.08 13.49
N ASN I 255 -50.57 -52.42 13.62
CA ASN I 255 -51.56 -53.39 13.12
C ASN I 255 -52.41 -54.03 14.22
N MET I 256 -53.71 -54.19 13.93
CA MET I 256 -54.59 -55.05 14.71
C MET I 256 -55.48 -55.91 13.79
N TYR I 257 -56.19 -55.23 12.87
CA TYR I 257 -56.96 -55.84 11.77
C TYR I 257 -56.93 -54.92 10.54
N GLY I 258 -56.58 -53.65 10.76
CA GLY I 258 -56.38 -52.71 9.66
C GLY I 258 -54.96 -52.87 9.14
N SER I 259 -54.32 -51.74 8.84
CA SER I 259 -52.92 -51.67 8.35
C SER I 259 -52.67 -50.23 7.93
N ARG I 260 -51.87 -49.47 8.68
CA ARG I 260 -51.62 -48.03 8.40
C ARG I 260 -50.20 -47.57 8.81
N GLU I 261 -49.64 -46.55 8.14
CA GLU I 261 -48.25 -46.06 8.47
C GLU I 261 -47.75 -44.70 7.88
N ILE I 262 -46.77 -44.10 8.58
CA ILE I 262 -46.09 -42.80 8.27
C ILE I 262 -44.81 -42.92 7.42
N ILE I 263 -44.69 -42.12 6.37
CA ILE I 263 -43.49 -42.11 5.53
C ILE I 263 -42.58 -40.93 5.87
N THR I 264 -41.29 -41.18 6.04
CA THR I 264 -40.34 -40.08 6.17
C THR I 264 -39.71 -39.76 4.82
N LEU I 265 -39.96 -38.53 4.33
CA LEU I 265 -39.36 -38.05 3.08
C LEU I 265 -38.11 -37.21 3.30
N PHE I 266 -36.96 -37.87 3.47
CA PHE I 266 -35.69 -37.17 3.71
C PHE I 266 -35.53 -35.90 2.83
N GLY I 267 -35.12 -34.81 3.45
CA GLY I 267 -34.90 -33.58 2.71
C GLY I 267 -36.14 -32.73 2.59
N ILE I 268 -37.26 -33.22 3.08
CA ILE I 268 -38.44 -32.41 3.21
C ILE I 268 -38.72 -32.28 4.70
N SER I 269 -39.37 -31.19 5.10
CA SER I 269 -39.69 -30.97 6.51
C SER I 269 -41.18 -30.84 6.64
N VAL I 270 -41.79 -31.84 7.26
CA VAL I 270 -43.25 -31.96 7.31
C VAL I 270 -43.83 -31.40 8.62
N LEU I 271 -44.61 -30.33 8.51
CA LEU I 271 -45.39 -29.83 9.65
C LEU I 271 -46.86 -29.94 9.27
N ASP I 272 -47.49 -31.03 9.67
CA ASP I 272 -48.91 -31.24 9.47
C ASP I 272 -49.63 -30.19 10.28
N TYR I 273 -50.51 -29.41 9.66
CA TYR I 273 -51.24 -28.43 10.46
C TYR I 273 -52.03 -29.01 11.62
N ILE I 274 -52.66 -30.17 11.46
CA ILE I 274 -53.37 -30.75 12.59
C ILE I 274 -52.44 -30.93 13.81
N ASP I 275 -51.14 -31.07 13.55
CA ASP I 275 -50.14 -31.24 14.59
C ASP I 275 -49.61 -29.91 15.12
N LEU I 276 -49.42 -28.92 14.25
CA LEU I 276 -49.05 -27.58 14.71
C LEU I 276 -50.14 -26.98 15.62
N TYR I 277 -51.37 -27.36 15.34
CA TYR I 277 -52.54 -26.85 16.03
C TYR I 277 -52.74 -27.51 17.39
N LYS I 278 -52.68 -28.84 17.43
CA LYS I 278 -52.72 -29.60 18.69
C LYS I 278 -51.57 -29.21 19.62
N LYS I 279 -50.45 -28.78 19.05
CA LYS I 279 -49.34 -28.24 19.84
C LYS I 279 -49.63 -26.83 20.33
N PHE I 280 -50.01 -25.94 19.41
CA PHE I 280 -49.95 -24.51 19.68
C PHE I 280 -51.27 -23.76 19.90
N SER I 281 -52.40 -24.47 19.85
CA SER I 281 -53.69 -23.83 20.14
C SER I 281 -54.00 -23.76 21.64
N PHE I 282 -53.59 -24.78 22.39
CA PHE I 282 -53.89 -24.89 23.82
C PHE I 282 -55.41 -24.90 24.12
N THR I 283 -56.22 -25.08 23.08
CA THR I 283 -57.67 -25.27 23.24
C THR I 283 -58.13 -26.62 22.66
N ASN I 284 -58.72 -27.43 23.53
CA ASN I 284 -59.13 -28.82 23.23
C ASN I 284 -60.44 -28.93 22.45
N GLN I 285 -60.40 -29.51 21.25
CA GLN I 285 -61.59 -29.56 20.40
C GLN I 285 -62.38 -30.88 20.48
N PRO I 286 -63.73 -30.78 20.48
CA PRO I 286 -64.63 -31.95 20.40
C PRO I 286 -64.49 -32.80 19.12
N SER I 287 -64.02 -32.18 18.04
CA SER I 287 -63.76 -32.86 16.78
C SER I 287 -62.58 -32.15 16.14
N TYR I 288 -61.89 -32.85 15.23
CA TYR I 288 -60.64 -32.35 14.67
C TYR I 288 -60.65 -32.40 13.13
N SER I 289 -61.85 -32.43 12.57
CA SER I 289 -62.01 -32.26 11.13
C SER I 289 -61.60 -30.83 10.76
N LEU I 290 -61.07 -30.65 9.57
CA LEU I 290 -60.81 -29.31 9.06
C LEU I 290 -62.13 -28.53 9.04
N ASP I 291 -63.19 -29.20 8.61
CA ASP I 291 -64.53 -28.65 8.63
C ASP I 291 -64.81 -27.98 9.96
N TYR I 292 -64.61 -28.70 11.06
CA TYR I 292 -65.04 -28.23 12.37
C TYR I 292 -64.02 -27.25 12.94
N ILE I 293 -62.79 -27.29 12.45
CA ILE I 293 -61.82 -26.34 12.95
C ILE I 293 -61.95 -24.95 12.31
N SER I 294 -62.38 -24.91 11.05
CA SER I 294 -62.69 -23.66 10.38
C SER I 294 -63.88 -22.91 10.99
N GLU I 295 -65.06 -23.55 11.07
CA GLU I 295 -66.19 -22.88 11.72
C GLU I 295 -65.77 -22.34 13.10
N PHE I 296 -64.82 -23.02 13.75
CA PHE I 296 -64.29 -22.54 15.02
C PHE I 296 -63.29 -21.39 14.88
N GLU I 297 -62.31 -21.54 14.00
CA GLU I 297 -61.22 -20.55 13.89
C GLU I 297 -61.52 -19.34 13.02
N LEU I 298 -62.39 -19.52 12.01
CA LEU I 298 -62.49 -18.58 10.92
C LEU I 298 -63.90 -18.04 10.70
N ASN I 299 -64.88 -18.69 11.31
CA ASN I 299 -66.29 -18.36 11.18
C ASN I 299 -66.87 -18.41 9.76
N VAL I 300 -66.46 -19.43 9.03
CA VAL I 300 -66.96 -19.71 7.70
C VAL I 300 -67.64 -21.09 7.74
N GLY I 301 -68.88 -21.13 7.26
CA GLY I 301 -69.81 -22.26 7.43
C GLY I 301 -69.50 -23.69 6.98
N LYS I 302 -70.53 -24.35 6.44
CA LYS I 302 -70.64 -25.81 6.38
C LYS I 302 -69.77 -26.55 5.36
N LEU I 303 -69.46 -25.90 4.24
CA LEU I 303 -69.00 -26.57 3.00
C LEU I 303 -70.08 -27.55 2.50
N LYS I 304 -71.27 -26.98 2.29
CA LYS I 304 -72.48 -27.69 1.90
C LYS I 304 -72.32 -28.68 0.73
N TYR I 305 -73.13 -29.75 0.75
CA TYR I 305 -73.32 -30.64 -0.41
C TYR I 305 -74.39 -31.71 -0.21
N ASP I 306 -75.39 -31.67 -1.08
CA ASP I 306 -76.39 -32.74 -1.12
C ASP I 306 -75.70 -34.06 -1.46
N GLY I 307 -76.14 -35.13 -0.80
CA GLY I 307 -75.53 -36.44 -0.99
C GLY I 307 -74.16 -36.69 -0.37
N PRO I 308 -73.92 -37.94 0.02
CA PRO I 308 -72.62 -38.41 0.51
C PRO I 308 -71.44 -37.99 -0.35
N ILE I 309 -70.25 -37.94 0.24
CA ILE I 309 -69.05 -37.55 -0.49
C ILE I 309 -68.54 -38.59 -1.47
N SER I 310 -68.85 -39.85 -1.25
CA SER I 310 -68.34 -40.93 -2.12
C SER I 310 -69.05 -40.87 -3.47
N LYS I 311 -70.27 -40.35 -3.46
CA LYS I 311 -70.94 -39.99 -4.69
C LYS I 311 -70.78 -38.49 -5.04
N LEU I 312 -69.81 -37.78 -4.46
CA LEU I 312 -69.64 -36.37 -4.80
C LEU I 312 -68.97 -36.10 -6.16
N ARG I 313 -67.91 -36.82 -6.49
CA ARG I 313 -67.32 -36.65 -7.82
C ARG I 313 -68.36 -36.91 -8.92
N GLU I 314 -69.12 -38.00 -8.75
CA GLU I 314 -70.09 -38.42 -9.72
C GLU I 314 -71.23 -37.40 -9.86
N SER I 315 -71.94 -37.16 -8.77
CA SER I 315 -73.12 -36.31 -8.77
C SER I 315 -72.83 -34.82 -9.04
N ASN I 316 -71.70 -34.33 -8.55
CA ASN I 316 -71.40 -32.89 -8.61
C ASN I 316 -69.90 -32.59 -8.66
N HIS I 317 -69.23 -32.98 -9.74
CA HIS I 317 -67.79 -32.76 -9.92
C HIS I 317 -67.28 -31.31 -9.71
N GLN I 318 -68.09 -30.34 -10.12
CA GLN I 318 -67.73 -28.92 -10.08
C GLN I 318 -67.48 -28.46 -8.66
N ARG I 319 -68.40 -28.79 -7.77
CA ARG I 319 -68.26 -28.49 -6.34
C ARG I 319 -67.14 -29.33 -5.69
N TYR I 320 -66.91 -30.53 -6.25
CA TYR I 320 -65.91 -31.46 -5.75
C TYR I 320 -64.49 -30.89 -5.84
N ILE I 321 -64.15 -30.33 -6.99
CA ILE I 321 -62.82 -29.77 -7.15
C ILE I 321 -62.73 -28.49 -6.33
N SER I 322 -63.80 -27.70 -6.42
CA SER I 322 -63.88 -26.45 -5.69
C SER I 322 -63.68 -26.69 -4.21
N TYR I 323 -64.27 -27.76 -3.69
CA TYR I 323 -64.16 -28.02 -2.25
C TYR I 323 -62.78 -28.41 -1.89
N ASN I 324 -62.13 -29.15 -2.78
CA ASN I 324 -60.74 -29.47 -2.58
C ASN I 324 -59.86 -28.24 -2.70
N ILE I 325 -60.30 -27.25 -3.44
CA ILE I 325 -59.54 -25.99 -3.53
C ILE I 325 -59.72 -25.18 -2.22
N ILE I 326 -60.96 -25.00 -1.81
CA ILE I 326 -61.27 -24.36 -0.54
C ILE I 326 -60.62 -25.07 0.68
N ALA I 327 -60.35 -26.37 0.56
CA ALA I 327 -59.73 -27.11 1.63
C ALA I 327 -58.31 -26.58 1.86
N VAL I 328 -57.51 -26.54 0.80
CA VAL I 328 -56.18 -25.97 0.89
C VAL I 328 -56.26 -24.52 1.40
N TYR I 329 -57.12 -23.71 0.80
CA TYR I 329 -57.19 -22.32 1.18
C TYR I 329 -57.51 -22.14 2.67
N ARG I 330 -58.34 -23.02 3.20
CA ARG I 330 -58.83 -22.87 4.58
C ARG I 330 -57.71 -23.07 5.61
N VAL I 331 -56.75 -23.92 5.29
CA VAL I 331 -55.53 -24.03 6.08
C VAL I 331 -54.71 -22.71 6.00
N LEU I 332 -54.50 -22.24 4.78
CA LEU I 332 -53.77 -21.02 4.52
C LEU I 332 -54.41 -19.84 5.27
N GLN I 333 -55.74 -19.85 5.38
CA GLN I 333 -56.42 -18.81 6.16
C GLN I 333 -56.18 -18.95 7.66
N ILE I 334 -56.13 -20.19 8.13
CA ILE I 334 -55.90 -20.42 9.54
C ILE I 334 -54.47 -20.00 9.87
N ASP I 335 -53.51 -20.33 9.00
CA ASP I 335 -52.11 -19.98 9.25
C ASP I 335 -51.82 -18.49 9.17
N ALA I 336 -52.65 -17.75 8.42
CA ALA I 336 -52.54 -16.30 8.39
C ALA I 336 -52.87 -15.75 9.78
N LYS I 337 -54.01 -16.18 10.32
CA LYS I 337 -54.40 -15.84 11.69
C LYS I 337 -53.37 -16.35 12.71
N ARG I 338 -53.18 -17.66 12.76
CA ARG I 338 -52.39 -18.31 13.82
C ARG I 338 -50.87 -18.14 13.73
N GLN I 339 -50.35 -18.02 12.51
CA GLN I 339 -48.91 -17.83 12.29
C GLN I 339 -48.06 -18.98 12.85
N PHE I 340 -48.65 -20.17 12.88
CA PHE I 340 -48.01 -21.35 13.44
C PHE I 340 -46.74 -21.80 12.71
N ILE I 341 -46.74 -21.70 11.38
CA ILE I 341 -45.60 -22.06 10.56
C ILE I 341 -44.40 -21.16 10.87
N ASN I 342 -44.64 -19.86 10.95
CA ASN I 342 -43.57 -18.90 11.19
C ASN I 342 -42.99 -19.03 12.59
N LEU I 343 -43.87 -19.40 13.52
CA LEU I 343 -43.51 -19.75 14.89
C LEU I 343 -42.49 -20.89 14.87
N SER I 344 -42.83 -21.96 14.14
CA SER I 344 -42.01 -23.14 14.02
C SER I 344 -40.70 -22.77 13.39
N LEU I 345 -40.75 -21.94 12.36
CA LEU I 345 -39.54 -21.54 11.67
C LEU I 345 -38.67 -20.72 12.60
N ASP I 346 -39.31 -19.87 13.39
CA ASP I 346 -38.58 -18.97 14.26
C ASP I 346 -37.94 -19.76 15.38
N MET I 347 -38.67 -20.72 15.93
CA MET I 347 -38.09 -21.65 16.90
C MET I 347 -36.87 -22.39 16.32
N GLY I 348 -37.02 -23.00 15.15
CA GLY I 348 -36.07 -23.94 14.61
C GLY I 348 -34.76 -23.32 14.19
N TYR I 349 -34.83 -22.07 13.73
CA TYR I 349 -33.64 -21.33 13.35
C TYR I 349 -32.93 -20.73 14.56
N TYR I 350 -33.70 -20.40 15.60
CA TYR I 350 -33.07 -20.03 16.86
C TYR I 350 -32.23 -21.18 17.43
N ALA I 351 -32.81 -22.38 17.44
CA ALA I 351 -32.16 -23.52 18.09
C ALA I 351 -31.15 -24.20 17.17
N LYS I 352 -31.25 -23.96 15.86
CA LYS I 352 -30.43 -24.61 14.84
C LYS I 352 -30.68 -26.12 14.78
N ILE I 353 -31.94 -26.48 14.50
CA ILE I 353 -32.44 -27.85 14.44
C ILE I 353 -33.33 -27.97 13.22
N GLN I 354 -33.70 -29.19 12.84
CA GLN I 354 -34.62 -29.38 11.72
C GLN I 354 -35.93 -28.76 12.11
N ILE I 355 -36.53 -27.99 11.22
CA ILE I 355 -37.78 -27.32 11.60
C ILE I 355 -38.74 -28.28 12.28
N GLN I 356 -38.83 -29.53 11.78
CA GLN I 356 -39.81 -30.52 12.29
C GLN I 356 -39.55 -30.97 13.74
N SER I 357 -38.47 -30.44 14.31
CA SER I 357 -38.06 -30.80 15.65
C SER I 357 -38.61 -29.81 16.67
N VAL I 358 -39.43 -28.89 16.21
CA VAL I 358 -40.09 -27.98 17.12
C VAL I 358 -41.17 -28.70 17.92
N PHE I 359 -41.53 -29.90 17.46
CA PHE I 359 -42.53 -30.72 18.14
C PHE I 359 -41.88 -31.38 19.33
N SER I 360 -40.59 -31.14 19.48
CA SER I 360 -39.83 -31.73 20.59
C SER I 360 -39.12 -30.63 21.38
N PRO I 361 -39.65 -30.29 22.56
CA PRO I 361 -38.95 -29.42 23.53
C PRO I 361 -37.61 -29.96 24.02
N ILE I 362 -37.39 -31.28 23.93
CA ILE I 362 -36.13 -31.89 24.36
C ILE I 362 -35.04 -31.61 23.35
N LYS I 363 -35.36 -31.72 22.07
CA LYS I 363 -34.38 -31.54 21.01
C LYS I 363 -34.14 -30.06 20.79
N THR I 364 -35.16 -29.25 20.97
CA THR I 364 -34.97 -27.82 20.82
C THR I 364 -33.97 -27.34 21.89
N TRP I 365 -34.30 -27.59 23.16
CA TRP I 365 -33.43 -27.19 24.27
C TRP I 365 -32.02 -27.80 24.27
N ASP I 366 -31.93 -29.11 23.97
CA ASP I 366 -30.64 -29.77 23.80
C ASP I 366 -29.79 -28.91 22.86
N ALA I 367 -30.31 -28.62 21.66
CA ALA I 367 -29.64 -27.76 20.68
C ALA I 367 -29.30 -26.35 21.16
N ILE I 368 -30.18 -25.70 21.91
CA ILE I 368 -29.88 -24.34 22.36
C ILE I 368 -28.67 -24.36 23.28
N ILE I 369 -28.67 -25.31 24.21
CA ILE I 369 -27.63 -25.37 25.23
C ILE I 369 -26.33 -25.83 24.62
N PHE I 370 -26.43 -26.66 23.59
CA PHE I 370 -25.25 -27.13 22.86
C PHE I 370 -24.50 -25.98 22.20
N ASN I 371 -25.25 -25.13 21.49
CA ASN I 371 -24.66 -23.97 20.80
C ASN I 371 -24.03 -23.02 21.77
N SER I 372 -24.72 -22.79 22.90
CA SER I 372 -24.26 -21.89 23.94
C SER I 372 -22.98 -22.40 24.58
N LEU I 373 -22.91 -23.71 24.78
CA LEU I 373 -21.76 -24.34 25.42
C LEU I 373 -20.55 -24.43 24.48
N LYS I 374 -20.84 -24.72 23.21
CA LYS I 374 -19.83 -24.72 22.16
C LYS I 374 -19.13 -23.37 22.03
N GLU I 375 -19.89 -22.29 21.98
CA GLU I 375 -19.29 -20.98 21.75
C GLU I 375 -18.36 -20.54 22.91
N GLN I 376 -18.39 -21.31 24.01
CA GLN I 376 -17.49 -21.11 25.16
C GLN I 376 -16.51 -22.27 25.30
N ASN I 377 -16.34 -23.05 24.23
CA ASN I 377 -15.47 -24.21 24.20
C ASN I 377 -15.74 -25.24 25.30
N LYS I 378 -16.97 -25.30 25.81
CA LYS I 378 -17.30 -26.32 26.81
C LYS I 378 -17.84 -27.62 26.15
N VAL I 379 -17.96 -28.69 26.93
CA VAL I 379 -18.32 -29.99 26.39
C VAL I 379 -19.59 -30.61 27.04
N ILE I 380 -20.57 -31.01 26.21
CA ILE I 380 -21.87 -31.46 26.72
C ILE I 380 -21.78 -32.89 27.20
N PRO I 381 -22.54 -33.25 28.23
CA PRO I 381 -22.47 -34.60 28.81
C PRO I 381 -22.97 -35.66 27.84
N GLN I 382 -22.50 -36.89 28.00
CA GLN I 382 -23.09 -38.00 27.28
C GLN I 382 -24.45 -38.17 27.89
N GLY I 383 -25.47 -38.23 27.04
CA GLY I 383 -26.82 -38.41 27.50
C GLY I 383 -27.02 -39.84 27.97
N ARG I 384 -27.13 -40.02 29.29
CA ARG I 384 -27.16 -41.33 29.92
C ARG I 384 -28.57 -41.88 30.01
N SER I 385 -28.70 -43.14 30.42
CA SER I 385 -30.02 -43.75 30.55
C SER I 385 -30.48 -43.68 32.00
N HIS I 386 -31.79 -43.52 32.20
CA HIS I 386 -32.31 -43.32 33.54
C HIS I 386 -33.64 -44.01 33.68
N PRO I 387 -33.93 -44.55 34.87
CA PRO I 387 -35.17 -45.33 35.05
C PRO I 387 -36.30 -44.34 35.27
N VAL I 388 -37.37 -44.52 34.53
CA VAL I 388 -38.55 -43.67 34.64
C VAL I 388 -39.15 -43.81 36.03
N GLN I 389 -38.53 -43.14 37.00
CA GLN I 389 -39.06 -43.08 38.36
C GLN I 389 -39.97 -41.85 38.53
N PRO I 390 -41.22 -42.08 38.96
CA PRO I 390 -42.15 -40.96 39.20
C PRO I 390 -41.75 -40.14 40.44
N TYR I 391 -41.37 -38.88 40.26
CA TYR I 391 -41.18 -37.96 41.38
C TYR I 391 -42.52 -37.29 41.80
N PRO I 392 -42.55 -36.68 42.99
CA PRO I 392 -43.72 -35.93 43.48
C PRO I 392 -43.77 -34.50 42.96
N GLY I 393 -44.97 -33.92 42.86
CA GLY I 393 -45.15 -32.59 42.27
C GLY I 393 -45.79 -31.52 43.15
N ALA I 394 -46.54 -30.64 42.49
CA ALA I 394 -47.28 -29.57 43.15
C ALA I 394 -48.53 -30.12 43.85
N PHE I 395 -48.50 -30.22 45.18
CA PHE I 395 -49.72 -30.53 45.97
C PHE I 395 -50.66 -29.29 45.95
N VAL I 396 -51.95 -29.58 46.01
CA VAL I 396 -52.99 -28.58 45.78
C VAL I 396 -53.84 -28.43 47.05
N LYS I 397 -54.06 -27.18 47.45
CA LYS I 397 -54.98 -26.88 48.55
C LYS I 397 -56.34 -27.54 48.27
N GLU I 398 -56.76 -28.43 49.17
CA GLU I 398 -58.08 -29.04 49.09
C GLU I 398 -59.09 -28.04 49.67
N PRO I 399 -59.91 -27.43 48.81
CA PRO I 399 -60.80 -26.33 49.22
C PRO I 399 -62.07 -26.79 49.91
N ILE I 400 -62.55 -26.05 50.90
CA ILE I 400 -63.91 -26.30 51.38
C ILE I 400 -64.86 -25.87 50.25
N PRO I 401 -65.58 -26.85 49.68
CA PRO I 401 -66.53 -26.58 48.59
C PRO I 401 -67.55 -25.64 49.13
N ASN I 402 -67.77 -24.51 48.49
CA ASN I 402 -68.62 -23.48 49.05
C ASN I 402 -68.76 -22.31 48.09
N ARG I 403 -69.70 -21.41 48.35
CA ARG I 403 -69.67 -20.09 47.72
C ARG I 403 -68.58 -19.22 48.35
N TYR I 404 -68.10 -18.23 47.59
CA TYR I 404 -67.00 -17.35 47.98
C TYR I 404 -67.23 -16.02 47.29
N LYS I 405 -67.65 -15.02 48.06
CA LYS I 405 -68.29 -13.81 47.55
C LYS I 405 -67.30 -12.79 47.01
N TYR I 406 -66.18 -12.60 47.70
CA TYR I 406 -65.14 -11.69 47.25
C TYR I 406 -63.79 -12.40 47.20
N VAL I 407 -63.22 -12.46 46.00
CA VAL I 407 -62.03 -13.26 45.78
C VAL I 407 -61.01 -12.47 44.98
N MET I 408 -59.78 -12.38 45.49
CA MET I 408 -58.69 -11.90 44.65
C MET I 408 -57.52 -12.88 44.64
N SER I 409 -57.08 -13.25 43.45
CA SER I 409 -56.00 -14.22 43.30
C SER I 409 -54.67 -13.49 43.07
N PHE I 410 -53.56 -14.15 43.44
CA PHE I 410 -52.22 -13.66 43.11
C PHE I 410 -51.45 -14.77 42.43
N ASP I 411 -50.53 -14.40 41.55
CA ASP I 411 -49.80 -15.35 40.71
C ASP I 411 -48.28 -15.22 40.75
N LEU I 412 -47.59 -16.34 40.95
CA LEU I 412 -46.14 -16.44 40.84
C LEU I 412 -45.68 -16.38 39.38
N THR I 413 -44.72 -15.52 39.08
CA THR I 413 -44.29 -15.31 37.71
C THR I 413 -43.40 -16.47 37.28
N SER I 414 -43.73 -17.10 36.15
CA SER I 414 -43.01 -18.27 35.61
C SER I 414 -42.40 -19.14 36.70
N LEU I 415 -43.23 -19.64 37.60
CA LEU I 415 -42.71 -20.28 38.79
C LEU I 415 -41.47 -21.15 38.52
N TYR I 416 -41.59 -22.13 37.62
CA TYR I 416 -40.55 -23.14 37.53
C TYR I 416 -39.22 -22.65 36.99
N PRO I 417 -39.18 -21.92 35.88
CA PRO I 417 -37.91 -21.32 35.45
C PRO I 417 -37.35 -20.36 36.52
N SER I 418 -38.24 -19.66 37.21
CA SER I 418 -37.82 -18.82 38.33
C SER I 418 -37.16 -19.64 39.44
N ILE I 419 -37.75 -20.78 39.80
CA ILE I 419 -37.12 -21.66 40.78
C ILE I 419 -35.71 -22.12 40.33
N ILE I 420 -35.57 -22.64 39.12
CA ILE I 420 -34.25 -23.04 38.65
C ILE I 420 -33.24 -21.92 38.80
N ARG I 421 -33.61 -20.71 38.42
CA ARG I 421 -32.70 -19.59 38.54
C ARG I 421 -32.37 -19.26 40.00
N GLN I 422 -33.40 -19.15 40.83
CA GLN I 422 -33.25 -18.75 42.21
C GLN I 422 -32.38 -19.75 42.99
N VAL I 423 -32.73 -21.03 42.89
CA VAL I 423 -32.02 -22.06 43.64
C VAL I 423 -30.74 -22.44 42.91
N ASN I 424 -30.70 -22.18 41.60
CA ASN I 424 -29.51 -22.42 40.77
C ASN I 424 -29.38 -23.91 40.46
N ILE I 425 -30.47 -24.49 39.99
CA ILE I 425 -30.53 -25.90 39.70
C ILE I 425 -29.85 -26.20 38.38
N SER I 426 -28.91 -27.13 38.41
CA SER I 426 -28.21 -27.61 37.23
C SER I 426 -27.39 -28.83 37.63
N PRO I 427 -27.23 -29.79 36.72
CA PRO I 427 -26.44 -31.01 36.98
C PRO I 427 -25.14 -30.77 37.75
N GLU I 428 -24.36 -29.82 37.27
CA GLU I 428 -23.00 -29.57 37.77
C GLU I 428 -22.93 -28.61 38.99
N THR I 429 -24.07 -28.11 39.47
CA THR I 429 -24.06 -27.27 40.67
C THR I 429 -24.49 -27.97 41.97
N ILE I 430 -24.84 -29.25 41.87
CA ILE I 430 -25.12 -30.11 43.02
C ILE I 430 -23.91 -30.15 43.97
N ALA I 431 -24.10 -29.74 45.22
CA ALA I 431 -22.97 -29.60 46.15
C ALA I 431 -22.93 -30.69 47.21
N GLY I 432 -24.08 -31.25 47.53
CA GLY I 432 -24.21 -32.21 48.60
C GLY I 432 -25.64 -32.22 49.08
N THR I 433 -25.86 -32.63 50.32
CA THR I 433 -27.21 -32.80 50.83
C THR I 433 -27.24 -32.59 52.33
N PHE I 434 -28.44 -32.52 52.89
CA PHE I 434 -28.64 -32.29 54.33
C PHE I 434 -29.74 -33.18 54.90
N LYS I 435 -29.81 -33.29 56.22
CA LYS I 435 -30.98 -33.86 56.89
C LYS I 435 -32.21 -33.04 56.48
N VAL I 436 -33.13 -33.67 55.75
CA VAL I 436 -34.39 -33.03 55.39
C VAL I 436 -35.41 -33.30 56.48
N ALA I 437 -36.01 -32.24 57.01
CA ALA I 437 -37.16 -32.34 57.91
C ALA I 437 -38.42 -32.53 57.10
N PRO I 438 -39.52 -32.96 57.72
CA PRO I 438 -40.83 -32.94 57.07
C PRO I 438 -41.11 -31.56 56.42
N LEU I 439 -41.79 -31.52 55.28
CA LEU I 439 -42.05 -30.27 54.56
C LEU I 439 -42.82 -29.19 55.34
N HIS I 440 -43.80 -29.62 56.12
CA HIS I 440 -44.56 -28.72 56.99
C HIS I 440 -43.56 -27.88 57.81
N ASP I 441 -42.49 -28.53 58.25
CA ASP I 441 -41.47 -27.89 59.07
C ASP I 441 -40.72 -26.75 58.39
N TYR I 442 -40.53 -26.84 57.08
CA TYR I 442 -39.94 -25.71 56.34
C TYR I 442 -40.99 -24.66 56.10
N ILE I 443 -42.11 -25.06 55.52
CA ILE I 443 -43.26 -24.18 55.34
C ILE I 443 -43.54 -23.37 56.62
N ASN I 444 -43.26 -23.94 57.79
CA ASN I 444 -43.56 -23.26 59.04
C ASN I 444 -42.39 -22.54 59.74
N ALA I 445 -41.20 -22.62 59.15
CA ALA I 445 -40.00 -22.09 59.75
C ALA I 445 -39.80 -22.68 61.16
N VAL I 446 -39.55 -23.97 61.22
CA VAL I 446 -39.28 -24.69 62.47
C VAL I 446 -37.95 -25.45 62.36
N ALA I 447 -37.80 -26.22 61.28
CA ALA I 447 -36.55 -26.90 60.94
C ALA I 447 -35.44 -25.87 60.82
N GLU I 448 -34.22 -26.26 61.10
CA GLU I 448 -33.11 -25.30 61.10
C GLU I 448 -32.66 -25.08 59.67
N ARG I 449 -32.14 -23.88 59.40
CA ARG I 449 -31.58 -23.50 58.11
C ARG I 449 -30.82 -24.69 57.58
N PRO I 450 -31.20 -25.17 56.40
CA PRO I 450 -30.49 -26.30 55.79
C PRO I 450 -28.99 -26.00 55.60
N SER I 451 -28.63 -24.80 55.14
CA SER I 451 -27.21 -24.44 55.01
C SER I 451 -26.83 -22.95 55.04
N ASP I 452 -25.75 -22.68 55.77
CA ASP I 452 -25.10 -21.38 55.84
C ASP I 452 -24.33 -21.04 54.56
N VAL I 453 -23.95 -22.06 53.78
CA VAL I 453 -22.98 -21.87 52.69
C VAL I 453 -23.55 -22.19 51.30
N TYR I 454 -24.37 -23.22 51.21
CA TYR I 454 -24.96 -23.60 49.93
C TYR I 454 -26.43 -23.18 49.79
N SER I 455 -26.90 -23.14 48.54
CA SER I 455 -28.29 -22.82 48.17
C SER I 455 -29.19 -24.06 48.10
N CYS I 456 -30.24 -24.09 48.93
CA CYS I 456 -31.01 -25.33 49.17
C CYS I 456 -32.47 -25.39 48.72
N SER I 457 -32.93 -26.62 48.50
CA SER I 457 -34.32 -26.95 48.25
C SER I 457 -34.78 -27.94 49.32
N PRO I 458 -36.03 -27.82 49.78
CA PRO I 458 -36.56 -28.65 50.86
C PRO I 458 -36.65 -30.14 50.54
N ASN I 459 -36.12 -30.60 49.42
CA ASN I 459 -36.07 -32.03 49.13
C ASN I 459 -34.73 -32.61 49.61
N GLY I 460 -33.78 -31.73 49.90
CA GLY I 460 -32.50 -32.13 50.44
C GLY I 460 -31.28 -31.73 49.64
N MET I 461 -31.50 -31.24 48.41
CA MET I 461 -30.43 -30.81 47.51
C MET I 461 -29.78 -29.48 47.91
N MET I 462 -28.46 -29.43 47.78
CA MET I 462 -27.69 -28.21 47.99
C MET I 462 -26.97 -27.89 46.68
N TYR I 463 -26.80 -26.59 46.42
CA TYR I 463 -26.16 -26.11 45.20
C TYR I 463 -25.22 -24.97 45.50
N TYR I 464 -24.23 -24.80 44.61
CA TYR I 464 -23.25 -23.74 44.72
C TYR I 464 -23.87 -22.43 44.34
N LYS I 465 -23.54 -21.39 45.08
CA LYS I 465 -23.99 -20.03 44.81
C LYS I 465 -22.95 -19.28 43.98
N ASP I 466 -21.73 -19.83 43.93
CA ASP I 466 -20.57 -19.10 43.41
C ASP I 466 -20.31 -19.36 41.95
N ARG I 467 -20.87 -20.47 41.46
CA ARG I 467 -20.95 -20.76 40.03
C ARG I 467 -22.17 -19.99 39.54
N ASP I 468 -22.71 -20.33 38.37
CA ASP I 468 -24.09 -19.98 38.12
C ASP I 468 -24.87 -20.85 37.11
N GLY I 469 -24.23 -21.96 36.72
CA GLY I 469 -24.99 -23.11 36.29
C GLY I 469 -25.41 -23.06 34.85
N VAL I 470 -25.14 -24.15 34.15
CA VAL I 470 -25.43 -24.23 32.74
C VAL I 470 -26.90 -23.91 32.44
N VAL I 471 -27.80 -24.50 33.22
CA VAL I 471 -29.22 -24.39 32.95
C VAL I 471 -29.77 -23.01 33.34
N PRO I 472 -29.59 -22.57 34.59
CA PRO I 472 -30.05 -21.23 34.98
C PRO I 472 -29.52 -20.14 34.05
N THR I 473 -28.25 -20.27 33.63
CA THR I 473 -27.68 -19.29 32.71
C THR I 473 -28.52 -19.26 31.44
N GLU I 474 -28.88 -20.44 30.94
CA GLU I 474 -29.58 -20.53 29.68
C GLU I 474 -30.96 -19.92 29.72
N ILE I 475 -31.68 -20.14 30.83
CA ILE I 475 -33.03 -19.58 30.95
C ILE I 475 -32.94 -18.08 31.03
N THR I 476 -31.98 -17.59 31.83
CA THR I 476 -31.72 -16.17 31.98
C THR I 476 -31.45 -15.50 30.63
N LYS I 477 -30.67 -16.15 29.78
CA LYS I 477 -30.39 -15.65 28.44
C LYS I 477 -31.70 -15.45 27.68
N VAL I 478 -32.62 -16.38 27.83
CA VAL I 478 -33.87 -16.35 27.08
C VAL I 478 -34.86 -15.35 27.66
N PHE I 479 -34.94 -15.27 28.99
CA PHE I 479 -35.79 -14.30 29.68
C PHE I 479 -35.44 -12.89 29.24
N ASN I 480 -34.15 -12.59 29.21
CA ASN I 480 -33.67 -11.28 28.78
C ASN I 480 -33.92 -10.99 27.29
N GLN I 481 -33.98 -12.05 26.48
CA GLN I 481 -34.37 -11.92 25.09
C GLN I 481 -35.86 -11.63 25.03
N ARG I 482 -36.62 -12.38 25.83
CA ARG I 482 -38.06 -12.24 25.91
C ARG I 482 -38.46 -10.84 26.36
N LYS I 483 -37.53 -10.12 26.99
CA LYS I 483 -37.75 -8.73 27.39
C LYS I 483 -37.11 -7.76 26.41
N GLU I 484 -36.16 -8.27 25.61
CA GLU I 484 -35.54 -7.49 24.56
C GLU I 484 -36.53 -7.26 23.43
N HIS I 485 -37.02 -8.36 22.84
CA HIS I 485 -37.96 -8.33 21.73
C HIS I 485 -39.35 -7.77 22.11
N LYS I 486 -39.66 -7.75 23.41
CA LYS I 486 -40.89 -7.14 23.90
C LYS I 486 -40.79 -5.61 23.81
N GLY I 487 -39.55 -5.12 23.76
CA GLY I 487 -39.30 -3.72 23.47
C GLY I 487 -39.18 -3.43 21.99
N TYR I 488 -39.29 -4.47 21.15
CA TYR I 488 -39.25 -4.34 19.68
C TYR I 488 -40.55 -4.81 19.00
N MET I 489 -41.51 -5.30 19.79
CA MET I 489 -42.84 -5.65 19.31
C MET I 489 -43.87 -4.65 19.81
N LEU I 490 -43.81 -4.32 21.11
CA LEU I 490 -44.64 -3.25 21.68
C LEU I 490 -44.10 -1.87 21.30
N ALA I 491 -42.98 -1.85 20.58
CA ALA I 491 -42.43 -0.62 19.99
C ALA I 491 -42.68 -0.53 18.48
N ALA I 492 -43.06 -1.67 17.88
CA ALA I 492 -43.42 -1.76 16.46
C ALA I 492 -44.86 -1.30 16.22
N GLN I 493 -45.63 -1.27 17.30
CA GLN I 493 -46.94 -0.60 17.35
C GLN I 493 -46.81 0.90 17.69
N ARG I 494 -45.70 1.28 18.31
CA ARG I 494 -45.38 2.69 18.59
C ARG I 494 -44.95 3.41 17.31
N ASN I 495 -44.49 2.62 16.32
CA ASN I 495 -44.11 3.09 14.98
C ASN I 495 -45.28 3.04 13.99
N GLY I 496 -46.25 2.17 14.28
CA GLY I 496 -47.46 2.02 13.47
C GLY I 496 -48.43 3.18 13.61
N GLU I 497 -49.09 3.27 14.79
CA GLU I 497 -50.07 4.33 15.10
C GLU I 497 -49.50 5.77 15.10
N ILE I 498 -48.19 5.88 14.88
CA ILE I 498 -47.51 7.17 14.72
C ILE I 498 -47.25 7.48 13.23
N ILE I 499 -47.31 6.45 12.39
CA ILE I 499 -47.39 6.61 10.94
C ILE I 499 -48.87 6.54 10.48
N LYS I 500 -49.72 5.94 11.32
CA LYS I 500 -51.18 5.89 11.10
C LYS I 500 -51.88 7.25 11.29
N GLU I 501 -51.27 8.15 12.04
CA GLU I 501 -51.79 9.51 12.26
C GLU I 501 -51.08 10.55 11.37
N ALA I 502 -49.93 10.16 10.80
CA ALA I 502 -49.21 10.95 9.80
C ALA I 502 -49.76 10.72 8.39
N LEU I 503 -50.66 9.74 8.28
CA LEU I 503 -51.36 9.40 7.04
C LEU I 503 -52.39 10.47 6.64
N HIS I 504 -52.77 11.31 7.61
CA HIS I 504 -53.55 12.53 7.36
C HIS I 504 -52.84 13.39 6.32
N ASN I 505 -51.53 13.52 6.46
CA ASN I 505 -50.67 14.23 5.52
C ASN I 505 -50.40 13.41 4.26
N PRO I 506 -50.73 13.99 3.11
CA PRO I 506 -50.78 13.27 1.83
C PRO I 506 -49.51 13.40 0.99
N ASN I 507 -49.67 13.79 -0.28
CA ASN I 507 -48.56 13.87 -1.23
C ASN I 507 -48.59 15.08 -2.17
N LEU I 508 -47.40 15.64 -2.43
CA LEU I 508 -47.20 16.66 -3.46
C LEU I 508 -45.76 16.61 -3.99
N SER I 509 -44.96 15.70 -3.45
CA SER I 509 -43.58 15.47 -3.88
C SER I 509 -43.17 13.99 -3.69
N VAL I 510 -42.41 13.48 -4.66
CA VAL I 510 -41.98 12.08 -4.69
C VAL I 510 -41.12 11.69 -3.46
N ASP I 511 -41.30 10.47 -2.97
CA ASP I 511 -40.62 10.02 -1.76
C ASP I 511 -40.25 8.53 -1.77
N GLU I 512 -39.56 8.12 -0.71
CA GLU I 512 -39.21 6.72 -0.45
C GLU I 512 -39.00 6.56 1.07
N PRO I 513 -39.50 5.48 1.67
CA PRO I 513 -39.47 5.31 3.14
C PRO I 513 -38.06 5.45 3.75
N LEU I 514 -37.99 6.14 4.88
CA LEU I 514 -36.74 6.53 5.55
C LEU I 514 -35.94 5.34 6.10
N ASP I 515 -34.61 5.44 6.02
CA ASP I 515 -33.71 4.35 6.40
C ASP I 515 -33.26 4.41 7.87
N VAL I 516 -34.19 4.10 8.77
CA VAL I 516 -33.85 3.90 10.19
C VAL I 516 -34.66 2.72 10.76
N ASP I 517 -33.95 1.85 11.49
CA ASP I 517 -34.49 0.55 11.90
C ASP I 517 -35.67 0.56 12.88
N TYR I 518 -36.49 -0.48 12.77
CA TYR I 518 -37.72 -0.61 13.55
C TYR I 518 -37.46 -1.26 14.91
N ARG I 519 -36.32 -1.93 15.03
CA ARG I 519 -35.87 -2.55 16.29
C ARG I 519 -35.48 -1.50 17.36
N PHE I 520 -35.67 -0.23 17.02
CA PHE I 520 -35.44 0.88 17.93
C PHE I 520 -36.69 1.77 17.97
N ASP I 521 -36.88 2.48 19.07
CA ASP I 521 -37.95 3.46 19.18
C ASP I 521 -37.48 4.81 18.62
N PHE I 522 -38.25 5.35 17.67
CA PHE I 522 -37.91 6.59 16.96
C PHE I 522 -37.83 7.82 17.88
N SER I 523 -37.14 8.87 17.42
CA SER I 523 -36.94 10.08 18.21
C SER I 523 -37.55 11.33 17.56
N ASP I 524 -36.70 12.26 17.13
CA ASP I 524 -37.16 13.55 16.60
C ASP I 524 -36.50 13.96 15.28
N GLU I 525 -35.48 13.21 14.86
CA GLU I 525 -34.75 13.49 13.61
C GLU I 525 -35.67 13.32 12.41
N ILE I 526 -36.43 12.23 12.40
CA ILE I 526 -37.48 12.03 11.43
C ILE I 526 -38.81 12.04 12.17
N LYS I 527 -39.31 13.25 12.41
CA LYS I 527 -40.59 13.51 13.08
C LYS I 527 -41.47 14.34 12.14
N GLU I 528 -40.96 15.51 11.75
CA GLU I 528 -41.59 16.40 10.78
C GLU I 528 -41.31 15.99 9.32
N LYS I 529 -40.65 14.85 9.13
CA LYS I 529 -40.33 14.30 7.81
C LYS I 529 -40.87 12.88 7.59
N ILE I 530 -41.78 12.48 8.49
CA ILE I 530 -42.71 11.36 8.26
C ILE I 530 -44.08 11.96 7.92
N LYS I 531 -44.19 13.27 8.19
CA LYS I 531 -45.33 14.12 7.86
C LYS I 531 -45.26 14.57 6.40
N LYS I 532 -44.19 15.29 6.05
CA LYS I 532 -43.97 15.81 4.69
C LYS I 532 -43.68 14.69 3.67
N LEU I 533 -43.78 13.44 4.12
CA LEU I 533 -43.72 12.27 3.26
C LEU I 533 -44.84 12.30 2.23
N SER I 534 -44.81 11.36 1.29
CA SER I 534 -45.93 11.13 0.39
C SER I 534 -46.85 10.04 0.96
N ALA I 535 -48.07 9.97 0.43
CA ALA I 535 -49.04 8.94 0.84
C ALA I 535 -49.00 7.73 -0.11
N LYS I 536 -47.78 7.24 -0.32
CA LYS I 536 -47.52 5.99 -1.03
C LYS I 536 -46.36 5.27 -0.32
N SER I 537 -45.50 6.06 0.32
CA SER I 537 -44.42 5.55 1.15
C SER I 537 -44.88 5.41 2.61
N LEU I 538 -46.06 5.98 2.91
CA LEU I 538 -46.76 5.80 4.18
C LEU I 538 -47.42 4.41 4.25
N ASN I 539 -47.82 3.90 3.08
CA ASN I 539 -48.34 2.54 2.91
C ASN I 539 -47.22 1.50 3.03
N GLU I 540 -46.02 1.88 2.61
CA GLU I 540 -44.83 1.03 2.66
C GLU I 540 -44.12 1.13 4.02
N MET I 541 -44.40 2.21 4.75
CA MET I 541 -43.98 2.34 6.15
C MET I 541 -44.96 1.60 7.09
N LEU I 542 -45.94 0.92 6.50
CA LEU I 542 -46.93 0.10 7.21
C LEU I 542 -46.74 -1.40 6.91
N PHE I 543 -46.04 -1.70 5.81
CA PHE I 543 -45.62 -3.08 5.51
C PHE I 543 -44.58 -3.58 6.54
N ARG I 544 -43.75 -2.67 7.05
CA ARG I 544 -42.56 -3.01 7.83
C ARG I 544 -42.74 -3.01 9.35
N ALA I 545 -43.34 -1.96 9.92
CA ALA I 545 -43.63 -1.89 11.36
C ALA I 545 -44.73 -2.88 11.78
N GLN I 546 -45.48 -3.36 10.79
CA GLN I 546 -46.40 -4.48 10.96
C GLN I 546 -45.67 -5.83 10.86
N ARG I 547 -44.53 -5.83 10.14
CA ARG I 547 -43.75 -7.05 9.93
C ARG I 547 -42.62 -7.24 10.96
N THR I 548 -42.54 -6.32 11.91
CA THR I 548 -41.74 -6.50 13.13
C THR I 548 -42.67 -6.77 14.30
N GLU I 549 -43.87 -6.21 14.24
CA GLU I 549 -44.90 -6.42 15.25
C GLU I 549 -45.36 -7.87 15.25
N VAL I 550 -45.28 -8.52 14.09
CA VAL I 550 -45.56 -9.95 13.94
C VAL I 550 -44.32 -10.77 14.32
N ALA I 551 -43.17 -10.45 13.72
CA ALA I 551 -41.90 -11.12 14.04
C ALA I 551 -41.50 -10.97 15.51
N GLY I 552 -41.69 -9.76 16.05
CA GLY I 552 -41.48 -9.50 17.48
C GLY I 552 -42.46 -10.24 18.36
N MET I 553 -43.68 -10.40 17.87
CA MET I 553 -44.66 -11.24 18.55
C MET I 553 -44.24 -12.71 18.41
N THR I 554 -44.08 -13.19 17.18
CA THR I 554 -43.77 -14.59 16.92
C THR I 554 -42.47 -15.08 17.60
N ALA I 555 -41.46 -14.22 17.61
CA ALA I 555 -40.17 -14.55 18.24
C ALA I 555 -40.28 -14.59 19.76
N GLN I 556 -40.89 -13.56 20.34
CA GLN I 556 -41.06 -13.48 21.79
C GLN I 556 -41.96 -14.59 22.33
N ILE I 557 -43.11 -14.78 21.71
CA ILE I 557 -43.98 -15.92 22.00
C ILE I 557 -43.16 -17.22 21.94
N ASN I 558 -42.24 -17.31 20.98
CA ASN I 558 -41.41 -18.50 20.89
C ASN I 558 -40.44 -18.60 22.09
N ARG I 559 -40.09 -17.46 22.67
CA ARG I 559 -39.33 -17.44 23.92
C ARG I 559 -40.22 -17.82 25.11
N LYS I 560 -41.41 -17.23 25.20
CA LYS I 560 -42.37 -17.64 26.22
C LYS I 560 -42.60 -19.14 26.15
N LEU I 561 -42.72 -19.67 24.93
CA LEU I 561 -42.91 -21.11 24.71
C LEU I 561 -41.62 -21.84 25.12
N LEU I 562 -40.46 -21.33 24.70
CA LEU I 562 -39.19 -21.89 25.16
C LEU I 562 -39.06 -21.93 26.69
N ILE I 563 -39.42 -20.83 27.34
CA ILE I 563 -39.32 -20.75 28.79
C ILE I 563 -40.19 -21.83 29.49
N ASN I 564 -41.48 -21.91 29.15
CA ASN I 564 -42.35 -22.92 29.76
C ASN I 564 -42.16 -24.38 29.24
N SER I 565 -41.34 -24.57 28.21
CA SER I 565 -41.17 -25.93 27.70
C SER I 565 -40.04 -26.63 28.46
N LEU I 566 -39.06 -25.84 28.89
CA LEU I 566 -37.92 -26.36 29.65
C LEU I 566 -38.27 -27.31 30.79
N TYR I 567 -39.04 -26.88 31.78
CA TYR I 567 -39.27 -27.78 32.91
C TYR I 567 -39.60 -29.19 32.39
N GLY I 568 -40.46 -29.27 31.38
CA GLY I 568 -40.84 -30.51 30.75
C GLY I 568 -39.65 -31.28 30.22
N ALA I 569 -38.72 -30.59 29.55
CA ALA I 569 -37.43 -31.17 29.19
C ALA I 569 -36.74 -31.70 30.42
N LEU I 570 -36.56 -30.83 31.42
CA LEU I 570 -35.81 -31.17 32.63
C LEU I 570 -36.33 -32.39 33.39
N GLY I 571 -37.63 -32.68 33.28
CA GLY I 571 -38.24 -33.78 34.02
C GLY I 571 -38.36 -35.06 33.21
N ASN I 572 -37.71 -35.06 32.05
CA ASN I 572 -37.88 -36.10 31.05
C ASN I 572 -36.58 -36.87 30.95
N VAL I 573 -36.68 -38.18 31.06
CA VAL I 573 -35.49 -39.01 31.22
C VAL I 573 -34.56 -38.98 30.02
N TRP I 574 -35.06 -38.62 28.84
CA TRP I 574 -34.23 -38.66 27.63
C TRP I 574 -33.42 -37.39 27.42
N PHE I 575 -33.56 -36.45 28.35
CA PHE I 575 -32.92 -35.18 28.19
C PHE I 575 -31.45 -35.28 28.65
N ARG I 576 -30.55 -34.76 27.83
CA ARG I 576 -29.14 -34.75 28.17
C ARG I 576 -28.92 -34.43 29.63
N TYR I 577 -29.66 -33.45 30.14
CA TYR I 577 -29.39 -32.76 31.41
C TYR I 577 -30.35 -33.09 32.57
N TYR I 578 -31.29 -34.02 32.33
CA TYR I 578 -32.16 -34.52 33.41
C TYR I 578 -31.39 -34.97 34.63
N ASP I 579 -32.01 -34.84 35.79
CA ASP I 579 -31.46 -35.40 36.99
C ASP I 579 -32.62 -35.43 37.95
N LEU I 580 -33.11 -36.64 38.23
CA LEU I 580 -34.24 -36.87 39.14
C LEU I 580 -34.26 -35.91 40.37
N ARG I 581 -33.19 -35.93 41.15
CA ARG I 581 -33.07 -35.06 42.30
C ARG I 581 -33.31 -33.56 42.03
N ASN I 582 -32.84 -33.06 40.89
CA ASN I 582 -33.04 -31.66 40.53
C ASN I 582 -34.50 -31.39 40.21
N ALA I 583 -35.13 -32.32 39.50
CA ALA I 583 -36.53 -32.20 39.15
C ALA I 583 -37.37 -32.12 40.41
N THR I 584 -37.18 -33.09 41.31
CA THR I 584 -37.86 -33.14 42.59
C THR I 584 -37.55 -31.86 43.33
N ALA I 585 -36.29 -31.46 43.29
CA ALA I 585 -35.87 -30.19 43.85
C ALA I 585 -36.77 -29.06 43.40
N ILE I 586 -37.04 -28.96 42.10
CA ILE I 586 -37.90 -27.90 41.55
C ILE I 586 -39.33 -27.92 42.13
N THR I 587 -40.02 -29.04 41.96
CA THR I 587 -41.39 -29.19 42.44
C THR I 587 -41.46 -28.95 43.93
N THR I 588 -40.58 -29.63 44.68
CA THR I 588 -40.69 -29.67 46.13
C THR I 588 -40.53 -28.29 46.65
N PHE I 589 -39.72 -27.49 45.94
CA PHE I 589 -39.46 -26.11 46.30
C PHE I 589 -40.67 -25.26 45.98
N GLY I 590 -41.26 -25.46 44.81
CA GLY I 590 -42.46 -24.75 44.44
C GLY I 590 -43.53 -24.93 45.51
N GLN I 591 -43.76 -26.19 45.88
CA GLN I 591 -44.80 -26.57 46.82
C GLN I 591 -44.60 -25.86 48.13
N MET I 592 -43.35 -25.82 48.56
CA MET I 592 -42.95 -25.08 49.76
C MET I 592 -43.26 -23.62 49.59
N ALA I 593 -42.76 -23.06 48.47
CA ALA I 593 -42.95 -21.67 48.13
C ALA I 593 -44.44 -21.30 48.22
N LEU I 594 -45.29 -22.06 47.54
CA LEU I 594 -46.73 -21.80 47.53
C LEU I 594 -47.44 -21.89 48.90
N GLN I 595 -47.07 -22.87 49.71
CA GLN I 595 -47.63 -23.00 51.07
C GLN I 595 -47.00 -22.04 52.07
N TRP I 596 -45.84 -21.50 51.72
CA TRP I 596 -45.10 -20.57 52.57
C TRP I 596 -45.84 -19.25 52.52
N ILE I 597 -46.06 -18.77 51.30
CA ILE I 597 -46.77 -17.53 51.10
C ILE I 597 -48.25 -17.61 51.50
N GLU I 598 -48.80 -18.81 51.50
CA GLU I 598 -50.12 -19.10 52.07
C GLU I 598 -50.15 -18.59 53.51
N ARG I 599 -49.30 -19.20 54.32
CA ARG I 599 -49.13 -18.88 55.73
C ARG I 599 -48.73 -17.43 55.94
N LYS I 600 -48.02 -16.88 54.97
CA LYS I 600 -47.60 -15.49 55.06
C LYS I 600 -48.77 -14.54 54.79
N VAL I 601 -49.63 -14.91 53.84
CA VAL I 601 -50.80 -14.10 53.53
C VAL I 601 -51.81 -14.12 54.69
N ASN I 602 -52.08 -15.33 55.21
CA ASN I 602 -52.99 -15.53 56.34
C ASN I 602 -52.54 -14.85 57.62
N GLU I 603 -51.24 -14.92 57.89
CA GLU I 603 -50.64 -14.20 59.01
C GLU I 603 -50.93 -12.72 58.87
N TYR I 604 -50.59 -12.15 57.71
CA TYR I 604 -50.72 -10.72 57.47
C TYR I 604 -52.17 -10.25 57.63
N LEU I 605 -53.09 -10.85 56.89
CA LEU I 605 -54.46 -10.36 56.89
C LEU I 605 -55.12 -10.49 58.26
N ASN I 606 -54.67 -11.48 59.03
CA ASN I 606 -55.14 -11.58 60.40
C ASN I 606 -54.68 -10.40 61.27
N GLU I 607 -53.46 -9.91 61.09
CA GLU I 607 -53.02 -8.76 61.90
C GLU I 607 -53.70 -7.46 61.48
N VAL I 608 -53.69 -7.21 60.18
CA VAL I 608 -54.38 -6.07 59.58
C VAL I 608 -55.84 -5.96 60.02
N CYS I 609 -56.59 -7.06 59.87
CA CYS I 609 -58.02 -7.07 60.17
C CYS I 609 -58.41 -7.03 61.68
N GLY I 610 -57.46 -7.36 62.56
CA GLY I 610 -57.76 -7.54 63.97
C GLY I 610 -58.56 -8.82 64.18
N THR I 611 -57.88 -9.96 64.10
CA THR I 611 -58.51 -11.28 64.14
C THR I 611 -57.42 -12.36 64.30
N GLU I 612 -57.73 -13.49 64.90
CA GLU I 612 -56.73 -14.55 65.06
C GLU I 612 -57.10 -15.84 64.32
N GLY I 613 -56.09 -16.47 63.71
CA GLY I 613 -56.24 -17.74 63.02
C GLY I 613 -57.54 -17.96 62.24
N GLU I 614 -57.89 -17.02 61.38
CA GLU I 614 -59.01 -17.19 60.45
C GLU I 614 -58.41 -17.36 59.07
N ALA I 615 -58.99 -18.26 58.27
CA ALA I 615 -58.45 -18.57 56.95
C ALA I 615 -58.86 -17.50 55.96
N PHE I 616 -57.93 -17.09 55.12
CA PHE I 616 -58.23 -16.17 54.04
C PHE I 616 -57.92 -16.85 52.71
N VAL I 617 -56.79 -17.54 52.65
CA VAL I 617 -56.40 -18.26 51.45
C VAL I 617 -57.33 -19.46 51.36
N LEU I 618 -58.27 -19.39 50.41
CA LEU I 618 -59.30 -20.43 50.29
C LEU I 618 -58.88 -21.58 49.39
N TYR I 619 -57.79 -21.36 48.65
CA TYR I 619 -57.36 -22.30 47.65
C TYR I 619 -56.01 -21.85 47.15
N GLY I 620 -55.30 -22.82 46.58
CA GLY I 620 -54.00 -22.59 45.98
C GLY I 620 -53.77 -23.72 45.01
N ASP I 621 -53.19 -23.37 43.87
CA ASP I 621 -52.81 -24.40 42.93
C ASP I 621 -51.53 -24.04 42.19
N THR I 622 -50.42 -24.61 42.63
CA THR I 622 -49.14 -24.57 41.90
C THR I 622 -48.49 -23.20 41.95
N ASP I 623 -49.08 -22.23 41.25
CA ASP I 623 -48.51 -20.90 41.20
C ASP I 623 -49.43 -19.81 41.68
N SER I 624 -50.73 -20.08 41.73
CA SER I 624 -51.67 -19.09 42.23
C SER I 624 -52.16 -19.40 43.64
N ILE I 625 -52.63 -18.34 44.31
CA ILE I 625 -53.47 -18.47 45.50
C ILE I 625 -54.70 -17.59 45.32
N TYR I 626 -55.77 -17.95 46.02
CA TYR I 626 -57.07 -17.31 45.90
C TYR I 626 -57.47 -16.94 47.30
N VAL I 627 -57.54 -15.64 47.55
CA VAL I 627 -57.74 -15.11 48.89
C VAL I 627 -59.20 -14.69 49.02
N SER I 628 -59.81 -14.99 50.16
CA SER I 628 -61.15 -14.49 50.38
C SER I 628 -61.04 -13.08 50.89
N ALA I 629 -61.74 -12.17 50.21
CA ALA I 629 -61.67 -10.75 50.51
C ALA I 629 -62.90 -10.21 51.20
N ASP I 630 -63.78 -11.12 51.63
CA ASP I 630 -65.00 -10.78 52.39
C ASP I 630 -64.72 -9.85 53.54
N LYS I 631 -63.86 -10.29 54.45
CA LYS I 631 -63.61 -9.52 55.67
C LYS I 631 -62.91 -8.18 55.39
N ILE I 632 -62.12 -8.11 54.31
CA ILE I 632 -61.54 -6.85 53.85
C ILE I 632 -62.64 -5.88 53.43
N ILE I 633 -63.63 -6.39 52.69
CA ILE I 633 -64.79 -5.60 52.33
C ILE I 633 -65.57 -5.23 53.59
N ASP I 634 -65.93 -6.23 54.39
CA ASP I 634 -66.80 -6.02 55.55
C ASP I 634 -66.15 -5.15 56.65
N LYS I 635 -64.91 -4.74 56.43
CA LYS I 635 -64.25 -3.82 57.35
C LYS I 635 -64.48 -2.37 56.96
N VAL I 636 -65.25 -2.18 55.89
CA VAL I 636 -65.74 -0.85 55.56
C VAL I 636 -67.26 -0.90 55.37
N GLY I 637 -67.77 -2.07 54.99
CA GLY I 637 -69.18 -2.30 54.70
C GLY I 637 -69.68 -1.79 53.35
N GLU I 638 -70.59 -2.53 52.71
CA GLU I 638 -71.41 -2.00 51.62
C GLU I 638 -72.06 -0.68 52.05
N SER I 639 -71.46 0.41 51.60
CA SER I 639 -71.81 1.77 52.00
C SER I 639 -70.53 2.55 51.81
N LYS I 640 -70.68 3.82 51.44
CA LYS I 640 -69.57 4.59 50.85
C LYS I 640 -68.94 3.75 49.71
N PHE I 641 -69.46 2.54 49.51
CA PHE I 641 -69.28 1.86 48.24
C PHE I 641 -70.36 2.39 47.29
N ARG I 642 -69.93 3.37 46.50
CA ARG I 642 -70.69 4.09 45.48
C ARG I 642 -71.36 3.13 44.51
N ASP I 643 -70.53 2.33 43.82
CA ASP I 643 -70.96 1.40 42.79
C ASP I 643 -69.95 0.23 42.70
N THR I 644 -70.20 -0.71 41.78
CA THR I 644 -69.33 -1.89 41.67
C THR I 644 -67.88 -1.47 41.50
N ASN I 645 -67.63 -0.58 40.53
CA ASN I 645 -66.28 -0.09 40.29
C ASN I 645 -65.59 0.47 41.53
N HIS I 646 -66.36 0.81 42.55
CA HIS I 646 -65.81 1.46 43.74
C HIS I 646 -65.12 0.48 44.72
N TRP I 647 -65.67 -0.72 44.84
CA TRP I 647 -65.05 -1.70 45.71
C TRP I 647 -63.90 -2.41 45.04
N VAL I 648 -63.95 -2.48 43.71
CA VAL I 648 -62.89 -3.13 42.94
C VAL I 648 -61.66 -2.21 42.95
N ASP I 649 -61.89 -0.92 42.79
CA ASP I 649 -60.85 0.04 43.05
C ASP I 649 -60.22 -0.25 44.40
N PHE I 650 -61.08 -0.41 45.41
CA PHE I 650 -60.67 -0.58 46.79
C PHE I 650 -59.72 -1.76 46.92
N LEU I 651 -60.16 -2.89 46.38
CA LEU I 651 -59.39 -4.13 46.42
C LEU I 651 -58.11 -4.07 45.58
N ASP I 652 -58.12 -3.32 44.48
CA ASP I 652 -56.95 -3.14 43.65
C ASP I 652 -55.90 -2.32 44.41
N LYS I 653 -56.36 -1.26 45.08
CA LYS I 653 -55.51 -0.38 45.86
C LYS I 653 -54.91 -1.11 47.07
N PHE I 654 -55.68 -2.05 47.61
CA PHE I 654 -55.30 -2.73 48.83
C PHE I 654 -54.21 -3.78 48.57
N ALA I 655 -54.38 -4.55 47.51
CA ALA I 655 -53.45 -5.60 47.12
C ALA I 655 -52.10 -5.08 46.66
N ARG I 656 -52.12 -3.89 46.05
CA ARG I 656 -50.98 -3.29 45.41
C ARG I 656 -50.13 -2.48 46.40
N GLU I 657 -50.79 -1.83 47.36
CA GLU I 657 -50.11 -0.94 48.29
C GLU I 657 -49.78 -1.60 49.63
N ARG I 658 -50.49 -2.68 49.96
CA ARG I 658 -50.33 -3.34 51.27
C ARG I 658 -49.92 -4.82 51.22
N MET I 659 -50.77 -5.67 50.62
CA MET I 659 -50.56 -7.12 50.51
C MET I 659 -49.25 -7.51 49.77
N GLU I 660 -49.11 -6.99 48.56
CA GLU I 660 -47.95 -7.27 47.71
C GLU I 660 -46.60 -7.01 48.40
N PRO I 661 -46.42 -5.87 49.06
CA PRO I 661 -45.21 -5.66 49.88
C PRO I 661 -44.99 -6.77 50.91
N ALA I 662 -46.04 -7.20 51.62
CA ALA I 662 -45.88 -8.26 52.63
C ALA I 662 -45.52 -9.62 51.99
N ILE I 663 -46.08 -9.89 50.81
CA ILE I 663 -45.76 -11.08 50.05
C ILE I 663 -44.28 -11.02 49.72
N ASP I 664 -43.83 -9.84 49.29
CA ASP I 664 -42.44 -9.61 48.96
C ASP I 664 -41.53 -9.87 50.17
N ARG I 665 -41.93 -9.33 51.33
CA ARG I 665 -41.21 -9.53 52.58
C ARG I 665 -41.19 -11.02 52.94
N GLY I 666 -42.29 -11.69 52.58
CA GLY I 666 -42.48 -13.09 52.86
C GLY I 666 -41.54 -13.95 52.05
N PHE I 667 -41.42 -13.64 50.76
CA PHE I 667 -40.59 -14.47 49.90
C PHE I 667 -39.11 -14.19 50.12
N ARG I 668 -38.77 -12.96 50.49
CA ARG I 668 -37.37 -12.65 50.80
C ARG I 668 -36.85 -13.47 51.99
N GLU I 669 -37.68 -13.65 53.01
CA GLU I 669 -37.26 -14.43 54.16
C GLU I 669 -37.01 -15.87 53.67
N MET I 670 -37.94 -16.37 52.86
CA MET I 670 -37.84 -17.68 52.30
C MET I 670 -36.55 -17.85 51.49
N CYS I 671 -36.13 -16.79 50.79
CA CYS I 671 -34.85 -16.80 50.10
C CYS I 671 -33.67 -16.92 51.08
N GLU I 672 -33.68 -16.08 52.11
CA GLU I 672 -32.65 -16.13 53.13
C GLU I 672 -32.68 -17.49 53.87
N TYR I 673 -33.87 -18.00 54.18
CA TYR I 673 -34.02 -19.28 54.87
C TYR I 673 -33.38 -20.45 54.09
N MET I 674 -33.48 -20.39 52.78
CA MET I 674 -33.01 -21.48 51.95
C MET I 674 -31.66 -21.11 51.36
N ASN I 675 -31.21 -19.90 51.66
CA ASN I 675 -29.92 -19.37 51.21
C ASN I 675 -29.75 -19.47 49.72
N ASN I 676 -30.79 -19.06 48.98
CA ASN I 676 -30.70 -19.10 47.54
C ASN I 676 -29.83 -17.99 46.97
N LYS I 677 -29.30 -18.25 45.78
CA LYS I 677 -28.50 -17.28 45.02
C LYS I 677 -29.22 -15.94 44.86
N GLN I 678 -30.46 -16.00 44.41
CA GLN I 678 -31.17 -14.82 43.96
C GLN I 678 -32.63 -14.96 44.31
N HIS I 679 -33.24 -13.89 44.82
CA HIS I 679 -34.66 -13.85 45.08
C HIS I 679 -35.33 -13.63 43.74
N LEU I 680 -36.20 -14.57 43.33
CA LEU I 680 -36.97 -14.43 42.11
C LEU I 680 -38.45 -14.81 42.24
N MET I 681 -38.94 -15.02 43.46
CA MET I 681 -40.38 -15.26 43.68
C MET I 681 -41.16 -13.95 43.64
N PHE I 682 -41.71 -13.63 42.48
CA PHE I 682 -42.38 -12.35 42.30
C PHE I 682 -43.87 -12.59 42.14
N MET I 683 -44.62 -12.34 43.21
CA MET I 683 -46.05 -12.63 43.19
C MET I 683 -46.79 -11.32 43.23
N ASP I 684 -47.48 -11.00 42.16
CA ASP I 684 -48.37 -9.85 42.19
C ASP I 684 -49.78 -10.32 41.87
N ARG I 685 -50.75 -9.42 42.05
CA ARG I 685 -52.16 -9.74 41.88
C ARG I 685 -52.59 -10.13 40.46
N GLU I 686 -53.52 -11.08 40.39
CA GLU I 686 -54.14 -11.51 39.14
C GLU I 686 -55.60 -10.98 39.03
N ALA I 687 -56.59 -11.76 39.46
CA ALA I 687 -58.00 -11.42 39.26
C ALA I 687 -58.68 -10.87 40.51
N ILE I 688 -59.64 -9.96 40.31
CA ILE I 688 -60.54 -9.45 41.37
C ILE I 688 -61.96 -9.84 40.99
N ALA I 689 -62.71 -10.38 41.94
CA ALA I 689 -63.99 -11.04 41.63
C ALA I 689 -65.01 -10.93 42.77
N GLY I 690 -66.28 -10.93 42.38
CA GLY I 690 -67.38 -10.68 43.29
C GLY I 690 -68.66 -10.47 42.53
N PRO I 691 -69.79 -10.34 43.23
CA PRO I 691 -71.07 -10.09 42.57
C PRO I 691 -71.28 -8.61 42.26
N PRO I 692 -72.15 -8.27 41.32
CA PRO I 692 -72.53 -6.86 41.13
C PRO I 692 -73.07 -6.28 42.44
N LEU I 693 -72.59 -5.09 42.82
CA LEU I 693 -73.09 -4.39 44.01
C LEU I 693 -74.61 -4.32 44.02
N GLY I 694 -75.21 -4.49 45.20
CA GLY I 694 -76.65 -4.38 45.36
C GLY I 694 -77.40 -5.59 44.84
N SER I 695 -76.67 -6.64 44.47
CA SER I 695 -77.32 -7.84 43.93
C SER I 695 -77.39 -9.02 44.88
N LYS I 696 -78.17 -9.99 44.46
CA LYS I 696 -78.30 -11.27 45.15
C LYS I 696 -77.34 -12.35 44.61
N GLY I 697 -76.44 -12.01 43.71
CA GLY I 697 -75.44 -12.94 43.20
C GLY I 697 -74.32 -13.32 44.17
N ILE I 698 -73.75 -14.50 43.99
CA ILE I 698 -72.78 -15.02 44.96
C ILE I 698 -71.28 -14.86 44.62
N GLY I 699 -70.98 -14.27 43.46
CA GLY I 699 -69.62 -13.96 43.08
C GLY I 699 -68.77 -15.17 42.65
N GLY I 700 -68.77 -16.23 43.46
CA GLY I 700 -67.95 -17.39 43.17
C GLY I 700 -68.34 -18.62 43.94
N PHE I 701 -67.89 -19.77 43.46
CA PHE I 701 -68.00 -21.03 44.21
C PHE I 701 -66.90 -22.00 43.78
N TRP I 702 -66.35 -22.75 44.73
CA TRP I 702 -65.49 -23.91 44.43
C TRP I 702 -66.29 -25.16 44.67
N THR I 703 -65.97 -26.20 43.92
CA THR I 703 -66.63 -27.48 44.01
C THR I 703 -65.64 -28.48 44.62
N GLY I 704 -64.39 -28.38 44.18
CA GLY I 704 -63.28 -29.22 44.63
C GLY I 704 -61.97 -28.77 43.94
N LYS I 705 -60.95 -29.63 44.03
CA LYS I 705 -59.66 -29.33 43.41
C LYS I 705 -59.83 -29.12 41.93
N LYS I 706 -59.48 -27.90 41.48
CA LYS I 706 -59.41 -27.59 40.06
C LYS I 706 -60.79 -27.39 39.44
N ARG I 707 -61.78 -27.12 40.28
CA ARG I 707 -63.16 -26.99 39.81
C ARG I 707 -63.89 -25.79 40.45
N TYR I 708 -63.88 -24.64 39.76
CA TYR I 708 -64.43 -23.40 40.35
C TYR I 708 -64.89 -22.34 39.37
N ALA I 709 -65.67 -21.38 39.85
CA ALA I 709 -66.17 -20.29 39.01
C ALA I 709 -66.08 -18.95 39.74
N LEU I 710 -65.69 -17.90 39.01
CA LEU I 710 -65.56 -16.54 39.56
C LEU I 710 -66.15 -15.48 38.64
N ASN I 711 -66.78 -14.48 39.23
CA ASN I 711 -67.25 -13.35 38.45
C ASN I 711 -66.18 -12.25 38.50
N VAL I 712 -65.32 -12.20 37.48
CA VAL I 712 -64.14 -11.34 37.51
C VAL I 712 -64.44 -9.97 36.92
N TRP I 713 -63.95 -8.93 37.59
CA TRP I 713 -64.10 -7.54 37.15
C TRP I 713 -62.78 -6.91 36.73
N ASP I 714 -61.68 -7.57 37.05
CA ASP I 714 -60.34 -7.03 36.75
C ASP I 714 -59.28 -8.13 36.64
N MET I 715 -58.50 -8.07 35.57
CA MET I 715 -57.42 -9.02 35.33
C MET I 715 -56.13 -8.23 35.05
N GLU I 716 -55.20 -8.31 36.00
CA GLU I 716 -53.89 -7.65 35.92
C GLU I 716 -53.97 -6.14 35.70
N GLY I 717 -55.05 -5.54 36.20
CA GLY I 717 -55.26 -4.11 36.04
C GLY I 717 -56.07 -3.69 34.81
N THR I 718 -56.51 -4.65 34.01
CA THR I 718 -57.42 -4.37 32.91
C THR I 718 -58.84 -4.57 33.41
N ARG I 719 -59.53 -3.46 33.70
CA ARG I 719 -60.89 -3.45 34.22
C ARG I 719 -61.91 -3.69 33.13
N TYR I 720 -62.75 -4.71 33.28
CA TYR I 720 -63.75 -5.01 32.26
C TYR I 720 -65.00 -4.15 32.41
N ALA I 721 -65.55 -3.71 31.28
CA ALA I 721 -66.80 -2.96 31.23
C ALA I 721 -67.96 -3.89 31.56
N GLU I 722 -67.76 -5.17 31.26
CA GLU I 722 -68.73 -6.21 31.60
C GLU I 722 -67.93 -7.30 32.30
N PRO I 723 -68.51 -7.87 33.36
CA PRO I 723 -67.83 -8.90 34.14
C PRO I 723 -67.61 -10.15 33.30
N LYS I 724 -66.43 -10.74 33.44
CA LYS I 724 -66.07 -11.98 32.73
C LYS I 724 -66.15 -13.18 33.68
N LEU I 725 -66.86 -14.22 33.24
CA LEU I 725 -66.98 -15.46 34.00
C LEU I 725 -65.66 -16.23 33.85
N LYS I 726 -64.95 -16.42 34.95
CA LYS I 726 -63.79 -17.28 34.92
C LYS I 726 -64.19 -18.63 35.55
N ILE I 727 -64.70 -19.53 34.70
CA ILE I 727 -65.02 -20.93 35.04
C ILE I 727 -63.82 -21.80 34.72
N MET I 728 -63.34 -22.57 35.69
CA MET I 728 -62.18 -23.43 35.50
C MET I 728 -62.54 -24.84 35.88
N GLY I 729 -62.91 -25.67 34.91
CA GLY I 729 -62.94 -27.10 35.16
C GLY I 729 -64.30 -27.72 35.11
N LEU I 730 -65.32 -26.89 35.29
CA LEU I 730 -66.69 -27.40 35.34
C LEU I 730 -67.10 -27.89 33.97
N GLU I 731 -68.28 -28.49 33.88
CA GLU I 731 -68.71 -29.14 32.65
C GLU I 731 -68.72 -28.20 31.43
N THR I 732 -69.07 -26.93 31.64
CA THR I 732 -68.94 -25.91 30.58
C THR I 732 -67.52 -25.74 30.01
N GLN I 733 -66.51 -26.28 30.70
CA GLN I 733 -65.13 -26.22 30.20
C GLN I 733 -64.71 -27.52 29.51
N LYS I 734 -65.59 -28.51 29.58
CA LYS I 734 -65.29 -29.87 29.11
C LYS I 734 -65.77 -30.11 27.69
N SER I 735 -64.91 -30.80 26.92
CA SER I 735 -65.12 -31.04 25.51
C SER I 735 -66.12 -32.16 25.30
N SER I 736 -66.38 -32.89 26.39
CA SER I 736 -67.22 -34.09 26.38
C SER I 736 -68.69 -33.86 26.74
N THR I 737 -69.00 -32.67 27.26
CA THR I 737 -70.37 -32.31 27.60
C THR I 737 -70.98 -31.63 26.41
N PRO I 738 -72.28 -31.87 26.17
CA PRO I 738 -72.95 -31.40 24.96
C PRO I 738 -72.93 -29.89 24.89
N LYS I 739 -73.16 -29.35 23.69
CA LYS I 739 -73.07 -27.91 23.43
C LYS I 739 -74.23 -27.12 24.04
N ALA I 740 -75.46 -27.54 23.76
CA ALA I 740 -76.65 -26.85 24.29
C ALA I 740 -76.61 -26.86 25.81
N VAL I 741 -76.10 -27.95 26.35
CA VAL I 741 -75.86 -28.12 27.76
C VAL I 741 -74.66 -27.29 28.26
N GLN I 742 -73.64 -27.14 27.42
CA GLN I 742 -72.50 -26.29 27.72
C GLN I 742 -72.99 -24.85 27.90
N LYS I 743 -74.05 -24.53 27.17
CA LYS I 743 -74.60 -23.19 27.19
C LYS I 743 -75.42 -22.98 28.45
N ALA I 744 -76.41 -23.83 28.63
CA ALA I 744 -77.30 -23.73 29.79
C ALA I 744 -76.56 -23.63 31.14
N LEU I 745 -75.59 -24.51 31.36
CA LEU I 745 -74.83 -24.49 32.61
C LEU I 745 -74.04 -23.20 32.72
N LYS I 746 -73.51 -22.71 31.62
CA LYS I 746 -72.85 -21.41 31.65
C LYS I 746 -73.83 -20.33 32.08
N GLU I 747 -75.06 -20.34 31.54
CA GLU I 747 -76.06 -19.32 31.88
C GLU I 747 -76.51 -19.50 33.31
N CYS I 748 -76.60 -20.76 33.74
CA CYS I 748 -76.89 -21.11 35.13
C CYS I 748 -75.81 -20.52 36.03
N ILE I 749 -74.55 -20.82 35.72
CA ILE I 749 -73.41 -20.31 36.49
C ILE I 749 -73.40 -18.79 36.54
N ARG I 750 -73.64 -18.15 35.40
CA ARG I 750 -73.85 -16.71 35.34
C ARG I 750 -74.94 -16.19 36.28
N ARG I 751 -76.06 -16.90 36.33
CA ARG I 751 -77.21 -16.41 37.09
C ARG I 751 -76.92 -16.47 38.57
N MET I 752 -76.22 -17.54 38.97
CA MET I 752 -75.79 -17.74 40.35
C MET I 752 -74.81 -16.66 40.83
N LEU I 753 -73.88 -16.26 39.95
CA LEU I 753 -72.75 -15.41 40.35
C LEU I 753 -73.15 -13.95 40.38
N GLN I 754 -74.09 -13.59 39.50
CA GLN I 754 -74.50 -12.22 39.29
C GLN I 754 -75.90 -11.91 39.81
N GLU I 755 -76.82 -12.87 39.75
CA GLU I 755 -78.22 -12.61 40.13
C GLU I 755 -78.71 -13.55 41.25
N GLY I 756 -80.00 -13.51 41.55
CA GLY I 756 -80.53 -14.43 42.55
C GLY I 756 -80.34 -15.97 42.47
N GLU I 757 -80.84 -16.63 43.53
CA GLU I 757 -81.22 -18.03 43.50
C GLU I 757 -82.58 -18.08 42.76
N GLU I 758 -83.40 -17.05 42.99
CA GLU I 758 -84.65 -16.82 42.25
C GLU I 758 -84.45 -16.90 40.74
N SER I 759 -83.35 -16.31 40.24
CA SER I 759 -83.15 -16.26 38.79
C SER I 759 -82.61 -17.59 38.25
N LEU I 760 -81.70 -18.21 38.98
CA LEU I 760 -81.28 -19.58 38.73
C LEU I 760 -82.48 -20.48 38.59
N GLN I 761 -83.45 -20.33 39.47
CA GLN I 761 -84.58 -21.24 39.51
C GLN I 761 -85.48 -20.99 38.32
N GLU I 762 -85.70 -19.70 38.02
CA GLU I 762 -86.47 -19.30 36.84
C GLU I 762 -85.87 -19.87 35.57
N TYR I 763 -84.54 -19.80 35.45
CA TYR I 763 -83.87 -20.39 34.29
C TYR I 763 -83.92 -21.92 34.26
N PHE I 764 -83.64 -22.59 35.37
CA PHE I 764 -83.68 -24.06 35.38
C PHE I 764 -85.05 -24.57 34.99
N LYS I 765 -86.09 -23.95 35.58
CA LYS I 765 -87.48 -24.28 35.28
C LYS I 765 -87.78 -24.23 33.80
N GLU I 766 -87.12 -23.29 33.10
CA GLU I 766 -87.39 -23.05 31.68
C GLU I 766 -86.60 -23.98 30.77
N PHE I 767 -85.33 -24.23 31.09
CA PHE I 767 -84.48 -25.08 30.26
C PHE I 767 -85.05 -26.48 30.18
N GLU I 768 -85.62 -26.95 31.30
CA GLU I 768 -86.36 -28.22 31.37
C GLU I 768 -87.52 -28.27 30.38
N LYS I 769 -88.46 -27.34 30.51
CA LYS I 769 -89.63 -27.23 29.62
C LYS I 769 -89.30 -27.17 28.11
N GLU I 770 -88.10 -26.75 27.76
CA GLU I 770 -87.76 -26.52 26.36
C GLU I 770 -86.73 -27.51 25.82
N PHE I 771 -86.41 -28.52 26.63
CA PHE I 771 -85.36 -29.48 26.31
C PHE I 771 -85.60 -30.33 25.05
N ARG I 772 -86.82 -30.84 24.86
CA ARG I 772 -87.10 -31.72 23.74
C ARG I 772 -86.93 -31.04 22.36
N GLN I 773 -87.00 -29.71 22.35
CA GLN I 773 -86.90 -28.93 21.11
C GLN I 773 -85.45 -28.76 20.62
N LEU I 774 -84.48 -29.24 21.39
CA LEU I 774 -83.09 -28.96 21.12
C LEU I 774 -82.51 -29.87 20.05
N ASN I 775 -81.47 -29.38 19.38
CA ASN I 775 -80.87 -30.13 18.30
C ASN I 775 -80.11 -31.36 18.82
N TYR I 776 -80.48 -32.53 18.33
CA TYR I 776 -79.86 -33.79 18.75
C TYR I 776 -78.32 -33.81 18.83
N ILE I 777 -77.63 -32.95 18.07
CA ILE I 777 -76.18 -32.83 18.16
C ILE I 777 -75.73 -31.93 19.33
N SER I 778 -76.49 -30.85 19.56
CA SER I 778 -76.20 -29.85 20.61
C SER I 778 -76.34 -30.42 22.02
N ILE I 779 -76.94 -31.60 22.10
CA ILE I 779 -77.27 -32.26 23.35
C ILE I 779 -76.77 -33.70 23.32
N ALA I 780 -75.67 -33.91 22.61
CA ALA I 780 -75.00 -35.21 22.60
C ALA I 780 -73.65 -35.13 23.30
N SER I 781 -73.33 -36.19 24.04
CA SER I 781 -72.06 -36.29 24.78
C SER I 781 -70.88 -36.68 23.87
N VAL I 782 -69.66 -36.49 24.38
CA VAL I 782 -68.41 -36.65 23.63
C VAL I 782 -67.34 -37.34 24.46
N SER I 783 -66.59 -38.23 23.82
CA SER I 783 -65.44 -38.86 24.45
C SER I 783 -64.49 -39.31 23.37
N SER I 784 -63.19 -39.26 23.68
CA SER I 784 -62.19 -39.97 22.90
C SER I 784 -62.58 -41.43 22.98
N ALA I 785 -62.23 -42.20 21.96
CA ALA I 785 -62.63 -43.61 21.86
C ALA I 785 -61.41 -44.50 21.74
N ASN I 786 -60.77 -44.75 22.87
CA ASN I 786 -59.55 -45.56 22.90
C ASN I 786 -59.84 -47.02 23.25
N ASN I 787 -59.17 -47.92 22.53
CA ASN I 787 -59.31 -49.37 22.77
C ASN I 787 -60.71 -49.95 22.50
N ILE I 788 -61.43 -49.35 21.56
CA ILE I 788 -62.67 -49.92 21.00
C ILE I 788 -62.53 -51.43 20.81
N ALA I 789 -61.40 -51.81 20.22
CA ALA I 789 -61.14 -53.18 19.79
C ALA I 789 -60.65 -54.13 20.91
N LYS I 790 -60.67 -53.67 22.15
CA LYS I 790 -60.37 -54.51 23.32
C LYS I 790 -61.64 -55.12 23.92
N TYR I 791 -62.68 -54.29 24.10
CA TYR I 791 -63.98 -54.73 24.60
C TYR I 791 -64.93 -55.29 23.50
N ASP I 792 -64.45 -55.34 22.26
CA ASP I 792 -65.25 -55.75 21.10
C ASP I 792 -65.37 -57.28 20.97
N VAL I 793 -66.45 -57.85 21.50
CA VAL I 793 -66.61 -59.31 21.61
C VAL I 793 -67.81 -59.91 20.85
N GLY I 794 -67.61 -60.19 19.56
CA GLY I 794 -68.66 -60.72 18.71
C GLY I 794 -69.75 -59.69 18.39
N GLY I 795 -69.34 -58.44 18.18
CA GLY I 795 -70.25 -57.34 17.92
C GLY I 795 -70.74 -56.68 19.19
N PHE I 796 -70.79 -57.46 20.28
CA PHE I 796 -71.25 -57.01 21.58
C PHE I 796 -70.07 -56.62 22.48
N PRO I 797 -70.34 -56.05 23.66
CA PRO I 797 -69.29 -55.83 24.66
C PRO I 797 -69.09 -57.00 25.64
N GLY I 798 -67.86 -57.21 26.07
CA GLY I 798 -67.54 -58.14 27.15
C GLY I 798 -67.28 -57.45 28.50
N PRO I 799 -66.45 -58.08 29.34
CA PRO I 799 -66.08 -57.53 30.66
C PRO I 799 -65.42 -56.13 30.66
N LYS I 800 -65.99 -55.22 31.45
CA LYS I 800 -65.42 -53.90 31.79
C LYS I 800 -65.57 -52.76 30.75
N CYS I 801 -66.38 -52.98 29.73
CA CYS I 801 -66.62 -51.99 28.66
C CYS I 801 -67.22 -50.67 29.17
N PRO I 802 -66.60 -49.54 28.82
CA PRO I 802 -67.16 -48.22 29.14
C PRO I 802 -68.54 -48.00 28.48
N PHE I 803 -69.18 -46.88 28.83
CA PHE I 803 -70.40 -46.43 28.18
C PHE I 803 -70.13 -45.98 26.72
N HIS I 804 -69.11 -45.14 26.52
CA HIS I 804 -68.82 -44.59 25.19
C HIS I 804 -68.45 -45.67 24.17
N ILE I 805 -67.84 -46.77 24.63
CA ILE I 805 -67.51 -47.88 23.74
C ILE I 805 -68.72 -48.81 23.54
N ARG I 806 -69.67 -48.76 24.47
CA ARG I 806 -70.94 -49.48 24.34
C ARG I 806 -71.68 -48.90 23.14
N GLY I 807 -71.79 -47.58 23.14
CA GLY I 807 -72.42 -46.83 22.05
C GLY I 807 -71.78 -47.12 20.70
N ILE I 808 -70.45 -47.08 20.67
CA ILE I 808 -69.65 -47.43 19.50
C ILE I 808 -70.01 -48.82 18.91
N LEU I 809 -70.33 -49.78 19.77
CA LEU I 809 -70.53 -51.15 19.32
C LEU I 809 -72.00 -51.61 19.20
N THR I 810 -72.93 -50.73 19.59
CA THR I 810 -74.34 -50.88 19.18
C THR I 810 -74.59 -50.11 17.86
N TYR I 811 -73.73 -49.12 17.59
CA TYR I 811 -73.63 -48.48 16.28
C TYR I 811 -73.05 -49.47 15.25
N ASN I 812 -71.84 -49.96 15.50
CA ASN I 812 -71.19 -50.99 14.67
C ASN I 812 -72.15 -52.11 14.29
N ARG I 813 -73.13 -52.36 15.16
CA ARG I 813 -74.12 -53.41 14.98
C ARG I 813 -75.39 -52.91 14.29
N ALA I 814 -75.65 -51.61 14.35
CA ALA I 814 -76.78 -51.05 13.61
C ALA I 814 -76.42 -50.85 12.12
N ILE I 815 -75.24 -50.30 11.86
CA ILE I 815 -74.77 -50.03 10.49
C ILE I 815 -74.10 -51.22 9.78
N LYS I 816 -74.13 -52.39 10.40
CA LYS I 816 -73.59 -53.61 9.82
C LYS I 816 -74.22 -53.96 8.46
N GLY I 817 -73.50 -53.65 7.38
CA GLY I 817 -74.00 -53.83 6.04
C GLY I 817 -73.81 -52.63 5.14
N ASN I 818 -74.34 -51.48 5.55
CA ASN I 818 -74.26 -50.24 4.77
C ASN I 818 -72.85 -49.64 4.76
N ILE I 819 -72.20 -49.73 3.59
CA ILE I 819 -70.81 -49.34 3.40
C ILE I 819 -70.64 -47.83 3.32
N ASP I 820 -71.55 -47.17 2.61
CA ASP I 820 -71.57 -45.69 2.54
C ASP I 820 -71.99 -45.04 3.87
N ALA I 821 -71.74 -45.74 4.97
CA ALA I 821 -71.95 -45.24 6.34
C ALA I 821 -70.63 -45.25 7.12
N PRO I 822 -70.28 -44.13 7.77
CA PRO I 822 -68.96 -43.98 8.40
C PRO I 822 -68.72 -44.97 9.54
N GLN I 823 -67.55 -45.62 9.53
CA GLN I 823 -67.15 -46.56 10.58
C GLN I 823 -66.27 -45.86 11.60
N VAL I 824 -66.63 -45.98 12.88
CA VAL I 824 -65.90 -45.30 13.93
C VAL I 824 -64.41 -45.61 13.89
N VAL I 825 -63.60 -44.56 13.87
CA VAL I 825 -62.13 -44.68 13.84
C VAL I 825 -61.55 -44.64 15.25
N GLU I 826 -60.67 -45.60 15.53
CA GLU I 826 -60.10 -45.81 16.86
C GLU I 826 -59.05 -44.74 17.20
N GLY I 827 -59.23 -44.08 18.34
CA GLY I 827 -58.42 -42.92 18.69
C GLY I 827 -59.13 -41.59 18.48
N GLU I 828 -60.01 -41.53 17.47
CA GLU I 828 -60.85 -40.36 17.17
C GLU I 828 -61.99 -40.21 18.20
N LYS I 829 -62.73 -39.10 18.15
CA LYS I 829 -63.87 -38.92 19.05
C LYS I 829 -65.22 -39.41 18.47
N VAL I 830 -66.17 -39.59 19.38
CA VAL I 830 -67.52 -40.10 19.08
C VAL I 830 -68.56 -39.24 19.79
N TYR I 831 -69.66 -38.97 19.09
CA TYR I 831 -70.81 -38.31 19.70
C TYR I 831 -71.70 -39.40 20.29
N VAL I 832 -72.15 -39.20 21.52
CA VAL I 832 -72.92 -40.21 22.28
C VAL I 832 -74.33 -39.72 22.62
N LEU I 833 -75.29 -40.66 22.68
CA LEU I 833 -76.62 -40.38 23.18
C LEU I 833 -77.08 -41.62 23.93
N PRO I 834 -77.99 -41.47 24.91
CA PRO I 834 -78.70 -42.63 25.48
C PRO I 834 -80.05 -42.99 24.78
N LEU I 835 -80.28 -44.30 24.61
CA LEU I 835 -81.56 -44.88 24.18
C LEU I 835 -82.32 -45.47 25.38
N ARG I 836 -83.65 -45.46 25.33
CA ARG I 836 -84.47 -46.03 26.42
C ARG I 836 -84.61 -47.57 26.43
N GLU I 837 -85.81 -48.08 26.72
CA GLU I 837 -86.02 -49.44 27.23
C GLU I 837 -86.10 -50.65 26.25
N GLY I 838 -87.20 -50.78 25.50
CA GLY I 838 -87.39 -51.88 24.57
C GLY I 838 -86.95 -51.56 23.15
N ASN I 839 -85.93 -50.70 23.05
CA ASN I 839 -85.40 -50.17 21.78
C ASN I 839 -84.93 -51.19 20.73
N PRO I 840 -84.91 -50.80 19.46
CA PRO I 840 -84.45 -51.66 18.37
C PRO I 840 -82.95 -51.47 18.13
N PHE I 841 -82.15 -51.71 19.16
CA PHE I 841 -80.70 -51.51 19.08
C PHE I 841 -79.93 -52.55 19.88
N GLY I 842 -80.39 -52.83 21.10
CA GLY I 842 -79.84 -53.90 21.88
C GLY I 842 -79.32 -53.49 23.25
N ASP I 843 -78.67 -52.32 23.33
CA ASP I 843 -78.18 -51.83 24.61
C ASP I 843 -78.53 -50.37 24.86
N LYS I 844 -78.06 -49.82 25.98
CA LYS I 844 -78.52 -48.52 26.44
C LYS I 844 -78.13 -47.31 25.55
N CYS I 845 -76.91 -47.30 25.02
CA CYS I 845 -76.42 -46.13 24.27
C CYS I 845 -76.01 -46.35 22.81
N ILE I 846 -75.84 -45.22 22.12
CA ILE I 846 -75.36 -45.17 20.73
C ILE I 846 -74.37 -43.99 20.51
N ALA I 847 -73.20 -44.31 19.96
CA ALA I 847 -72.19 -43.30 19.67
C ALA I 847 -71.78 -43.36 18.20
N TRP I 848 -71.74 -42.20 17.56
CA TRP I 848 -71.31 -42.07 16.18
C TRP I 848 -70.16 -41.06 16.11
N PRO I 849 -69.41 -41.01 14.99
CA PRO I 849 -68.25 -40.11 14.92
C PRO I 849 -68.63 -38.68 15.27
N SER I 850 -67.73 -37.99 15.96
CA SER I 850 -67.92 -36.59 16.29
C SER I 850 -67.88 -35.73 15.01
N GLY I 851 -68.42 -34.51 15.11
CA GLY I 851 -68.47 -33.58 13.99
C GLY I 851 -69.60 -33.85 13.01
N THR I 852 -70.00 -35.11 12.88
CA THR I 852 -70.90 -35.55 11.82
C THR I 852 -72.36 -35.71 12.24
N GLU I 853 -73.24 -35.69 11.24
CA GLU I 853 -74.62 -36.21 11.33
C GLU I 853 -74.57 -37.72 11.08
N ILE I 854 -75.31 -38.48 11.89
CA ILE I 854 -75.41 -39.94 11.77
C ILE I 854 -76.08 -40.30 10.45
N THR I 855 -75.66 -41.42 9.85
CA THR I 855 -76.17 -41.84 8.53
C THR I 855 -77.69 -41.67 8.49
N ASP I 856 -78.20 -41.06 7.42
CA ASP I 856 -79.64 -40.79 7.25
C ASP I 856 -80.48 -41.98 7.68
N LEU I 857 -79.94 -43.17 7.44
CA LEU I 857 -80.67 -44.42 7.60
C LEU I 857 -81.03 -44.82 9.05
N ILE I 858 -80.36 -44.20 10.04
CA ILE I 858 -80.69 -44.40 11.46
C ILE I 858 -80.99 -43.10 12.26
N LYS I 859 -80.66 -41.95 11.67
CA LYS I 859 -80.90 -40.63 12.28
C LYS I 859 -82.39 -40.38 12.62
N ASP I 860 -83.28 -40.79 11.72
CA ASP I 860 -84.73 -40.72 11.95
C ASP I 860 -85.19 -41.62 13.09
N ASP I 861 -84.61 -42.82 13.16
CA ASP I 861 -84.91 -43.77 14.22
C ASP I 861 -84.43 -43.25 15.58
N VAL I 862 -83.13 -42.99 15.68
CA VAL I 862 -82.51 -42.47 16.90
C VAL I 862 -83.22 -41.19 17.43
N LEU I 863 -84.06 -40.58 16.60
CA LEU I 863 -84.94 -39.48 17.03
C LEU I 863 -86.34 -40.01 17.42
N HIS I 864 -86.35 -41.17 18.08
CA HIS I 864 -87.57 -41.74 18.61
C HIS I 864 -87.31 -42.40 19.97
N TRP I 865 -86.25 -43.22 20.02
CA TRP I 865 -85.86 -43.95 21.23
C TRP I 865 -84.84 -43.19 22.10
N MET I 866 -84.47 -41.98 21.66
CA MET I 866 -83.60 -41.11 22.43
C MET I 866 -84.13 -40.95 23.85
N ASP I 867 -83.25 -41.17 24.82
CA ASP I 867 -83.61 -41.04 26.22
C ASP I 867 -83.28 -39.63 26.68
N TYR I 868 -84.25 -38.72 26.57
CA TYR I 868 -83.99 -37.33 26.95
C TYR I 868 -84.07 -37.12 28.46
N THR I 869 -84.93 -37.90 29.11
CA THR I 869 -85.10 -37.81 30.56
C THR I 869 -83.81 -38.22 31.26
N VAL I 870 -83.23 -39.33 30.83
CA VAL I 870 -81.92 -39.73 31.32
C VAL I 870 -80.82 -38.77 30.83
N LEU I 871 -80.96 -38.26 29.61
CA LEU I 871 -79.95 -37.36 29.03
C LEU I 871 -79.93 -35.97 29.66
N LEU I 872 -81.10 -35.52 30.14
CA LEU I 872 -81.21 -34.28 30.88
C LEU I 872 -80.64 -34.45 32.28
N GLU I 873 -81.06 -35.51 32.98
CA GLU I 873 -80.54 -35.83 34.29
C GLU I 873 -79.04 -36.06 34.25
N LYS I 874 -78.56 -36.75 33.21
CA LYS I 874 -77.13 -37.09 33.10
C LYS I 874 -76.24 -35.88 32.80
N THR I 875 -76.56 -35.10 31.76
CA THR I 875 -75.63 -34.06 31.29
C THR I 875 -75.85 -32.69 31.91
N PHE I 876 -77.08 -32.42 32.31
CA PHE I 876 -77.51 -31.13 32.90
C PHE I 876 -77.71 -31.14 34.44
N ILE I 877 -78.65 -31.96 34.92
CA ILE I 877 -79.03 -31.91 36.34
C ILE I 877 -77.88 -32.39 37.24
N LYS I 878 -77.34 -33.57 36.96
CA LYS I 878 -76.23 -34.11 37.74
C LYS I 878 -75.14 -33.07 38.02
N PRO I 879 -74.59 -32.42 36.98
CA PRO I 879 -73.59 -31.34 37.17
C PRO I 879 -74.14 -30.10 37.85
N LEU I 880 -75.35 -29.66 37.49
CA LEU I 880 -76.00 -28.55 38.18
C LEU I 880 -76.16 -28.84 39.68
N GLU I 881 -76.59 -30.05 40.00
CA GLU I 881 -76.66 -30.49 41.39
C GLU I 881 -75.33 -30.27 42.09
N GLY I 882 -74.24 -30.55 41.37
CA GLY I 882 -72.89 -30.40 41.90
C GLY I 882 -72.60 -28.97 42.26
N PHE I 883 -72.81 -28.07 41.29
CA PHE I 883 -72.61 -26.64 41.52
C PHE I 883 -73.46 -26.15 42.70
N THR I 884 -74.75 -26.44 42.66
CA THR I 884 -75.64 -25.85 43.65
C THR I 884 -75.40 -26.43 45.05
N SER I 885 -75.05 -27.71 45.10
CA SER I 885 -74.65 -28.34 46.36
C SER I 885 -73.46 -27.59 46.94
N ALA I 886 -72.48 -27.28 46.09
CA ALA I 886 -71.31 -26.54 46.51
C ALA I 886 -71.64 -25.12 46.92
N ALA I 887 -72.46 -24.45 46.10
CA ALA I 887 -72.81 -23.05 46.31
C ALA I 887 -73.84 -22.83 47.43
N LYS I 888 -74.45 -23.90 47.92
CA LYS I 888 -75.51 -23.80 48.93
C LYS I 888 -76.69 -23.03 48.38
N LEU I 889 -77.14 -23.46 47.21
CA LEU I 889 -78.24 -22.84 46.49
C LEU I 889 -79.16 -23.94 46.13
N ASP I 890 -80.39 -23.59 45.78
CA ASP I 890 -81.33 -24.55 45.18
C ASP I 890 -81.72 -24.15 43.78
N TYR I 891 -81.82 -25.11 42.88
CA TYR I 891 -82.33 -24.83 41.54
C TYR I 891 -83.82 -25.08 41.42
N GLU I 892 -84.43 -25.57 42.48
CA GLU I 892 -85.83 -25.93 42.49
C GLU I 892 -86.42 -25.55 43.82
N LYS I 893 -87.65 -25.06 43.83
CA LYS I 893 -88.30 -24.79 45.10
C LYS I 893 -88.67 -26.15 45.65
N LYS I 894 -89.20 -26.17 46.87
CA LYS I 894 -89.77 -27.38 47.46
C LYS I 894 -88.68 -28.37 47.92
N ALA I 895 -87.42 -28.11 47.52
CA ALA I 895 -86.26 -28.94 47.91
C ALA I 895 -86.09 -29.10 49.44
N SER I 896 -85.92 -30.35 49.89
CA SER I 896 -85.74 -30.66 51.30
C SER I 896 -84.39 -30.19 51.89
N LEU I 897 -84.43 -29.80 53.16
CA LEU I 897 -83.22 -29.35 53.85
C LEU I 897 -82.42 -30.57 54.28
N PHE I 898 -83.13 -31.63 54.64
CA PHE I 898 -82.53 -32.93 54.90
C PHE I 898 -82.26 -33.52 53.53
N ASP I 899 -81.45 -34.56 53.45
CA ASP I 899 -80.74 -34.89 52.21
C ASP I 899 -79.66 -33.84 51.99
N MET I 900 -78.49 -34.30 51.56
CA MET I 900 -77.25 -33.59 51.81
C MET I 900 -76.71 -34.18 53.10
N PHE I 901 -77.44 -35.11 53.70
CA PHE I 901 -76.93 -35.80 54.86
C PHE I 901 -76.64 -37.30 54.65
N ASP I 902 -77.63 -38.15 54.91
CA ASP I 902 -77.46 -39.61 55.06
C ASP I 902 -78.43 -40.09 56.15
N PHE I 903 -79.26 -39.15 56.61
CA PHE I 903 -80.17 -39.27 57.76
C PHE I 903 -80.09 -37.99 58.60
N MET J 1 37.91 108.07 -14.30
CA MET J 1 37.04 107.67 -13.16
C MET J 1 37.79 106.70 -12.19
N LYS J 2 37.47 106.74 -10.90
CA LYS J 2 38.08 105.83 -9.93
C LYS J 2 37.59 104.40 -10.21
N GLU J 3 38.49 103.43 -10.38
CA GLU J 3 38.09 102.01 -10.54
C GLU J 3 37.40 101.44 -9.28
N PHE J 4 36.45 100.53 -9.44
CA PHE J 4 35.79 99.86 -8.31
C PHE J 4 35.52 98.39 -8.57
N TYR J 5 35.45 97.58 -7.51
CA TYR J 5 35.26 96.15 -7.69
C TYR J 5 33.80 95.79 -7.97
N LEU J 6 33.61 94.58 -8.48
CA LEU J 6 32.30 94.03 -8.75
C LEU J 6 32.14 92.78 -7.88
N THR J 7 33.00 91.79 -8.12
CA THR J 7 33.04 90.61 -7.28
C THR J 7 34.49 90.29 -6.99
N VAL J 8 34.69 89.63 -5.86
CA VAL J 8 35.97 89.12 -5.42
C VAL J 8 35.77 87.71 -4.84
N GLU J 9 36.68 86.79 -5.18
CA GLU J 9 36.72 85.45 -4.61
C GLU J 9 38.13 85.02 -4.28
N GLN J 10 38.24 84.12 -3.31
CA GLN J 10 39.47 83.45 -3.06
C GLN J 10 39.22 82.02 -3.45
N ILE J 11 39.96 81.55 -4.46
CA ILE J 11 40.03 80.11 -4.79
C ILE J 11 41.48 79.67 -4.70
N GLY J 12 41.81 78.90 -3.66
CA GLY J 12 43.18 78.54 -3.40
C GLY J 12 44.06 79.75 -3.13
N ASP J 13 45.24 79.75 -3.73
CA ASP J 13 46.18 80.83 -3.50
C ASP J 13 45.95 81.98 -4.46
N SER J 14 44.77 82.00 -5.09
CA SER J 14 44.44 83.04 -6.07
C SER J 14 43.26 83.89 -5.64
N ILE J 15 43.32 85.19 -5.89
CA ILE J 15 42.09 85.99 -5.82
C ILE J 15 41.51 86.26 -7.21
N PHE J 16 40.28 85.89 -7.45
CA PHE J 16 39.63 86.24 -8.73
C PHE J 16 38.78 87.49 -8.55
N GLU J 17 39.15 88.56 -9.23
CA GLU J 17 38.43 89.82 -9.13
C GLU J 17 37.76 90.20 -10.45
N ARG J 18 36.52 90.67 -10.37
CA ARG J 18 35.89 91.32 -11.49
C ARG J 18 35.74 92.78 -11.08
N TYR J 19 36.07 93.71 -11.99
CA TYR J 19 36.07 95.14 -11.65
C TYR J 19 35.72 96.04 -12.84
N ILE J 20 35.29 97.27 -12.55
CA ILE J 20 35.15 98.31 -13.55
C ILE J 20 36.46 99.10 -13.50
N ASP J 21 37.00 99.45 -14.66
CA ASP J 21 38.32 100.05 -14.73
C ASP J 21 38.27 101.56 -14.97
N SER J 22 39.45 102.16 -15.16
CA SER J 22 39.54 103.60 -15.19
C SER J 22 38.81 104.19 -16.39
N ASN J 23 38.52 103.34 -17.38
CA ASN J 23 37.74 103.72 -18.57
C ASN J 23 36.29 103.28 -18.50
N GLY J 24 35.84 102.83 -17.34
CA GLY J 24 34.46 102.38 -17.17
C GLY J 24 34.13 101.04 -17.81
N ARG J 25 35.15 100.25 -18.14
CA ARG J 25 34.98 98.95 -18.76
C ARG J 25 35.12 97.88 -17.70
N GLU J 26 34.34 96.81 -17.82
CA GLU J 26 34.45 95.71 -16.86
C GLU J 26 35.53 94.73 -17.29
N ARG J 27 36.29 94.28 -16.30
CA ARG J 27 37.53 93.53 -16.50
C ARG J 27 37.63 92.47 -15.45
N THR J 28 38.52 91.52 -15.68
CA THR J 28 38.72 90.34 -14.82
C THR J 28 40.21 90.15 -14.62
N ARG J 29 40.65 89.95 -13.38
CA ARG J 29 42.04 89.54 -13.12
C ARG J 29 42.21 88.43 -12.07
N GLU J 30 43.27 87.64 -12.20
CA GLU J 30 43.64 86.69 -11.17
C GLU J 30 44.95 87.08 -10.51
N VAL J 31 44.93 87.23 -9.18
CA VAL J 31 46.10 87.71 -8.43
C VAL J 31 46.61 86.70 -7.40
N GLU J 32 47.90 86.34 -7.47
CA GLU J 32 48.55 85.60 -6.39
C GLU J 32 48.65 86.56 -5.24
N TYR J 33 47.63 86.63 -4.42
CA TYR J 33 47.65 87.64 -3.36
C TYR J 33 48.58 87.27 -2.20
N LYS J 34 49.46 88.23 -1.86
CA LYS J 34 50.37 88.09 -0.73
C LYS J 34 49.79 88.79 0.47
N PRO J 35 49.16 88.06 1.37
CA PRO J 35 48.56 88.67 2.56
C PRO J 35 49.62 88.94 3.62
N SER J 36 49.24 89.67 4.66
CA SER J 36 50.14 90.02 5.76
C SER J 36 49.40 89.82 7.07
N LEU J 37 50.06 89.19 8.03
CA LEU J 37 49.52 89.07 9.36
C LEU J 37 50.57 89.61 10.30
N PHE J 38 50.31 89.57 11.60
CA PHE J 38 51.16 90.25 12.57
C PHE J 38 51.33 89.42 13.83
N ALA J 39 52.47 89.58 14.50
CA ALA J 39 52.67 89.01 15.84
C ALA J 39 53.23 90.05 16.81
N HIS J 40 52.97 89.85 18.08
CA HIS J 40 53.55 90.71 19.08
C HIS J 40 55.04 90.53 19.02
N CYS J 41 55.77 91.64 18.99
CA CYS J 41 57.22 91.67 19.02
C CYS J 41 57.70 92.37 20.28
N PRO J 42 58.95 92.11 20.70
CA PRO J 42 59.57 92.81 21.84
C PRO J 42 59.46 94.34 21.77
N GLU J 43 59.45 95.01 22.93
CA GLU J 43 59.38 96.47 22.99
C GLU J 43 60.32 97.17 21.98
N SER J 44 61.62 96.83 22.03
CA SER J 44 62.66 97.33 21.10
C SER J 44 62.36 97.16 19.60
N GLN J 45 61.91 95.96 19.21
CA GLN J 45 61.48 95.67 17.84
C GLN J 45 60.40 96.63 17.31
N ALA J 46 59.99 97.58 18.17
CA ALA J 46 58.85 98.46 17.87
C ALA J 46 59.09 99.34 16.65
N THR J 47 58.03 99.43 15.85
CA THR J 47 58.02 100.18 14.62
C THR J 47 56.75 101.00 14.57
N LYS J 48 55.89 100.70 13.60
CA LYS J 48 54.72 101.51 13.33
C LYS J 48 53.39 100.76 13.36
N TYR J 49 53.42 99.45 13.69
CA TYR J 49 52.20 98.68 13.87
C TYR J 49 51.88 98.40 15.35
N PHE J 50 50.64 98.68 15.78
CA PHE J 50 50.20 98.34 17.15
C PHE J 50 48.83 97.69 17.18
N ASP J 51 48.56 96.91 18.23
CA ASP J 51 47.23 96.36 18.41
C ASP J 51 46.32 97.24 19.28
N ILE J 52 45.04 96.92 19.36
CA ILE J 52 44.08 97.84 19.98
C ILE J 52 44.39 98.08 21.44
N TYR J 53 45.22 97.21 21.98
CA TYR J 53 45.70 97.31 23.36
C TYR J 53 46.95 98.17 23.46
N GLY J 54 47.39 98.73 22.34
CA GLY J 54 48.58 99.57 22.28
C GLY J 54 49.89 98.80 22.34
N LYS J 55 49.88 97.58 21.79
CA LYS J 55 51.02 96.69 21.85
C LYS J 55 51.66 96.56 20.48
N PRO J 56 53.00 96.59 20.41
CA PRO J 56 53.70 96.60 19.12
C PRO J 56 53.64 95.23 18.44
N CYS J 57 53.47 95.27 17.12
CA CYS J 57 53.39 94.08 16.30
C CYS J 57 54.34 94.20 15.15
N THR J 58 54.75 93.08 14.59
CA THR J 58 55.56 93.09 13.39
C THR J 58 54.86 92.36 12.28
N ARG J 59 55.00 92.89 11.07
CA ARG J 59 54.24 92.43 9.90
C ARG J 59 54.99 91.27 9.30
N LYS J 60 54.33 90.12 9.19
CA LYS J 60 54.96 88.95 8.58
C LYS J 60 54.23 88.73 7.25
N LEU J 61 54.99 88.77 6.16
CA LEU J 61 54.44 88.64 4.79
C LEU J 61 54.54 87.20 4.32
N PHE J 62 53.54 86.78 3.57
CA PHE J 62 53.46 85.40 3.14
C PHE J 62 53.54 85.25 1.63
N ALA J 63 54.19 84.19 1.17
CA ALA J 63 54.27 83.91 -0.26
C ALA J 63 52.88 83.77 -0.87
N ASN J 64 51.94 83.19 -0.12
CA ASN J 64 50.59 82.96 -0.61
C ASN J 64 49.57 82.80 0.54
N MET J 65 48.31 82.71 0.20
CA MET J 65 47.25 82.68 1.19
C MET J 65 47.17 81.36 1.98
N ARG J 66 47.61 80.25 1.38
CA ARG J 66 47.58 78.96 2.08
C ARG J 66 48.60 78.95 3.23
N ASP J 67 49.82 79.40 2.94
CA ASP J 67 50.85 79.63 3.95
C ASP J 67 50.41 80.51 5.10
N ALA J 68 49.63 81.55 4.81
CA ALA J 68 49.20 82.48 5.83
C ALA J 68 48.18 81.84 6.72
N SER J 69 47.28 81.05 6.17
CA SER J 69 46.26 80.44 6.99
C SER J 69 46.85 79.28 7.82
N GLN J 70 47.76 78.51 7.22
CA GLN J 70 48.50 77.46 7.93
C GLN J 70 49.40 78.00 9.04
N TRP J 71 49.81 79.26 8.96
CA TRP J 71 50.60 79.92 10.01
C TRP J 71 49.70 80.31 11.16
N ILE J 72 48.49 80.77 10.85
CA ILE J 72 47.50 81.06 11.86
C ILE J 72 47.35 79.78 12.68
N LYS J 73 47.04 78.69 11.96
CA LYS J 73 46.84 77.38 12.55
C LYS J 73 47.95 76.98 13.53
N ARG J 74 49.23 77.08 13.17
CA ARG J 74 50.25 76.73 14.18
C ARG J 74 50.67 77.74 15.25
N MET J 75 50.29 79.02 15.10
CA MET J 75 50.41 80.01 16.18
C MET J 75 49.39 79.72 17.27
N GLU J 76 48.16 79.55 16.83
CA GLU J 76 47.04 79.09 17.64
C GLU J 76 47.45 77.89 18.45
N ASP J 77 48.05 76.90 17.79
CA ASP J 77 48.36 75.65 18.46
C ASP J 77 49.45 75.86 19.53
N ILE J 78 50.45 76.66 19.19
CA ILE J 78 51.50 76.95 20.12
C ILE J 78 51.16 77.99 21.18
N GLY J 79 50.11 78.77 20.97
CA GLY J 79 49.68 79.68 22.01
C GLY J 79 50.16 81.10 21.83
N LEU J 80 50.43 81.48 20.60
CA LEU J 80 50.84 82.84 20.28
C LEU J 80 49.78 83.45 19.42
N GLU J 81 49.44 84.69 19.71
CA GLU J 81 48.40 85.35 18.99
C GLU J 81 48.78 85.53 17.54
N ALA J 82 47.86 85.22 16.63
CA ALA J 82 47.99 85.54 15.22
C ALA J 82 47.02 86.68 14.93
N LEU J 83 47.57 87.90 14.91
CA LEU J 83 46.81 89.12 14.67
C LEU J 83 46.69 89.37 13.18
N GLY J 84 45.80 90.28 12.79
CA GLY J 84 45.61 90.57 11.38
C GLY J 84 44.30 90.10 10.80
N MET J 85 43.98 90.58 9.61
CA MET J 85 42.70 90.26 8.98
C MET J 85 42.78 88.88 8.36
N ASP J 86 42.03 87.91 8.88
CA ASP J 86 42.20 86.54 8.39
C ASP J 86 41.31 86.08 7.22
N ASP J 87 40.37 86.93 6.76
CA ASP J 87 39.56 86.76 5.54
C ASP J 87 40.21 87.52 4.38
N PHE J 88 40.97 86.84 3.53
CA PHE J 88 41.86 87.50 2.62
C PHE J 88 41.20 88.36 1.51
N LYS J 89 40.07 87.91 0.96
CA LYS J 89 39.26 88.81 0.10
C LYS J 89 39.20 90.27 0.66
N LEU J 90 39.09 90.39 1.99
CA LEU J 90 38.80 91.67 2.61
C LEU J 90 40.05 92.47 2.75
N ALA J 91 41.17 91.79 2.94
CA ALA J 91 42.42 92.50 3.03
C ALA J 91 42.82 92.98 1.61
N TYR J 92 42.54 92.14 0.60
CA TYR J 92 42.76 92.46 -0.83
C TYR J 92 41.94 93.68 -1.22
N LEU J 93 40.64 93.65 -0.94
CA LEU J 93 39.82 94.79 -1.30
C LEU J 93 40.38 96.06 -0.66
N SER J 94 40.75 95.95 0.62
CA SER J 94 41.25 97.10 1.37
C SER J 94 42.57 97.61 0.84
N ASP J 95 43.38 96.70 0.31
CA ASP J 95 44.64 97.05 -0.34
C ASP J 95 44.42 97.58 -1.76
N THR J 96 43.42 97.10 -2.47
CA THR J 96 43.24 97.53 -3.85
C THR J 96 42.40 98.79 -3.96
N TYR J 97 41.65 99.10 -2.90
CA TYR J 97 40.74 100.24 -2.87
C TYR J 97 40.95 101.09 -1.63
N ASN J 98 42.13 101.68 -1.53
CA ASN J 98 42.51 102.56 -0.43
C ASN J 98 41.86 103.94 -0.51
N TYR J 99 40.54 103.97 -0.72
CA TYR J 99 39.80 105.22 -0.76
C TYR J 99 38.34 104.90 -0.55
N GLU J 100 37.50 105.93 -0.50
CA GLU J 100 36.07 105.76 -0.48
C GLU J 100 35.65 105.29 -1.86
N ILE J 101 34.92 104.20 -1.94
CA ILE J 101 34.51 103.70 -3.24
C ILE J 101 33.29 104.47 -3.75
N LYS J 102 33.45 105.18 -4.86
CA LYS J 102 32.32 105.79 -5.57
C LYS J 102 32.05 104.88 -6.76
N TYR J 103 30.93 104.18 -6.72
CA TYR J 103 30.54 103.24 -7.75
C TYR J 103 29.53 103.85 -8.69
N ASP J 104 29.38 103.30 -9.89
CA ASP J 104 28.38 103.74 -10.85
C ASP J 104 27.41 102.58 -11.17
N HIS J 105 26.18 102.73 -10.67
CA HIS J 105 25.14 101.71 -10.78
C HIS J 105 24.89 101.30 -12.23
N THR J 106 25.09 102.22 -13.15
CA THR J 106 24.78 101.97 -14.55
C THR J 106 25.81 101.06 -15.21
N LYS J 107 26.88 100.77 -14.47
CA LYS J 107 27.96 99.92 -14.96
C LYS J 107 27.93 98.53 -14.31
N ILE J 108 27.06 98.37 -13.31
CA ILE J 108 26.96 97.10 -12.65
C ILE J 108 25.82 96.29 -13.26
N ARG J 109 26.14 95.12 -13.81
CA ARG J 109 25.14 94.24 -14.44
C ARG J 109 24.28 93.46 -13.43
N VAL J 110 23.07 93.93 -13.18
CA VAL J 110 22.24 93.20 -12.23
C VAL J 110 21.20 92.41 -13.01
N ALA J 111 21.22 91.08 -12.88
CA ALA J 111 20.33 90.23 -13.63
C ALA J 111 19.16 89.79 -12.79
N ASN J 112 17.97 89.86 -13.39
CA ASN J 112 16.75 89.34 -12.80
C ASN J 112 16.20 88.21 -13.64
N PHE J 113 16.09 87.02 -13.05
CA PHE J 113 15.58 85.90 -13.84
C PHE J 113 14.64 84.90 -13.13
N ASP J 114 13.76 84.28 -13.90
CA ASP J 114 12.91 83.24 -13.37
C ASP J 114 12.91 82.09 -14.35
N ILE J 115 12.54 80.89 -13.87
CA ILE J 115 12.39 79.74 -14.78
C ILE J 115 11.06 79.04 -14.58
N GLU J 116 10.75 78.17 -15.53
CA GLU J 116 9.58 77.34 -15.41
C GLU J 116 9.96 75.92 -15.83
N VAL J 117 9.42 74.97 -15.08
CA VAL J 117 9.75 73.56 -15.22
C VAL J 117 8.44 72.80 -15.01
N THR J 118 7.87 72.35 -16.13
CA THR J 118 6.69 71.53 -16.09
C THR J 118 7.07 70.18 -15.48
N SER J 119 6.17 69.66 -14.66
CA SER J 119 6.36 68.41 -13.94
C SER J 119 5.01 67.78 -13.61
N PRO J 120 4.71 66.63 -14.22
CA PRO J 120 3.49 65.90 -13.94
C PRO J 120 3.54 65.21 -12.56
N ASP J 121 4.74 64.97 -12.04
CA ASP J 121 4.92 64.55 -10.64
C ASP J 121 4.68 65.77 -9.76
N GLY J 122 5.32 65.78 -8.60
CA GLY J 122 5.27 66.93 -7.72
C GLY J 122 6.16 68.04 -8.23
N PHE J 123 6.61 68.88 -7.30
CA PHE J 123 7.58 69.93 -7.54
C PHE J 123 8.86 69.32 -8.13
N PRO J 124 9.45 70.00 -9.11
CA PRO J 124 10.74 69.55 -9.68
C PRO J 124 11.91 69.78 -8.73
N GLU J 125 12.30 68.76 -7.96
CA GLU J 125 13.41 68.89 -7.02
C GLU J 125 14.73 69.22 -7.71
N PRO J 126 15.35 70.33 -7.34
CA PRO J 126 16.52 70.84 -8.03
C PRO J 126 17.73 69.90 -7.89
N SER J 127 17.77 69.12 -6.82
CA SER J 127 18.88 68.23 -6.57
C SER J 127 18.82 66.91 -7.36
N GLN J 128 17.69 66.59 -7.98
CA GLN J 128 17.66 65.49 -8.94
C GLN J 128 17.59 66.06 -10.35
N ALA J 129 16.78 67.10 -10.52
CA ALA J 129 16.64 67.87 -11.78
C ALA J 129 16.28 67.03 -13.01
N LYS J 130 15.34 66.11 -12.84
CA LYS J 130 15.04 65.16 -13.91
C LYS J 130 14.03 65.65 -14.96
N HIS J 131 13.50 66.86 -14.77
CA HIS J 131 12.50 67.44 -15.67
C HIS J 131 13.09 68.52 -16.55
N PRO J 132 12.60 68.66 -17.78
CA PRO J 132 13.09 69.70 -18.69
C PRO J 132 12.84 71.13 -18.19
N ILE J 133 13.78 72.04 -18.44
CA ILE J 133 13.54 73.47 -18.21
C ILE J 133 12.87 74.03 -19.44
N ASP J 134 11.58 74.30 -19.40
CA ASP J 134 10.93 74.67 -20.66
C ASP J 134 10.61 76.16 -20.88
N ALA J 135 11.10 77.03 -19.99
CA ALA J 135 10.94 78.48 -20.16
C ALA J 135 11.84 79.24 -19.23
N ILE J 136 12.52 80.25 -19.79
CA ILE J 136 13.37 81.15 -19.02
C ILE J 136 13.08 82.60 -19.42
N THR J 137 13.16 83.51 -18.45
CA THR J 137 13.11 84.92 -18.74
C THR J 137 14.24 85.53 -17.96
N HIS J 138 14.99 86.41 -18.62
CA HIS J 138 16.24 86.94 -18.08
C HIS J 138 16.35 88.47 -18.31
N TYR J 139 16.05 89.27 -17.28
CA TYR J 139 16.17 90.72 -17.40
C TYR J 139 17.60 91.09 -17.12
N ASP J 140 18.16 91.96 -17.97
CA ASP J 140 19.52 92.47 -17.82
C ASP J 140 19.39 93.98 -17.67
N SER J 141 20.04 94.53 -16.64
CA SER J 141 19.89 95.92 -16.24
C SER J 141 20.64 96.90 -17.16
N ILE J 142 21.68 96.42 -17.83
CA ILE J 142 22.50 97.29 -18.65
C ILE J 142 21.84 97.45 -20.00
N ASP J 143 21.29 96.35 -20.51
CA ASP J 143 20.55 96.36 -21.77
C ASP J 143 19.12 96.78 -21.52
N ASP J 144 18.68 96.64 -20.27
CA ASP J 144 17.31 96.98 -19.90
C ASP J 144 16.34 96.22 -20.83
N ARG J 145 16.49 94.90 -20.87
CA ARG J 145 15.79 94.06 -21.83
C ARG J 145 15.37 92.72 -21.20
N PHE J 146 14.20 92.22 -21.60
CA PHE J 146 13.74 90.92 -21.10
C PHE J 146 14.03 89.81 -22.10
N TYR J 147 14.95 88.94 -21.74
CA TYR J 147 15.39 87.87 -22.64
C TYR J 147 14.61 86.59 -22.38
N VAL J 148 13.79 86.17 -23.35
CA VAL J 148 12.90 85.04 -23.13
C VAL J 148 13.29 83.83 -23.95
N PHE J 149 13.54 82.72 -23.24
CA PHE J 149 13.85 81.43 -23.86
C PHE J 149 12.69 80.45 -23.72
N ASP J 150 11.99 80.20 -24.82
CA ASP J 150 10.76 79.41 -24.78
C ASP J 150 10.93 78.10 -25.52
N LEU J 151 10.86 76.98 -24.79
CA LEU J 151 10.91 75.64 -25.40
C LEU J 151 9.58 75.21 -25.99
N LEU J 152 9.57 74.85 -27.28
CA LEU J 152 8.32 74.54 -27.98
C LEU J 152 8.00 73.05 -28.03
N ASN J 153 9.05 72.23 -28.04
CA ASN J 153 8.88 70.77 -28.08
C ASN J 153 9.60 70.13 -26.92
N SER J 154 8.82 69.74 -25.91
CA SER J 154 9.32 68.96 -24.79
C SER J 154 8.50 67.66 -24.69
N PRO J 155 8.97 66.67 -23.93
CA PRO J 155 8.18 65.45 -23.67
C PRO J 155 6.82 65.70 -23.03
N TYR J 156 6.53 66.96 -22.68
CA TYR J 156 5.20 67.32 -22.17
C TYR J 156 4.28 68.05 -23.15
N GLY J 157 4.81 68.40 -24.32
CA GLY J 157 4.01 69.00 -25.37
C GLY J 157 4.76 69.41 -26.63
N ASN J 158 4.01 69.53 -27.70
CA ASN J 158 4.48 70.11 -28.96
C ASN J 158 3.66 71.39 -29.14
N VAL J 159 4.17 72.51 -28.64
CA VAL J 159 3.37 73.74 -28.60
C VAL J 159 3.85 74.79 -29.61
N GLU J 160 2.96 75.71 -29.96
CA GLU J 160 3.28 76.80 -30.91
C GLU J 160 3.90 78.01 -30.21
N GLU J 161 4.29 79.02 -30.99
CA GLU J 161 5.05 80.18 -30.50
C GLU J 161 4.20 81.15 -29.70
N TRP J 162 4.73 81.56 -28.56
CA TRP J 162 4.24 82.75 -27.84
C TRP J 162 4.24 83.92 -28.81
N SER J 163 3.24 84.77 -28.66
CA SER J 163 3.10 85.94 -29.52
C SER J 163 3.03 87.22 -28.70
N ILE J 164 3.93 88.15 -28.98
CA ILE J 164 3.98 89.43 -28.28
C ILE J 164 2.67 90.23 -28.45
N GLU J 165 2.00 89.96 -29.55
CA GLU J 165 0.77 90.62 -29.91
C GLU J 165 -0.34 90.27 -28.92
N ILE J 166 -0.72 88.98 -28.90
CA ILE J 166 -1.80 88.50 -28.04
C ILE J 166 -1.46 88.54 -26.52
N ALA J 167 -0.30 89.10 -26.17
CA ALA J 167 0.08 89.25 -24.77
C ALA J 167 -0.04 90.69 -24.26
N ALA J 168 0.18 91.65 -25.15
CA ALA J 168 0.01 93.07 -24.82
C ALA J 168 -1.46 93.43 -24.61
N LYS J 169 -2.33 92.72 -25.33
CA LYS J 169 -3.78 92.96 -25.33
C LYS J 169 -4.45 92.81 -23.94
N LEU J 170 -5.73 93.21 -23.88
CA LEU J 170 -6.50 93.16 -22.64
C LEU J 170 -7.07 91.76 -22.39
N GLN J 171 -7.48 91.51 -21.15
CA GLN J 171 -7.97 90.21 -20.71
C GLN J 171 -9.26 89.76 -21.40
N GLU J 172 -10.22 90.68 -21.50
CA GLU J 172 -11.54 90.38 -22.06
C GLU J 172 -11.55 89.96 -23.53
N GLN J 173 -10.36 89.94 -24.16
CA GLN J 173 -10.23 89.41 -25.54
C GLN J 173 -8.93 88.61 -25.82
N GLY J 174 -8.58 87.71 -24.91
CA GLY J 174 -7.48 86.76 -25.13
C GLY J 174 -6.10 87.15 -24.59
N GLY J 175 -5.93 88.43 -24.28
CA GLY J 175 -4.65 88.97 -23.87
C GLY J 175 -4.20 88.54 -22.49
N ASP J 176 -3.08 89.13 -22.03
CA ASP J 176 -2.50 88.79 -20.75
C ASP J 176 -2.23 90.05 -19.94
N GLU J 177 -2.34 91.22 -20.60
CA GLU J 177 -1.89 92.50 -20.05
C GLU J 177 -0.49 92.42 -19.46
N VAL J 178 0.45 92.00 -20.30
CA VAL J 178 1.86 92.17 -20.03
C VAL J 178 2.06 93.68 -20.18
N PRO J 179 2.27 94.39 -19.07
CA PRO J 179 2.16 95.86 -19.06
C PRO J 179 2.97 96.49 -20.18
N SER J 180 2.41 97.50 -20.86
CA SER J 180 2.95 98.04 -22.12
C SER J 180 4.38 98.59 -22.01
N GLU J 181 4.73 99.06 -20.82
CA GLU J 181 6.04 99.65 -20.55
C GLU J 181 7.18 98.73 -20.95
N ILE J 182 6.90 97.44 -21.08
CA ILE J 182 7.95 96.44 -21.27
C ILE J 182 7.89 95.69 -22.62
N ILE J 183 6.74 95.63 -23.28
CA ILE J 183 6.65 94.84 -24.51
C ILE J 183 7.65 95.25 -25.62
N ASP J 184 8.06 96.51 -25.65
CA ASP J 184 9.13 96.94 -26.54
C ASP J 184 10.49 96.38 -26.12
N LYS J 185 10.61 96.04 -24.83
CA LYS J 185 11.85 95.56 -24.23
C LYS J 185 11.98 94.03 -24.20
N ILE J 186 11.21 93.32 -25.04
CA ILE J 186 11.22 91.87 -24.97
C ILE J 186 11.88 91.23 -26.18
N ILE J 187 12.89 90.41 -25.94
CA ILE J 187 13.48 89.61 -27.00
C ILE J 187 13.10 88.16 -26.76
N TYR J 188 12.45 87.58 -27.77
CA TYR J 188 11.83 86.29 -27.65
C TYR J 188 12.59 85.24 -28.44
N MET J 189 13.04 84.20 -27.76
CA MET J 189 13.80 83.09 -28.39
C MET J 189 13.20 81.67 -28.20
N PRO J 190 12.37 81.22 -29.12
CA PRO J 190 11.81 79.86 -29.08
C PRO J 190 12.83 78.77 -29.47
N PHE J 191 12.57 77.51 -29.16
CA PHE J 191 13.55 76.44 -29.40
C PHE J 191 12.96 75.11 -29.86
N ASP J 192 13.67 74.49 -30.83
CA ASP J 192 13.41 73.15 -31.36
C ASP J 192 13.31 72.10 -30.26
N ASN J 193 14.16 72.24 -29.24
CA ASN J 193 14.41 71.23 -28.20
C ASN J 193 15.26 71.75 -27.04
N GLU J 194 15.26 71.01 -25.93
CA GLU J 194 15.87 71.48 -24.69
C GLU J 194 17.38 71.66 -24.77
N LYS J 195 18.09 70.62 -25.21
CA LYS J 195 19.52 70.68 -25.44
C LYS J 195 19.86 72.04 -26.07
N GLU J 196 19.08 72.40 -27.09
CA GLU J 196 19.29 73.63 -27.86
C GLU J 196 19.05 74.91 -27.02
N LEU J 197 17.97 74.91 -26.23
CA LEU J 197 17.65 76.03 -25.33
C LEU J 197 18.78 76.25 -24.36
N LEU J 198 19.11 75.22 -23.60
CA LEU J 198 20.10 75.36 -22.53
C LEU J 198 21.47 75.72 -23.10
N MET J 199 21.85 75.07 -24.22
CA MET J 199 23.09 75.38 -24.92
C MET J 199 23.15 76.88 -25.31
N GLU J 200 22.02 77.46 -25.72
CA GLU J 200 22.00 78.87 -26.08
C GLU J 200 22.09 79.76 -24.87
N TYR J 201 21.35 79.41 -23.82
CA TYR J 201 21.31 80.23 -22.64
C TYR J 201 22.70 80.39 -22.02
N LEU J 202 23.44 79.28 -21.97
CA LEU J 202 24.80 79.30 -21.47
C LEU J 202 25.64 80.35 -22.19
N ASN J 203 25.52 80.42 -23.51
CA ASN J 203 26.31 81.42 -24.27
C ASN J 203 25.92 82.85 -23.94
N PHE J 204 24.60 83.09 -23.86
CA PHE J 204 24.07 84.37 -23.44
C PHE J 204 24.71 84.76 -22.11
N TRP J 205 24.75 83.80 -21.18
CA TRP J 205 25.37 83.95 -19.87
C TRP J 205 26.88 84.22 -20.01
N GLN J 206 27.58 83.48 -20.87
CA GLN J 206 29.01 83.72 -21.09
C GLN J 206 29.24 85.17 -21.52
N GLN J 207 28.27 85.70 -22.26
CA GLN J 207 28.39 86.98 -22.91
C GLN J 207 28.01 88.12 -21.98
N LYS J 208 26.87 88.01 -21.32
CA LYS J 208 26.42 89.05 -20.41
C LYS J 208 26.39 88.55 -18.96
N THR J 209 27.54 88.21 -18.42
CA THR J 209 27.55 87.55 -17.11
C THR J 209 27.07 88.46 -15.99
N PRO J 210 26.04 88.02 -15.27
CA PRO J 210 25.56 88.77 -14.12
C PRO J 210 26.66 89.04 -13.09
N VAL J 211 26.61 90.26 -12.58
CA VAL J 211 27.43 90.67 -11.46
C VAL J 211 26.55 90.41 -10.24
N ILE J 212 25.37 91.04 -10.21
CA ILE J 212 24.40 90.83 -9.13
C ILE J 212 23.29 90.02 -9.71
N LEU J 213 23.04 88.86 -9.12
CA LEU J 213 22.05 87.96 -9.68
C LEU J 213 20.91 87.81 -8.71
N THR J 214 19.71 88.19 -9.16
CA THR J 214 18.58 88.18 -8.26
C THR J 214 17.36 87.52 -8.91
N GLY J 215 16.18 87.79 -8.36
CA GLY J 215 15.00 87.03 -8.70
C GLY J 215 14.28 86.67 -7.43
N TRP J 216 13.42 85.65 -7.48
CA TRP J 216 12.59 85.25 -6.35
C TRP J 216 12.75 83.75 -6.13
N ASN J 217 13.24 83.32 -4.98
CA ASN J 217 13.64 81.91 -4.75
C ASN J 217 14.78 81.45 -5.64
N VAL J 218 15.45 82.41 -6.21
CA VAL J 218 16.53 82.16 -7.12
C VAL J 218 17.63 81.32 -6.47
N GLU J 219 17.99 81.64 -5.23
CA GLU J 219 18.97 80.88 -4.45
C GLU J 219 18.59 79.40 -4.23
N SER J 220 17.31 79.11 -3.99
CA SER J 220 16.98 77.72 -3.63
C SER J 220 16.21 76.93 -4.69
N PHE J 221 16.04 77.54 -5.85
CA PHE J 221 15.42 76.84 -6.96
C PHE J 221 16.08 77.16 -8.29
N ALA J 222 15.81 78.33 -8.86
CA ALA J 222 16.24 78.65 -10.22
C ALA J 222 17.74 78.41 -10.51
N ILE J 223 18.63 78.85 -9.62
CA ILE J 223 20.06 78.67 -9.83
C ILE J 223 20.46 77.20 -9.70
N PRO J 224 20.17 76.55 -8.57
CA PRO J 224 20.51 75.13 -8.44
C PRO J 224 19.82 74.29 -9.49
N TYR J 225 18.72 74.76 -10.09
CA TYR J 225 18.05 73.94 -11.09
C TYR J 225 18.71 74.02 -12.46
N VAL J 226 19.10 75.21 -12.92
CA VAL J 226 19.79 75.23 -14.22
C VAL J 226 21.15 74.57 -14.09
N TYR J 227 21.86 74.86 -13.00
CA TYR J 227 23.17 74.28 -12.80
C TYR J 227 23.02 72.77 -12.78
N ASN J 228 22.08 72.28 -11.99
CA ASN J 228 21.97 70.84 -11.88
C ASN J 228 21.41 70.21 -13.16
N ARG J 229 20.64 70.97 -13.94
CA ARG J 229 20.04 70.46 -15.16
C ARG J 229 21.09 70.33 -16.24
N ILE J 230 21.81 71.41 -16.49
CA ILE J 230 22.93 71.43 -17.41
C ILE J 230 23.95 70.31 -17.11
N LYS J 231 24.25 70.10 -15.82
CA LYS J 231 25.10 69.02 -15.36
C LYS J 231 24.67 67.65 -15.89
N ASN J 232 23.37 67.35 -15.83
CA ASN J 232 22.83 66.07 -16.30
C ASN J 232 22.90 65.91 -17.81
N ILE J 233 22.56 66.97 -18.53
CA ILE J 233 22.51 66.92 -19.99
C ILE J 233 23.91 67.01 -20.58
N PHE J 234 24.71 67.95 -20.10
CA PHE J 234 25.99 68.21 -20.72
C PHE J 234 27.15 67.59 -19.92
N GLY J 235 27.41 68.11 -18.72
CA GLY J 235 28.46 67.59 -17.87
C GLY J 235 28.76 68.58 -16.77
N GLU J 236 29.37 68.07 -15.70
CA GLU J 236 29.79 68.89 -14.58
C GLU J 236 30.60 70.06 -15.13
N SER J 237 31.45 69.79 -16.13
CA SER J 237 32.33 70.80 -16.67
C SER J 237 31.63 71.87 -17.53
N THR J 238 30.59 71.49 -18.27
CA THR J 238 29.83 72.50 -19.04
C THR J 238 28.93 73.36 -18.16
N ALA J 239 28.44 72.79 -17.08
CA ALA J 239 27.66 73.54 -16.11
C ALA J 239 28.51 74.63 -15.49
N LYS J 240 29.80 74.32 -15.24
CA LYS J 240 30.77 75.25 -14.64
C LYS J 240 30.82 76.56 -15.39
N ARG J 241 30.49 76.51 -16.67
CA ARG J 241 30.45 77.69 -17.53
C ARG J 241 29.55 78.81 -17.01
N LEU J 242 28.68 78.50 -16.05
CA LEU J 242 27.77 79.50 -15.46
C LEU J 242 28.53 80.43 -14.56
N SER J 243 29.77 80.07 -14.26
CA SER J 243 30.64 80.90 -13.45
C SER J 243 31.58 81.61 -14.41
N PRO J 244 31.91 82.89 -14.12
CA PRO J 244 32.90 83.60 -14.95
C PRO J 244 34.29 83.00 -14.75
N HIS J 245 34.56 82.45 -13.57
CA HIS J 245 35.87 81.81 -13.31
C HIS J 245 35.84 80.28 -13.42
N ARG J 246 34.78 79.73 -14.03
CA ARG J 246 34.60 78.27 -14.19
C ARG J 246 34.76 77.44 -12.90
N LYS J 247 34.47 78.06 -11.75
CA LYS J 247 34.56 77.36 -10.48
C LYS J 247 33.25 77.42 -9.72
N THR J 248 32.82 76.27 -9.21
CA THR J 248 31.58 76.19 -8.43
C THR J 248 31.86 75.38 -7.18
N ARG J 249 30.91 75.39 -6.24
CA ARG J 249 30.99 74.52 -5.07
C ARG J 249 29.59 74.14 -4.61
N VAL J 250 29.40 72.84 -4.43
CA VAL J 250 28.17 72.29 -3.88
C VAL J 250 28.36 72.05 -2.39
N LYS J 251 27.59 72.79 -1.58
CA LYS J 251 27.47 72.52 -0.16
C LYS J 251 26.34 71.47 0.09
N VAL J 252 26.75 70.24 0.45
CA VAL J 252 25.92 69.02 0.31
C VAL J 252 24.64 68.90 1.17
N ILE J 253 23.48 68.99 0.47
CA ILE J 253 22.13 68.47 0.86
C ILE J 253 21.46 68.67 2.26
N GLU J 254 20.27 69.28 2.25
CA GLU J 254 19.33 69.21 3.39
C GLU J 254 18.39 67.99 3.25
N ASN J 255 18.85 66.82 3.68
CA ASN J 255 18.21 65.54 3.28
C ASN J 255 17.47 64.73 4.37
N MET J 256 16.20 65.09 4.56
CA MET J 256 15.28 64.44 5.48
C MET J 256 14.04 63.95 4.70
N TYR J 257 13.52 64.83 3.83
CA TYR J 257 12.35 64.57 2.98
C TYR J 257 12.78 64.40 1.53
N GLY J 258 12.91 65.52 0.82
CA GLY J 258 13.46 65.54 -0.52
C GLY J 258 14.85 66.15 -0.54
N SER J 259 15.33 66.51 -1.73
CA SER J 259 16.68 67.03 -1.90
C SER J 259 16.75 68.51 -2.30
N ARG J 260 17.47 69.27 -1.48
CA ARG J 260 17.68 70.72 -1.64
C ARG J 260 19.06 71.13 -1.09
N GLU J 261 19.85 71.78 -1.95
CA GLU J 261 21.17 72.28 -1.55
C GLU J 261 21.50 73.53 -2.36
N ILE J 262 22.35 74.39 -1.78
CA ILE J 262 22.87 75.59 -2.43
C ILE J 262 24.07 75.25 -3.31
N ILE J 263 24.07 75.80 -4.53
CA ILE J 263 25.24 75.82 -5.39
C ILE J 263 25.84 77.22 -5.29
N THR J 264 27.14 77.32 -5.02
CA THR J 264 27.82 78.61 -5.07
C THR J 264 28.54 78.72 -6.41
N LEU J 265 28.15 79.74 -7.17
CA LEU J 265 28.83 80.11 -8.40
C LEU J 265 29.88 81.19 -8.12
N PHE J 266 31.15 80.87 -8.27
CA PHE J 266 32.16 81.85 -7.91
C PHE J 266 32.20 82.99 -8.92
N GLY J 267 32.36 84.22 -8.43
CA GLY J 267 32.40 85.40 -9.27
C GLY J 267 31.04 86.04 -9.55
N ILE J 268 30.00 85.58 -8.86
CA ILE J 268 28.68 86.17 -8.97
C ILE J 268 28.23 86.45 -7.56
N SER J 269 27.52 87.56 -7.36
CA SER J 269 26.89 87.85 -6.09
C SER J 269 25.40 87.56 -6.18
N VAL J 270 24.94 86.49 -5.52
CA VAL J 270 23.53 86.19 -5.52
C VAL J 270 22.86 86.98 -4.40
N LEU J 271 21.93 87.84 -4.79
CA LEU J 271 21.08 88.51 -3.80
C LEU J 271 19.62 88.12 -4.03
N ASP J 272 19.24 86.91 -3.63
CA ASP J 272 17.87 86.47 -3.78
C ASP J 272 16.92 87.55 -3.24
N TYR J 273 15.95 87.99 -4.04
CA TYR J 273 15.10 89.09 -3.59
C TYR J 273 14.18 88.75 -2.41
N ILE J 274 13.96 87.47 -2.19
CA ILE J 274 13.06 87.04 -1.12
C ILE J 274 13.82 87.15 0.20
N ASP J 275 15.13 86.92 0.12
CA ASP J 275 15.99 87.01 1.29
C ASP J 275 16.18 88.50 1.64
N LEU J 276 16.42 89.30 0.61
CA LEU J 276 16.50 90.75 0.74
C LEU J 276 15.23 91.31 1.34
N TYR J 277 14.09 90.83 0.84
CA TYR J 277 12.78 91.23 1.35
C TYR J 277 12.59 90.89 2.83
N LYS J 278 12.89 89.65 3.20
CA LYS J 278 12.81 89.25 4.59
C LYS J 278 13.81 90.02 5.48
N LYS J 279 14.93 90.46 4.91
CA LYS J 279 15.93 91.19 5.67
C LYS J 279 15.53 92.63 5.95
N PHE J 280 14.96 93.30 4.96
CA PHE J 280 14.87 94.76 5.04
C PHE J 280 13.45 95.27 5.12
N SER J 281 12.48 94.41 4.80
CA SER J 281 11.08 94.82 4.73
C SER J 281 10.51 95.21 6.08
N PHE J 282 10.89 94.47 7.12
CA PHE J 282 10.40 94.68 8.49
C PHE J 282 8.89 94.48 8.64
N THR J 283 8.41 93.33 8.15
CA THR J 283 6.98 92.92 8.22
C THR J 283 6.84 91.42 7.96
N ASN J 284 6.33 90.68 8.94
CA ASN J 284 6.04 89.25 8.77
C ASN J 284 4.80 89.05 7.89
N GLN J 285 4.99 88.40 6.74
CA GLN J 285 3.90 88.16 5.79
C GLN J 285 3.27 86.76 5.88
N PRO J 286 1.95 86.66 5.69
CA PRO J 286 1.26 85.36 5.68
C PRO J 286 1.76 84.36 4.62
N SER J 287 2.03 84.80 3.40
CA SER J 287 2.64 83.92 2.41
C SER J 287 3.80 84.61 1.72
N TYR J 288 4.83 83.85 1.35
CA TYR J 288 5.98 84.44 0.65
C TYR J 288 6.05 84.24 -0.88
N SER J 289 4.92 83.87 -1.48
CA SER J 289 4.83 83.74 -2.94
C SER J 289 4.82 85.13 -3.61
N LEU J 290 5.52 85.27 -4.73
CA LEU J 290 5.53 86.52 -5.49
C LEU J 290 4.10 87.03 -5.71
N ASP J 291 3.18 86.10 -5.93
CA ASP J 291 1.77 86.40 -6.05
C ASP J 291 1.33 87.33 -4.93
N TYR J 292 1.52 86.88 -3.69
CA TYR J 292 1.13 87.62 -2.49
C TYR J 292 1.94 88.90 -2.36
N ILE J 293 3.25 88.76 -2.40
CA ILE J 293 4.14 89.89 -2.26
C ILE J 293 3.87 90.95 -3.34
N SER J 294 3.65 90.52 -4.60
CA SER J 294 3.42 91.46 -5.70
C SER J 294 2.21 92.33 -5.45
N GLU J 295 1.12 91.71 -5.01
CA GLU J 295 -0.10 92.45 -4.76
C GLU J 295 -0.17 93.08 -3.36
N PHE J 296 0.85 92.86 -2.54
CA PHE J 296 0.92 93.57 -1.26
C PHE J 296 1.68 94.88 -1.46
N GLU J 297 2.71 94.82 -2.28
CA GLU J 297 3.58 95.95 -2.51
C GLU J 297 3.07 96.89 -3.59
N LEU J 298 2.34 96.34 -4.57
CA LEU J 298 2.00 97.05 -5.81
C LEU J 298 0.54 96.99 -6.19
N ASN J 299 -0.27 96.37 -5.33
CA ASN J 299 -1.70 96.16 -5.58
C ASN J 299 -2.02 95.82 -7.03
N VAL J 300 -1.29 94.85 -7.59
CA VAL J 300 -1.55 94.39 -8.94
C VAL J 300 -2.59 93.28 -8.90
N GLY J 301 -2.81 92.66 -10.06
CA GLY J 301 -3.68 91.51 -10.15
C GLY J 301 -3.03 90.30 -9.50
N LYS J 302 -3.90 89.37 -9.07
CA LYS J 302 -3.50 88.06 -8.56
C LYS J 302 -2.62 87.26 -9.54
N LEU J 303 -2.64 87.65 -10.83
CA LEU J 303 -2.10 86.86 -11.95
C LEU J 303 -2.90 85.56 -12.11
N LYS J 304 -4.03 85.66 -12.80
CA LYS J 304 -4.99 84.56 -12.85
C LYS J 304 -4.69 83.52 -13.93
N TYR J 305 -5.10 82.29 -13.68
CA TYR J 305 -5.14 81.26 -14.70
C TYR J 305 -6.19 80.23 -14.36
N ASP J 306 -6.86 79.73 -15.39
CA ASP J 306 -7.75 78.59 -15.24
C ASP J 306 -6.86 77.37 -15.15
N GLY J 307 -7.28 76.39 -14.35
CA GLY J 307 -6.52 75.17 -14.11
C GLY J 307 -5.12 75.33 -13.49
N PRO J 308 -4.65 74.28 -12.81
CA PRO J 308 -3.40 74.33 -12.05
C PRO J 308 -2.12 74.44 -12.88
N ILE J 309 -1.04 74.79 -12.18
CA ILE J 309 0.26 75.03 -12.78
C ILE J 309 0.87 73.77 -13.39
N SER J 310 0.60 72.62 -12.78
CA SER J 310 1.26 71.39 -13.20
C SER J 310 1.20 71.13 -14.73
N LYS J 311 0.17 71.66 -15.40
CA LYS J 311 0.08 71.58 -16.87
C LYS J 311 -0.62 72.80 -17.51
N LEU J 312 -0.09 73.97 -17.21
CA LEU J 312 -0.52 75.24 -17.82
C LEU J 312 0.35 75.60 -19.04
N ARG J 313 1.45 74.87 -19.25
CA ARG J 313 2.10 74.90 -20.55
C ARG J 313 1.16 74.23 -21.55
N GLU J 314 0.84 72.96 -21.28
CA GLU J 314 -0.02 72.16 -22.13
C GLU J 314 -1.37 72.83 -22.44
N SER J 315 -2.00 73.41 -21.41
CA SER J 315 -3.34 74.02 -21.53
C SER J 315 -3.36 75.38 -22.22
N ASN J 316 -2.44 76.27 -21.83
CA ASN J 316 -2.41 77.61 -22.39
C ASN J 316 -1.00 78.19 -22.35
N HIS J 317 -0.18 77.78 -23.31
CA HIS J 317 1.20 78.21 -23.42
C HIS J 317 1.35 79.74 -23.30
N GLN J 318 0.53 80.46 -24.08
CA GLN J 318 0.53 81.92 -24.07
C GLN J 318 0.64 82.43 -22.64
N ARG J 319 -0.33 82.04 -21.80
CA ARG J 319 -0.37 82.45 -20.39
C ARG J 319 0.94 82.09 -19.67
N TYR J 320 1.38 80.85 -19.85
CA TYR J 320 2.56 80.29 -19.19
C TYR J 320 3.78 81.18 -19.38
N ILE J 321 4.10 81.48 -20.63
CA ILE J 321 5.22 82.37 -20.96
C ILE J 321 4.97 83.76 -20.38
N SER J 322 3.81 84.34 -20.65
CA SER J 322 3.51 85.67 -20.15
C SER J 322 3.71 85.78 -18.65
N TYR J 323 3.21 84.82 -17.89
CA TYR J 323 3.37 84.88 -16.44
C TYR J 323 4.83 84.77 -15.96
N ASN J 324 5.64 83.97 -16.67
CA ASN J 324 7.07 83.91 -16.43
C ASN J 324 7.70 85.28 -16.72
N ILE J 325 7.24 85.93 -17.80
CA ILE J 325 7.65 87.30 -18.13
C ILE J 325 7.16 88.29 -17.06
N ILE J 326 5.91 88.15 -16.63
CA ILE J 326 5.38 89.06 -15.61
C ILE J 326 6.02 88.81 -14.24
N ALA J 327 6.56 87.61 -14.02
CA ALA J 327 7.15 87.27 -12.73
C ALA J 327 8.38 88.13 -12.51
N VAL J 328 9.29 88.09 -13.49
CA VAL J 328 10.49 88.92 -13.44
C VAL J 328 10.18 90.39 -13.19
N TYR J 329 9.22 90.94 -13.95
CA TYR J 329 8.94 92.37 -13.89
C TYR J 329 8.42 92.73 -12.51
N ARG J 330 7.51 91.90 -12.00
CA ARG J 330 6.96 92.09 -10.66
C ARG J 330 8.06 92.38 -9.63
N VAL J 331 9.15 91.61 -9.68
CA VAL J 331 10.26 91.81 -8.79
C VAL J 331 10.92 93.15 -9.06
N LEU J 332 11.18 93.43 -10.33
CA LEU J 332 11.78 94.69 -10.76
C LEU J 332 10.94 95.88 -10.25
N GLN J 333 9.63 95.70 -10.25
CA GLN J 333 8.71 96.68 -9.71
C GLN J 333 8.82 96.78 -8.19
N ILE J 334 9.03 95.63 -7.53
CA ILE J 334 9.08 95.67 -6.08
C ILE J 334 10.32 96.41 -5.69
N ASP J 335 11.40 96.21 -6.44
CA ASP J 335 12.65 96.90 -6.13
C ASP J 335 12.62 98.38 -6.46
N ALA J 336 11.86 98.74 -7.49
CA ALA J 336 11.69 100.14 -7.87
C ALA J 336 11.10 100.96 -6.73
N LYS J 337 10.26 100.31 -5.91
CA LYS J 337 9.71 100.90 -4.70
C LYS J 337 10.70 100.88 -3.56
N ARG J 338 11.33 99.72 -3.35
CA ARG J 338 12.11 99.44 -2.12
C ARG J 338 13.61 99.72 -2.13
N GLN J 339 14.25 99.67 -3.31
CA GLN J 339 15.72 99.93 -3.48
C GLN J 339 16.63 99.00 -2.64
N PHE J 340 16.21 97.74 -2.48
CA PHE J 340 16.99 96.79 -1.67
C PHE J 340 18.31 96.37 -2.34
N ILE J 341 18.34 96.26 -3.66
CA ILE J 341 19.57 96.04 -4.42
C ILE J 341 20.48 97.24 -4.16
N ASN J 342 19.93 98.44 -4.38
CA ASN J 342 20.70 99.65 -4.14
C ASN J 342 21.25 99.73 -2.71
N LEU J 343 20.36 99.55 -1.72
CA LEU J 343 20.73 99.47 -0.30
C LEU J 343 21.97 98.58 -0.10
N SER J 344 21.93 97.41 -0.74
CA SER J 344 23.01 96.44 -0.68
C SER J 344 24.29 96.93 -1.37
N LEU J 345 24.18 97.38 -2.62
CA LEU J 345 25.33 98.03 -3.25
C LEU J 345 25.94 99.05 -2.29
N ASP J 346 25.10 99.92 -1.77
CA ASP J 346 25.58 101.02 -1.00
C ASP J 346 26.33 100.62 0.26
N MET J 347 25.82 99.61 0.96
CA MET J 347 26.55 99.12 2.14
C MET J 347 27.74 98.21 1.82
N GLY J 348 27.64 97.43 0.76
CA GLY J 348 28.74 96.55 0.42
C GLY J 348 29.97 97.35 0.11
N TYR J 349 29.79 98.40 -0.68
CA TYR J 349 30.88 99.27 -1.06
C TYR J 349 31.42 100.11 0.08
N TYR J 350 30.56 100.45 1.04
CA TYR J 350 30.92 101.24 2.19
C TYR J 350 31.83 100.44 3.10
N ALA J 351 31.47 99.18 3.31
CA ALA J 351 32.19 98.30 4.23
C ALA J 351 33.40 97.73 3.54
N LYS J 352 33.33 97.66 2.19
CA LYS J 352 34.28 96.99 1.30
C LYS J 352 34.26 95.46 1.43
N ILE J 353 33.08 94.85 1.24
CA ILE J 353 32.93 93.38 1.33
C ILE J 353 32.33 92.89 0.03
N GLN J 354 32.25 91.57 -0.18
CA GLN J 354 31.44 91.07 -1.28
C GLN J 354 30.05 91.63 -1.04
N ILE J 355 29.35 92.10 -2.09
CA ILE J 355 28.01 92.66 -1.89
C ILE J 355 27.07 91.71 -1.12
N GLN J 356 27.10 90.41 -1.43
CA GLN J 356 26.21 89.48 -0.72
C GLN J 356 26.42 89.41 0.79
N SER J 357 27.48 90.03 1.29
CA SER J 357 27.78 89.90 2.70
C SER J 357 26.92 90.80 3.56
N VAL J 358 26.10 91.63 2.92
CA VAL J 358 25.20 92.48 3.68
C VAL J 358 24.21 91.67 4.53
N PHE J 359 24.08 90.38 4.25
CA PHE J 359 23.23 89.54 5.08
C PHE J 359 23.89 89.35 6.45
N SER J 360 25.18 89.65 6.55
CA SER J 360 25.89 89.37 7.79
C SER J 360 26.40 90.63 8.51
N PRO J 361 25.73 91.01 9.59
CA PRO J 361 26.18 92.10 10.48
C PRO J 361 27.61 91.94 10.98
N ILE J 362 27.96 90.71 11.32
CA ILE J 362 29.29 90.42 11.81
C ILE J 362 30.28 90.73 10.72
N LYS J 363 30.00 90.24 9.50
CA LYS J 363 30.90 90.45 8.34
C LYS J 363 31.10 91.92 8.03
N THR J 364 29.99 92.64 7.95
CA THR J 364 29.96 94.04 7.58
C THR J 364 30.72 94.90 8.59
N TRP J 365 30.41 94.69 9.86
CA TRP J 365 31.09 95.41 10.93
C TRP J 365 32.53 95.01 11.12
N ASP J 366 32.86 93.77 10.81
CA ASP J 366 34.24 93.39 10.90
C ASP J 366 35.03 94.16 9.84
N ALA J 367 34.46 94.36 8.66
CA ALA J 367 35.18 95.07 7.59
C ALA J 367 35.29 96.57 7.91
N ILE J 368 34.21 97.13 8.41
CA ILE J 368 34.24 98.52 8.78
C ILE J 368 35.35 98.77 9.80
N ILE J 369 35.37 98.03 10.90
CA ILE J 369 36.38 98.26 11.96
C ILE J 369 37.81 98.03 11.43
N PHE J 370 37.98 96.95 10.67
CA PHE J 370 39.26 96.64 10.02
C PHE J 370 39.74 97.79 9.16
N ASN J 371 38.94 98.28 8.23
CA ASN J 371 39.42 99.28 7.30
C ASN J 371 39.78 100.59 7.96
N SER J 372 39.12 100.84 9.10
CA SER J 372 39.32 102.04 9.87
C SER J 372 40.54 101.92 10.79
N LEU J 373 40.81 100.69 11.23
CA LEU J 373 41.92 100.44 12.12
C LEU J 373 43.18 100.48 11.29
N LYS J 374 43.09 99.95 10.08
CA LYS J 374 44.24 99.87 9.20
C LYS J 374 44.64 101.25 8.72
N GLU J 375 43.68 102.14 8.44
CA GLU J 375 44.07 103.51 8.09
C GLU J 375 44.96 104.15 9.18
N GLN J 376 44.90 103.62 10.40
CA GLN J 376 45.65 104.17 11.52
C GLN J 376 46.89 103.34 11.85
N ASN J 377 47.19 102.35 11.00
CA ASN J 377 48.33 101.43 11.17
C ASN J 377 48.19 100.54 12.40
N LYS J 378 46.96 100.35 12.87
CA LYS J 378 46.73 99.53 14.05
C LYS J 378 46.38 98.10 13.61
N VAL J 379 46.46 97.14 14.52
CA VAL J 379 46.28 95.73 14.14
C VAL J 379 45.12 95.05 14.86
N ILE J 380 44.16 94.48 14.11
CA ILE J 380 42.96 93.83 14.67
C ILE J 380 43.23 92.53 15.42
N PRO J 381 42.52 92.24 16.49
CA PRO J 381 42.78 91.02 17.26
C PRO J 381 42.45 89.71 16.53
N GLN J 382 43.14 88.63 16.90
CA GLN J 382 42.79 87.30 16.44
C GLN J 382 41.39 87.01 16.87
N GLY J 383 40.59 86.51 15.92
CA GLY J 383 39.28 85.94 16.25
C GLY J 383 39.50 84.79 17.24
N ARG J 384 38.85 84.86 18.40
CA ARG J 384 39.02 83.83 19.43
C ARG J 384 37.77 83.05 19.58
N SER J 385 37.85 81.87 20.19
CA SER J 385 36.67 81.03 20.33
C SER J 385 35.97 81.25 21.68
N HIS J 386 34.66 81.02 21.68
CA HIS J 386 33.80 81.35 22.83
C HIS J 386 32.60 80.42 22.92
N PRO J 387 32.37 79.83 24.10
CA PRO J 387 31.16 79.04 24.34
C PRO J 387 29.95 79.96 24.25
N VAL J 388 28.87 79.54 23.58
CA VAL J 388 27.69 80.39 23.52
C VAL J 388 27.11 80.43 24.93
N GLN J 389 27.08 81.62 25.54
CA GLN J 389 26.57 81.80 26.90
C GLN J 389 25.37 82.75 26.93
N PRO J 390 24.25 82.32 27.50
CA PRO J 390 23.14 83.25 27.71
C PRO J 390 23.59 84.44 28.56
N TYR J 391 22.86 85.53 28.46
CA TYR J 391 23.15 86.68 29.30
C TYR J 391 21.88 87.52 29.41
N PRO J 392 21.74 88.24 30.51
CA PRO J 392 20.46 88.89 30.77
C PRO J 392 20.20 89.95 29.69
N GLY J 393 18.93 90.20 29.39
CA GLY J 393 18.58 91.21 28.42
C GLY J 393 17.86 92.36 29.11
N ALA J 394 16.82 92.84 28.44
CA ALA J 394 16.12 94.01 28.94
C ALA J 394 14.77 93.72 29.61
N PHE J 395 14.75 93.04 30.77
CA PHE J 395 13.51 92.81 31.57
C PHE J 395 12.57 94.03 31.56
N VAL J 396 11.27 93.73 31.52
CA VAL J 396 10.18 94.66 31.25
C VAL J 396 9.26 94.46 32.42
N LYS J 397 8.83 95.54 33.06
CA LYS J 397 7.94 95.24 34.21
C LYS J 397 6.48 95.00 33.86
N GLU J 398 5.89 94.06 34.59
CA GLU J 398 4.52 93.68 34.40
C GLU J 398 3.61 94.92 34.61
N PRO J 399 2.86 95.30 33.59
CA PRO J 399 1.90 96.40 33.73
C PRO J 399 0.66 95.88 34.46
N ILE J 400 -0.06 96.76 35.13
CA ILE J 400 -1.38 96.40 35.60
C ILE J 400 -2.37 96.52 34.40
N PRO J 401 -3.04 95.42 34.06
CA PRO J 401 -4.00 95.42 32.95
C PRO J 401 -5.15 96.35 33.27
N ASN J 402 -5.30 97.40 32.49
CA ASN J 402 -6.32 98.40 32.72
C ASN J 402 -6.52 99.28 31.51
N ARG J 403 -7.64 99.98 31.45
CA ARG J 403 -7.75 101.11 30.56
C ARG J 403 -6.78 102.20 31.06
N TYR J 404 -6.34 103.10 30.19
CA TYR J 404 -5.48 104.21 30.56
C TYR J 404 -5.85 105.40 29.70
N LYS J 405 -6.37 106.47 30.30
CA LYS J 405 -7.03 107.53 29.56
C LYS J 405 -6.02 108.38 28.78
N TYR J 406 -5.17 109.09 29.50
CA TYR J 406 -4.19 109.99 28.90
C TYR J 406 -2.80 109.46 29.20
N VAL J 407 -2.01 109.27 28.15
CA VAL J 407 -0.69 108.66 28.25
C VAL J 407 0.31 109.44 27.41
N MET J 408 1.47 109.75 28.00
CA MET J 408 2.60 110.27 27.23
C MET J 408 3.67 109.20 27.28
N SER J 409 4.33 108.94 26.14
CA SER J 409 5.50 108.07 26.14
C SER J 409 6.77 108.85 25.86
N PHE J 410 7.90 108.22 26.21
CA PHE J 410 9.23 108.84 26.12
C PHE J 410 10.27 107.80 25.69
N ASP J 411 11.03 108.07 24.64
CA ASP J 411 12.02 107.10 24.18
C ASP J 411 13.41 107.59 24.41
N LEU J 412 14.31 106.69 24.80
CA LEU J 412 15.71 107.06 24.77
C LEU J 412 16.18 106.99 23.33
N THR J 413 16.99 107.96 22.94
CA THR J 413 17.59 107.94 21.63
C THR J 413 18.59 106.79 21.55
N SER J 414 18.39 105.91 20.57
CA SER J 414 19.38 104.90 20.17
C SER J 414 20.07 104.21 21.35
N LEU J 415 19.33 103.48 22.15
CA LEU J 415 19.81 103.08 23.46
C LEU J 415 21.21 102.45 23.50
N TYR J 416 21.38 101.27 22.91
CA TYR J 416 22.59 100.48 23.10
C TYR J 416 23.88 101.08 22.47
N PRO J 417 23.79 101.66 21.29
CA PRO J 417 24.95 102.36 20.78
C PRO J 417 25.27 103.56 21.68
N SER J 418 24.27 104.16 22.31
CA SER J 418 24.53 105.33 23.15
C SER J 418 25.19 104.90 24.43
N ILE J 419 24.73 103.79 24.97
CA ILE J 419 25.33 103.23 26.15
C ILE J 419 26.79 102.89 25.82
N ILE J 420 27.01 102.17 24.72
CA ILE J 420 28.36 101.84 24.31
C ILE J 420 29.23 103.09 24.36
N ARG J 421 28.78 104.16 23.72
CA ARG J 421 29.52 105.39 23.72
C ARG J 421 29.59 106.04 25.09
N GLN J 422 28.46 106.17 25.79
CA GLN J 422 28.45 106.79 27.14
C GLN J 422 29.47 106.14 28.06
N VAL J 423 29.36 104.84 28.23
CA VAL J 423 30.21 104.08 29.14
C VAL J 423 31.64 103.85 28.58
N ASN J 424 31.80 103.92 27.25
CA ASN J 424 33.08 103.61 26.60
C ASN J 424 33.42 102.11 26.58
N ILE J 425 32.44 101.28 26.20
CA ILE J 425 32.56 99.82 26.25
C ILE J 425 33.24 99.25 25.03
N SER J 426 34.34 98.56 25.25
CA SER J 426 35.16 98.03 24.18
C SER J 426 36.08 96.98 24.77
N PRO J 427 36.50 95.98 24.00
CA PRO J 427 37.34 94.92 24.58
C PRO J 427 38.57 95.57 25.20
N GLU J 428 39.13 96.53 24.48
CA GLU J 428 40.38 97.13 24.94
C GLU J 428 40.25 98.16 26.07
N THR J 429 39.04 98.62 26.36
CA THR J 429 38.88 99.59 27.44
C THR J 429 38.53 98.95 28.78
N ILE J 430 38.42 97.63 28.83
CA ILE J 430 38.13 96.93 30.09
C ILE J 430 39.26 97.28 31.03
N ALA J 431 38.94 97.67 32.26
CA ALA J 431 39.95 98.19 33.17
C ALA J 431 39.96 97.40 34.47
N GLY J 432 38.85 96.74 34.79
CA GLY J 432 38.76 95.93 35.99
C GLY J 432 37.29 95.71 36.37
N THR J 433 37.03 95.41 37.64
CA THR J 433 35.68 95.29 38.14
C THR J 433 35.51 95.98 39.50
N PHE J 434 34.28 96.08 39.98
CA PHE J 434 34.03 96.63 41.29
C PHE J 434 33.08 95.72 42.02
N LYS J 435 32.78 96.03 43.28
CA LYS J 435 31.93 95.21 44.12
C LYS J 435 30.46 95.58 43.92
N VAL J 436 29.75 94.75 43.16
CA VAL J 436 28.40 95.01 42.71
C VAL J 436 27.36 94.78 43.75
N ALA J 437 26.56 95.82 43.98
CA ALA J 437 25.39 95.71 44.83
C ALA J 437 24.30 95.21 43.89
N PRO J 438 23.17 94.71 44.38
CA PRO J 438 22.07 94.36 43.49
C PRO J 438 21.63 95.56 42.65
N LEU J 439 21.01 95.31 41.51
CA LEU J 439 20.55 96.36 40.61
C LEU J 439 19.64 97.38 41.30
N HIS J 440 18.68 96.91 42.08
CA HIS J 440 17.77 97.76 42.85
C HIS J 440 18.53 98.89 43.56
N ASP J 441 19.65 98.58 44.19
CA ASP J 441 20.40 99.59 44.94
C ASP J 441 20.98 100.73 44.09
N TYR J 442 21.26 100.44 42.82
CA TYR J 442 21.80 101.46 41.91
C TYR J 442 20.68 102.28 41.36
N ILE J 443 19.57 101.60 41.05
CA ILE J 443 18.35 102.22 40.58
C ILE J 443 17.85 103.26 41.58
N ASN J 444 17.87 102.92 42.85
CA ASN J 444 17.40 103.84 43.88
C ASN J 444 18.49 104.82 44.41
N ALA J 445 19.71 104.68 43.92
CA ALA J 445 20.81 105.51 44.39
C ALA J 445 21.04 105.26 45.88
N VAL J 446 21.46 104.03 46.21
CA VAL J 446 21.72 103.61 47.59
C VAL J 446 23.08 102.89 47.67
N ALA J 447 23.54 102.30 46.58
CA ALA J 447 24.85 101.64 46.55
C ALA J 447 25.97 102.67 46.46
N GLU J 448 27.15 102.37 46.99
CA GLU J 448 28.24 103.34 46.94
C GLU J 448 28.67 103.55 45.49
N ARG J 449 29.15 104.74 45.12
CA ARG J 449 29.67 104.97 43.76
C ARG J 449 30.67 103.87 43.51
N PRO J 450 30.50 103.12 42.42
CA PRO J 450 31.45 102.11 42.02
C PRO J 450 32.88 102.64 41.98
N SER J 451 33.10 103.81 41.37
CA SER J 451 34.46 104.33 41.22
C SER J 451 34.56 105.86 41.01
N ASP J 452 35.67 106.45 41.46
CA ASP J 452 35.90 107.86 41.13
C ASP J 452 36.90 108.02 39.99
N VAL J 453 37.31 106.92 39.36
CA VAL J 453 38.34 106.99 38.35
C VAL J 453 37.98 106.29 37.05
N TYR J 454 37.14 105.26 37.12
CA TYR J 454 36.68 104.59 35.90
C TYR J 454 35.22 104.84 35.59
N SER J 455 34.86 104.61 34.33
CA SER J 455 33.49 104.66 33.82
C SER J 455 32.81 103.27 33.96
N CYS J 456 31.60 103.22 34.52
CA CYS J 456 31.07 101.96 34.99
C CYS J 456 29.76 101.52 34.41
N SER J 457 29.54 100.21 34.52
CA SER J 457 28.25 99.55 34.23
C SER J 457 27.85 98.74 35.46
N PRO J 458 26.55 98.72 35.78
CA PRO J 458 26.10 98.11 37.03
C PRO J 458 26.20 96.56 37.04
N ASN J 459 26.75 95.91 36.02
CA ASN J 459 27.06 94.48 36.10
C ASN J 459 28.40 94.26 36.83
N GLY J 460 29.12 95.38 37.01
CA GLY J 460 30.27 95.38 37.88
C GLY J 460 31.52 95.70 37.14
N MET J 461 31.35 95.98 35.84
CA MET J 461 32.47 96.26 34.95
C MET J 461 32.92 97.71 34.99
N MET J 462 34.22 97.94 34.82
CA MET J 462 34.82 99.29 34.74
C MET J 462 35.66 99.49 33.47
N TYR J 463 35.61 100.71 32.93
CA TYR J 463 36.29 101.01 31.67
C TYR J 463 37.14 102.26 31.74
N TYR J 464 38.22 102.26 30.96
CA TYR J 464 39.07 103.44 30.87
C TYR J 464 38.27 104.65 30.39
N LYS J 465 38.56 105.80 30.98
CA LYS J 465 37.86 107.03 30.72
C LYS J 465 38.82 107.98 29.96
N ASP J 466 40.10 107.62 29.95
CA ASP J 466 41.17 108.44 29.39
C ASP J 466 41.65 107.93 28.02
N ARG J 467 40.71 107.47 27.19
CA ARG J 467 40.98 106.56 26.07
C ARG J 467 39.69 106.46 25.28
N ASP J 468 39.78 106.43 23.95
CA ASP J 468 38.56 106.50 23.15
C ASP J 468 37.87 105.15 22.93
N GLY J 469 38.61 104.11 22.60
CA GLY J 469 37.94 102.83 22.50
C GLY J 469 37.39 102.61 21.11
N VAL J 470 37.79 101.52 20.46
CA VAL J 470 37.46 101.28 19.07
C VAL J 470 35.94 101.20 18.78
N VAL J 471 35.20 100.40 19.53
CA VAL J 471 33.77 100.29 19.22
C VAL J 471 33.09 101.66 19.39
N PRO J 472 33.26 102.32 20.53
CA PRO J 472 32.70 103.66 20.71
C PRO J 472 33.12 104.60 19.58
N THR J 473 34.41 104.58 19.26
CA THR J 473 34.93 105.45 18.20
C THR J 473 34.25 105.18 16.87
N GLU J 474 34.04 103.91 16.54
CA GLU J 474 33.40 103.56 15.28
C GLU J 474 31.93 103.97 15.18
N ILE J 475 31.14 103.72 16.22
CA ILE J 475 29.75 104.18 16.12
C ILE J 475 29.66 105.70 16.06
N THR J 476 30.47 106.38 16.85
CA THR J 476 30.50 107.81 16.75
C THR J 476 30.68 108.21 15.29
N LYS J 477 31.60 107.55 14.58
CA LYS J 477 31.86 107.90 13.21
C LYS J 477 30.56 107.80 12.42
N VAL J 478 29.86 106.68 12.55
CA VAL J 478 28.71 106.36 11.73
C VAL J 478 27.61 107.37 12.02
N PHE J 479 27.30 107.55 13.31
CA PHE J 479 26.37 108.58 13.79
C PHE J 479 26.64 109.90 13.08
N ASN J 480 27.89 110.37 13.16
CA ASN J 480 28.26 111.61 12.50
C ASN J 480 28.01 111.52 11.00
N GLN J 481 28.33 110.37 10.42
CA GLN J 481 28.20 110.20 8.98
C GLN J 481 26.75 110.40 8.56
N ARG J 482 25.82 109.89 9.38
CA ARG J 482 24.44 109.92 8.95
C ARG J 482 23.86 111.31 9.05
N LYS J 483 24.36 112.09 10.00
CA LYS J 483 24.03 113.51 10.17
C LYS J 483 24.50 114.24 8.93
N GLU J 484 25.74 113.95 8.55
CA GLU J 484 26.35 114.49 7.35
C GLU J 484 25.41 114.23 6.18
N HIS J 485 25.09 112.96 5.92
CA HIS J 485 24.30 112.57 4.77
C HIS J 485 22.82 113.00 4.87
N LYS J 486 22.35 113.26 6.09
CA LYS J 486 21.03 113.86 6.30
C LYS J 486 21.02 115.33 5.81
N GLY J 487 22.03 116.09 6.22
CA GLY J 487 22.21 117.45 5.77
C GLY J 487 22.47 117.53 4.27
N TYR J 488 22.92 116.42 3.70
CA TYR J 488 23.03 116.26 2.25
C TYR J 488 21.68 115.89 1.62
N MET J 489 20.84 115.15 2.35
CA MET J 489 19.51 114.75 1.87
C MET J 489 18.53 115.92 2.03
N LEU J 490 18.35 116.37 3.28
CA LEU J 490 17.53 117.53 3.60
C LEU J 490 18.03 118.83 2.94
N ALA J 491 19.09 118.74 2.16
CA ALA J 491 19.59 119.87 1.36
C ALA J 491 19.25 119.72 -0.12
N ALA J 492 19.72 118.63 -0.72
CA ALA J 492 19.48 118.32 -2.13
C ALA J 492 18.01 118.00 -2.38
N GLN J 493 17.26 117.83 -1.30
CA GLN J 493 15.80 117.82 -1.32
C GLN J 493 15.29 119.24 -1.60
N ARG J 494 15.50 120.12 -0.62
CA ARG J 494 15.09 121.52 -0.63
C ARG J 494 15.81 122.39 -1.69
N ASN J 495 16.70 121.76 -2.48
CA ASN J 495 17.30 122.39 -3.66
C ASN J 495 16.75 121.80 -4.97
N GLY J 496 15.64 121.09 -4.85
CA GLY J 496 14.82 120.68 -5.99
C GLY J 496 13.55 121.52 -5.99
N GLU J 497 13.18 122.01 -4.80
CA GLU J 497 12.06 122.95 -4.63
C GLU J 497 12.44 124.37 -5.09
N ILE J 498 13.57 124.47 -5.79
CA ILE J 498 14.01 125.70 -6.47
C ILE J 498 14.31 125.51 -7.97
N ILE J 499 14.26 124.27 -8.45
CA ILE J 499 14.12 123.98 -9.88
C ILE J 499 12.63 123.78 -10.22
N LYS J 500 11.92 123.08 -9.33
CA LYS J 500 10.47 122.85 -9.44
C LYS J 500 9.66 124.16 -9.37
N GLU J 501 10.21 125.14 -8.64
CA GLU J 501 9.66 126.49 -8.59
C GLU J 501 10.10 127.29 -9.81
N ALA J 502 11.27 126.95 -10.35
CA ALA J 502 11.82 127.59 -11.55
C ALA J 502 11.16 127.11 -12.85
N LEU J 503 10.27 126.13 -12.72
CA LEU J 503 9.53 125.59 -13.86
C LEU J 503 8.31 126.45 -14.25
N HIS J 504 8.11 127.55 -13.52
CA HIS J 504 7.11 128.57 -13.86
C HIS J 504 7.68 129.54 -14.89
N ASN J 505 8.99 129.79 -14.80
CA ASN J 505 9.71 130.68 -15.70
C ASN J 505 10.02 129.99 -17.03
N PRO J 506 9.44 130.50 -18.13
CA PRO J 506 9.68 129.95 -19.47
C PRO J 506 11.14 130.06 -19.95
N ASN J 507 11.35 129.70 -21.22
CA ASN J 507 12.69 129.60 -21.80
C ASN J 507 12.70 129.93 -23.30
N LEU J 508 13.42 130.99 -23.66
CA LEU J 508 13.46 131.50 -25.03
C LEU J 508 14.85 131.39 -25.67
N SER J 509 15.76 130.68 -25.00
CA SER J 509 17.12 130.48 -25.50
C SER J 509 17.68 129.13 -25.08
N VAL J 510 18.46 128.52 -25.98
CA VAL J 510 19.16 127.28 -25.68
C VAL J 510 20.22 127.51 -24.60
N ASP J 511 20.21 126.67 -23.57
CA ASP J 511 21.01 126.87 -22.36
C ASP J 511 21.76 125.60 -21.93
N GLU J 512 22.36 125.64 -20.74
CA GLU J 512 23.04 124.49 -20.13
C GLU J 512 22.81 124.48 -18.61
N PRO J 513 22.68 123.29 -18.01
CA PRO J 513 22.45 123.17 -16.56
C PRO J 513 23.68 123.55 -15.72
N LEU J 514 23.45 124.26 -14.62
CA LEU J 514 24.52 124.88 -13.83
C LEU J 514 25.43 123.87 -13.14
N ASP J 515 26.74 124.12 -13.24
CA ASP J 515 27.79 123.25 -12.70
C ASP J 515 28.06 123.51 -11.21
N VAL J 516 27.27 122.87 -10.35
CA VAL J 516 27.40 123.01 -8.89
C VAL J 516 26.94 121.72 -8.21
N ASP J 517 27.75 121.27 -7.23
CA ASP J 517 27.59 119.97 -6.57
C ASP J 517 26.51 119.97 -5.48
N TYR J 518 25.50 119.12 -5.68
CA TYR J 518 24.14 119.35 -5.16
C TYR J 518 23.94 119.15 -3.65
N ARG J 519 24.95 118.62 -2.96
CA ARG J 519 24.85 118.34 -1.53
C ARG J 519 24.84 119.64 -0.69
N PHE J 520 25.40 120.69 -1.27
CA PHE J 520 25.52 121.98 -0.59
C PHE J 520 24.38 122.92 -0.98
N ASP J 521 23.74 123.51 0.03
CA ASP J 521 22.60 124.42 -0.14
C ASP J 521 22.88 125.49 -1.19
N PHE J 522 21.94 125.67 -2.12
CA PHE J 522 22.15 126.54 -3.28
C PHE J 522 22.58 127.95 -2.90
N SER J 523 23.63 128.44 -3.56
CA SER J 523 24.19 129.75 -3.28
C SER J 523 23.35 130.88 -3.90
N ASP J 524 23.49 132.08 -3.34
CA ASP J 524 22.75 133.25 -3.84
C ASP J 524 23.25 133.76 -5.20
N GLU J 525 24.35 133.18 -5.68
CA GLU J 525 24.88 133.48 -7.02
C GLU J 525 24.12 132.73 -8.12
N ILE J 526 23.64 131.54 -7.79
CA ILE J 526 22.82 130.73 -8.71
C ILE J 526 21.33 130.87 -8.34
N LYS J 527 20.94 132.10 -7.99
CA LYS J 527 19.56 132.45 -7.65
C LYS J 527 18.78 132.81 -8.90
N GLU J 528 19.42 133.63 -9.76
CA GLU J 528 18.83 134.11 -11.01
C GLU J 528 19.23 133.23 -12.21
N LYS J 529 20.31 132.47 -12.03
CA LYS J 529 20.83 131.59 -13.07
C LYS J 529 19.87 130.44 -13.35
N ILE J 530 18.85 130.31 -12.50
CA ILE J 530 17.95 129.14 -12.46
C ILE J 530 16.59 129.34 -13.20
N LYS J 531 16.16 130.60 -13.31
CA LYS J 531 14.91 130.94 -14.02
C LYS J 531 15.20 131.49 -15.43
N LYS J 532 16.42 131.97 -15.62
CA LYS J 532 16.92 132.32 -16.95
C LYS J 532 17.33 131.06 -17.72
N LEU J 533 17.39 129.94 -17.01
CA LEU J 533 17.76 128.63 -17.56
C LEU J 533 16.65 128.07 -18.45
N SER J 534 17.03 127.18 -19.38
CA SER J 534 16.07 126.53 -20.29
C SER J 534 15.45 125.24 -19.71
N ALA J 535 14.36 124.79 -20.34
CA ALA J 535 13.61 123.59 -19.93
C ALA J 535 14.44 122.32 -20.04
N LYS J 536 15.31 122.25 -21.05
CA LYS J 536 16.25 121.13 -21.20
C LYS J 536 17.33 121.17 -20.11
N SER J 537 17.66 122.38 -19.67
CA SER J 537 18.66 122.62 -18.63
C SER J 537 18.09 122.52 -17.22
N LEU J 538 16.79 122.77 -17.10
CA LEU J 538 16.07 122.60 -15.84
C LEU J 538 15.81 121.10 -15.61
N ASN J 539 15.54 120.39 -16.70
CA ASN J 539 15.22 118.96 -16.69
C ASN J 539 16.38 118.00 -16.38
N GLU J 540 17.61 118.50 -16.45
CA GLU J 540 18.81 117.71 -16.14
C GLU J 540 19.27 118.02 -14.74
N MET J 541 19.20 119.30 -14.37
CA MET J 541 19.38 119.74 -12.99
C MET J 541 18.47 118.95 -12.02
N LEU J 542 17.21 118.76 -12.39
CA LEU J 542 16.23 118.06 -11.56
C LEU J 542 16.54 116.57 -11.40
N PHE J 543 16.86 115.91 -12.51
CA PHE J 543 17.42 114.56 -12.52
C PHE J 543 18.56 114.45 -11.51
N ARG J 544 19.43 115.47 -11.49
CA ARG J 544 20.62 115.50 -10.63
C ARG J 544 20.30 115.93 -9.19
N ALA J 545 19.27 116.74 -9.04
CA ALA J 545 18.73 117.01 -7.71
C ALA J 545 18.06 115.74 -7.15
N GLN J 546 17.40 114.99 -8.04
CA GLN J 546 16.78 113.71 -7.68
C GLN J 546 17.84 112.65 -7.38
N ARG J 547 18.93 112.67 -8.14
CA ARG J 547 20.01 111.69 -8.04
C ARG J 547 20.83 111.82 -6.76
N THR J 548 20.86 113.03 -6.20
CA THR J 548 21.55 113.29 -4.93
C THR J 548 20.59 113.14 -3.73
N GLU J 549 19.30 113.47 -3.92
CA GLU J 549 18.29 113.22 -2.90
C GLU J 549 18.24 111.72 -2.60
N VAL J 550 17.83 110.94 -3.61
CA VAL J 550 17.72 109.47 -3.54
C VAL J 550 18.99 108.74 -3.02
N ALA J 551 20.17 109.31 -3.28
CA ALA J 551 21.42 108.69 -2.87
C ALA J 551 21.83 109.03 -1.43
N GLY J 552 21.49 110.24 -0.98
CA GLY J 552 21.72 110.64 0.40
C GLY J 552 20.72 110.00 1.36
N MET J 553 19.51 109.77 0.85
CA MET J 553 18.48 108.99 1.53
C MET J 553 19.05 107.59 1.77
N THR J 554 19.52 106.95 0.70
CA THR J 554 20.11 105.61 0.74
C THR J 554 21.32 105.52 1.68
N ALA J 555 22.16 106.56 1.70
CA ALA J 555 23.36 106.59 2.51
C ALA J 555 23.00 106.60 3.97
N GLN J 556 22.01 107.43 4.29
CA GLN J 556 21.56 107.64 5.66
C GLN J 556 20.89 106.40 6.20
N ILE J 557 20.06 105.76 5.37
CA ILE J 557 19.33 104.58 5.79
C ILE J 557 20.29 103.47 6.16
N ASN J 558 21.38 103.30 5.41
CA ASN J 558 22.28 102.24 5.84
C ASN J 558 23.23 102.56 6.98
N ARG J 559 23.46 103.82 7.29
CA ARG J 559 24.05 104.16 8.59
C ARG J 559 23.11 103.81 9.76
N LYS J 560 21.85 104.20 9.67
CA LYS J 560 20.88 103.78 10.66
C LYS J 560 20.88 102.26 10.82
N LEU J 561 20.79 101.51 9.71
CA LEU J 561 20.84 100.05 9.75
C LEU J 561 22.16 99.52 10.35
N LEU J 562 23.29 100.14 10.00
CA LEU J 562 24.56 99.81 10.66
C LEU J 562 24.49 99.95 12.17
N ILE J 563 24.20 101.17 12.62
CA ILE J 563 24.07 101.50 14.04
C ILE J 563 23.20 100.50 14.76
N ASN J 564 22.06 100.16 14.16
CA ASN J 564 21.12 99.24 14.80
C ASN J 564 21.57 97.79 14.82
N SER J 565 22.50 97.43 13.93
CA SER J 565 22.94 96.04 13.84
C SER J 565 24.17 95.74 14.69
N LEU J 566 24.83 96.77 15.21
CA LEU J 566 26.05 96.57 15.97
C LEU J 566 25.79 95.68 17.21
N TYR J 567 24.77 96.01 18.00
CA TYR J 567 24.67 95.36 19.30
C TYR J 567 24.60 93.86 19.05
N GLY J 568 23.74 93.46 18.11
CA GLY J 568 23.61 92.09 17.67
C GLY J 568 24.93 91.40 17.41
N ALA J 569 25.82 92.06 16.65
CA ALA J 569 27.17 91.57 16.41
C ALA J 569 27.90 91.38 17.73
N LEU J 570 27.84 92.42 18.56
CA LEU J 570 28.54 92.40 19.85
C LEU J 570 28.08 91.27 20.77
N GLY J 571 26.86 90.77 20.62
CA GLY J 571 26.40 89.70 21.46
C GLY J 571 26.57 88.34 20.79
N ASN J 572 27.27 88.34 19.67
CA ASN J 572 27.55 87.10 18.96
C ASN J 572 29.01 86.60 19.10
N VAL J 573 29.18 85.33 19.48
CA VAL J 573 30.51 84.80 19.77
C VAL J 573 31.44 84.76 18.56
N TRP J 574 30.87 84.87 17.37
CA TRP J 574 31.70 84.82 16.17
C TRP J 574 32.26 86.17 15.80
N PHE J 575 31.87 87.21 16.53
CA PHE J 575 32.32 88.56 16.27
C PHE J 575 33.66 88.74 16.96
N ARG J 576 34.66 89.27 16.25
CA ARG J 576 35.98 89.38 16.85
C ARG J 576 36.13 90.35 18.03
N TYR J 577 35.17 91.25 18.24
CA TYR J 577 35.26 92.24 19.31
C TYR J 577 34.23 91.91 20.41
N TYR J 578 33.55 90.78 20.24
CA TYR J 578 32.62 90.27 21.22
C TYR J 578 33.34 89.98 22.49
N ASP J 579 32.62 90.19 23.60
CA ASP J 579 33.11 89.93 24.94
C ASP J 579 31.90 89.82 25.84
N LEU J 580 31.70 88.65 26.43
CA LEU J 580 30.58 88.43 27.36
C LEU J 580 30.28 89.57 28.36
N ARG J 581 31.30 90.01 29.07
CA ARG J 581 31.12 91.02 30.08
C ARG J 581 30.59 92.34 29.47
N ASN J 582 31.08 92.70 28.29
CA ASN J 582 30.67 93.93 27.62
C ASN J 582 29.21 93.87 27.15
N ALA J 583 28.80 92.71 26.62
CA ALA J 583 27.43 92.55 26.19
C ALA J 583 26.56 92.76 27.38
N THR J 584 26.91 92.09 28.48
CA THR J 584 26.20 92.23 29.75
C THR J 584 26.24 93.66 30.35
N ALA J 585 27.40 94.28 30.29
CA ALA J 585 27.52 95.65 30.70
C ALA J 585 26.49 96.57 30.03
N ILE J 586 26.22 96.33 28.73
CA ILE J 586 25.29 97.13 27.94
C ILE J 586 23.84 96.95 28.40
N THR J 587 23.38 95.71 28.54
CA THR J 587 21.97 95.49 28.88
C THR J 587 21.67 95.90 30.31
N THR J 588 22.58 95.53 31.22
CA THR J 588 22.38 95.80 32.63
C THR J 588 22.31 97.32 32.79
N PHE J 589 23.20 98.03 32.09
CA PHE J 589 23.17 99.48 32.13
C PHE J 589 21.80 99.96 31.63
N GLY J 590 21.35 99.39 30.52
CA GLY J 590 20.04 99.70 30.01
C GLY J 590 18.94 99.43 31.02
N GLN J 591 18.99 98.26 31.66
CA GLN J 591 17.99 97.92 32.66
C GLN J 591 18.09 98.92 33.81
N MET J 592 19.27 99.46 34.08
CA MET J 592 19.36 100.46 35.14
C MET J 592 18.84 101.84 34.72
N ALA J 593 19.11 102.24 33.47
CA ALA J 593 18.78 103.59 33.03
C ALA J 593 17.27 103.74 33.00
N LEU J 594 16.60 102.70 32.57
CA LEU J 594 15.19 102.76 32.30
C LEU J 594 14.48 102.88 33.62
N GLN J 595 14.91 102.09 34.63
CA GLN J 595 14.23 102.01 35.94
C GLN J 595 14.59 103.20 36.81
N TRP J 596 15.79 103.75 36.62
CA TRP J 596 16.27 104.97 37.27
C TRP J 596 15.39 106.13 36.88
N ILE J 597 15.20 106.29 35.57
CA ILE J 597 14.31 107.34 35.04
C ILE J 597 12.80 107.13 35.37
N GLU J 598 12.41 105.89 35.63
CA GLU J 598 11.06 105.60 36.13
C GLU J 598 10.87 106.22 37.52
N ARG J 599 11.79 105.88 38.44
CA ARG J 599 11.87 106.47 39.78
C ARG J 599 11.85 108.01 39.71
N LYS J 600 12.68 108.54 38.81
CA LYS J 600 12.95 109.94 38.70
C LYS J 600 11.72 110.71 38.18
N VAL J 601 11.06 110.14 37.16
CA VAL J 601 9.83 110.70 36.61
C VAL J 601 8.70 110.65 37.65
N ASN J 602 8.47 109.48 38.24
CA ASN J 602 7.54 109.33 39.35
C ASN J 602 7.75 110.40 40.46
N GLU J 603 8.97 110.58 40.93
CA GLU J 603 9.29 111.60 41.92
C GLU J 603 8.84 113.02 41.48
N TYR J 604 9.21 113.39 40.26
CA TYR J 604 8.92 114.71 39.72
C TYR J 604 7.41 114.97 39.64
N LEU J 605 6.70 114.03 39.04
CA LEU J 605 5.28 114.21 38.86
C LEU J 605 4.52 114.10 40.20
N ASN J 606 5.05 113.32 41.14
CA ASN J 606 4.55 113.34 42.50
C ASN J 606 4.81 114.70 43.15
N GLU J 607 6.04 115.20 43.06
CA GLU J 607 6.35 116.50 43.69
C GLU J 607 5.53 117.59 43.03
N VAL J 608 5.25 117.43 41.74
CA VAL J 608 4.63 118.48 40.98
C VAL J 608 3.12 118.45 41.02
N CYS J 609 2.51 117.30 41.25
CA CYS J 609 1.05 117.29 41.39
C CYS J 609 0.55 117.53 42.83
N GLY J 610 1.47 117.75 43.77
CA GLY J 610 1.15 117.81 45.19
C GLY J 610 0.78 116.45 45.75
N THR J 611 0.95 115.44 44.90
CA THR J 611 0.66 114.05 45.18
C THR J 611 1.79 113.47 46.04
N GLU J 612 1.61 112.26 46.57
CA GLU J 612 2.65 111.58 47.35
C GLU J 612 2.62 110.05 47.21
N GLY J 613 3.60 109.48 46.51
CA GLY J 613 3.68 108.03 46.32
C GLY J 613 2.86 107.35 45.22
N GLU J 614 2.06 108.11 44.47
CA GLU J 614 1.40 107.54 43.28
C GLU J 614 2.42 107.10 42.20
N ALA J 615 1.96 106.27 41.27
CA ALA J 615 2.80 105.69 40.21
C ALA J 615 2.36 106.26 38.85
N PHE J 616 3.19 107.10 38.23
CA PHE J 616 2.77 107.68 36.96
C PHE J 616 3.28 106.84 35.82
N VAL J 617 4.42 106.17 36.02
CA VAL J 617 4.99 105.32 34.98
C VAL J 617 4.27 104.01 35.02
N LEU J 618 3.53 103.72 33.96
CA LEU J 618 2.72 102.53 33.98
C LEU J 618 3.31 101.37 33.23
N TYR J 619 4.37 101.62 32.48
CA TYR J 619 4.95 100.58 31.68
C TYR J 619 6.26 101.09 31.10
N GLY J 620 7.14 100.14 30.79
CA GLY J 620 8.38 100.44 30.13
C GLY J 620 8.95 99.17 29.54
N ASP J 621 9.45 99.25 28.32
CA ASP J 621 10.26 98.18 27.74
C ASP J 621 11.54 98.75 27.16
N THR J 622 12.67 98.22 27.61
CA THR J 622 14.01 98.55 27.09
C THR J 622 14.40 100.05 27.10
N ASP J 623 13.83 100.78 26.14
CA ASP J 623 14.21 102.15 25.82
C ASP J 623 13.06 103.14 25.97
N SER J 624 11.90 102.66 26.40
CA SER J 624 10.75 103.56 26.47
C SER J 624 9.97 103.43 27.74
N ILE J 625 9.54 104.59 28.25
CA ILE J 625 8.57 104.60 29.34
C ILE J 625 7.22 105.18 28.89
N TYR J 626 6.16 104.69 29.51
CA TYR J 626 4.82 105.19 29.25
C TYR J 626 4.25 105.79 30.54
N VAL J 627 3.90 107.06 30.48
CA VAL J 627 3.48 107.81 31.67
C VAL J 627 2.03 108.14 31.56
N SER J 628 1.28 107.92 32.63
CA SER J 628 -0.12 108.27 32.71
C SER J 628 -0.27 109.77 32.95
N ALA J 629 -1.20 110.40 32.26
CA ALA J 629 -1.31 111.86 32.35
C ALA J 629 -2.62 112.34 32.94
N ASP J 630 -3.44 111.42 33.44
CA ASP J 630 -4.73 111.80 34.01
C ASP J 630 -4.56 112.93 35.00
N LYS J 631 -3.92 112.66 36.14
CA LYS J 631 -3.74 113.67 37.18
C LYS J 631 -3.35 115.03 36.59
N ILE J 632 -2.40 115.02 35.66
CA ILE J 632 -1.97 116.26 35.03
C ILE J 632 -3.15 116.99 34.41
N ILE J 633 -3.91 116.28 33.57
CA ILE J 633 -5.13 116.84 32.98
C ILE J 633 -6.10 117.24 34.08
N ASP J 634 -6.33 116.33 35.03
CA ASP J 634 -7.23 116.60 36.17
C ASP J 634 -6.79 117.81 36.98
N LYS J 635 -5.57 118.30 36.74
CA LYS J 635 -5.07 119.51 37.40
C LYS J 635 -5.78 120.74 36.90
N VAL J 636 -6.31 120.66 35.69
CA VAL J 636 -7.07 121.78 35.12
C VAL J 636 -8.51 121.37 34.81
N GLY J 637 -8.70 120.15 34.32
CA GLY J 637 -10.02 119.59 34.04
C GLY J 637 -10.47 119.80 32.61
N GLU J 638 -11.51 119.09 32.20
CA GLU J 638 -12.21 119.38 30.93
C GLU J 638 -13.11 120.63 31.04
N SER J 639 -12.59 121.63 31.75
CA SER J 639 -13.05 123.00 31.64
C SER J 639 -12.08 123.67 30.67
N LYS J 640 -12.45 124.86 30.19
CA LYS J 640 -11.62 125.58 29.21
C LYS J 640 -10.47 124.70 28.69
N PHE J 641 -10.90 123.54 28.18
CA PHE J 641 -10.26 122.85 27.07
C PHE J 641 -11.33 122.99 26.02
N ARG J 642 -11.04 123.75 24.96
CA ARG J 642 -12.03 123.93 23.90
C ARG J 642 -12.24 122.63 23.17
N ASP J 643 -11.13 121.91 22.91
CA ASP J 643 -11.16 120.68 22.14
C ASP J 643 -9.99 119.74 22.41
N THR J 644 -10.01 118.58 21.76
CA THR J 644 -8.95 117.60 21.81
C THR J 644 -7.59 118.26 21.58
N ASN J 645 -7.51 119.12 20.58
CA ASN J 645 -6.22 119.72 20.23
C ASN J 645 -5.62 120.59 21.31
N HIS J 646 -6.48 121.31 22.02
CA HIS J 646 -6.11 122.14 23.17
C HIS J 646 -5.33 121.35 24.24
N TRP J 647 -5.87 120.22 24.66
CA TRP J 647 -5.20 119.42 25.70
C TRP J 647 -3.99 118.69 25.21
N VAL J 648 -3.96 118.41 23.92
CA VAL J 648 -2.80 117.76 23.29
C VAL J 648 -1.73 118.82 23.29
N ASP J 649 -2.12 120.04 22.93
CA ASP J 649 -1.24 121.20 23.05
C ASP J 649 -0.73 121.37 24.48
N PHE J 650 -1.61 121.17 25.45
CA PHE J 650 -1.27 121.32 26.86
C PHE J 650 -0.17 120.34 27.30
N LEU J 651 -0.31 119.08 26.91
CA LEU J 651 0.63 118.05 27.30
C LEU J 651 1.96 118.17 26.57
N ASP J 652 1.93 118.62 25.30
CA ASP J 652 3.15 118.78 24.50
C ASP J 652 4.01 119.84 25.15
N LYS J 653 3.39 120.96 25.51
CA LYS J 653 4.04 122.05 26.25
C LYS J 653 4.62 121.55 27.57
N PHE J 654 3.83 120.77 28.31
CA PHE J 654 4.24 120.25 29.60
C PHE J 654 5.41 119.26 29.49
N ALA J 655 5.42 118.49 28.41
CA ALA J 655 6.49 117.54 28.18
C ALA J 655 7.77 118.28 27.86
N ARG J 656 7.70 119.33 27.07
CA ARG J 656 8.92 119.95 26.61
C ARG J 656 9.53 120.87 27.67
N GLU J 657 8.67 121.47 28.48
CA GLU J 657 9.08 122.51 29.41
C GLU J 657 9.36 122.06 30.85
N ARG J 658 8.77 120.93 31.26
CA ARG J 658 8.78 120.57 32.67
C ARG J 658 9.38 119.21 32.87
N MET J 659 8.99 118.28 32.00
CA MET J 659 9.28 116.89 32.18
C MET J 659 10.62 116.56 31.61
N GLU J 660 10.84 116.99 30.38
CA GLU J 660 12.08 116.69 29.71
C GLU J 660 13.32 117.24 30.41
N PRO J 661 13.26 118.46 30.95
CA PRO J 661 14.41 118.99 31.73
C PRO J 661 14.62 118.25 33.06
N ALA J 662 13.52 117.77 33.64
CA ALA J 662 13.58 116.82 34.76
C ALA J 662 14.25 115.51 34.35
N ILE J 663 13.86 114.97 33.21
CA ILE J 663 14.47 113.73 32.73
C ILE J 663 15.98 113.88 32.46
N ASP J 664 16.34 114.95 31.74
CA ASP J 664 17.75 115.31 31.53
C ASP J 664 18.53 115.42 32.81
N ARG J 665 17.98 116.16 33.76
CA ARG J 665 18.60 116.37 35.07
C ARG J 665 18.82 115.03 35.75
N GLY J 666 17.83 114.15 35.60
CA GLY J 666 17.86 112.82 36.16
C GLY J 666 19.03 112.05 35.59
N PHE J 667 19.17 112.08 34.27
CA PHE J 667 20.17 111.23 33.62
C PHE J 667 21.59 111.81 33.77
N ARG J 668 21.69 113.14 33.80
CA ARG J 668 22.97 113.75 34.13
C ARG J 668 23.45 113.26 35.51
N GLU J 669 22.52 113.11 36.44
CA GLU J 669 22.87 112.61 37.78
C GLU J 669 23.33 111.16 37.75
N MET J 670 22.67 110.32 36.97
CA MET J 670 23.11 108.94 36.79
C MET J 670 24.47 108.83 36.11
N CYS J 671 24.79 109.82 35.27
CA CYS J 671 26.07 109.86 34.58
C CYS J 671 27.20 110.13 35.55
N GLU J 672 26.98 110.98 36.53
CA GLU J 672 28.02 111.23 37.53
C GLU J 672 28.14 110.06 38.49
N TYR J 673 27.01 109.48 38.86
CA TYR J 673 26.96 108.27 39.65
C TYR J 673 27.85 107.14 39.09
N MET J 674 27.76 106.85 37.80
CA MET J 674 28.55 105.77 37.26
C MET J 674 29.89 106.26 36.67
N ASN J 675 30.19 107.54 36.85
CA ASN J 675 31.45 108.13 36.37
C ASN J 675 31.73 107.93 34.86
N ASN J 676 30.66 107.90 34.06
CA ASN J 676 30.74 107.65 32.65
C ASN J 676 31.52 108.73 31.92
N LYS J 677 32.00 108.42 30.71
CA LYS J 677 32.82 109.36 29.99
C LYS J 677 32.02 110.51 29.39
N GLN J 678 30.79 110.22 28.96
CA GLN J 678 29.93 111.15 28.24
C GLN J 678 28.44 110.97 28.56
N HIS J 679 27.72 112.06 28.80
CA HIS J 679 26.28 111.92 28.98
C HIS J 679 25.60 111.85 27.62
N LEU J 680 25.04 110.69 27.29
CA LEU J 680 24.36 110.53 26.01
C LEU J 680 22.92 110.05 26.18
N MET J 681 22.45 109.95 27.40
CA MET J 681 21.13 109.41 27.66
C MET J 681 20.05 110.47 27.44
N PHE J 682 19.70 110.61 26.18
CA PHE J 682 18.79 111.66 25.72
C PHE J 682 17.42 111.03 25.56
N MET J 683 16.53 111.26 26.52
CA MET J 683 15.14 110.80 26.42
C MET J 683 14.23 111.99 26.21
N ASP J 684 13.45 111.95 25.14
CA ASP J 684 12.47 113.02 24.89
C ASP J 684 11.11 112.45 24.53
N ARG J 685 10.11 113.29 24.29
CA ARG J 685 8.75 112.82 24.23
C ARG J 685 8.38 112.24 22.90
N GLU J 686 7.89 110.99 22.92
CA GLU J 686 7.42 110.30 21.73
C GLU J 686 5.91 110.50 21.46
N ALA J 687 5.04 109.73 22.09
CA ALA J 687 3.62 109.76 21.79
C ALA J 687 2.76 110.53 22.81
N ILE J 688 1.69 111.17 22.33
CA ILE J 688 0.60 111.63 23.19
C ILE J 688 -0.71 110.96 22.80
N ALA J 689 -1.30 110.23 23.73
CA ALA J 689 -2.51 109.47 23.46
C ALA J 689 -3.60 109.79 24.48
N GLY J 690 -4.83 109.84 23.99
CA GLY J 690 -5.98 110.05 24.85
C GLY J 690 -7.25 109.78 24.09
N PRO J 691 -8.38 109.82 24.79
CA PRO J 691 -9.67 109.75 24.14
C PRO J 691 -10.00 111.14 23.60
N PRO J 692 -10.79 111.19 22.52
CA PRO J 692 -11.19 112.46 21.92
C PRO J 692 -12.12 113.23 22.89
N LEU J 693 -11.83 114.52 23.10
CA LEU J 693 -12.57 115.31 24.08
C LEU J 693 -14.06 115.11 23.91
N GLY J 694 -14.74 114.77 25.00
CA GLY J 694 -16.18 114.72 24.99
C GLY J 694 -16.73 113.40 24.49
N SER J 695 -15.86 112.41 24.32
CA SER J 695 -16.28 111.08 23.87
C SER J 695 -16.43 110.17 25.06
N LYS J 696 -17.03 109.00 24.85
CA LYS J 696 -17.01 107.95 25.84
C LYS J 696 -15.83 106.98 25.65
N GLY J 697 -14.88 107.34 24.79
CA GLY J 697 -13.73 106.50 24.50
C GLY J 697 -12.72 106.35 25.63
N ILE J 698 -11.93 105.28 25.59
CA ILE J 698 -11.04 104.97 26.71
C ILE J 698 -9.59 105.40 26.53
N GLY J 699 -9.25 105.84 25.32
CA GLY J 699 -7.91 106.37 25.09
C GLY J 699 -6.87 105.29 24.90
N GLY J 700 -6.81 104.33 25.82
CA GLY J 700 -5.86 103.23 25.73
C GLY J 700 -6.01 102.11 26.73
N PHE J 701 -5.37 100.99 26.45
CA PHE J 701 -5.32 99.87 27.42
C PHE J 701 -4.10 99.01 27.22
N TRP J 702 -3.73 98.28 28.28
CA TRP J 702 -2.67 97.29 28.29
C TRP J 702 -3.33 96.00 28.75
N THR J 703 -3.05 94.88 28.07
CA THR J 703 -3.50 93.56 28.58
C THR J 703 -2.43 92.88 29.42
N GLY J 704 -1.17 93.08 29.03
CA GLY J 704 -0.02 92.49 29.69
C GLY J 704 1.28 93.07 29.15
N LYS J 705 2.38 92.38 29.39
CA LYS J 705 3.65 92.79 28.84
C LYS J 705 3.57 92.74 27.32
N LYS J 706 3.98 93.84 26.68
CA LYS J 706 4.12 93.91 25.22
C LYS J 706 2.77 93.78 24.50
N ARG J 707 1.67 94.12 25.19
CA ARG J 707 0.38 94.05 24.56
C ARG J 707 -0.45 95.29 24.91
N TYR J 708 -0.53 96.24 23.98
CA TYR J 708 -1.24 97.47 24.27
C TYR J 708 -1.67 98.30 23.06
N ALA J 709 -2.68 99.14 23.24
CA ALA J 709 -3.19 100.00 22.17
C ALA J 709 -3.44 101.41 22.68
N LEU J 710 -2.98 102.37 21.89
CA LEU J 710 -3.10 103.80 22.16
C LEU J 710 -3.78 104.50 21.02
N ASN J 711 -4.57 105.52 21.35
CA ASN J 711 -5.14 106.47 20.38
C ASN J 711 -4.21 107.70 20.27
N VAL J 712 -3.31 107.73 19.29
CA VAL J 712 -2.21 108.71 19.30
C VAL J 712 -2.54 109.96 18.50
N TRP J 713 -2.27 111.12 19.07
CA TRP J 713 -2.62 112.39 18.41
C TRP J 713 -1.36 113.09 17.90
N ASP J 714 -0.26 112.86 18.59
CA ASP J 714 0.99 113.50 18.25
C ASP J 714 2.09 112.49 18.41
N MET J 715 2.91 112.37 17.39
CA MET J 715 4.10 111.53 17.44
C MET J 715 5.26 112.42 17.10
N GLU J 716 6.26 112.43 17.97
CA GLU J 716 7.55 113.10 17.74
C GLU J 716 7.48 114.59 17.42
N GLY J 717 6.27 115.15 17.36
CA GLY J 717 6.09 116.54 16.99
C GLY J 717 5.07 116.75 15.89
N THR J 718 4.62 115.66 15.28
CA THR J 718 3.64 115.70 14.20
C THR J 718 2.26 115.57 14.79
N ARG J 719 1.50 116.65 14.74
CA ARG J 719 0.10 116.63 15.12
C ARG J 719 -0.67 115.99 13.96
N TYR J 720 -1.08 114.74 14.15
CA TYR J 720 -1.79 114.00 13.13
C TYR J 720 -3.08 114.71 12.75
N ALA J 721 -3.49 114.62 11.49
CA ALA J 721 -4.72 115.29 11.04
C ALA J 721 -5.91 114.56 11.64
N GLU J 722 -5.85 113.24 11.52
CA GLU J 722 -6.75 112.31 12.19
C GLU J 722 -5.90 111.45 13.16
N PRO J 723 -6.48 110.99 14.28
CA PRO J 723 -5.73 110.20 15.25
C PRO J 723 -5.42 108.80 14.73
N LYS J 724 -4.23 108.31 15.09
CA LYS J 724 -3.73 107.03 14.62
C LYS J 724 -3.61 106.05 15.78
N LEU J 725 -4.18 104.86 15.61
CA LEU J 725 -4.03 103.80 16.63
C LEU J 725 -2.62 103.24 16.61
N LYS J 726 -1.93 103.26 17.74
CA LYS J 726 -0.72 102.44 17.89
C LYS J 726 -1.02 101.12 18.66
N ILE J 727 -1.07 100.03 17.91
CA ILE J 727 -1.30 98.72 18.47
C ILE J 727 -0.02 97.90 18.42
N MET J 728 0.56 97.63 19.59
CA MET J 728 1.70 96.75 19.74
C MET J 728 1.22 95.44 20.38
N GLY J 729 1.85 94.33 19.97
CA GLY J 729 1.60 93.00 20.51
C GLY J 729 0.26 92.32 20.17
N LEU J 730 -0.85 93.05 20.22
CA LEU J 730 -2.18 92.49 20.06
C LEU J 730 -2.36 91.73 18.75
N GLU J 731 -3.43 90.95 18.70
CA GLU J 731 -3.70 90.07 17.58
C GLU J 731 -3.76 90.73 16.21
N THR J 732 -3.97 92.04 16.17
CA THR J 732 -4.09 92.78 14.91
C THR J 732 -2.74 92.95 14.22
N GLN J 733 -1.67 92.69 14.96
CA GLN J 733 -0.31 92.87 14.46
C GLN J 733 0.37 91.56 14.12
N LYS J 734 -0.29 90.45 14.41
CA LYS J 734 0.25 89.12 14.15
C LYS J 734 -0.20 88.64 12.77
N SER J 735 0.76 88.10 12.01
CA SER J 735 0.53 87.53 10.68
C SER J 735 -0.31 86.24 10.69
N SER J 736 -0.44 85.62 11.85
CA SER J 736 -1.08 84.32 11.95
C SER J 736 -2.58 84.54 12.06
N THR J 737 -2.97 85.78 12.34
CA THR J 737 -4.39 85.99 12.52
C THR J 737 -5.05 86.34 11.21
N PRO J 738 -6.26 85.79 10.98
CA PRO J 738 -6.94 85.94 9.68
C PRO J 738 -7.13 87.40 9.28
N LYS J 739 -7.01 87.68 7.98
CA LYS J 739 -7.13 89.05 7.49
C LYS J 739 -8.41 89.78 7.94
N ALA J 740 -9.59 89.21 7.67
CA ALA J 740 -10.86 89.83 8.05
C ALA J 740 -10.88 90.06 9.54
N VAL J 741 -10.39 89.07 10.26
CA VAL J 741 -10.36 89.13 11.71
C VAL J 741 -9.44 90.28 12.14
N GLN J 742 -8.28 90.43 11.49
CA GLN J 742 -7.37 91.54 11.79
C GLN J 742 -8.11 92.87 11.71
N LYS J 743 -8.79 93.09 10.60
CA LYS J 743 -9.49 94.35 10.39
C LYS J 743 -10.62 94.55 11.40
N ALA J 744 -11.28 93.47 11.83
CA ALA J 744 -12.40 93.61 12.75
C ALA J 744 -11.94 93.90 14.17
N LEU J 745 -10.83 93.29 14.57
CA LEU J 745 -10.34 93.46 15.91
C LEU J 745 -9.86 94.90 16.03
N LYS J 746 -9.36 95.41 14.92
CA LYS J 746 -8.82 96.74 14.89
C LYS J 746 -9.97 97.73 15.04
N GLU J 747 -11.09 97.51 14.34
CA GLU J 747 -12.27 98.38 14.44
C GLU J 747 -12.90 98.33 15.84
N CYS J 748 -12.74 97.18 16.48
CA CYS J 748 -13.13 96.98 17.87
C CYS J 748 -12.23 97.84 18.76
N ILE J 749 -10.92 97.70 18.61
CA ILE J 749 -9.99 98.52 19.35
C ILE J 749 -10.28 100.02 19.18
N ARG J 750 -10.59 100.42 17.95
CA ARG J 750 -10.76 101.83 17.64
C ARG J 750 -12.03 102.41 18.28
N ARG J 751 -13.10 101.62 18.24
CA ARG J 751 -14.34 102.01 18.90
C ARG J 751 -14.14 102.13 20.42
N MET J 752 -13.44 101.16 20.99
CA MET J 752 -13.11 101.17 22.41
C MET J 752 -12.36 102.45 22.74
N LEU J 753 -11.38 102.78 21.90
CA LEU J 753 -10.47 103.85 22.20
C LEU J 753 -11.09 105.20 21.93
N GLN J 754 -11.94 105.30 20.92
CA GLN J 754 -12.46 106.61 20.49
C GLN J 754 -13.93 106.89 20.71
N GLU J 755 -14.73 105.85 20.87
CA GLU J 755 -16.19 106.04 20.92
C GLU J 755 -16.89 105.49 22.16
N GLY J 756 -16.33 104.42 22.76
CA GLY J 756 -16.88 103.86 23.99
C GLY J 756 -17.54 102.50 23.85
N GLU J 757 -18.14 102.03 24.94
CA GLU J 757 -18.79 100.71 24.99
C GLU J 757 -19.96 100.53 24.03
N GLU J 758 -20.89 101.49 23.99
CA GLU J 758 -22.07 101.39 23.10
C GLU J 758 -21.63 101.24 21.63
N SER J 759 -20.55 101.91 21.26
CA SER J 759 -19.96 101.72 19.94
C SER J 759 -19.49 100.28 19.73
N LEU J 760 -18.61 99.80 20.62
CA LEU J 760 -18.08 98.47 20.53
C LEU J 760 -19.21 97.45 20.47
N GLN J 761 -20.23 97.66 21.30
CA GLN J 761 -21.28 96.68 21.43
C GLN J 761 -22.05 96.49 20.12
N GLU J 762 -22.23 97.61 19.40
CA GLU J 762 -22.86 97.66 18.08
C GLU J 762 -22.01 96.96 17.01
N TYR J 763 -20.73 97.31 16.94
CA TYR J 763 -19.87 96.66 15.96
C TYR J 763 -19.81 95.15 16.11
N PHE J 764 -19.93 94.66 17.34
CA PHE J 764 -19.73 93.25 17.61
C PHE J 764 -20.92 92.53 17.04
N LYS J 765 -22.10 93.09 17.29
CA LYS J 765 -23.31 92.59 16.67
C LYS J 765 -23.12 92.46 15.17
N GLU J 766 -22.60 93.51 14.52
CA GLU J 766 -22.53 93.50 13.05
C GLU J 766 -21.50 92.52 12.54
N PHE J 767 -20.30 92.57 13.08
CA PHE J 767 -19.30 91.62 12.60
C PHE J 767 -19.73 90.14 12.72
N GLU J 768 -20.59 89.85 13.70
CA GLU J 768 -21.15 88.51 13.90
C GLU J 768 -22.14 88.13 12.81
N LYS J 769 -23.03 89.07 12.48
CA LYS J 769 -23.94 88.95 11.34
C LYS J 769 -23.14 88.68 10.06
N GLU J 770 -22.13 89.51 9.79
CA GLU J 770 -21.34 89.43 8.56
C GLU J 770 -20.64 88.08 8.39
N PHE J 771 -20.15 87.54 9.51
CA PHE J 771 -19.15 86.47 9.49
C PHE J 771 -19.39 85.29 8.52
N ARG J 772 -20.52 84.62 8.65
CA ARG J 772 -20.73 83.40 7.87
C ARG J 772 -20.61 83.62 6.36
N GLN J 773 -20.91 84.84 5.90
CA GLN J 773 -20.81 85.19 4.47
C GLN J 773 -19.44 85.72 4.05
N LEU J 774 -18.46 85.74 4.96
CA LEU J 774 -17.11 86.19 4.63
C LEU J 774 -16.31 85.15 3.85
N ASN J 775 -15.46 85.63 2.96
CA ASN J 775 -14.62 84.77 2.10
C ASN J 775 -13.67 83.89 2.91
N TYR J 776 -13.58 82.62 2.53
CA TYR J 776 -12.86 81.63 3.37
C TYR J 776 -11.38 81.95 3.56
N ILE J 777 -10.74 82.39 2.49
CA ILE J 777 -9.33 82.74 2.55
C ILE J 777 -9.05 83.84 3.59
N SER J 778 -9.97 84.79 3.71
CA SER J 778 -9.82 85.96 4.61
C SER J 778 -10.12 85.69 6.09
N ILE J 779 -10.75 84.56 6.36
CA ILE J 779 -11.03 84.21 7.74
C ILE J 779 -10.20 83.04 8.21
N ALA J 780 -9.29 82.56 7.36
CA ALA J 780 -8.40 81.46 7.74
C ALA J 780 -7.14 81.93 8.52
N SER J 781 -6.80 81.18 9.55
CA SER J 781 -5.54 81.31 10.27
C SER J 781 -4.36 81.01 9.36
N VAL J 782 -3.18 81.40 9.83
CA VAL J 782 -1.93 81.18 9.13
C VAL J 782 -0.89 80.73 10.15
N SER J 783 -0.05 79.76 9.77
CA SER J 783 0.98 79.27 10.66
C SER J 783 2.18 78.76 9.83
N SER J 784 3.39 79.07 10.27
CA SER J 784 4.57 78.42 9.76
C SER J 784 4.40 76.93 10.04
N ALA J 785 4.89 76.07 9.15
CA ALA J 785 4.74 74.64 9.36
C ALA J 785 6.09 73.93 9.34
N ASN J 786 6.75 73.88 10.50
CA ASN J 786 8.04 73.21 10.63
C ASN J 786 7.92 71.80 11.24
N ASN J 787 8.88 70.94 10.89
CA ASN J 787 8.92 69.52 11.31
C ASN J 787 7.60 68.74 11.19
N ILE J 788 6.90 68.91 10.05
CA ILE J 788 5.75 68.06 9.73
C ILE J 788 6.10 66.58 9.98
N ALA J 789 7.24 66.14 9.46
CA ALA J 789 7.71 64.76 9.61
C ALA J 789 7.63 64.21 11.04
N LYS J 790 8.02 65.03 12.02
CA LYS J 790 8.08 64.67 13.45
C LYS J 790 6.77 64.11 14.02
N TYR J 791 5.64 64.53 13.42
CA TYR J 791 4.32 64.23 13.95
C TYR J 791 3.44 63.35 13.04
N ASP J 792 4.08 62.68 12.09
CA ASP J 792 3.39 61.91 11.07
C ASP J 792 3.58 60.40 11.29
N VAL J 793 2.46 59.71 11.51
CA VAL J 793 2.44 58.25 11.70
C VAL J 793 1.66 57.57 10.56
N GLY J 794 2.30 57.48 9.40
CA GLY J 794 1.66 56.98 8.19
C GLY J 794 0.69 57.96 7.53
N GLY J 795 0.30 58.99 8.28
CA GLY J 795 -0.68 59.96 7.80
C GLY J 795 -1.56 60.59 8.86
N PHE J 796 -1.54 60.01 10.06
CA PHE J 796 -2.38 60.48 11.16
C PHE J 796 -1.48 61.14 12.20
N PRO J 797 -2.07 61.98 13.08
CA PRO J 797 -1.29 62.71 14.10
C PRO J 797 -0.63 61.78 15.12
N GLY J 798 0.64 62.05 15.42
CA GLY J 798 1.31 61.36 16.50
C GLY J 798 1.10 62.14 17.78
N PRO J 799 1.75 61.72 18.87
CA PRO J 799 1.75 62.50 20.12
C PRO J 799 2.10 63.98 19.95
N LYS J 800 1.55 64.82 20.82
CA LYS J 800 1.96 66.22 20.97
C LYS J 800 1.71 67.10 19.72
N CYS J 801 1.12 66.47 18.70
CA CYS J 801 0.92 67.05 17.37
C CYS J 801 0.31 68.44 17.39
N PRO J 802 0.98 69.39 16.75
CA PRO J 802 0.45 70.73 16.55
C PRO J 802 -0.79 70.75 15.67
N PHE J 803 -1.70 71.64 16.02
CA PHE J 803 -2.98 71.83 15.35
C PHE J 803 -2.87 72.20 13.87
N HIS J 804 -1.90 73.05 13.52
CA HIS J 804 -1.71 73.39 12.12
C HIS J 804 -1.14 72.21 11.36
N ILE J 805 -0.32 71.43 12.05
CA ILE J 805 0.24 70.22 11.49
C ILE J 805 -0.83 69.15 11.40
N ARG J 806 -1.70 69.08 12.41
CA ARG J 806 -2.85 68.19 12.35
C ARG J 806 -3.65 68.45 11.08
N GLY J 807 -3.79 69.72 10.73
CA GLY J 807 -4.47 70.17 9.52
C GLY J 807 -3.86 69.75 8.20
N ILE J 808 -2.53 69.74 8.13
CA ILE J 808 -1.80 69.27 6.95
C ILE J 808 -1.95 67.76 6.78
N LEU J 809 -1.75 67.01 7.86
CA LEU J 809 -1.92 65.56 7.85
C LEU J 809 -3.22 65.16 7.17
N THR J 810 -4.31 65.86 7.47
CA THR J 810 -5.62 65.57 6.87
C THR J 810 -5.68 66.00 5.40
N TYR J 811 -5.28 67.23 5.13
CA TYR J 811 -5.10 67.72 3.76
C TYR J 811 -4.32 66.73 2.91
N ASN J 812 -3.14 66.33 3.39
CA ASN J 812 -2.29 65.34 2.75
C ASN J 812 -3.05 64.05 2.49
N ARG J 813 -3.71 63.53 3.52
CA ARG J 813 -4.54 62.35 3.41
C ARG J 813 -5.55 62.53 2.29
N ALA J 814 -6.20 63.69 2.25
CA ALA J 814 -7.31 63.99 1.35
C ALA J 814 -6.95 64.09 -0.14
N ILE J 815 -5.67 64.35 -0.44
CA ILE J 815 -5.21 64.38 -1.84
C ILE J 815 -4.27 63.22 -2.17
N LYS J 816 -4.27 62.18 -1.34
CA LYS J 816 -3.45 61.00 -1.59
C LYS J 816 -3.86 60.37 -2.93
N GLY J 817 -2.92 60.32 -3.88
CA GLY J 817 -3.17 59.80 -5.21
C GLY J 817 -3.03 60.81 -6.35
N ASN J 818 -3.72 61.94 -6.22
CA ASN J 818 -3.72 63.00 -7.23
C ASN J 818 -2.53 63.97 -7.12
N ILE J 819 -1.57 63.88 -8.06
CA ILE J 819 -0.35 64.69 -7.98
C ILE J 819 -0.53 66.15 -8.41
N ASP J 820 -1.46 66.40 -9.34
CA ASP J 820 -1.76 67.75 -9.82
C ASP J 820 -2.37 68.65 -8.71
N ALA J 821 -2.28 68.18 -7.46
CA ALA J 821 -2.58 69.00 -6.28
C ALA J 821 -1.26 69.50 -5.67
N PRO J 822 -1.21 70.79 -5.28
CA PRO J 822 -0.01 71.33 -4.63
C PRO J 822 0.23 70.63 -3.30
N GLN J 823 1.49 70.42 -2.96
CA GLN J 823 1.81 69.90 -1.65
C GLN J 823 2.20 71.04 -0.69
N VAL J 824 2.26 70.69 0.60
CA VAL J 824 2.67 71.61 1.63
C VAL J 824 4.18 71.47 1.77
N VAL J 825 4.90 72.54 1.47
CA VAL J 825 6.36 72.56 1.60
C VAL J 825 6.73 72.84 3.05
N GLU J 826 7.57 71.97 3.61
CA GLU J 826 7.90 72.01 5.04
C GLU J 826 8.72 73.25 5.31
N GLY J 827 8.43 73.91 6.43
CA GLY J 827 8.99 75.21 6.74
C GLY J 827 8.22 76.38 6.16
N GLU J 828 7.26 76.08 5.28
CA GLU J 828 6.46 77.10 4.62
C GLU J 828 5.12 77.28 5.34
N LYS J 829 4.54 78.47 5.15
CA LYS J 829 3.32 78.86 5.85
C LYS J 829 2.03 78.23 5.27
N VAL J 830 1.03 77.99 6.12
CA VAL J 830 -0.21 77.34 5.68
C VAL J 830 -1.45 78.09 6.13
N TYR J 831 -2.54 77.92 5.39
CA TYR J 831 -3.88 78.29 5.86
C TYR J 831 -4.48 77.14 6.68
N VAL J 832 -5.13 77.50 7.80
CA VAL J 832 -5.76 76.53 8.68
C VAL J 832 -7.23 76.86 8.91
N LEU J 833 -8.08 75.85 8.77
CA LEU J 833 -9.51 75.98 9.09
C LEU J 833 -10.03 74.81 9.92
N PRO J 834 -10.89 75.09 10.89
CA PRO J 834 -11.52 74.03 11.70
C PRO J 834 -12.72 73.37 11.02
N LEU J 835 -12.83 72.05 11.20
CA LEU J 835 -13.91 71.27 10.61
C LEU J 835 -14.90 70.75 11.66
N ARG J 836 -16.17 70.62 11.27
CA ARG J 836 -17.24 70.26 12.20
C ARG J 836 -17.23 68.76 12.50
N GLU J 837 -17.81 68.37 13.63
CA GLU J 837 -17.97 66.94 13.95
C GLU J 837 -18.57 66.17 12.78
N GLY J 838 -17.92 65.07 12.42
CA GLY J 838 -18.45 64.11 11.46
C GLY J 838 -18.21 64.35 9.97
N ASN J 839 -17.32 65.31 9.65
CA ASN J 839 -16.90 65.59 8.27
C ASN J 839 -16.29 64.37 7.55
N PRO J 840 -16.26 64.39 6.21
CA PRO J 840 -15.68 63.29 5.45
C PRO J 840 -14.15 63.35 5.36
N PHE J 841 -13.55 64.33 6.05
CA PHE J 841 -12.09 64.48 6.09
C PHE J 841 -11.44 63.73 7.26
N GLY J 842 -12.28 63.22 8.17
CA GLY J 842 -11.84 62.42 9.29
C GLY J 842 -11.05 63.12 10.39
N ASP J 843 -10.96 64.45 10.33
CA ASP J 843 -10.19 65.22 11.32
C ASP J 843 -10.89 66.53 11.72
N LYS J 844 -10.31 67.21 12.70
CA LYS J 844 -10.96 68.39 13.29
C LYS J 844 -10.54 69.75 12.66
N CYS J 845 -9.64 69.70 11.68
CA CYS J 845 -9.11 70.88 11.00
C CYS J 845 -8.39 70.53 9.68
N ILE J 846 -8.21 71.51 8.82
CA ILE J 846 -7.45 71.28 7.57
C ILE J 846 -6.51 72.43 7.35
N ALA J 847 -5.37 72.16 6.71
CA ALA J 847 -4.49 73.24 6.36
C ALA J 847 -3.98 73.06 4.93
N TRP J 848 -3.85 74.15 4.17
CA TRP J 848 -3.28 74.10 2.81
C TRP J 848 -2.27 75.24 2.58
N PRO J 849 -1.49 75.20 1.50
CA PRO J 849 -0.41 76.19 1.30
C PRO J 849 -0.94 77.60 1.29
N SER J 850 -0.40 78.44 2.18
CA SER J 850 -0.88 79.79 2.38
C SER J 850 -0.68 80.65 1.14
N GLY J 851 -1.56 81.64 0.97
CA GLY J 851 -1.54 82.55 -0.16
C GLY J 851 -2.08 81.98 -1.47
N THR J 852 -2.66 80.77 -1.39
CA THR J 852 -3.27 80.10 -2.54
C THR J 852 -4.61 79.49 -2.15
N GLU J 853 -5.46 79.23 -3.14
CA GLU J 853 -6.73 78.55 -2.92
C GLU J 853 -6.56 77.02 -2.86
N ILE J 854 -7.32 76.33 -2.01
CA ILE J 854 -7.30 74.85 -2.01
C ILE J 854 -7.75 74.31 -3.36
N THR J 855 -7.17 73.17 -3.78
CA THR J 855 -7.54 72.57 -5.06
C THR J 855 -9.05 72.35 -5.17
N ASP J 856 -9.58 72.51 -6.37
CA ASP J 856 -11.02 72.32 -6.61
C ASP J 856 -11.52 70.97 -6.10
N LEU J 857 -10.60 70.01 -6.00
CA LEU J 857 -10.88 68.64 -5.56
C LEU J 857 -11.59 68.57 -4.20
N ILE J 858 -11.32 69.54 -3.33
CA ILE J 858 -11.89 69.54 -2.01
C ILE J 858 -12.52 70.86 -1.56
N LYS J 859 -12.28 71.94 -2.31
CA LYS J 859 -12.77 73.28 -1.94
C LYS J 859 -14.25 73.30 -1.54
N ASP J 860 -15.09 72.64 -2.33
CA ASP J 860 -16.53 72.53 -2.05
C ASP J 860 -16.84 71.89 -0.69
N ASP J 861 -16.25 70.72 -0.41
CA ASP J 861 -16.45 70.00 0.84
C ASP J 861 -15.84 70.69 2.06
N VAL J 862 -14.79 71.47 1.85
CA VAL J 862 -14.20 72.27 2.92
C VAL J 862 -15.14 73.44 3.30
N LEU J 863 -15.62 74.19 2.30
CA LEU J 863 -16.59 75.25 2.55
C LEU J 863 -17.89 74.74 3.20
N HIS J 864 -18.26 73.48 2.94
CA HIS J 864 -19.47 72.93 3.55
C HIS J 864 -19.28 72.43 4.98
N TRP J 865 -18.04 72.10 5.35
CA TRP J 865 -17.75 71.49 6.65
C TRP J 865 -17.03 72.43 7.64
N MET J 866 -16.61 73.60 7.15
CA MET J 866 -16.00 74.68 7.94
C MET J 866 -16.76 74.92 9.22
N ASP J 867 -16.05 74.98 10.34
CA ASP J 867 -16.73 75.31 11.58
C ASP J 867 -16.67 76.79 11.86
N TYR J 868 -17.67 77.50 11.36
CA TYR J 868 -17.75 78.94 11.55
C TYR J 868 -17.76 79.31 13.04
N THR J 869 -18.54 78.58 13.83
CA THR J 869 -18.62 78.80 15.26
C THR J 869 -17.27 78.66 15.98
N VAL J 870 -16.59 77.53 15.80
CA VAL J 870 -15.30 77.28 16.42
C VAL J 870 -14.28 78.31 15.93
N LEU J 871 -14.32 78.61 14.64
CA LEU J 871 -13.42 79.61 14.04
C LEU J 871 -13.74 81.02 14.54
N LEU J 872 -15.02 81.35 14.65
CA LEU J 872 -15.41 82.65 15.18
C LEU J 872 -14.91 82.87 16.61
N GLU J 873 -15.07 81.84 17.47
CA GLU J 873 -14.62 81.93 18.87
C GLU J 873 -13.11 81.96 19.03
N LYS J 874 -12.41 81.12 18.27
CA LYS J 874 -10.94 80.96 18.37
C LYS J 874 -10.13 82.24 17.97
N THR J 875 -10.53 82.86 16.85
CA THR J 875 -9.76 83.95 16.27
C THR J 875 -10.31 85.36 16.58
N PHE J 876 -11.61 85.48 16.87
CA PHE J 876 -12.23 86.78 17.11
C PHE J 876 -12.67 86.99 18.55
N ILE J 877 -13.44 86.05 19.06
CA ILE J 877 -14.03 86.24 20.37
C ILE J 877 -12.99 86.14 21.49
N LYS J 878 -12.23 85.04 21.51
CA LYS J 878 -11.18 84.87 22.53
C LYS J 878 -10.23 86.08 22.62
N PRO J 879 -9.64 86.57 21.54
CA PRO J 879 -8.81 87.78 21.65
C PRO J 879 -9.58 88.98 22.16
N LEU J 880 -10.79 89.24 21.63
CA LEU J 880 -11.67 90.32 22.09
C LEU J 880 -11.93 90.32 23.59
N GLU J 881 -12.23 89.14 24.15
CA GLU J 881 -12.49 89.02 25.59
C GLU J 881 -11.26 89.42 26.38
N GLY J 882 -10.10 89.29 25.76
CA GLY J 882 -8.85 89.73 26.32
C GLY J 882 -8.74 91.23 26.38
N PHE J 883 -8.92 91.91 25.25
CA PHE J 883 -8.93 93.37 25.25
C PHE J 883 -9.99 93.92 26.23
N THR J 884 -11.22 93.41 26.12
CA THR J 884 -12.32 94.02 26.86
C THR J 884 -12.18 93.75 28.35
N SER J 885 -11.86 92.49 28.68
CA SER J 885 -11.46 92.09 30.01
C SER J 885 -10.48 93.08 30.61
N ALA J 886 -9.38 93.34 29.92
CA ALA J 886 -8.35 94.25 30.38
C ALA J 886 -8.84 95.69 30.46
N ALA J 887 -9.63 96.07 29.46
CA ALA J 887 -10.10 97.43 29.30
C ALA J 887 -11.29 97.75 30.23
N LYS J 888 -11.78 96.72 30.93
CA LYS J 888 -12.97 96.87 31.78
C LYS J 888 -14.19 97.38 30.98
N LEU J 889 -14.56 96.60 29.98
CA LEU J 889 -15.56 96.93 28.98
C LEU J 889 -16.23 95.65 28.48
N ASP J 890 -17.56 95.65 28.41
CA ASP J 890 -18.27 94.50 27.86
C ASP J 890 -18.63 94.67 26.37
N TYR J 891 -18.28 93.67 25.55
CA TYR J 891 -18.63 93.70 24.14
C TYR J 891 -20.05 93.17 23.83
N GLU J 892 -20.64 92.42 24.76
CA GLU J 892 -22.07 92.09 24.73
C GLU J 892 -22.77 92.76 25.89
N LYS J 893 -24.04 92.47 26.11
CA LYS J 893 -24.73 93.01 27.28
C LYS J 893 -25.01 92.01 28.40
N LYS J 894 -25.38 92.54 29.57
CA LYS J 894 -25.35 91.76 30.81
C LYS J 894 -26.63 91.77 31.65
N ALA J 895 -26.70 90.86 32.62
CA ALA J 895 -27.67 90.96 33.70
C ALA J 895 -27.02 91.69 34.89
N SER J 896 -26.33 92.82 34.59
CA SER J 896 -25.53 93.62 35.54
C SER J 896 -24.34 92.87 36.14
N LEU J 897 -23.14 93.42 35.94
CA LEU J 897 -21.94 92.60 35.89
C LEU J 897 -21.25 92.13 37.15
N PHE J 898 -21.52 90.85 37.42
CA PHE J 898 -20.69 90.02 38.27
C PHE J 898 -19.94 88.97 37.41
N ASP J 899 -20.00 89.12 36.08
CA ASP J 899 -19.32 88.18 35.15
C ASP J 899 -17.80 88.29 35.28
N MET J 900 -17.33 89.47 35.71
CA MET J 900 -15.96 89.63 36.20
C MET J 900 -15.87 88.81 37.49
N PHE J 901 -14.67 88.69 38.06
CA PHE J 901 -14.44 87.89 39.29
C PHE J 901 -14.39 86.38 39.03
N ASP J 902 -13.58 85.68 39.81
CA ASP J 902 -13.52 84.22 39.73
C ASP J 902 -14.69 83.61 40.50
N PHE J 903 -15.89 83.83 39.97
CA PHE J 903 -17.13 83.24 40.51
C PHE J 903 -17.43 83.60 41.97
N MET K 1 41.01 -64.27 -40.53
CA MET K 1 40.50 -65.62 -40.15
C MET K 1 41.64 -66.67 -40.20
N LYS K 2 41.51 -67.72 -39.37
CA LYS K 2 42.42 -68.86 -39.41
C LYS K 2 41.68 -70.11 -39.82
N GLU K 3 42.45 -71.10 -40.26
CA GLU K 3 41.91 -72.30 -40.90
C GLU K 3 41.18 -73.22 -39.91
N PHE K 4 40.18 -73.93 -40.41
CA PHE K 4 39.48 -74.97 -39.65
C PHE K 4 39.12 -76.10 -40.59
N TYR K 5 39.03 -77.31 -40.06
CA TYR K 5 38.62 -78.44 -40.87
C TYR K 5 37.14 -78.40 -41.26
N LEU K 6 36.81 -79.23 -42.24
CA LEU K 6 35.44 -79.44 -42.69
C LEU K 6 35.05 -80.89 -42.36
N THR K 7 35.78 -81.82 -42.97
CA THR K 7 35.66 -83.25 -42.69
C THR K 7 37.05 -83.86 -42.63
N VAL K 8 37.15 -85.03 -42.01
CA VAL K 8 38.39 -85.82 -42.03
C VAL K 8 38.06 -87.30 -42.01
N GLU K 9 38.87 -88.08 -42.73
CA GLU K 9 38.69 -89.52 -42.84
C GLU K 9 40.03 -90.20 -42.88
N GLN K 10 40.09 -91.40 -42.32
CA GLN K 10 41.26 -92.22 -42.53
C GLN K 10 40.88 -93.29 -43.56
N ILE K 11 41.61 -93.25 -44.69
CA ILE K 11 41.57 -94.26 -45.75
C ILE K 11 42.95 -94.96 -45.72
N GLY K 12 42.96 -96.22 -45.30
CA GLY K 12 44.20 -96.95 -45.10
C GLY K 12 45.23 -96.17 -44.30
N ASP K 13 46.25 -95.67 -44.97
CA ASP K 13 47.39 -95.02 -44.33
C ASP K 13 47.41 -93.53 -44.58
N SER K 14 46.32 -93.00 -45.12
CA SER K 14 46.23 -91.57 -45.36
C SER K 14 45.14 -90.91 -44.51
N ILE K 15 45.40 -89.71 -44.00
CA ILE K 15 44.28 -88.85 -43.63
C ILE K 15 43.79 -88.08 -44.88
N PHE K 16 42.49 -88.15 -45.15
CA PHE K 16 41.89 -87.25 -46.13
C PHE K 16 41.12 -86.18 -45.38
N GLU K 17 41.58 -84.95 -45.52
CA GLU K 17 41.01 -83.80 -44.86
C GLU K 17 40.47 -82.78 -45.88
N ARG K 18 39.22 -82.37 -45.68
CA ARG K 18 38.67 -81.23 -46.41
C ARG K 18 38.66 -80.09 -45.43
N TYR K 19 39.07 -78.89 -45.86
CA TYR K 19 39.23 -77.79 -44.91
C TYR K 19 39.20 -76.39 -45.54
N ILE K 20 38.87 -75.41 -44.70
CA ILE K 20 38.87 -74.01 -45.11
C ILE K 20 40.21 -73.42 -44.69
N ASP K 21 40.86 -72.67 -45.57
CA ASP K 21 42.23 -72.22 -45.35
C ASP K 21 42.38 -70.74 -44.99
N SER K 22 43.62 -70.34 -44.75
CA SER K 22 43.91 -69.00 -44.26
C SER K 22 43.24 -67.86 -45.06
N ASN K 23 43.05 -68.05 -46.37
CA ASN K 23 42.37 -67.05 -47.22
C ASN K 23 40.91 -67.38 -47.58
N GLY K 24 40.28 -68.24 -46.76
CA GLY K 24 38.88 -68.62 -46.89
C GLY K 24 38.48 -69.63 -47.96
N ARG K 25 39.46 -70.21 -48.65
CA ARG K 25 39.19 -71.17 -49.71
C ARG K 25 39.14 -72.60 -49.18
N GLU K 26 38.22 -73.39 -49.72
CA GLU K 26 38.11 -74.81 -49.39
C GLU K 26 39.09 -75.64 -50.23
N ARG K 27 39.97 -76.37 -49.55
CA ARG K 27 40.93 -77.25 -50.21
C ARG K 27 40.81 -78.65 -49.62
N THR K 28 41.47 -79.62 -50.26
CA THR K 28 41.64 -80.99 -49.73
C THR K 28 43.11 -81.39 -49.68
N ARG K 29 43.58 -81.83 -48.52
CA ARG K 29 44.90 -82.44 -48.50
C ARG K 29 44.81 -83.91 -48.12
N GLU K 30 45.73 -84.67 -48.69
CA GLU K 30 46.02 -86.03 -48.26
C GLU K 30 47.27 -85.97 -47.40
N VAL K 31 47.27 -86.74 -46.31
CA VAL K 31 48.41 -86.79 -45.41
C VAL K 31 48.75 -88.19 -44.95
N GLU K 32 49.99 -88.61 -45.22
CA GLU K 32 50.56 -89.82 -44.63
C GLU K 32 50.82 -89.60 -43.15
N TYR K 33 49.74 -89.38 -42.38
CA TYR K 33 49.86 -89.14 -40.95
C TYR K 33 50.63 -90.26 -40.21
N LYS K 34 51.50 -89.84 -39.30
CA LYS K 34 52.28 -90.77 -38.50
C LYS K 34 51.87 -90.64 -37.07
N PRO K 35 51.11 -91.61 -36.58
CA PRO K 35 50.63 -91.55 -35.20
C PRO K 35 51.72 -91.89 -34.23
N SER K 36 51.44 -91.56 -32.98
CA SER K 36 52.27 -91.92 -31.87
C SER K 36 51.37 -92.52 -30.82
N LEU K 37 51.86 -93.54 -30.12
CA LEU K 37 51.16 -94.07 -28.97
C LEU K 37 52.20 -94.12 -27.86
N PHE K 38 51.86 -94.75 -26.72
CA PHE K 38 52.69 -94.66 -25.53
C PHE K 38 52.67 -95.96 -24.78
N ALA K 39 53.71 -96.20 -23.99
CA ALA K 39 53.81 -97.40 -23.18
C ALA K 39 54.65 -97.07 -21.96
N HIS K 40 54.42 -97.77 -20.86
CA HIS K 40 55.17 -97.48 -19.64
C HIS K 40 56.66 -97.68 -19.86
N CYS K 41 57.44 -96.90 -19.12
CA CYS K 41 58.90 -97.01 -19.11
C CYS K 41 59.44 -96.87 -17.69
N PRO K 42 60.65 -97.38 -17.45
CA PRO K 42 61.36 -97.10 -16.19
C PRO K 42 61.39 -95.62 -15.80
N GLU K 43 61.06 -95.40 -14.53
CA GLU K 43 61.38 -94.18 -13.77
C GLU K 43 62.60 -93.41 -14.31
N SER K 44 63.71 -94.13 -14.53
CA SER K 44 65.02 -93.56 -14.88
C SER K 44 65.06 -92.79 -16.22
N GLN K 45 64.11 -93.09 -17.10
CA GLN K 45 64.05 -92.56 -18.46
C GLN K 45 62.98 -91.47 -18.53
N ALA K 46 62.85 -90.71 -17.44
CA ALA K 46 61.76 -89.72 -17.32
C ALA K 46 61.75 -88.70 -18.46
N THR K 47 60.73 -88.85 -19.30
CA THR K 47 60.52 -88.05 -20.48
C THR K 47 59.78 -86.76 -20.17
N LYS K 48 58.94 -86.34 -21.12
CA LYS K 48 58.00 -85.26 -20.97
C LYS K 48 56.58 -85.83 -20.76
N TYR K 49 56.43 -87.14 -20.88
CA TYR K 49 55.12 -87.79 -20.97
C TYR K 49 54.72 -88.65 -19.77
N PHE K 50 53.61 -88.29 -19.10
CA PHE K 50 53.12 -89.00 -17.92
C PHE K 50 51.67 -89.37 -18.08
N ASP K 51 51.29 -90.51 -17.52
CA ASP K 51 49.90 -90.91 -17.63
C ASP K 51 49.08 -90.28 -16.50
N ILE K 52 47.78 -90.50 -16.45
CA ILE K 52 46.99 -89.80 -15.43
C ILE K 52 47.40 -90.24 -13.98
N TYR K 53 47.94 -91.44 -13.86
CA TYR K 53 48.42 -91.94 -12.57
C TYR K 53 49.79 -91.35 -12.24
N GLY K 54 50.34 -90.57 -13.18
CA GLY K 54 51.62 -89.92 -13.00
C GLY K 54 52.82 -90.84 -13.15
N LYS K 55 52.69 -91.83 -14.01
CA LYS K 55 53.78 -92.76 -14.31
C LYS K 55 54.36 -92.35 -15.65
N PRO K 56 55.67 -92.44 -15.84
CA PRO K 56 56.28 -92.01 -17.10
C PRO K 56 55.98 -92.97 -18.24
N CYS K 57 55.77 -92.43 -19.45
CA CYS K 57 55.69 -93.23 -20.67
C CYS K 57 56.72 -92.86 -21.70
N THR K 58 57.14 -93.83 -22.50
CA THR K 58 57.90 -93.56 -23.72
C THR K 58 56.94 -93.36 -24.90
N ARG K 59 57.26 -92.43 -25.78
CA ARG K 59 56.47 -92.18 -26.99
C ARG K 59 56.90 -93.19 -28.04
N LYS K 60 55.95 -93.89 -28.66
CA LYS K 60 56.28 -94.68 -29.85
C LYS K 60 55.67 -94.02 -31.10
N LEU K 61 56.54 -93.67 -32.03
CA LEU K 61 56.14 -93.02 -33.27
C LEU K 61 56.24 -93.98 -34.44
N PHE K 62 55.17 -94.11 -35.23
CA PHE K 62 55.07 -95.14 -36.26
C PHE K 62 55.26 -94.61 -37.69
N ALA K 63 55.81 -95.46 -38.57
CA ALA K 63 55.93 -95.17 -39.99
C ALA K 63 54.56 -94.83 -40.58
N ASN K 64 53.51 -95.45 -40.05
CA ASN K 64 52.17 -95.27 -40.60
C ASN K 64 51.09 -95.76 -39.66
N MET K 65 49.85 -95.62 -40.09
CA MET K 65 48.70 -95.88 -39.21
C MET K 65 48.39 -97.37 -39.06
N ARG K 66 48.55 -98.13 -40.14
CA ARG K 66 48.36 -99.56 -40.08
C ARG K 66 49.34 -100.14 -39.05
N ASP K 67 50.57 -99.62 -39.00
CA ASP K 67 51.59 -100.10 -38.06
C ASP K 67 51.26 -99.78 -36.62
N ALA K 68 50.68 -98.62 -36.39
CA ALA K 68 50.34 -98.18 -35.06
C ALA K 68 49.12 -98.97 -34.62
N SER K 69 48.33 -99.42 -35.59
CA SER K 69 47.08 -100.06 -35.30
C SER K 69 47.29 -101.53 -35.03
N GLN K 70 48.30 -102.09 -35.67
CA GLN K 70 48.68 -103.48 -35.48
C GLN K 70 49.49 -103.66 -34.19
N TRP K 71 50.07 -102.57 -33.71
CA TRP K 71 50.76 -102.55 -32.44
C TRP K 71 49.74 -102.67 -31.30
N ILE K 72 48.76 -101.75 -31.29
CA ILE K 72 47.63 -101.80 -30.35
C ILE K 72 47.06 -103.23 -30.28
N LYS K 73 46.73 -103.76 -31.44
CA LYS K 73 46.19 -105.10 -31.62
C LYS K 73 47.08 -106.12 -30.92
N ARG K 74 48.37 -106.17 -31.24
CA ARG K 74 49.23 -107.12 -30.56
C ARG K 74 49.53 -106.82 -29.07
N MET K 75 49.38 -105.58 -28.63
CA MET K 75 49.50 -105.23 -27.21
C MET K 75 48.32 -105.73 -26.40
N GLU K 76 47.10 -105.50 -26.93
CA GLU K 76 45.85 -106.05 -26.41
C GLU K 76 46.01 -107.56 -26.18
N ASP K 77 46.51 -108.25 -27.19
CA ASP K 77 46.73 -109.70 -27.18
C ASP K 77 47.57 -110.20 -26.02
N ILE K 78 48.46 -109.34 -25.55
CA ILE K 78 49.52 -109.71 -24.61
C ILE K 78 49.18 -109.16 -23.20
N GLY K 79 48.10 -108.37 -23.17
CA GLY K 79 47.57 -107.83 -21.93
C GLY K 79 48.39 -106.66 -21.45
N LEU K 80 49.07 -106.00 -22.38
CA LEU K 80 49.95 -104.92 -22.03
C LEU K 80 49.23 -103.65 -22.45
N GLU K 81 49.52 -102.56 -21.74
CA GLU K 81 48.78 -101.33 -21.97
C GLU K 81 49.36 -100.57 -23.16
N ALA K 82 48.48 -100.27 -24.11
CA ALA K 82 48.78 -99.44 -25.26
C ALA K 82 48.06 -98.15 -24.96
N LEU K 83 48.79 -97.16 -24.46
CA LEU K 83 48.23 -95.88 -24.08
C LEU K 83 48.27 -94.95 -25.25
N GLY K 84 47.49 -93.88 -25.21
CA GLY K 84 47.50 -92.88 -26.27
C GLY K 84 46.16 -92.76 -26.96
N MET K 85 45.99 -91.79 -27.85
CA MET K 85 44.71 -91.70 -28.57
C MET K 85 44.63 -92.71 -29.72
N ASP K 86 43.91 -93.81 -29.52
CA ASP K 86 43.84 -94.88 -30.52
C ASP K 86 43.03 -94.56 -31.76
N ASP K 87 42.25 -93.47 -31.74
CA ASP K 87 41.52 -93.02 -32.93
C ASP K 87 42.29 -91.91 -33.67
N PHE K 88 42.89 -92.26 -34.79
CA PHE K 88 43.90 -91.40 -35.44
C PHE K 88 43.29 -90.13 -36.05
N LYS K 89 42.01 -90.14 -36.37
CA LYS K 89 41.40 -88.92 -36.90
C LYS K 89 41.44 -87.84 -35.83
N LEU K 90 41.04 -88.17 -34.61
CA LEU K 90 41.02 -87.24 -33.47
C LEU K 90 42.41 -86.77 -33.06
N ALA K 91 43.42 -87.61 -33.28
CA ALA K 91 44.82 -87.25 -33.05
C ALA K 91 45.32 -86.23 -34.09
N TYR K 92 45.02 -86.49 -35.36
CA TYR K 92 45.45 -85.63 -36.45
C TYR K 92 44.83 -84.25 -36.25
N LEU K 93 43.51 -84.28 -36.01
CA LEU K 93 42.73 -83.08 -35.77
C LEU K 93 43.28 -82.30 -34.57
N SER K 94 43.72 -83.03 -33.55
CA SER K 94 44.28 -82.39 -32.38
C SER K 94 45.64 -81.75 -32.69
N ASP K 95 46.48 -82.46 -33.47
CA ASP K 95 47.81 -81.95 -33.83
C ASP K 95 47.71 -80.77 -34.74
N THR K 96 46.71 -80.80 -35.62
CA THR K 96 46.64 -79.85 -36.70
C THR K 96 45.89 -78.60 -36.24
N TYR K 97 45.02 -78.73 -35.26
CA TYR K 97 44.31 -77.58 -34.76
C TYR K 97 44.55 -77.47 -33.27
N ASN K 98 45.78 -77.11 -32.94
CA ASN K 98 46.25 -76.92 -31.58
C ASN K 98 45.85 -75.53 -31.19
N TYR K 99 44.54 -75.31 -31.17
CA TYR K 99 43.96 -74.01 -30.80
C TYR K 99 42.42 -74.08 -30.78
N GLU K 100 41.78 -73.09 -30.19
CA GLU K 100 40.34 -72.98 -30.28
C GLU K 100 39.93 -72.61 -31.71
N ILE K 101 39.20 -73.52 -32.34
CA ILE K 101 38.73 -73.33 -33.70
C ILE K 101 37.65 -72.24 -33.83
N LYS K 102 37.99 -71.14 -34.47
CA LYS K 102 37.03 -70.10 -34.75
C LYS K 102 36.44 -70.42 -36.10
N TYR K 103 35.35 -71.18 -36.13
CA TYR K 103 34.79 -71.58 -37.42
C TYR K 103 33.90 -70.49 -38.05
N ASP K 104 33.59 -70.61 -39.34
CA ASP K 104 32.73 -69.67 -40.07
C ASP K 104 31.70 -70.41 -40.89
N HIS K 105 30.48 -70.51 -40.35
CA HIS K 105 29.41 -71.32 -40.96
C HIS K 105 29.09 -70.92 -42.39
N THR K 106 29.32 -69.66 -42.76
CA THR K 106 29.02 -69.21 -44.11
C THR K 106 29.95 -69.86 -45.12
N LYS K 107 31.12 -70.29 -44.66
CA LYS K 107 32.07 -70.98 -45.53
C LYS K 107 31.82 -72.48 -45.61
N ILE K 108 30.81 -72.97 -44.91
CA ILE K 108 30.57 -74.41 -44.77
C ILE K 108 29.39 -74.85 -45.62
N ARG K 109 29.65 -75.64 -46.65
CA ARG K 109 28.57 -76.07 -47.50
C ARG K 109 27.63 -77.03 -46.77
N VAL K 110 26.50 -76.51 -46.32
CA VAL K 110 25.52 -77.42 -45.79
C VAL K 110 24.44 -77.64 -46.82
N ALA K 111 24.39 -78.85 -47.37
CA ALA K 111 23.39 -79.22 -48.37
C ALA K 111 22.24 -79.99 -47.74
N ASN K 112 21.11 -79.96 -48.42
CA ASN K 112 19.84 -80.37 -47.88
C ASN K 112 19.01 -80.79 -49.07
N PHE K 113 18.66 -82.08 -49.15
CA PHE K 113 17.99 -82.59 -50.35
C PHE K 113 16.88 -83.63 -50.17
N ASP K 114 16.06 -83.81 -51.22
CA ASP K 114 14.99 -84.80 -51.21
C ASP K 114 14.73 -85.32 -52.61
N ILE K 115 14.33 -86.59 -52.68
CA ILE K 115 13.99 -87.20 -53.95
C ILE K 115 12.55 -87.74 -54.00
N GLU K 116 12.09 -88.00 -55.22
CA GLU K 116 10.80 -88.62 -55.48
C GLU K 116 11.03 -89.79 -56.41
N VAL K 117 10.29 -90.88 -56.18
CA VAL K 117 10.46 -92.12 -56.92
C VAL K 117 9.08 -92.77 -57.16
N THR K 118 8.55 -92.64 -58.36
CA THR K 118 7.21 -93.19 -58.62
C THR K 118 7.28 -94.71 -58.69
N SER K 119 6.35 -95.34 -57.97
CA SER K 119 6.31 -96.79 -57.83
C SER K 119 4.90 -97.38 -57.97
N PRO K 120 4.71 -98.28 -58.95
CA PRO K 120 3.59 -99.23 -58.92
C PRO K 120 3.62 -100.27 -57.78
N ASP K 121 4.51 -100.14 -56.77
CA ASP K 121 4.58 -101.09 -55.65
C ASP K 121 4.49 -100.48 -54.25
N GLY K 122 4.96 -101.23 -53.25
CA GLY K 122 5.15 -100.71 -51.89
C GLY K 122 6.36 -99.81 -51.94
N PHE K 123 6.91 -99.45 -50.77
CA PHE K 123 8.10 -98.60 -50.77
C PHE K 123 9.12 -99.07 -51.85
N PRO K 124 9.66 -98.12 -52.62
CA PRO K 124 10.90 -98.38 -53.38
C PRO K 124 12.06 -98.72 -52.48
N GLU K 125 12.34 -100.01 -52.26
CA GLU K 125 13.47 -100.34 -51.40
C GLU K 125 14.76 -99.81 -52.01
N PRO K 126 15.51 -99.00 -51.27
CA PRO K 126 16.69 -98.33 -51.81
C PRO K 126 17.87 -99.26 -52.13
N SER K 127 17.96 -100.42 -51.47
CA SER K 127 19.08 -101.33 -51.69
C SER K 127 19.03 -101.97 -53.07
N GLN K 128 17.87 -101.85 -53.70
CA GLN K 128 17.65 -102.40 -55.02
C GLN K 128 17.61 -101.27 -56.03
N ALA K 129 16.79 -100.26 -55.74
CA ALA K 129 16.57 -99.09 -56.60
C ALA K 129 16.19 -99.46 -58.04
N LYS K 130 15.07 -100.16 -58.19
CA LYS K 130 14.60 -100.61 -59.49
C LYS K 130 13.86 -99.50 -60.26
N HIS K 131 13.36 -98.51 -59.54
CA HIS K 131 12.60 -97.45 -60.19
C HIS K 131 13.40 -96.17 -60.38
N PRO K 132 13.08 -95.45 -61.46
CA PRO K 132 13.73 -94.17 -61.78
C PRO K 132 13.60 -93.14 -60.67
N ILE K 133 14.58 -92.26 -60.57
CA ILE K 133 14.44 -91.09 -59.71
C ILE K 133 13.77 -90.06 -60.62
N ASP K 134 12.53 -89.72 -60.33
CA ASP K 134 11.84 -88.87 -61.27
C ASP K 134 11.85 -87.38 -60.86
N ALA K 135 12.46 -87.08 -59.70
CA ALA K 135 12.62 -85.73 -59.18
C ALA K 135 13.71 -85.66 -58.10
N ILE K 136 14.42 -84.53 -58.02
CA ILE K 136 15.40 -84.26 -56.95
C ILE K 136 15.43 -82.78 -56.64
N THR K 137 15.17 -82.38 -55.40
CA THR K 137 15.48 -81.00 -54.99
C THR K 137 16.73 -80.98 -54.09
N HIS K 138 17.61 -80.00 -54.33
CA HIS K 138 18.88 -79.92 -53.59
C HIS K 138 19.14 -78.47 -53.19
N TYR K 139 18.91 -78.14 -51.93
CA TYR K 139 19.22 -76.80 -51.48
C TYR K 139 20.66 -76.78 -51.04
N ASP K 140 21.36 -75.71 -51.39
CA ASP K 140 22.77 -75.55 -51.06
C ASP K 140 22.90 -74.24 -50.26
N SER K 141 23.53 -74.30 -49.09
CA SER K 141 23.61 -73.15 -48.21
C SER K 141 24.43 -71.98 -48.73
N ILE K 142 25.51 -72.26 -49.49
CA ILE K 142 26.39 -71.19 -49.96
C ILE K 142 25.69 -70.36 -51.04
N ASP K 143 25.17 -71.03 -52.06
CA ASP K 143 24.40 -70.38 -53.11
C ASP K 143 23.06 -69.85 -52.64
N ASP K 144 22.50 -70.52 -51.63
CA ASP K 144 21.17 -70.17 -51.09
C ASP K 144 20.14 -70.35 -52.20
N ARG K 145 20.19 -71.51 -52.85
CA ARG K 145 19.35 -71.81 -54.01
C ARG K 145 18.78 -73.24 -53.96
N PHE K 146 17.58 -73.43 -54.52
CA PHE K 146 17.02 -74.78 -54.62
C PHE K 146 17.13 -75.31 -56.04
N TYR K 147 17.92 -76.36 -56.20
CA TYR K 147 18.12 -76.95 -57.50
C TYR K 147 17.17 -78.12 -57.69
N VAL K 148 16.27 -77.97 -58.65
CA VAL K 148 15.23 -78.94 -58.92
C VAL K 148 15.56 -79.65 -60.22
N PHE K 149 15.82 -80.94 -60.12
CA PHE K 149 16.07 -81.78 -61.28
C PHE K 149 14.82 -82.58 -61.50
N ASP K 150 14.18 -82.37 -62.65
CA ASP K 150 12.82 -82.85 -62.90
C ASP K 150 12.83 -83.76 -64.11
N LEU K 151 12.56 -85.04 -63.89
CA LEU K 151 12.52 -86.02 -64.98
C LEU K 151 11.19 -85.96 -65.75
N LEU K 152 11.26 -85.60 -67.03
CA LEU K 152 10.06 -85.39 -67.83
C LEU K 152 9.50 -86.66 -68.42
N ASN K 153 10.40 -87.57 -68.82
CA ASN K 153 10.00 -88.83 -69.42
C ASN K 153 10.58 -90.02 -68.69
N SER K 154 9.69 -90.97 -68.38
CA SER K 154 10.04 -92.16 -67.59
C SER K 154 9.06 -93.25 -67.99
N PRO K 155 9.42 -94.50 -67.72
CA PRO K 155 8.58 -95.62 -68.18
C PRO K 155 7.22 -95.58 -67.51
N TYR K 156 7.06 -94.65 -66.56
CA TYR K 156 5.85 -94.52 -65.75
C TYR K 156 4.99 -93.34 -66.16
N GLY K 157 5.42 -92.64 -67.22
CA GLY K 157 4.67 -91.55 -67.81
C GLY K 157 5.51 -90.45 -68.45
N ASN K 158 4.85 -89.65 -69.28
CA ASN K 158 5.47 -88.48 -69.88
C ASN K 158 4.61 -87.27 -69.54
N VAL K 159 5.24 -86.23 -69.02
CA VAL K 159 4.55 -85.09 -68.44
C VAL K 159 5.29 -83.84 -68.87
N GLU K 160 4.66 -82.67 -68.80
CA GLU K 160 5.35 -81.43 -69.21
C GLU K 160 6.10 -80.73 -68.08
N GLU K 161 6.82 -79.66 -68.44
CA GLU K 161 7.61 -78.84 -67.51
C GLU K 161 6.81 -78.40 -66.29
N TRP K 162 7.51 -77.87 -65.31
CA TRP K 162 6.88 -77.42 -64.08
C TRP K 162 6.82 -75.91 -64.15
N SER K 163 5.63 -75.38 -63.96
CA SER K 163 5.41 -73.95 -64.00
C SER K 163 5.72 -73.31 -62.66
N ILE K 164 6.78 -72.52 -62.60
CA ILE K 164 7.05 -71.75 -61.38
C ILE K 164 5.91 -70.78 -61.01
N GLU K 165 5.24 -70.19 -62.00
CA GLU K 165 4.16 -69.24 -61.73
C GLU K 165 2.84 -69.85 -61.21
N ILE K 166 2.54 -71.09 -61.61
CA ILE K 166 1.43 -71.84 -61.03
C ILE K 166 1.77 -72.29 -59.61
N ALA K 167 3.01 -72.75 -59.42
CA ALA K 167 3.51 -73.20 -58.12
C ALA K 167 3.24 -72.18 -57.01
N ALA K 168 3.51 -70.91 -57.34
CA ALA K 168 3.34 -69.76 -56.46
C ALA K 168 1.88 -69.56 -56.08
N LYS K 169 1.00 -69.88 -57.03
CA LYS K 169 -0.41 -69.51 -56.90
C LYS K 169 -1.10 -70.16 -55.69
N LEU K 170 -2.31 -69.71 -55.39
CA LEU K 170 -3.04 -70.25 -54.25
C LEU K 170 -3.77 -71.56 -54.59
N GLN K 171 -3.79 -72.45 -53.61
CA GLN K 171 -4.46 -73.74 -53.66
C GLN K 171 -5.85 -73.66 -54.33
N GLU K 172 -6.59 -72.58 -54.07
CA GLU K 172 -7.95 -72.41 -54.58
C GLU K 172 -8.04 -72.05 -56.08
N GLN K 173 -6.90 -71.84 -56.73
CA GLN K 173 -6.93 -71.59 -58.18
C GLN K 173 -5.80 -72.23 -59.01
N GLY K 174 -5.42 -73.45 -58.64
CA GLY K 174 -4.45 -74.22 -59.38
C GLY K 174 -3.13 -74.29 -58.65
N GLY K 175 -2.78 -73.20 -57.97
CA GLY K 175 -1.48 -73.09 -57.33
C GLY K 175 -1.16 -74.23 -56.39
N ASP K 176 0.08 -74.24 -55.89
CA ASP K 176 0.53 -75.24 -54.92
C ASP K 176 1.07 -74.58 -53.63
N GLU K 177 0.76 -73.30 -53.44
CA GLU K 177 1.38 -72.44 -52.43
C GLU K 177 2.83 -72.80 -52.08
N VAL K 178 3.72 -72.61 -53.03
CA VAL K 178 5.13 -72.55 -52.69
C VAL K 178 5.38 -71.16 -52.10
N PRO K 179 5.84 -71.08 -50.85
CA PRO K 179 6.12 -69.80 -50.20
C PRO K 179 6.83 -68.82 -51.12
N SER K 180 6.43 -67.55 -51.06
CA SER K 180 7.02 -66.52 -51.90
C SER K 180 8.52 -66.28 -51.63
N GLU K 181 8.98 -66.43 -50.38
CA GLU K 181 10.41 -66.23 -50.04
C GLU K 181 11.39 -67.07 -50.85
N ILE K 182 11.01 -68.30 -51.19
CA ILE K 182 11.95 -69.20 -51.86
C ILE K 182 11.83 -69.26 -53.38
N ILE K 183 10.73 -68.79 -53.94
CA ILE K 183 10.52 -68.96 -55.37
C ILE K 183 11.46 -68.14 -56.26
N ASP K 184 11.97 -67.03 -55.73
CA ASP K 184 13.07 -66.31 -56.39
C ASP K 184 14.41 -67.05 -56.21
N LYS K 185 14.44 -68.13 -55.40
CA LYS K 185 15.64 -68.94 -55.20
C LYS K 185 15.59 -70.31 -55.88
N ILE K 186 14.61 -70.55 -56.72
CA ILE K 186 14.53 -71.84 -57.39
C ILE K 186 15.24 -71.81 -58.76
N ILE K 187 16.09 -72.80 -59.00
CA ILE K 187 16.75 -72.94 -60.30
C ILE K 187 16.31 -74.30 -60.86
N TYR K 188 15.38 -74.26 -61.81
CA TYR K 188 14.64 -75.43 -62.26
C TYR K 188 15.21 -76.03 -63.54
N MET K 189 15.57 -77.30 -63.48
CA MET K 189 16.14 -77.97 -64.64
C MET K 189 15.30 -79.20 -65.04
N PRO K 190 14.65 -79.16 -66.20
CA PRO K 190 13.91 -80.34 -66.70
C PRO K 190 14.81 -81.29 -67.50
N PHE K 191 14.39 -82.54 -67.62
CA PHE K 191 15.24 -83.56 -68.22
C PHE K 191 14.53 -84.57 -69.12
N ASP K 192 15.12 -84.81 -70.27
CA ASP K 192 14.49 -85.63 -71.28
C ASP K 192 14.62 -87.13 -70.99
N ASN K 193 15.63 -87.50 -70.19
CA ASN K 193 15.84 -88.88 -69.77
C ASN K 193 16.58 -89.00 -68.42
N GLU K 194 16.35 -90.11 -67.71
CA GLU K 194 16.90 -90.29 -66.37
C GLU K 194 18.42 -90.27 -66.34
N LYS K 195 19.02 -90.98 -67.30
CA LYS K 195 20.48 -91.04 -67.46
C LYS K 195 21.06 -89.64 -67.44
N GLU K 196 20.45 -88.73 -68.23
CA GLU K 196 20.87 -87.34 -68.31
C GLU K 196 20.74 -86.58 -66.99
N LEU K 197 19.55 -86.63 -66.39
CA LEU K 197 19.32 -86.00 -65.09
C LEU K 197 20.36 -86.47 -64.10
N LEU K 198 20.55 -87.79 -64.03
CA LEU K 198 21.53 -88.38 -63.14
C LEU K 198 22.92 -87.82 -63.37
N MET K 199 23.38 -87.80 -64.61
CA MET K 199 24.75 -87.32 -64.89
C MET K 199 24.94 -85.83 -64.63
N GLU K 200 23.93 -85.04 -64.96
CA GLU K 200 24.00 -83.63 -64.62
C GLU K 200 24.05 -83.50 -63.10
N TYR K 201 23.30 -84.33 -62.38
CA TYR K 201 23.28 -84.26 -60.91
C TYR K 201 24.62 -84.61 -60.27
N LEU K 202 25.28 -85.63 -60.81
CA LEU K 202 26.56 -86.03 -60.26
C LEU K 202 27.60 -84.95 -60.52
N ASN K 203 27.41 -84.23 -61.63
CA ASN K 203 28.33 -83.17 -61.99
C ASN K 203 28.18 -81.97 -61.07
N PHE K 204 26.94 -81.57 -60.87
CA PHE K 204 26.57 -80.53 -59.95
C PHE K 204 27.16 -80.82 -58.55
N TRP K 205 27.08 -82.09 -58.14
CA TRP K 205 27.65 -82.60 -56.91
C TRP K 205 29.20 -82.54 -56.82
N GLN K 206 29.92 -82.66 -57.95
CA GLN K 206 31.38 -82.50 -57.89
C GLN K 206 31.73 -81.05 -57.63
N GLN K 207 30.91 -80.20 -58.22
CA GLN K 207 31.16 -78.78 -58.33
C GLN K 207 30.82 -78.15 -56.98
N LYS K 208 29.81 -78.69 -56.30
CA LYS K 208 29.33 -78.16 -55.03
C LYS K 208 29.11 -79.28 -54.03
N THR K 209 30.18 -79.94 -53.65
CA THR K 209 30.09 -81.10 -52.75
C THR K 209 29.70 -80.69 -51.33
N PRO K 210 28.59 -81.25 -50.81
CA PRO K 210 28.20 -81.04 -49.40
C PRO K 210 29.35 -81.28 -48.44
N VAL K 211 29.39 -80.48 -47.39
CA VAL K 211 30.32 -80.73 -46.30
C VAL K 211 29.47 -81.45 -45.31
N ILE K 212 28.34 -80.82 -45.03
CA ILE K 212 27.29 -81.41 -44.23
C ILE K 212 26.09 -81.71 -45.11
N LEU K 213 25.75 -83.00 -45.14
CA LEU K 213 24.62 -83.52 -45.86
C LEU K 213 23.49 -83.75 -44.87
N THR K 214 22.31 -83.21 -45.18
CA THR K 214 21.15 -83.39 -44.33
C THR K 214 19.82 -83.41 -45.11
N GLY K 215 18.72 -83.36 -44.36
CA GLY K 215 17.37 -83.49 -44.88
C GLY K 215 16.61 -84.47 -44.01
N TRP K 216 15.46 -84.91 -44.48
CA TRP K 216 14.62 -85.77 -43.68
C TRP K 216 14.56 -87.20 -44.21
N ASN K 217 15.20 -88.09 -43.45
CA ASN K 217 15.26 -89.50 -43.76
C ASN K 217 16.25 -89.71 -44.84
N VAL K 218 17.16 -88.76 -44.98
CA VAL K 218 18.15 -88.87 -46.04
C VAL K 218 19.17 -90.03 -45.85
N GLU K 219 19.49 -90.39 -44.61
CA GLU K 219 20.42 -91.50 -44.41
C GLU K 219 19.78 -92.84 -44.73
N SER K 220 18.54 -93.04 -44.32
CA SER K 220 17.91 -94.34 -44.54
C SER K 220 17.35 -94.55 -45.96
N PHE K 221 16.98 -93.47 -46.63
CA PHE K 221 16.40 -93.57 -47.96
C PHE K 221 17.17 -92.83 -49.06
N ALA K 222 17.05 -91.52 -49.11
CA ALA K 222 17.60 -90.73 -50.21
C ALA K 222 19.02 -91.16 -50.66
N ILE K 223 19.98 -91.16 -49.73
CA ILE K 223 21.37 -91.38 -50.07
C ILE K 223 21.57 -92.76 -50.69
N PRO K 224 21.24 -93.83 -49.99
CA PRO K 224 21.43 -95.15 -50.59
C PRO K 224 20.60 -95.28 -51.86
N TYR K 225 19.46 -94.61 -51.94
CA TYR K 225 18.66 -94.76 -53.14
C TYR K 225 19.34 -94.15 -54.32
N VAL K 226 19.94 -92.97 -54.16
CA VAL K 226 20.65 -92.40 -55.30
C VAL K 226 21.98 -93.12 -55.55
N TYR K 227 22.62 -93.62 -54.50
CA TYR K 227 23.87 -94.37 -54.64
C TYR K 227 23.66 -95.66 -55.44
N ASN K 228 22.72 -96.49 -55.00
CA ASN K 228 22.45 -97.77 -55.65
C ASN K 228 21.87 -97.63 -57.05
N ARG K 229 21.13 -96.55 -57.28
CA ARG K 229 20.52 -96.28 -58.60
C ARG K 229 21.62 -95.98 -59.62
N ILE K 230 22.49 -95.05 -59.25
CA ILE K 230 23.65 -94.72 -60.07
C ILE K 230 24.52 -95.96 -60.31
N LYS K 231 24.73 -96.74 -59.26
CA LYS K 231 25.42 -98.01 -59.38
C LYS K 231 24.73 -98.88 -60.45
N ASN K 232 23.41 -99.00 -60.34
CA ASN K 232 22.66 -99.90 -61.22
C ASN K 232 22.67 -99.51 -62.70
N ILE K 233 22.64 -98.22 -62.99
CA ILE K 233 22.66 -97.74 -64.37
C ILE K 233 24.09 -97.53 -64.88
N PHE K 234 24.97 -96.92 -64.09
CA PHE K 234 26.35 -96.69 -64.54
C PHE K 234 27.43 -97.68 -64.06
N GLY K 235 27.33 -98.19 -62.83
CA GLY K 235 28.38 -99.03 -62.26
C GLY K 235 28.92 -98.50 -60.93
N GLU K 236 29.47 -99.40 -60.10
CA GLU K 236 29.95 -99.01 -58.78
C GLU K 236 30.91 -97.80 -58.84
N SER K 237 31.90 -97.89 -59.71
CA SER K 237 32.94 -96.88 -59.81
C SER K 237 32.39 -95.47 -60.05
N THR K 238 31.32 -95.37 -60.81
CA THR K 238 30.71 -94.09 -61.16
C THR K 238 29.85 -93.55 -60.01
N ALA K 239 29.29 -94.46 -59.22
CA ALA K 239 28.46 -94.10 -58.08
C ALA K 239 29.33 -93.60 -56.93
N LYS K 240 30.56 -94.12 -56.84
CA LYS K 240 31.52 -93.69 -55.82
C LYS K 240 32.00 -92.23 -55.95
N ARG K 241 31.62 -91.56 -57.04
CA ARG K 241 31.98 -90.17 -57.31
C ARG K 241 31.16 -89.23 -56.40
N LEU K 242 30.24 -89.81 -55.64
CA LEU K 242 29.49 -89.08 -54.63
C LEU K 242 30.38 -88.73 -53.44
N SER K 243 31.52 -89.38 -53.33
CA SER K 243 32.44 -89.11 -52.24
C SER K 243 33.64 -88.34 -52.77
N PRO K 244 33.91 -87.14 -52.23
CA PRO K 244 35.07 -86.33 -52.65
C PRO K 244 36.41 -87.07 -52.66
N HIS K 245 36.48 -88.20 -51.96
CA HIS K 245 37.68 -89.00 -51.88
C HIS K 245 37.47 -90.29 -52.64
N ARG K 246 36.30 -90.41 -53.28
CA ARG K 246 35.98 -91.57 -54.10
C ARG K 246 35.97 -92.86 -53.27
N LYS K 247 35.51 -92.77 -52.04
CA LYS K 247 35.46 -93.93 -51.19
C LYS K 247 34.12 -94.04 -50.50
N THR K 248 33.51 -95.21 -50.58
CA THR K 248 32.25 -95.46 -49.91
C THR K 248 32.37 -96.81 -49.23
N ARG K 249 31.58 -96.99 -48.19
CA ARG K 249 31.51 -98.26 -47.47
C ARG K 249 30.01 -98.60 -47.38
N VAL K 250 29.65 -99.76 -47.93
CA VAL K 250 28.28 -100.23 -47.78
C VAL K 250 28.21 -101.02 -46.47
N LYS K 251 27.50 -100.45 -45.50
CA LYS K 251 27.26 -101.15 -44.25
C LYS K 251 26.61 -102.46 -44.67
N VAL K 252 27.32 -103.58 -44.51
CA VAL K 252 26.80 -104.87 -44.97
C VAL K 252 25.56 -105.35 -44.15
N ILE K 253 24.51 -104.53 -44.24
CA ILE K 253 23.09 -104.93 -44.33
C ILE K 253 22.30 -105.54 -43.14
N GLU K 254 21.02 -105.14 -43.06
CA GLU K 254 19.99 -105.88 -42.30
C GLU K 254 19.12 -106.67 -43.29
N ASN K 255 19.03 -107.98 -43.06
CA ASN K 255 18.35 -108.89 -43.98
C ASN K 255 17.46 -109.90 -43.26
N MET K 256 16.17 -109.59 -43.14
CA MET K 256 15.24 -110.52 -42.48
C MET K 256 13.91 -110.70 -43.24
N TYR K 257 13.27 -109.58 -43.58
CA TYR K 257 12.06 -109.53 -44.41
C TYR K 257 12.51 -109.29 -45.85
N GLY K 258 12.98 -108.06 -46.08
CA GLY K 258 13.58 -107.64 -47.34
C GLY K 258 14.99 -107.13 -47.07
N SER K 259 15.27 -105.87 -47.44
CA SER K 259 16.64 -105.33 -47.40
C SER K 259 16.75 -103.84 -47.08
N ARG K 260 17.76 -103.51 -46.28
CA ARG K 260 18.19 -102.13 -46.06
C ARG K 260 19.64 -102.07 -45.56
N GLU K 261 20.28 -100.96 -45.89
CA GLU K 261 21.62 -100.65 -45.39
C GLU K 261 21.85 -99.16 -45.42
N ILE K 262 22.84 -98.73 -44.62
CA ILE K 262 23.35 -97.37 -44.68
C ILE K 262 24.60 -97.39 -45.58
N ILE K 263 24.77 -96.30 -46.33
CA ILE K 263 25.96 -96.09 -47.12
C ILE K 263 26.78 -94.93 -46.54
N THR K 264 28.06 -95.20 -46.33
CA THR K 264 28.98 -94.18 -45.88
C THR K 264 29.67 -93.55 -47.07
N LEU K 265 29.54 -92.24 -47.20
CA LEU K 265 30.29 -91.46 -48.17
C LEU K 265 31.42 -90.71 -47.48
N PHE K 266 32.60 -91.28 -47.51
CA PHE K 266 33.76 -90.67 -46.90
C PHE K 266 34.02 -89.24 -47.42
N GLY K 267 34.28 -88.32 -46.50
CA GLY K 267 34.56 -86.95 -46.82
C GLY K 267 33.31 -86.11 -46.80
N ILE K 268 32.24 -86.67 -46.26
CA ILE K 268 30.98 -85.95 -46.13
C ILE K 268 30.46 -86.31 -44.75
N SER K 269 30.04 -85.31 -44.01
CA SER K 269 29.35 -85.52 -42.74
C SER K 269 27.84 -85.53 -42.94
N VAL K 270 27.24 -86.71 -42.83
CA VAL K 270 25.80 -86.83 -42.95
C VAL K 270 25.19 -86.63 -41.57
N LEU K 271 24.29 -85.66 -41.45
CA LEU K 271 23.45 -85.52 -40.26
C LEU K 271 22.01 -85.45 -40.67
N ASP K 272 21.33 -86.59 -40.68
CA ASP K 272 19.94 -86.65 -41.04
C ASP K 272 19.17 -85.77 -40.06
N TYR K 273 18.36 -84.85 -40.57
CA TYR K 273 17.61 -84.00 -39.63
C TYR K 273 16.67 -84.74 -38.64
N ILE K 274 16.16 -85.90 -39.05
CA ILE K 274 15.21 -86.64 -38.22
C ILE K 274 15.95 -87.15 -36.98
N ASP K 275 17.19 -87.62 -37.19
CA ASP K 275 18.04 -88.05 -36.10
C ASP K 275 18.48 -86.88 -35.24
N LEU K 276 18.78 -85.76 -35.87
CA LEU K 276 19.12 -84.56 -35.12
C LEU K 276 17.92 -84.16 -34.25
N TYR K 277 16.73 -84.17 -34.86
CA TYR K 277 15.50 -83.82 -34.15
C TYR K 277 15.16 -84.83 -33.05
N LYS K 278 15.31 -86.11 -33.35
CA LYS K 278 15.12 -87.16 -32.35
C LYS K 278 16.02 -86.99 -31.14
N LYS K 279 17.28 -86.58 -31.35
CA LYS K 279 18.23 -86.46 -30.23
C LYS K 279 18.17 -85.16 -29.43
N PHE K 280 17.79 -84.05 -30.06
CA PHE K 280 17.99 -82.75 -29.46
C PHE K 280 16.69 -82.00 -29.10
N SER K 281 15.54 -82.60 -29.37
CA SER K 281 14.29 -81.87 -29.19
C SER K 281 13.74 -82.05 -27.77
N PHE K 282 14.14 -83.13 -27.13
CA PHE K 282 13.80 -83.37 -25.73
C PHE K 282 12.28 -83.47 -25.45
N THR K 283 11.50 -83.57 -26.53
CA THR K 283 10.12 -84.08 -26.48
C THR K 283 10.03 -85.39 -27.25
N ASN K 284 9.32 -86.35 -26.69
CA ASN K 284 9.07 -87.60 -27.38
C ASN K 284 7.81 -87.45 -28.24
N GLN K 285 7.94 -87.37 -29.55
CA GLN K 285 6.75 -87.17 -30.39
C GLN K 285 5.99 -88.47 -30.78
N PRO K 286 4.69 -88.36 -31.06
CA PRO K 286 3.93 -89.51 -31.61
C PRO K 286 4.36 -89.92 -33.03
N SER K 287 4.89 -88.97 -33.79
CA SER K 287 5.40 -89.29 -35.12
C SER K 287 6.62 -88.43 -35.49
N TYR K 288 7.45 -88.97 -36.37
CA TYR K 288 8.62 -88.25 -36.86
C TYR K 288 8.62 -87.95 -38.37
N SER K 289 7.45 -88.12 -38.97
CA SER K 289 7.25 -87.73 -40.36
C SER K 289 7.40 -86.23 -40.53
N LEU K 290 8.12 -85.85 -41.57
CA LEU K 290 8.29 -84.43 -41.94
C LEU K 290 7.01 -83.62 -41.68
N ASP K 291 5.89 -84.11 -42.20
CA ASP K 291 4.57 -83.52 -42.01
C ASP K 291 4.27 -83.22 -40.60
N TYR K 292 4.39 -84.26 -39.77
CA TYR K 292 3.98 -84.17 -38.38
C TYR K 292 4.84 -83.17 -37.66
N ILE K 293 6.12 -83.24 -37.91
CA ILE K 293 7.03 -82.33 -37.24
C ILE K 293 6.89 -80.89 -37.81
N SER K 294 6.78 -80.72 -39.12
CA SER K 294 6.44 -79.41 -39.69
C SER K 294 5.20 -78.88 -38.98
N GLU K 295 4.10 -79.60 -39.14
CA GLU K 295 2.85 -79.21 -38.53
C GLU K 295 3.04 -78.83 -37.05
N PHE K 296 3.93 -79.54 -36.34
CA PHE K 296 4.16 -79.25 -34.93
C PHE K 296 4.98 -77.99 -34.69
N GLU K 297 6.11 -77.87 -35.42
CA GLU K 297 7.07 -76.78 -35.25
C GLU K 297 6.71 -75.44 -35.94
N LEU K 298 5.97 -75.50 -37.06
CA LEU K 298 5.67 -74.33 -37.88
C LEU K 298 4.18 -74.06 -38.12
N ASN K 299 3.29 -74.86 -37.54
CA ASN K 299 1.84 -74.74 -37.74
C ASN K 299 1.42 -74.75 -39.22
N VAL K 300 2.18 -75.42 -40.08
CA VAL K 300 1.87 -75.42 -41.50
C VAL K 300 1.21 -76.72 -41.90
N GLY K 301 -0.07 -76.58 -42.25
CA GLY K 301 -0.94 -77.66 -42.70
C GLY K 301 -0.27 -78.72 -43.55
N LYS K 302 -0.69 -79.96 -43.31
CA LYS K 302 -0.03 -81.18 -43.81
C LYS K 302 0.40 -81.19 -45.32
N LEU K 303 0.03 -80.17 -46.11
CA LEU K 303 0.41 -80.17 -47.52
C LEU K 303 -0.52 -81.11 -48.28
N LYS K 304 -1.83 -80.78 -48.33
CA LYS K 304 -2.89 -81.75 -48.68
C LYS K 304 -2.83 -82.48 -50.05
N TYR K 305 -3.82 -82.29 -50.95
CA TYR K 305 -3.85 -82.81 -52.36
C TYR K 305 -4.86 -83.93 -52.64
N ASP K 306 -4.96 -84.40 -53.89
CA ASP K 306 -6.06 -85.29 -54.34
C ASP K 306 -5.86 -86.81 -54.13
N GLY K 307 -5.93 -87.58 -55.22
CA GLY K 307 -5.80 -89.04 -55.21
C GLY K 307 -4.52 -89.67 -54.66
N PRO K 308 -4.33 -90.97 -54.93
CA PRO K 308 -3.33 -91.79 -54.21
C PRO K 308 -1.89 -91.65 -54.68
N ILE K 309 -1.02 -91.14 -53.80
CA ILE K 309 0.44 -90.97 -54.02
C ILE K 309 1.06 -91.79 -55.16
N SER K 310 0.59 -93.02 -55.34
CA SER K 310 1.15 -93.90 -56.36
C SER K 310 1.14 -93.24 -57.73
N LYS K 311 0.03 -92.58 -58.08
CA LYS K 311 -0.09 -91.87 -59.35
C LYS K 311 -0.14 -90.34 -59.23
N LEU K 312 0.62 -89.77 -58.30
CA LEU K 312 0.78 -88.30 -58.26
C LEU K 312 1.50 -87.69 -59.49
N ARG K 313 2.55 -88.34 -59.98
CA ARG K 313 3.26 -87.84 -61.15
C ARG K 313 2.46 -87.92 -62.47
N GLU K 314 1.71 -88.99 -62.67
CA GLU K 314 0.91 -89.15 -63.89
C GLU K 314 -0.19 -88.07 -63.95
N SER K 315 -0.96 -87.98 -62.88
CA SER K 315 -2.15 -87.14 -62.84
C SER K 315 -1.91 -85.65 -62.53
N ASN K 316 -0.81 -85.34 -61.84
CA ASN K 316 -0.62 -83.98 -61.34
C ASN K 316 0.82 -83.66 -61.07
N HIS K 317 1.64 -83.72 -62.11
CA HIS K 317 3.08 -83.54 -62.01
C HIS K 317 3.48 -82.18 -61.41
N GLN K 318 2.80 -81.11 -61.81
CA GLN K 318 2.94 -79.77 -61.21
C GLN K 318 2.94 -79.80 -59.67
N ARG K 319 1.93 -80.42 -59.08
CA ARG K 319 1.90 -80.65 -57.64
C ARG K 319 3.07 -81.51 -57.17
N TYR K 320 3.38 -82.58 -57.90
CA TYR K 320 4.44 -83.55 -57.56
C TYR K 320 5.83 -82.94 -57.42
N ILE K 321 6.15 -81.90 -58.19
CA ILE K 321 7.44 -81.24 -58.00
C ILE K 321 7.31 -80.31 -56.80
N SER K 322 6.30 -79.44 -56.83
CA SER K 322 6.03 -78.52 -55.73
C SER K 322 6.23 -79.13 -54.33
N TYR K 323 5.67 -80.33 -54.11
CA TYR K 323 5.79 -80.99 -52.80
C TYR K 323 7.21 -81.31 -52.45
N ASN K 324 7.96 -81.79 -53.44
CA ASN K 324 9.38 -82.08 -53.33
C ASN K 324 10.11 -80.80 -52.91
N ILE K 325 9.80 -79.70 -53.59
CA ILE K 325 10.43 -78.43 -53.28
C ILE K 325 10.09 -78.04 -51.84
N ILE K 326 8.79 -77.92 -51.53
CA ILE K 326 8.35 -77.64 -50.15
C ILE K 326 8.99 -78.62 -49.12
N ALA K 327 9.05 -79.91 -49.45
CA ALA K 327 9.71 -80.88 -48.58
C ALA K 327 11.10 -80.37 -48.16
N VAL K 328 11.93 -80.04 -49.13
CA VAL K 328 13.27 -79.56 -48.83
C VAL K 328 13.24 -78.30 -47.96
N TYR K 329 12.33 -77.37 -48.26
CA TYR K 329 12.21 -76.13 -47.50
C TYR K 329 11.75 -76.32 -46.05
N ARG K 330 10.82 -77.25 -45.83
CA ARG K 330 10.31 -77.52 -44.51
C ARG K 330 11.44 -77.82 -43.53
N VAL K 331 12.41 -78.63 -43.96
CA VAL K 331 13.55 -78.93 -43.09
C VAL K 331 14.35 -77.67 -42.78
N LEU K 332 14.63 -76.89 -43.82
CA LEU K 332 15.20 -75.56 -43.68
C LEU K 332 14.43 -74.69 -42.66
N GLN K 333 13.11 -74.75 -42.69
CA GLN K 333 12.29 -73.98 -41.73
C GLN K 333 12.38 -74.56 -40.31
N ILE K 334 12.46 -75.90 -40.21
CA ILE K 334 12.55 -76.50 -38.89
C ILE K 334 13.88 -76.09 -38.30
N ASP K 335 14.92 -76.20 -39.13
CA ASP K 335 16.26 -75.91 -38.67
C ASP K 335 16.48 -74.45 -38.23
N ALA K 336 15.78 -73.51 -38.87
CA ALA K 336 15.91 -72.09 -38.54
C ALA K 336 15.29 -71.81 -37.19
N LYS K 337 14.31 -72.62 -36.82
CA LYS K 337 13.71 -72.50 -35.50
C LYS K 337 14.58 -73.27 -34.47
N ARG K 338 15.12 -74.42 -34.89
CA ARG K 338 15.78 -75.31 -33.95
C ARG K 338 17.28 -75.19 -33.88
N GLN K 339 17.94 -74.83 -34.98
CA GLN K 339 19.37 -74.52 -34.95
C GLN K 339 20.26 -75.72 -34.59
N PHE K 340 19.83 -76.92 -34.98
CA PHE K 340 20.56 -78.14 -34.65
C PHE K 340 21.86 -78.32 -35.46
N ILE K 341 21.85 -77.93 -36.73
CA ILE K 341 23.07 -77.99 -37.55
C ILE K 341 24.14 -77.17 -36.85
N ASN K 342 23.77 -75.95 -36.51
CA ASN K 342 24.53 -75.08 -35.64
C ASN K 342 24.92 -75.60 -34.24
N LEU K 343 24.05 -76.33 -33.56
CA LEU K 343 24.41 -76.99 -32.28
C LEU K 343 25.54 -77.96 -32.56
N SER K 344 25.33 -78.76 -33.59
CA SER K 344 26.31 -79.75 -34.02
C SER K 344 27.67 -79.17 -34.48
N LEU K 345 27.64 -78.00 -35.12
CA LEU K 345 28.86 -77.35 -35.57
C LEU K 345 29.71 -76.91 -34.40
N ASP K 346 29.06 -76.19 -33.50
CA ASP K 346 29.71 -75.61 -32.35
C ASP K 346 30.32 -76.71 -31.46
N MET K 347 29.60 -77.81 -31.32
CA MET K 347 30.02 -78.88 -30.46
C MET K 347 31.15 -79.69 -31.13
N GLY K 348 31.05 -79.89 -32.44
CA GLY K 348 32.07 -80.61 -33.16
C GLY K 348 33.41 -79.90 -33.11
N TYR K 349 33.39 -78.59 -33.34
CA TYR K 349 34.63 -77.83 -33.40
C TYR K 349 35.20 -77.63 -32.02
N TYR K 350 34.31 -77.51 -31.04
CA TYR K 350 34.71 -77.42 -29.66
C TYR K 350 35.35 -78.72 -29.19
N ALA K 351 34.80 -79.88 -29.53
CA ALA K 351 35.49 -81.13 -29.07
C ALA K 351 36.63 -81.57 -29.97
N LYS K 352 36.72 -81.00 -31.19
CA LYS K 352 37.65 -81.43 -32.22
C LYS K 352 37.35 -82.85 -32.69
N ILE K 353 36.10 -83.08 -33.05
CA ILE K 353 35.65 -84.38 -33.54
C ILE K 353 35.07 -84.22 -34.93
N GLN K 354 34.78 -85.32 -35.62
CA GLN K 354 34.06 -85.17 -36.87
C GLN K 354 32.62 -84.84 -36.52
N ILE K 355 32.06 -83.85 -37.18
CA ILE K 355 30.73 -83.34 -36.81
C ILE K 355 29.67 -84.42 -36.54
N GLN K 356 29.57 -85.43 -37.41
CA GLN K 356 28.64 -86.54 -37.22
C GLN K 356 28.86 -87.34 -35.91
N SER K 357 30.00 -87.10 -35.24
CA SER K 357 30.23 -87.67 -33.93
C SER K 357 29.43 -87.01 -32.80
N VAL K 358 28.85 -85.83 -33.04
CA VAL K 358 28.06 -85.24 -31.97
C VAL K 358 26.88 -86.12 -31.47
N PHE K 359 26.64 -87.26 -32.13
CA PHE K 359 25.56 -88.17 -31.72
C PHE K 359 26.02 -89.03 -30.56
N SER K 360 27.33 -88.97 -30.26
CA SER K 360 27.95 -89.74 -29.17
C SER K 360 28.58 -88.92 -28.04
N PRO K 361 27.90 -88.90 -26.91
CA PRO K 361 28.47 -88.49 -25.63
C PRO K 361 29.87 -89.01 -25.40
N ILE K 362 30.05 -90.32 -25.46
CA ILE K 362 31.33 -90.89 -25.12
C ILE K 362 32.42 -90.29 -26.02
N LYS K 363 32.15 -90.26 -27.33
CA LYS K 363 33.12 -89.79 -28.30
C LYS K 363 33.46 -88.32 -28.08
N THR K 364 32.45 -87.52 -27.73
CA THR K 364 32.66 -86.11 -27.50
C THR K 364 33.51 -85.83 -26.27
N TRP K 365 33.14 -86.44 -25.17
CA TRP K 365 33.86 -86.30 -23.94
C TRP K 365 35.25 -86.85 -24.10
N ASP K 366 35.36 -88.01 -24.73
CA ASP K 366 36.68 -88.61 -24.96
C ASP K 366 37.58 -87.56 -25.63
N ALA K 367 37.05 -86.86 -26.61
CA ALA K 367 37.85 -85.92 -27.37
C ALA K 367 38.20 -84.68 -26.53
N ILE K 368 37.23 -84.19 -25.77
CA ILE K 368 37.43 -83.02 -24.91
C ILE K 368 38.53 -83.32 -23.91
N ILE K 369 38.40 -84.45 -23.23
CA ILE K 369 39.37 -84.82 -22.21
C ILE K 369 40.76 -85.01 -22.82
N PHE K 370 40.83 -85.72 -23.95
CA PHE K 370 42.11 -85.94 -24.67
C PHE K 370 42.87 -84.66 -25.00
N ASN K 371 42.21 -83.71 -25.64
CA ASN K 371 42.78 -82.41 -25.96
C ASN K 371 43.19 -81.61 -24.71
N SER K 372 42.41 -81.75 -23.65
CA SER K 372 42.79 -81.17 -22.39
C SER K 372 44.07 -81.81 -21.85
N LEU K 373 44.16 -83.14 -21.87
CA LEU K 373 45.31 -83.83 -21.31
C LEU K 373 46.57 -83.63 -22.17
N LYS K 374 46.38 -83.61 -23.49
CA LYS K 374 47.48 -83.38 -24.43
C LYS K 374 48.26 -82.05 -24.27
N GLU K 375 47.56 -80.93 -24.05
CA GLU K 375 48.21 -79.64 -23.77
C GLU K 375 49.05 -79.67 -22.49
N GLN K 376 48.87 -80.71 -21.68
CA GLN K 376 49.64 -80.85 -20.44
C GLN K 376 50.73 -81.91 -20.59
N ASN K 377 50.88 -82.40 -21.82
CA ASN K 377 51.75 -83.54 -22.10
C ASN K 377 51.41 -84.82 -21.32
N LYS K 378 50.20 -84.92 -20.76
CA LYS K 378 49.76 -86.15 -20.13
C LYS K 378 49.27 -87.18 -21.16
N VAL K 379 49.21 -88.44 -20.77
CA VAL K 379 48.91 -89.52 -21.70
C VAL K 379 47.69 -90.32 -21.28
N ILE K 380 46.70 -90.43 -22.17
CA ILE K 380 45.40 -90.98 -21.78
C ILE K 380 45.41 -92.50 -21.62
N PRO K 381 44.52 -93.02 -20.80
CA PRO K 381 44.36 -94.48 -20.63
C PRO K 381 44.06 -95.13 -21.96
N GLN K 382 44.57 -96.34 -22.09
CA GLN K 382 44.17 -97.20 -23.17
C GLN K 382 42.69 -97.43 -22.95
N GLY K 383 41.89 -97.35 -23.99
CA GLY K 383 40.48 -97.63 -23.83
C GLY K 383 40.31 -99.12 -23.59
N ARG K 384 40.20 -99.53 -22.32
CA ARG K 384 40.15 -100.95 -21.94
C ARG K 384 38.78 -101.60 -22.17
N SER K 385 38.59 -102.71 -21.46
CA SER K 385 37.56 -103.66 -21.81
C SER K 385 36.95 -104.18 -20.53
N HIS K 386 35.68 -103.87 -20.34
CA HIS K 386 35.01 -104.18 -19.10
C HIS K 386 33.73 -104.92 -19.42
N PRO K 387 33.42 -105.95 -18.63
CA PRO K 387 32.16 -106.68 -18.80
C PRO K 387 31.02 -105.80 -18.31
N VAL K 388 29.87 -105.90 -18.94
CA VAL K 388 28.77 -105.03 -18.58
C VAL K 388 28.12 -105.54 -17.31
N GLN K 389 28.37 -104.81 -16.21
CA GLN K 389 27.86 -105.21 -14.91
C GLN K 389 26.82 -104.22 -14.39
N PRO K 390 25.68 -104.73 -13.95
CA PRO K 390 24.65 -103.90 -13.31
C PRO K 390 25.21 -103.23 -12.06
N TYR K 391 24.68 -102.05 -11.71
CA TYR K 391 25.15 -101.30 -10.54
C TYR K 391 24.03 -100.42 -10.00
N PRO K 392 24.02 -100.11 -8.70
CA PRO K 392 22.81 -99.50 -8.10
C PRO K 392 22.81 -98.01 -8.35
N GLY K 393 21.62 -97.42 -8.42
CA GLY K 393 21.45 -96.04 -8.80
C GLY K 393 20.61 -95.40 -7.74
N ALA K 394 19.64 -94.57 -8.12
CA ALA K 394 18.81 -93.93 -7.12
C ALA K 394 17.50 -94.68 -6.87
N PHE K 395 17.50 -95.61 -5.93
CA PHE K 395 16.26 -96.17 -5.42
C PHE K 395 15.36 -95.00 -4.96
N VAL K 396 14.06 -95.23 -4.91
CA VAL K 396 13.10 -94.19 -4.59
C VAL K 396 12.16 -94.79 -3.54
N LYS K 397 12.00 -94.10 -2.42
CA LYS K 397 11.21 -94.71 -1.34
C LYS K 397 9.73 -94.44 -1.59
N GLU K 398 8.90 -95.44 -1.34
CA GLU K 398 7.46 -95.33 -1.56
C GLU K 398 6.79 -94.09 -0.89
N PRO K 399 6.11 -93.25 -1.66
CA PRO K 399 5.27 -92.20 -1.09
C PRO K 399 3.90 -92.71 -0.63
N ILE K 400 3.28 -92.07 0.38
CA ILE K 400 1.90 -92.40 0.71
C ILE K 400 0.98 -91.76 -0.30
N PRO K 401 0.27 -92.59 -1.05
CA PRO K 401 -0.66 -92.08 -2.05
C PRO K 401 -1.74 -91.25 -1.34
N ASN K 402 -1.94 -90.01 -1.80
CA ASN K 402 -2.75 -89.03 -1.10
C ASN K 402 -2.76 -87.73 -1.87
N ARG K 403 -3.74 -86.90 -1.54
CA ARG K 403 -3.69 -85.49 -1.83
C ARG K 403 -2.77 -84.85 -0.82
N TYR K 404 -2.05 -83.83 -1.29
CA TYR K 404 -1.13 -83.02 -0.50
C TYR K 404 -1.40 -81.56 -0.87
N LYS K 405 -1.77 -80.79 0.16
CA LYS K 405 -2.37 -79.46 0.02
C LYS K 405 -1.37 -78.40 -0.39
N TYR K 406 -0.34 -78.21 0.41
CA TYR K 406 0.68 -77.21 0.19
C TYR K 406 1.98 -77.96 0.10
N VAL K 407 2.74 -77.79 -0.99
CA VAL K 407 4.00 -78.49 -1.15
C VAL K 407 5.06 -77.48 -1.59
N MET K 408 6.24 -77.51 -0.94
CA MET K 408 7.43 -76.87 -1.54
C MET K 408 8.46 -77.95 -1.94
N SER K 409 9.01 -77.80 -3.13
CA SER K 409 10.08 -78.69 -3.55
C SER K 409 11.47 -78.06 -3.36
N PHE K 410 12.47 -78.92 -3.14
CA PHE K 410 13.87 -78.46 -3.16
C PHE K 410 14.72 -79.25 -4.15
N ASP K 411 15.61 -78.56 -4.86
CA ASP K 411 16.42 -79.17 -5.91
C ASP K 411 17.91 -79.00 -5.69
N LEU K 412 18.67 -80.07 -5.84
CA LEU K 412 20.11 -79.97 -5.83
C LEU K 412 20.60 -79.52 -7.22
N THR K 413 21.53 -78.55 -7.27
CA THR K 413 22.15 -78.15 -8.51
C THR K 413 23.02 -79.29 -9.03
N SER K 414 22.83 -79.62 -10.30
CA SER K 414 23.62 -80.63 -11.00
C SER K 414 24.17 -81.73 -10.11
N LEU K 415 23.29 -82.48 -9.48
CA LEU K 415 23.74 -83.40 -8.47
C LEU K 415 24.97 -84.21 -8.88
N TYR K 416 24.91 -84.98 -9.96
CA TYR K 416 26.03 -85.90 -10.23
C TYR K 416 27.35 -85.19 -10.61
N PRO K 417 27.38 -84.34 -11.64
CA PRO K 417 28.60 -83.58 -11.89
C PRO K 417 29.11 -83.00 -10.57
N SER K 418 28.23 -82.61 -9.66
CA SER K 418 28.68 -81.96 -8.42
C SER K 418 29.35 -82.92 -7.47
N ILE K 419 28.79 -84.13 -7.38
CA ILE K 419 29.27 -85.15 -6.48
C ILE K 419 30.70 -85.56 -6.90
N ILE K 420 30.91 -85.72 -8.22
CA ILE K 420 32.21 -86.02 -8.78
C ILE K 420 33.20 -84.95 -8.33
N ARG K 421 32.75 -83.70 -8.32
CA ARG K 421 33.63 -82.62 -7.94
C ARG K 421 33.89 -82.62 -6.46
N GLN K 422 32.82 -82.66 -5.67
CA GLN K 422 32.94 -82.58 -4.23
C GLN K 422 33.80 -83.72 -3.70
N VAL K 423 33.49 -84.93 -4.14
CA VAL K 423 34.19 -86.10 -3.65
C VAL K 423 35.55 -86.27 -4.33
N ASN K 424 35.71 -85.68 -5.53
CA ASN K 424 36.94 -85.82 -6.30
C ASN K 424 37.11 -87.22 -6.93
N ILE K 425 36.01 -87.78 -7.46
CA ILE K 425 35.98 -89.10 -8.10
C ILE K 425 36.58 -89.06 -9.50
N SER K 426 37.51 -89.98 -9.77
CA SER K 426 38.23 -90.08 -11.05
C SER K 426 38.97 -91.41 -11.00
N PRO K 427 39.31 -92.02 -12.14
CA PRO K 427 40.09 -93.27 -12.10
C PRO K 427 41.40 -93.16 -11.32
N GLU K 428 42.16 -92.10 -11.51
CA GLU K 428 43.42 -91.94 -10.78
C GLU K 428 43.36 -91.34 -9.34
N THR K 429 42.20 -90.94 -8.82
CA THR K 429 42.18 -90.38 -7.46
C THR K 429 41.76 -91.40 -6.42
N ILE K 430 41.50 -92.62 -6.88
CA ILE K 430 41.18 -93.74 -6.02
C ILE K 430 42.35 -93.95 -5.09
N ALA K 431 42.07 -94.02 -3.79
CA ALA K 431 43.14 -94.03 -2.81
C ALA K 431 43.01 -95.20 -1.85
N GLY K 432 41.97 -95.99 -2.01
CA GLY K 432 41.78 -97.12 -1.11
C GLY K 432 40.34 -97.22 -0.67
N THR K 433 40.10 -98.08 0.31
CA THR K 433 38.73 -98.37 0.72
C THR K 433 38.59 -98.39 2.22
N PHE K 434 37.36 -98.58 2.67
CA PHE K 434 37.05 -98.67 4.08
C PHE K 434 35.90 -99.63 4.35
N LYS K 435 35.83 -100.09 5.59
CA LYS K 435 34.78 -100.99 6.07
C LYS K 435 33.42 -100.27 6.00
N VAL K 436 32.58 -100.67 5.04
CA VAL K 436 31.30 -100.02 4.79
C VAL K 436 30.23 -100.41 5.81
N ALA K 437 29.69 -99.41 6.50
CA ALA K 437 28.47 -99.61 7.28
C ALA K 437 27.22 -99.50 6.38
N PRO K 438 26.09 -100.08 6.80
CA PRO K 438 24.83 -99.98 6.05
C PRO K 438 24.52 -98.51 5.70
N LEU K 439 23.84 -98.22 4.58
CA LEU K 439 23.68 -96.83 4.17
C LEU K 439 22.95 -96.01 5.23
N HIS K 440 21.97 -96.63 5.89
CA HIS K 440 21.12 -95.96 6.88
C HIS K 440 21.92 -95.40 8.04
N ASP K 441 23.01 -96.09 8.37
CA ASP K 441 23.94 -95.65 9.39
C ASP K 441 24.72 -94.38 8.98
N TYR K 442 24.98 -94.19 7.69
CA TYR K 442 25.64 -92.96 7.21
C TYR K 442 24.64 -91.82 7.12
N ILE K 443 23.43 -92.14 6.66
CA ILE K 443 22.33 -91.20 6.56
C ILE K 443 22.05 -90.59 7.93
N ASN K 444 22.14 -91.42 8.98
CA ASN K 444 21.85 -90.99 10.35
C ASN K 444 23.05 -90.53 11.19
N ALA K 445 24.22 -90.41 10.57
CA ALA K 445 25.46 -90.11 11.30
C ALA K 445 25.75 -91.10 12.41
N VAL K 446 25.41 -92.37 12.23
CA VAL K 446 25.67 -93.36 13.29
C VAL K 446 26.97 -94.15 13.09
N ALA K 447 27.36 -94.37 11.84
CA ALA K 447 28.62 -95.03 11.53
C ALA K 447 29.79 -94.12 11.87
N GLU K 448 30.96 -94.70 12.09
CA GLU K 448 32.15 -93.87 12.33
C GLU K 448 32.65 -93.18 11.03
N ARG K 449 33.32 -92.03 11.19
CA ARG K 449 33.95 -91.33 10.05
C ARG K 449 34.77 -92.31 9.21
N PRO K 450 34.39 -92.50 7.93
CA PRO K 450 35.21 -93.29 7.02
C PRO K 450 36.69 -92.99 7.19
N SER K 451 37.08 -91.70 7.10
CA SER K 451 38.48 -91.28 7.07
C SER K 451 38.70 -89.83 7.45
N ASP K 452 39.81 -89.58 8.10
CA ASP K 452 40.31 -88.24 8.38
C ASP K 452 41.35 -87.83 7.35
N VAL K 453 41.62 -88.68 6.35
CA VAL K 453 42.72 -88.37 5.43
C VAL K 453 42.25 -88.29 3.99
N TYR K 454 41.26 -89.09 3.64
CA TYR K 454 40.73 -89.14 2.29
C TYR K 454 39.25 -88.76 2.20
N SER K 455 38.85 -88.41 0.97
CA SER K 455 37.49 -88.04 0.61
C SER K 455 36.67 -89.29 0.30
N CYS K 456 35.50 -89.43 0.93
CA CYS K 456 34.79 -90.71 0.89
C CYS K 456 33.38 -90.76 0.29
N SER K 457 33.00 -91.96 -0.10
CA SER K 457 31.64 -92.25 -0.50
C SER K 457 31.15 -93.46 0.28
N PRO K 458 29.90 -93.45 0.73
CA PRO K 458 29.36 -94.53 1.54
C PRO K 458 29.32 -95.89 0.86
N ASN K 459 29.82 -96.06 -0.36
CA ASN K 459 30.01 -97.41 -0.90
C ASN K 459 31.35 -97.99 -0.47
N GLY K 460 32.16 -97.18 0.21
CA GLY K 460 33.44 -97.64 0.74
C GLY K 460 34.65 -97.16 -0.05
N MET K 461 34.46 -96.21 -0.94
CA MET K 461 35.56 -95.75 -1.76
C MET K 461 36.18 -94.47 -1.19
N MET K 462 37.50 -94.38 -1.20
CA MET K 462 38.20 -93.19 -0.75
C MET K 462 39.01 -92.59 -1.89
N TYR K 463 39.10 -91.26 -1.89
CA TYR K 463 39.77 -90.54 -2.97
C TYR K 463 40.74 -89.51 -2.41
N TYR K 464 41.83 -89.28 -3.13
CA TYR K 464 42.81 -88.25 -2.78
C TYR K 464 42.21 -86.86 -2.75
N LYS K 465 42.68 -86.04 -1.81
CA LYS K 465 42.30 -84.66 -1.73
C LYS K 465 43.41 -83.71 -2.14
N ASP K 466 44.63 -84.20 -2.31
CA ASP K 466 45.79 -83.32 -2.62
C ASP K 466 46.12 -83.04 -4.12
N ARG K 467 45.51 -83.79 -5.04
CA ARG K 467 45.51 -83.42 -6.47
C ARG K 467 44.08 -83.14 -6.80
N ASP K 468 43.83 -82.45 -7.90
CA ASP K 468 42.43 -82.23 -8.20
C ASP K 468 41.65 -83.28 -9.00
N GLY K 469 42.30 -84.23 -9.66
CA GLY K 469 41.55 -85.30 -10.33
C GLY K 469 41.06 -84.95 -11.72
N VAL K 470 41.19 -85.85 -12.66
CA VAL K 470 41.06 -85.45 -14.08
C VAL K 470 39.61 -85.19 -14.49
N VAL K 471 38.68 -86.08 -14.11
CA VAL K 471 37.28 -85.88 -14.48
C VAL K 471 36.69 -84.67 -13.72
N PRO K 472 36.93 -84.59 -12.42
CA PRO K 472 36.58 -83.40 -11.64
C PRO K 472 37.10 -82.12 -12.30
N THR K 473 38.34 -82.07 -12.75
CA THR K 473 38.88 -80.87 -13.41
C THR K 473 38.14 -80.56 -14.70
N GLU K 474 37.89 -81.60 -15.49
CA GLU K 474 37.12 -81.46 -16.73
C GLU K 474 35.65 -81.00 -16.57
N ILE K 475 34.85 -81.59 -15.68
CA ILE K 475 33.51 -81.01 -15.61
C ILE K 475 33.59 -79.59 -15.15
N THR K 476 34.58 -79.28 -14.33
CA THR K 476 34.65 -77.94 -13.80
C THR K 476 34.86 -76.91 -14.90
N LYS K 477 35.76 -77.22 -15.84
CA LYS K 477 35.99 -76.38 -17.03
C LYS K 477 34.69 -76.16 -17.79
N VAL K 478 33.99 -77.24 -18.09
CA VAL K 478 32.73 -77.17 -18.83
C VAL K 478 31.67 -76.41 -18.02
N PHE K 479 31.53 -76.75 -16.74
CA PHE K 479 30.63 -76.11 -15.80
C PHE K 479 30.76 -74.60 -15.87
N ASN K 480 31.99 -74.11 -15.71
CA ASN K 480 32.30 -72.68 -15.82
C ASN K 480 32.11 -72.11 -17.22
N GLN K 481 32.31 -72.93 -18.25
CA GLN K 481 32.29 -72.42 -19.62
C GLN K 481 30.85 -72.07 -19.98
N ARG K 482 29.92 -72.91 -19.51
CA ARG K 482 28.50 -72.63 -19.49
C ARG K 482 28.13 -71.28 -18.83
N LYS K 483 28.76 -70.98 -17.69
CA LYS K 483 28.58 -69.69 -17.00
C LYS K 483 29.05 -68.53 -17.89
N GLU K 484 30.24 -68.71 -18.48
CA GLU K 484 30.82 -67.77 -19.42
C GLU K 484 29.80 -67.40 -20.50
N HIS K 485 29.46 -68.38 -21.33
CA HIS K 485 28.61 -68.21 -22.52
C HIS K 485 27.21 -67.68 -22.22
N LYS K 486 26.54 -68.28 -21.23
CA LYS K 486 25.26 -67.80 -20.74
C LYS K 486 25.36 -66.32 -20.34
N GLY K 487 26.54 -65.91 -19.86
CA GLY K 487 26.81 -64.51 -19.57
C GLY K 487 27.06 -63.64 -20.80
N TYR K 488 27.68 -64.20 -21.84
CA TYR K 488 27.86 -63.49 -23.13
C TYR K 488 26.50 -63.27 -23.84
N MET K 489 25.68 -64.31 -23.86
CA MET K 489 24.37 -64.27 -24.47
C MET K 489 23.53 -63.17 -23.81
N LEU K 490 23.48 -63.19 -22.46
CA LEU K 490 22.76 -62.20 -21.67
C LEU K 490 23.31 -60.78 -21.86
N ALA K 491 24.61 -60.67 -22.12
CA ALA K 491 25.18 -59.38 -22.42
C ALA K 491 24.81 -58.96 -23.84
N ALA K 492 24.89 -59.88 -24.79
CA ALA K 492 24.48 -59.57 -26.16
C ALA K 492 23.02 -59.08 -26.23
N GLN K 493 22.16 -59.75 -25.47
CA GLN K 493 20.73 -59.50 -25.37
C GLN K 493 20.44 -58.11 -24.79
N ARG K 494 21.19 -57.74 -23.75
CA ARG K 494 21.06 -56.44 -23.11
C ARG K 494 21.61 -55.34 -24.00
N ASN K 495 22.61 -55.70 -24.81
CA ASN K 495 23.23 -54.77 -25.76
C ASN K 495 22.37 -54.45 -26.99
N GLY K 496 21.59 -55.43 -27.43
CA GLY K 496 20.78 -55.29 -28.62
C GLY K 496 19.60 -54.42 -28.28
N GLU K 497 19.31 -54.36 -26.99
CA GLU K 497 18.23 -53.53 -26.49
C GLU K 497 18.74 -52.09 -26.44
N ILE K 498 20.03 -51.93 -26.17
CA ILE K 498 20.63 -50.60 -26.21
C ILE K 498 20.61 -50.03 -27.65
N ILE K 499 21.11 -50.81 -28.63
CA ILE K 499 21.11 -50.37 -30.03
C ILE K 499 19.69 -50.16 -30.57
N LYS K 500 18.80 -51.10 -30.26
CA LYS K 500 17.39 -51.04 -30.65
C LYS K 500 16.64 -49.75 -30.20
N GLU K 501 16.96 -49.26 -28.99
CA GLU K 501 16.32 -48.05 -28.46
C GLU K 501 16.91 -46.82 -29.14
N ALA K 502 18.17 -46.92 -29.52
CA ALA K 502 18.84 -45.88 -30.26
C ALA K 502 18.24 -45.67 -31.66
N LEU K 503 17.76 -46.76 -32.27
CA LEU K 503 17.23 -46.75 -33.64
C LEU K 503 16.00 -45.85 -33.84
N HIS K 504 15.34 -45.53 -32.74
CA HIS K 504 14.20 -44.63 -32.74
C HIS K 504 14.65 -43.16 -32.83
N ASN K 505 15.95 -42.93 -32.78
CA ASN K 505 16.51 -41.58 -32.92
C ASN K 505 17.85 -41.56 -33.65
N PRO K 506 17.88 -42.01 -34.90
CA PRO K 506 19.15 -42.17 -35.63
C PRO K 506 19.78 -40.84 -36.04
N ASN K 507 21.01 -40.89 -36.55
CA ASN K 507 21.72 -39.66 -36.87
C ASN K 507 21.97 -39.38 -38.36
N LEU K 508 22.43 -38.15 -38.62
CA LEU K 508 22.45 -37.55 -39.95
C LEU K 508 23.86 -37.41 -40.53
N SER K 509 24.67 -38.45 -40.34
CA SER K 509 26.07 -38.46 -40.79
C SER K 509 26.47 -39.84 -41.29
N VAL K 510 27.15 -39.87 -42.44
CA VAL K 510 27.71 -41.11 -42.97
C VAL K 510 28.68 -41.67 -41.93
N ASP K 511 28.41 -42.91 -41.52
CA ASP K 511 28.95 -43.45 -40.30
C ASP K 511 29.67 -44.77 -40.54
N GLU K 512 30.10 -45.40 -39.45
CA GLU K 512 30.63 -46.77 -39.44
C GLU K 512 30.45 -47.38 -38.04
N PRO K 513 30.36 -48.72 -37.96
CA PRO K 513 30.27 -49.45 -36.68
C PRO K 513 31.44 -49.28 -35.68
N LEU K 514 31.14 -49.44 -34.40
CA LEU K 514 32.11 -49.31 -33.30
C LEU K 514 32.91 -50.60 -33.11
N ASP K 515 34.24 -50.50 -33.03
CA ASP K 515 35.06 -51.65 -32.66
C ASP K 515 34.74 -52.00 -31.21
N VAL K 516 33.80 -52.94 -31.08
CA VAL K 516 33.25 -53.41 -29.82
C VAL K 516 32.99 -54.91 -29.95
N ASP K 517 33.28 -55.68 -28.90
CA ASP K 517 32.75 -57.03 -28.88
C ASP K 517 31.54 -57.17 -27.95
N TYR K 518 30.50 -57.74 -28.54
CA TYR K 518 29.13 -57.71 -28.03
C TYR K 518 28.87 -58.67 -26.88
N ARG K 519 29.94 -59.33 -26.43
CA ARG K 519 29.90 -60.35 -25.38
C ARG K 519 29.92 -59.77 -23.97
N PHE K 520 30.19 -58.48 -23.86
CA PHE K 520 30.26 -57.79 -22.59
C PHE K 520 29.50 -56.47 -22.64
N ASP K 521 28.74 -56.22 -21.57
CA ASP K 521 27.89 -55.04 -21.49
C ASP K 521 28.61 -53.80 -21.95
N PHE K 522 27.91 -53.00 -22.77
CA PHE K 522 28.46 -51.78 -23.34
C PHE K 522 28.90 -50.79 -22.26
N SER K 523 30.04 -50.14 -22.52
CA SER K 523 30.56 -49.05 -21.69
C SER K 523 29.72 -47.77 -21.81
N ASP K 524 29.95 -46.86 -20.86
CA ASP K 524 29.32 -45.55 -20.86
C ASP K 524 29.70 -44.74 -22.10
N GLU K 525 30.98 -44.78 -22.48
CA GLU K 525 31.48 -44.00 -23.62
C GLU K 525 31.03 -44.60 -24.95
N ILE K 526 30.34 -45.74 -24.88
CA ILE K 526 29.85 -46.46 -26.04
C ILE K 526 28.33 -46.31 -26.16
N LYS K 527 27.65 -46.31 -25.01
CA LYS K 527 26.21 -46.03 -24.88
C LYS K 527 25.89 -44.58 -25.25
N GLU K 528 26.83 -43.69 -24.92
CA GLU K 528 26.72 -42.28 -25.21
C GLU K 528 27.09 -41.98 -26.68
N LYS K 529 27.88 -42.89 -27.26
CA LYS K 529 28.28 -42.82 -28.67
C LYS K 529 27.16 -43.26 -29.62
N ILE K 530 26.49 -44.35 -29.22
CA ILE K 530 25.43 -44.98 -30.03
C ILE K 530 24.33 -44.01 -30.48
N LYS K 531 24.00 -43.05 -29.61
CA LYS K 531 23.00 -42.03 -29.89
C LYS K 531 23.36 -41.16 -31.10
N LYS K 532 24.65 -41.04 -31.41
CA LYS K 532 25.13 -40.21 -32.53
C LYS K 532 25.46 -41.02 -33.80
N LEU K 533 25.07 -42.30 -33.80
CA LEU K 533 25.25 -43.14 -34.98
C LEU K 533 24.06 -43.08 -35.95
N SER K 534 24.34 -43.24 -37.25
CA SER K 534 23.32 -43.25 -38.30
C SER K 534 22.46 -44.52 -38.21
N ALA K 535 21.64 -44.77 -39.23
CA ALA K 535 20.83 -45.99 -39.29
C ALA K 535 21.62 -47.19 -39.85
N LYS K 536 22.19 -47.02 -41.05
CA LYS K 536 22.95 -48.06 -41.76
C LYS K 536 23.92 -48.82 -40.84
N SER K 537 24.53 -48.07 -39.93
CA SER K 537 25.57 -48.58 -39.04
C SER K 537 24.97 -49.08 -37.72
N LEU K 538 23.89 -48.45 -37.28
CA LEU K 538 23.11 -48.97 -36.16
C LEU K 538 22.56 -50.34 -36.50
N ASN K 539 22.02 -50.50 -37.70
CA ASN K 539 21.49 -51.76 -38.19
C ASN K 539 22.54 -52.87 -38.20
N GLU K 540 23.73 -52.53 -38.69
CA GLU K 540 24.81 -53.49 -38.82
C GLU K 540 25.27 -54.03 -37.46
N MET K 541 25.38 -53.15 -36.48
CA MET K 541 25.74 -53.56 -35.13
C MET K 541 24.67 -54.43 -34.49
N LEU K 542 23.40 -54.13 -34.78
CA LEU K 542 22.31 -54.96 -34.28
C LEU K 542 22.45 -56.40 -34.79
N PHE K 543 22.60 -56.57 -36.11
CA PHE K 543 22.90 -57.87 -36.69
C PHE K 543 24.01 -58.55 -35.90
N ARG K 544 25.09 -57.80 -35.68
CA ARG K 544 26.26 -58.31 -34.95
C ARG K 544 25.98 -58.65 -33.50
N ALA K 545 25.20 -57.80 -32.83
CA ALA K 545 24.84 -58.07 -31.44
C ALA K 545 24.06 -59.37 -31.37
N GLN K 546 23.18 -59.57 -32.34
CA GLN K 546 22.29 -60.70 -32.39
C GLN K 546 23.01 -61.97 -32.79
N ARG K 547 24.02 -61.84 -33.65
CA ARG K 547 24.85 -62.98 -33.99
C ARG K 547 25.56 -63.49 -32.73
N THR K 548 26.06 -62.55 -31.94
CA THR K 548 26.80 -62.84 -30.72
C THR K 548 25.89 -63.48 -29.67
N GLU K 549 24.62 -63.10 -29.70
CA GLU K 549 23.68 -63.64 -28.75
C GLU K 549 23.44 -65.10 -29.04
N VAL K 550 23.21 -65.40 -30.32
CA VAL K 550 22.92 -66.75 -30.73
C VAL K 550 24.14 -67.66 -30.51
N ALA K 551 25.34 -67.15 -30.78
CA ALA K 551 26.56 -67.92 -30.56
C ALA K 551 26.62 -68.30 -29.09
N GLY K 552 26.44 -67.29 -28.23
CA GLY K 552 26.35 -67.46 -26.79
C GLY K 552 25.36 -68.53 -26.40
N MET K 553 24.15 -68.42 -26.94
CA MET K 553 23.08 -69.36 -26.65
C MET K 553 23.47 -70.79 -27.07
N THR K 554 23.97 -70.90 -28.31
CA THR K 554 24.36 -72.17 -28.92
C THR K 554 25.48 -72.86 -28.13
N ALA K 555 26.46 -72.07 -27.69
CA ALA K 555 27.59 -72.62 -27.00
C ALA K 555 27.16 -73.04 -25.58
N GLN K 556 26.33 -72.19 -24.95
CA GLN K 556 25.78 -72.50 -23.65
C GLN K 556 24.99 -73.78 -23.68
N ILE K 557 24.12 -73.93 -24.69
CA ILE K 557 23.37 -75.16 -24.85
C ILE K 557 24.30 -76.38 -24.87
N ASN K 558 25.36 -76.38 -25.69
CA ASN K 558 26.18 -77.59 -25.63
C ASN K 558 26.97 -77.82 -24.35
N ARG K 559 27.41 -76.78 -23.67
CA ARG K 559 27.97 -77.01 -22.34
C ARG K 559 26.91 -77.74 -21.43
N LYS K 560 25.65 -77.33 -21.49
CA LYS K 560 24.61 -78.02 -20.75
C LYS K 560 24.57 -79.52 -21.16
N LEU K 561 24.42 -79.82 -22.45
CA LEU K 561 24.39 -81.20 -22.94
C LEU K 561 25.55 -82.04 -22.45
N LEU K 562 26.72 -81.41 -22.43
CA LEU K 562 27.93 -82.04 -21.96
C LEU K 562 27.83 -82.40 -20.48
N ILE K 563 27.52 -81.39 -19.66
CA ILE K 563 27.42 -81.50 -18.20
C ILE K 563 26.46 -82.63 -17.89
N ASN K 564 25.29 -82.61 -18.53
CA ASN K 564 24.30 -83.65 -18.37
C ASN K 564 24.63 -85.01 -18.96
N SER K 565 25.64 -85.13 -19.81
CA SER K 565 25.88 -86.39 -20.48
C SER K 565 27.11 -87.12 -19.91
N LEU K 566 27.84 -86.47 -18.99
CA LEU K 566 29.05 -87.05 -18.48
C LEU K 566 28.79 -88.34 -17.71
N TYR K 567 27.81 -88.32 -16.82
CA TYR K 567 27.52 -89.46 -15.94
C TYR K 567 27.23 -90.75 -16.73
N GLY K 568 26.32 -90.65 -17.70
CA GLY K 568 26.02 -91.70 -18.63
C GLY K 568 27.22 -92.22 -19.41
N ALA K 569 28.21 -91.36 -19.63
CA ALA K 569 29.45 -91.85 -20.20
C ALA K 569 30.29 -92.53 -19.12
N LEU K 570 30.24 -92.02 -17.88
CA LEU K 570 31.04 -92.67 -16.81
C LEU K 570 30.42 -94.04 -16.38
N GLY K 571 29.16 -94.26 -16.69
CA GLY K 571 28.58 -95.53 -16.36
C GLY K 571 28.60 -96.50 -17.52
N ASN K 572 29.39 -96.19 -18.54
CA ASN K 572 29.36 -96.96 -19.77
C ASN K 572 30.68 -97.65 -20.06
N VAL K 573 30.63 -98.96 -20.21
CA VAL K 573 31.88 -99.72 -20.33
C VAL K 573 32.78 -99.27 -21.48
N TRP K 574 32.27 -98.50 -22.44
CA TRP K 574 33.07 -98.16 -23.64
C TRP K 574 33.85 -96.86 -23.46
N PHE K 575 33.51 -96.14 -22.39
CA PHE K 575 34.16 -94.88 -22.08
C PHE K 575 35.48 -95.25 -21.43
N ARG K 576 36.57 -94.61 -21.87
CA ARG K 576 37.88 -94.96 -21.36
C ARG K 576 38.16 -94.59 -19.90
N TYR K 577 37.36 -93.69 -19.33
CA TYR K 577 37.50 -93.30 -17.92
C TYR K 577 36.49 -94.02 -17.00
N TYR K 578 35.74 -94.95 -17.59
CA TYR K 578 34.77 -95.74 -16.85
C TYR K 578 35.42 -96.53 -15.72
N ASP K 579 34.71 -96.66 -14.62
CA ASP K 579 35.18 -97.46 -13.49
C ASP K 579 33.96 -97.77 -12.63
N LEU K 580 33.67 -99.07 -12.52
CA LEU K 580 32.47 -99.56 -11.83
C LEU K 580 32.32 -99.05 -10.39
N ARG K 581 33.40 -99.06 -9.63
CA ARG K 581 33.33 -98.59 -8.24
C ARG K 581 33.03 -97.10 -8.22
N ASN K 582 33.64 -96.35 -9.13
CA ASN K 582 33.39 -94.91 -9.30
C ASN K 582 31.94 -94.53 -9.68
N ALA K 583 31.28 -95.34 -10.49
CA ALA K 583 29.90 -95.12 -10.89
C ALA K 583 29.05 -95.26 -9.63
N THR K 584 29.44 -96.24 -8.82
CA THR K 584 28.72 -96.60 -7.63
C THR K 584 29.00 -95.61 -6.52
N ALA K 585 30.13 -94.92 -6.62
CA ALA K 585 30.48 -93.97 -5.57
C ALA K 585 29.58 -92.75 -5.77
N ILE K 586 29.35 -92.42 -7.05
CA ILE K 586 28.47 -91.34 -7.43
C ILE K 586 27.06 -91.61 -6.96
N THR K 587 26.45 -92.73 -7.37
CA THR K 587 25.03 -92.94 -7.03
C THR K 587 24.80 -93.14 -5.53
N THR K 588 25.64 -93.97 -4.88
CA THR K 588 25.47 -94.23 -3.45
C THR K 588 25.58 -92.93 -2.65
N PHE K 589 26.57 -92.11 -3.00
CA PHE K 589 26.75 -90.80 -2.38
C PHE K 589 25.51 -89.96 -2.58
N GLY K 590 25.00 -89.88 -3.80
CA GLY K 590 23.72 -89.23 -4.09
C GLY K 590 22.57 -89.68 -3.17
N GLN K 591 22.42 -90.99 -2.96
CA GLN K 591 21.35 -91.48 -2.12
C GLN K 591 21.50 -91.01 -0.66
N MET K 592 22.75 -90.98 -0.19
CA MET K 592 23.01 -90.60 1.18
C MET K 592 22.62 -89.15 1.27
N ALA K 593 23.12 -88.35 0.33
CA ALA K 593 22.92 -86.92 0.34
C ALA K 593 21.44 -86.62 0.42
N LEU K 594 20.68 -87.25 -0.46
CA LEU K 594 19.24 -87.01 -0.55
C LEU K 594 18.50 -87.31 0.75
N GLN K 595 18.89 -88.38 1.44
CA GLN K 595 18.19 -88.85 2.63
C GLN K 595 18.76 -88.23 3.91
N TRP K 596 20.05 -87.91 3.88
CA TRP K 596 20.67 -87.12 4.91
C TRP K 596 19.86 -85.83 5.09
N ILE K 597 19.50 -85.18 4.00
CA ILE K 597 18.86 -83.90 4.12
C ILE K 597 17.34 -84.04 4.22
N GLU K 598 16.79 -85.17 3.79
CA GLU K 598 15.42 -85.42 4.20
C GLU K 598 15.39 -85.53 5.76
N ARG K 599 16.43 -86.12 6.36
CA ARG K 599 16.52 -86.15 7.82
C ARG K 599 16.64 -84.74 8.39
N LYS K 600 17.53 -83.93 7.85
CA LYS K 600 17.82 -82.62 8.43
C LYS K 600 16.61 -81.72 8.31
N VAL K 601 15.96 -81.77 7.15
CA VAL K 601 14.79 -80.97 6.92
C VAL K 601 13.64 -81.39 7.85
N ASN K 602 13.43 -82.69 8.04
CA ASN K 602 12.47 -83.14 9.05
C ASN K 602 12.85 -82.68 10.47
N GLU K 603 14.14 -82.60 10.78
CA GLU K 603 14.53 -82.23 12.11
C GLU K 603 14.26 -80.74 12.29
N TYR K 604 14.62 -79.95 11.28
CA TYR K 604 14.47 -78.51 11.37
C TYR K 604 13.00 -78.14 11.54
N LEU K 605 12.12 -78.69 10.70
CA LEU K 605 10.69 -78.34 10.76
C LEU K 605 10.02 -78.80 12.04
N ASN K 606 10.39 -79.97 12.53
CA ASN K 606 9.81 -80.41 13.76
C ASN K 606 10.13 -79.41 14.87
N GLU K 607 11.39 -78.97 14.94
CA GLU K 607 11.87 -78.01 15.94
C GLU K 607 11.14 -76.67 15.86
N VAL K 608 10.94 -76.19 14.65
CA VAL K 608 10.51 -74.83 14.39
C VAL K 608 8.98 -74.70 14.44
N CYS K 609 8.28 -75.82 14.26
CA CYS K 609 6.83 -75.89 14.40
C CYS K 609 6.36 -76.29 15.79
N GLY K 610 7.26 -76.84 16.61
CA GLY K 610 6.89 -77.33 17.93
C GLY K 610 6.71 -78.84 18.04
N THR K 611 6.36 -79.48 16.93
CA THR K 611 6.22 -80.94 16.80
C THR K 611 7.42 -81.79 17.23
N GLU K 612 7.17 -83.09 17.33
CA GLU K 612 8.22 -84.11 17.45
C GLU K 612 7.89 -85.30 16.54
N GLY K 613 8.87 -85.75 15.76
CA GLY K 613 8.71 -86.90 14.88
C GLY K 613 7.73 -86.86 13.69
N GLU K 614 7.16 -85.71 13.33
CA GLU K 614 6.29 -85.69 12.16
C GLU K 614 7.04 -85.67 10.86
N ALA K 615 6.49 -86.35 9.87
CA ALA K 615 7.02 -86.39 8.50
C ALA K 615 6.58 -85.17 7.69
N PHE K 616 7.56 -84.35 7.36
CA PHE K 616 7.37 -83.19 6.49
C PHE K 616 7.78 -83.54 5.07
N VAL K 617 8.85 -84.28 4.92
CA VAL K 617 9.29 -84.68 3.60
C VAL K 617 8.39 -85.80 3.10
N LEU K 618 7.66 -85.52 2.02
CA LEU K 618 6.71 -86.52 1.57
C LEU K 618 7.25 -87.41 0.49
N TYR K 619 8.39 -87.03 -0.09
CA TYR K 619 8.86 -87.69 -1.29
C TYR K 619 10.18 -87.10 -1.77
N GLY K 620 10.98 -87.99 -2.37
CA GLY K 620 12.26 -87.60 -2.96
C GLY K 620 12.63 -88.53 -4.08
N ASP K 621 13.31 -88.01 -5.11
CA ASP K 621 13.73 -88.83 -6.24
C ASP K 621 15.06 -88.31 -6.73
N THR K 622 16.13 -89.04 -6.42
CA THR K 622 17.49 -88.69 -6.85
C THR K 622 17.99 -87.39 -6.31
N ASP K 623 17.44 -86.29 -6.82
CA ASP K 623 17.99 -84.95 -6.58
C ASP K 623 17.00 -83.87 -6.08
N SER K 624 15.80 -84.28 -5.67
CA SER K 624 14.80 -83.35 -5.16
C SER K 624 14.05 -83.89 -3.97
N ILE K 625 13.58 -82.99 -3.10
CA ILE K 625 12.67 -83.35 -2.03
C ILE K 625 11.38 -82.55 -2.09
N TYR K 626 10.29 -83.16 -1.65
CA TYR K 626 8.98 -82.53 -1.70
C TYR K 626 8.44 -82.44 -0.32
N VAL K 627 8.19 -81.20 0.08
CA VAL K 627 8.02 -80.95 1.50
C VAL K 627 6.60 -80.51 1.65
N SER K 628 5.93 -81.09 2.64
CA SER K 628 4.59 -80.68 2.90
C SER K 628 4.66 -79.47 3.77
N ALA K 629 3.92 -78.43 3.41
CA ALA K 629 3.97 -77.17 4.11
C ALA K 629 2.65 -76.86 4.85
N ASP K 630 1.74 -77.82 4.85
CA ASP K 630 0.50 -77.74 5.60
C ASP K 630 0.66 -77.16 6.99
N LYS K 631 1.59 -77.70 7.77
CA LYS K 631 1.69 -77.33 9.17
C LYS K 631 2.32 -75.97 9.35
N ILE K 632 3.03 -75.51 8.33
CA ILE K 632 3.56 -74.16 8.27
C ILE K 632 2.42 -73.21 8.05
N ILE K 633 1.58 -73.49 7.08
CA ILE K 633 0.43 -72.64 6.80
C ILE K 633 -0.48 -72.62 8.00
N ASP K 634 -0.83 -73.82 8.48
CA ASP K 634 -1.74 -73.92 9.59
C ASP K 634 -1.20 -73.22 10.80
N LYS K 635 0.11 -73.22 10.98
CA LYS K 635 0.65 -72.51 12.14
C LYS K 635 0.16 -71.06 12.19
N VAL K 636 0.36 -70.31 11.10
CA VAL K 636 -0.14 -68.92 11.03
C VAL K 636 -1.62 -68.82 10.68
N GLY K 637 -2.14 -69.82 9.97
CA GLY K 637 -3.54 -69.87 9.57
C GLY K 637 -3.94 -69.02 8.37
N GLU K 638 -4.90 -69.53 7.60
CA GLU K 638 -5.60 -68.73 6.56
C GLU K 638 -6.33 -67.49 7.15
N SER K 639 -5.73 -66.33 6.87
CA SER K 639 -5.82 -65.13 7.71
C SER K 639 -4.73 -64.21 7.22
N LYS K 640 -4.92 -62.91 7.45
CA LYS K 640 -4.12 -61.86 6.80
C LYS K 640 -3.51 -62.38 5.48
N PHE K 641 -3.99 -63.55 5.04
CA PHE K 641 -3.84 -63.93 3.65
C PHE K 641 -5.01 -63.30 2.96
N ARG K 642 -4.73 -62.24 2.21
CA ARG K 642 -5.78 -61.54 1.50
C ARG K 642 -6.09 -62.36 0.28
N ASP K 643 -5.02 -62.92 -0.28
CA ASP K 643 -5.06 -63.67 -1.50
C ASP K 643 -4.00 -64.81 -1.52
N THR K 644 -4.08 -65.64 -2.57
CA THR K 644 -3.13 -66.71 -2.83
C THR K 644 -1.70 -66.16 -2.80
N ASN K 645 -1.55 -64.94 -3.29
CA ASN K 645 -0.23 -64.40 -3.50
C ASN K 645 0.49 -64.11 -2.19
N HIS K 646 -0.30 -63.86 -1.14
CA HIS K 646 0.24 -63.62 0.18
C HIS K 646 0.85 -64.88 0.75
N TRP K 647 0.17 -66.03 0.68
CA TRP K 647 0.82 -67.22 1.21
C TRP K 647 2.01 -67.70 0.37
N VAL K 648 1.97 -67.45 -0.92
CA VAL K 648 3.10 -67.82 -1.76
C VAL K 648 4.32 -66.97 -1.36
N ASP K 649 4.10 -65.67 -1.17
CA ASP K 649 5.14 -64.77 -0.67
C ASP K 649 5.69 -65.30 0.65
N PHE K 650 4.77 -65.77 1.51
CA PHE K 650 5.11 -66.30 2.84
C PHE K 650 6.08 -67.50 2.75
N LEU K 651 5.66 -68.57 2.08
CA LEU K 651 6.53 -69.74 1.96
C LEU K 651 7.76 -69.41 1.14
N ASP K 652 7.64 -68.51 0.16
CA ASP K 652 8.84 -68.09 -0.55
C ASP K 652 9.85 -67.49 0.42
N LYS K 653 9.36 -66.69 1.36
CA LYS K 653 10.20 -66.11 2.38
C LYS K 653 10.70 -67.19 3.38
N PHE K 654 9.81 -68.10 3.76
CA PHE K 654 10.11 -69.14 4.74
C PHE K 654 11.23 -70.05 4.25
N ALA K 655 11.14 -70.45 2.99
CA ALA K 655 12.09 -71.34 2.36
C ALA K 655 13.44 -70.67 2.25
N ARG K 656 13.42 -69.42 1.80
CA ARG K 656 14.63 -68.69 1.51
C ARG K 656 15.41 -68.34 2.77
N GLU K 657 14.69 -67.79 3.75
CA GLU K 657 15.31 -67.15 4.89
C GLU K 657 15.45 -68.10 6.06
N ARG K 658 14.66 -69.16 6.10
CA ARG K 658 14.84 -70.14 7.15
C ARG K 658 15.36 -71.51 6.66
N MET K 659 14.70 -72.05 5.64
CA MET K 659 14.91 -73.42 5.24
C MET K 659 16.23 -73.61 4.51
N GLU K 660 16.51 -72.77 3.52
CA GLU K 660 17.79 -72.85 2.81
C GLU K 660 19.06 -72.81 3.68
N PRO K 661 19.19 -71.84 4.60
CA PRO K 661 20.35 -71.79 5.48
C PRO K 661 20.49 -73.03 6.37
N ALA K 662 19.36 -73.66 6.74
CA ALA K 662 19.42 -74.89 7.55
C ALA K 662 19.87 -76.05 6.66
N ILE K 663 19.48 -76.01 5.40
CA ILE K 663 19.87 -77.04 4.45
C ILE K 663 21.38 -76.96 4.22
N ASP K 664 21.86 -75.78 3.85
CA ASP K 664 23.30 -75.56 3.77
C ASP K 664 24.07 -76.01 4.97
N ARG K 665 23.58 -75.68 6.15
CA ARG K 665 24.19 -76.10 7.42
C ARG K 665 24.26 -77.63 7.45
N GLY K 666 23.15 -78.24 7.03
CA GLY K 666 23.04 -79.68 7.06
C GLY K 666 23.99 -80.33 6.10
N PHE K 667 24.18 -79.74 4.93
CA PHE K 667 25.05 -80.30 3.94
C PHE K 667 26.50 -80.03 4.30
N ARG K 668 26.77 -78.88 4.91
CA ARG K 668 28.12 -78.60 5.36
C ARG K 668 28.58 -79.64 6.36
N GLU K 669 27.65 -80.14 7.16
CA GLU K 669 27.92 -81.18 8.14
C GLU K 669 28.30 -82.49 7.45
N MET K 670 27.51 -82.86 6.44
CA MET K 670 27.79 -84.08 5.68
C MET K 670 29.16 -84.02 4.99
N CYS K 671 29.54 -82.85 4.51
CA CYS K 671 30.80 -82.71 3.82
C CYS K 671 31.99 -83.00 4.76
N GLU K 672 31.82 -82.65 6.04
CA GLU K 672 32.84 -82.87 7.04
C GLU K 672 32.94 -84.35 7.36
N TYR K 673 31.77 -84.99 7.36
CA TYR K 673 31.60 -86.37 7.73
C TYR K 673 32.24 -87.26 6.68
N MET K 674 32.03 -86.96 5.40
CA MET K 674 32.64 -87.78 4.37
C MET K 674 34.04 -87.25 4.10
N ASN K 675 34.40 -86.17 4.79
CA ASN K 675 35.70 -85.56 4.65
C ASN K 675 35.98 -85.20 3.20
N ASN K 676 34.95 -84.67 2.54
CA ASN K 676 35.02 -84.41 1.12
C ASN K 676 35.94 -83.22 0.76
N LYS K 677 36.36 -83.16 -0.51
CA LYS K 677 37.35 -82.20 -0.95
C LYS K 677 36.77 -80.82 -1.02
N GLN K 678 35.47 -80.72 -1.30
CA GLN K 678 34.86 -79.41 -1.48
C GLN K 678 33.36 -79.46 -1.33
N HIS K 679 32.79 -78.49 -0.63
CA HIS K 679 31.35 -78.58 -0.39
C HIS K 679 30.59 -78.01 -1.60
N LEU K 680 29.86 -78.87 -2.31
CA LEU K 680 29.17 -78.46 -3.54
C LEU K 680 27.72 -78.89 -3.66
N MET K 681 27.18 -79.52 -2.61
CA MET K 681 25.74 -79.77 -2.51
C MET K 681 24.96 -78.48 -2.25
N PHE K 682 24.31 -77.98 -3.30
CA PHE K 682 23.63 -76.69 -3.20
C PHE K 682 22.17 -76.91 -3.51
N MET K 683 21.33 -76.81 -2.48
CA MET K 683 19.93 -77.18 -2.59
C MET K 683 19.10 -75.98 -2.25
N ASP K 684 18.40 -75.44 -3.22
CA ASP K 684 17.51 -74.32 -2.97
C ASP K 684 16.08 -74.68 -3.41
N ARG K 685 15.15 -73.77 -3.17
CA ARG K 685 13.76 -74.03 -3.42
C ARG K 685 13.41 -73.92 -4.88
N GLU K 686 12.57 -74.86 -5.35
CA GLU K 686 12.13 -74.95 -6.75
C GLU K 686 10.66 -74.48 -6.84
N ALA K 687 9.72 -75.35 -6.50
CA ALA K 687 8.31 -75.01 -6.66
C ALA K 687 7.53 -74.77 -5.34
N ILE K 688 6.62 -73.80 -5.37
CA ILE K 688 5.60 -73.64 -4.33
C ILE K 688 4.26 -73.98 -4.98
N ALA K 689 3.42 -74.73 -4.26
CA ALA K 689 2.18 -75.23 -4.82
C ALA K 689 1.10 -75.33 -3.73
N GLY K 690 -0.17 -75.28 -4.17
CA GLY K 690 -1.29 -75.25 -3.23
C GLY K 690 -2.52 -74.86 -4.00
N PRO K 691 -3.69 -75.04 -3.42
CA PRO K 691 -4.94 -74.69 -4.09
C PRO K 691 -5.14 -73.17 -4.09
N PRO K 692 -5.94 -72.61 -4.98
CA PRO K 692 -6.25 -71.17 -4.88
C PRO K 692 -6.92 -70.87 -3.53
N LEU K 693 -6.55 -69.76 -2.89
CA LEU K 693 -7.06 -69.43 -1.57
C LEU K 693 -8.57 -69.33 -1.64
N GLY K 694 -9.25 -70.02 -0.73
CA GLY K 694 -10.70 -70.06 -0.76
C GLY K 694 -11.40 -71.17 -1.54
N SER K 695 -10.69 -71.88 -2.43
CA SER K 695 -11.31 -72.95 -3.22
C SER K 695 -11.42 -74.33 -2.52
N LYS K 696 -12.08 -75.29 -3.15
CA LYS K 696 -12.08 -76.67 -2.65
C LYS K 696 -11.06 -77.54 -3.38
N GLY K 697 -10.06 -76.92 -3.99
CA GLY K 697 -9.02 -77.66 -4.69
C GLY K 697 -8.08 -78.36 -3.71
N ILE K 698 -7.55 -79.52 -4.09
CA ILE K 698 -6.69 -80.27 -3.19
C ILE K 698 -5.23 -79.84 -3.24
N GLY K 699 -4.83 -79.10 -4.28
CA GLY K 699 -3.47 -78.62 -4.39
C GLY K 699 -2.53 -79.57 -5.13
N GLY K 700 -2.36 -80.80 -4.65
CA GLY K 700 -1.45 -81.72 -5.30
C GLY K 700 -1.84 -83.13 -4.93
N PHE K 701 -1.28 -84.13 -5.61
CA PHE K 701 -1.46 -85.51 -5.19
C PHE K 701 -0.32 -86.36 -5.70
N TRP K 702 -0.14 -87.52 -5.09
CA TRP K 702 0.83 -88.54 -5.47
C TRP K 702 0.07 -89.85 -5.57
N THR K 703 0.29 -90.60 -6.65
CA THR K 703 -0.34 -91.89 -6.79
C THR K 703 0.63 -93.00 -6.41
N GLY K 704 1.93 -92.74 -6.60
CA GLY K 704 3.00 -93.68 -6.32
C GLY K 704 4.33 -93.05 -6.69
N LYS K 705 5.35 -93.87 -6.88
CA LYS K 705 6.67 -93.34 -7.21
C LYS K 705 6.61 -92.70 -8.59
N LYS K 706 7.29 -91.58 -8.76
CA LYS K 706 7.42 -90.98 -10.09
C LYS K 706 6.07 -90.55 -10.64
N ARG K 707 5.08 -90.46 -9.78
CA ARG K 707 3.75 -90.11 -10.26
C ARG K 707 3.06 -89.09 -9.37
N TYR K 708 2.95 -87.87 -9.90
CA TYR K 708 2.36 -86.81 -9.13
C TYR K 708 2.01 -85.55 -9.90
N ALA K 709 1.12 -84.76 -9.34
CA ALA K 709 0.67 -83.51 -9.94
C ALA K 709 0.64 -82.44 -8.88
N LEU K 710 1.13 -81.25 -9.23
CA LEU K 710 1.16 -80.11 -8.33
C LEU K 710 0.58 -78.92 -9.06
N ASN K 711 -0.12 -78.07 -8.32
CA ASN K 711 -0.66 -76.82 -8.87
C ASN K 711 0.24 -75.67 -8.42
N VAL K 712 1.20 -75.33 -9.29
CA VAL K 712 2.34 -74.46 -8.94
C VAL K 712 2.15 -72.95 -9.19
N TRP K 713 2.55 -72.12 -8.21
CA TRP K 713 2.41 -70.66 -8.27
C TRP K 713 3.71 -69.92 -8.55
N ASP K 714 4.81 -70.55 -8.20
CA ASP K 714 6.14 -69.94 -8.25
C ASP K 714 7.17 -71.06 -8.43
N MET K 715 8.10 -70.81 -9.35
CA MET K 715 9.08 -71.79 -9.76
C MET K 715 10.43 -71.07 -9.82
N GLU K 716 11.32 -71.40 -8.87
CA GLU K 716 12.66 -70.82 -8.90
C GLU K 716 12.59 -69.31 -9.10
N GLY K 717 11.63 -68.65 -8.46
CA GLY K 717 11.53 -67.20 -8.51
C GLY K 717 10.57 -66.60 -9.52
N THR K 718 10.14 -67.37 -10.50
CA THR K 718 9.14 -66.86 -11.43
C THR K 718 7.79 -67.04 -10.82
N ARG K 719 7.12 -65.95 -10.49
CA ARG K 719 5.78 -66.01 -9.95
C ARG K 719 4.80 -65.94 -11.13
N TYR K 720 4.03 -67.01 -11.31
CA TYR K 720 3.11 -67.11 -12.43
C TYR K 720 1.86 -66.31 -12.17
N ALA K 721 1.46 -65.53 -13.18
CA ALA K 721 0.19 -64.81 -13.16
C ALA K 721 -0.97 -65.78 -13.05
N GLU K 722 -0.84 -66.92 -13.74
CA GLU K 722 -1.81 -68.01 -13.65
C GLU K 722 -1.04 -69.25 -13.18
N PRO K 723 -1.65 -70.08 -12.34
CA PRO K 723 -0.96 -71.24 -11.77
C PRO K 723 -0.68 -72.29 -12.84
N LYS K 724 0.50 -72.91 -12.79
CA LYS K 724 0.89 -73.91 -13.78
C LYS K 724 0.77 -75.33 -13.22
N LEU K 725 0.20 -76.24 -14.00
CA LEU K 725 0.15 -77.63 -13.57
C LEU K 725 1.50 -78.27 -13.74
N LYS K 726 2.08 -78.72 -12.66
CA LYS K 726 3.31 -79.48 -12.77
C LYS K 726 2.93 -80.96 -12.67
N ILE K 727 2.86 -81.63 -13.81
CA ILE K 727 2.43 -83.03 -13.84
C ILE K 727 3.57 -83.89 -14.26
N MET K 728 3.90 -84.88 -13.44
CA MET K 728 5.05 -85.73 -13.68
C MET K 728 4.57 -87.17 -13.74
N GLY K 729 4.93 -87.85 -14.81
CA GLY K 729 4.71 -89.28 -14.92
C GLY K 729 3.30 -89.71 -15.31
N LEU K 730 2.30 -88.93 -14.94
CA LEU K 730 0.94 -89.29 -15.25
C LEU K 730 0.73 -89.23 -16.75
N GLU K 731 -0.37 -89.83 -17.19
CA GLU K 731 -0.63 -90.07 -18.62
C GLU K 731 -0.65 -88.83 -19.52
N THR K 732 -1.24 -87.72 -19.04
CA THR K 732 -1.09 -86.42 -19.71
C THR K 732 0.31 -86.18 -20.29
N GLN K 733 1.34 -86.65 -19.59
CA GLN K 733 2.73 -86.49 -20.04
C GLN K 733 3.30 -87.55 -20.98
N LYS K 734 2.55 -88.61 -21.27
CA LYS K 734 3.04 -89.77 -22.06
C LYS K 734 2.65 -89.70 -23.56
N SER K 735 3.62 -89.83 -24.46
CA SER K 735 3.36 -89.61 -25.88
C SER K 735 2.41 -90.65 -26.41
N SER K 736 2.25 -91.70 -25.61
CA SER K 736 1.50 -92.86 -25.95
C SER K 736 0.00 -92.61 -25.70
N THR K 737 -0.34 -91.53 -25.01
CA THR K 737 -1.75 -91.36 -24.77
C THR K 737 -2.40 -90.43 -25.75
N PRO K 738 -3.64 -90.76 -26.10
CA PRO K 738 -4.37 -90.01 -27.13
C PRO K 738 -4.37 -88.54 -26.80
N LYS K 739 -4.31 -87.70 -27.82
CA LYS K 739 -4.25 -86.26 -27.63
C LYS K 739 -5.47 -85.75 -26.89
N ALA K 740 -6.67 -86.07 -27.38
CA ALA K 740 -7.88 -85.61 -26.69
C ALA K 740 -7.82 -86.13 -25.26
N VAL K 741 -7.58 -87.41 -25.07
CA VAL K 741 -7.47 -87.98 -23.73
C VAL K 741 -6.43 -87.20 -22.89
N GLN K 742 -5.34 -86.75 -23.50
CA GLN K 742 -4.30 -86.03 -22.74
C GLN K 742 -4.92 -84.76 -22.17
N LYS K 743 -5.67 -84.09 -23.04
CA LYS K 743 -6.24 -82.78 -22.76
C LYS K 743 -7.35 -82.92 -21.75
N ALA K 744 -8.00 -84.09 -21.74
CA ALA K 744 -9.10 -84.33 -20.84
C ALA K 744 -8.63 -84.66 -19.42
N LEU K 745 -7.55 -85.42 -19.33
CA LEU K 745 -7.00 -85.85 -18.04
C LEU K 745 -6.36 -84.65 -17.39
N LYS K 746 -5.76 -83.80 -18.22
CA LYS K 746 -5.22 -82.54 -17.74
C LYS K 746 -6.36 -81.66 -17.19
N GLU K 747 -7.49 -81.56 -17.88
CA GLU K 747 -8.55 -80.71 -17.37
C GLU K 747 -9.12 -81.34 -16.10
N CYS K 748 -9.17 -82.68 -16.06
CA CYS K 748 -9.57 -83.36 -14.83
C CYS K 748 -8.65 -82.95 -13.71
N ILE K 749 -7.35 -83.09 -13.95
CA ILE K 749 -6.39 -82.71 -12.93
C ILE K 749 -6.50 -81.23 -12.58
N ARG K 750 -6.61 -80.35 -13.56
CA ARG K 750 -6.78 -78.94 -13.25
C ARG K 750 -7.93 -78.73 -12.27
N ARG K 751 -9.03 -79.43 -12.53
CA ARG K 751 -10.19 -79.31 -11.70
C ARG K 751 -9.96 -79.89 -10.30
N MET K 752 -9.43 -81.09 -10.20
CA MET K 752 -9.01 -81.61 -8.88
C MET K 752 -8.24 -80.59 -8.08
N LEU K 753 -7.18 -80.04 -8.69
CA LEU K 753 -6.22 -79.27 -7.91
C LEU K 753 -6.71 -77.89 -7.58
N GLN K 754 -7.56 -77.33 -8.44
CA GLN K 754 -7.90 -75.92 -8.32
C GLN K 754 -9.30 -75.68 -7.80
N GLU K 755 -10.27 -76.44 -8.30
CA GLU K 755 -11.66 -76.35 -7.85
C GLU K 755 -11.92 -77.75 -7.30
N GLY K 756 -12.92 -77.98 -6.47
CA GLY K 756 -12.94 -79.31 -5.90
C GLY K 756 -13.42 -80.54 -6.68
N GLU K 757 -14.11 -81.42 -5.95
CA GLU K 757 -14.60 -82.71 -6.43
C GLU K 757 -15.85 -82.54 -7.30
N GLU K 758 -16.66 -81.54 -6.96
CA GLU K 758 -17.86 -81.24 -7.73
C GLU K 758 -17.50 -80.78 -9.15
N SER K 759 -16.51 -79.91 -9.26
CA SER K 759 -16.10 -79.39 -10.56
C SER K 759 -15.62 -80.50 -11.49
N LEU K 760 -14.79 -81.39 -10.93
CA LEU K 760 -14.32 -82.59 -11.59
C LEU K 760 -15.51 -83.37 -12.07
N GLN K 761 -16.48 -83.57 -11.19
CA GLN K 761 -17.65 -84.33 -11.49
C GLN K 761 -18.47 -83.77 -12.67
N GLU K 762 -18.62 -82.44 -12.73
CA GLU K 762 -19.25 -81.73 -13.84
C GLU K 762 -18.51 -82.03 -15.16
N TYR K 763 -17.18 -81.98 -15.13
CA TYR K 763 -16.40 -82.19 -16.34
C TYR K 763 -16.34 -83.61 -16.84
N PHE K 764 -16.30 -84.57 -15.93
CA PHE K 764 -16.34 -85.97 -16.31
C PHE K 764 -17.59 -86.32 -17.16
N LYS K 765 -18.77 -85.80 -16.77
CA LYS K 765 -19.98 -86.02 -17.55
C LYS K 765 -19.83 -85.42 -18.95
N GLU K 766 -19.23 -84.24 -19.03
CA GLU K 766 -18.97 -83.52 -20.29
C GLU K 766 -18.09 -84.31 -21.27
N PHE K 767 -16.89 -84.69 -20.85
CA PHE K 767 -16.01 -85.43 -21.75
C PHE K 767 -16.62 -86.72 -22.24
N GLU K 768 -17.23 -87.45 -21.31
CA GLU K 768 -17.92 -88.68 -21.63
C GLU K 768 -18.96 -88.46 -22.73
N LYS K 769 -19.79 -87.43 -22.59
CA LYS K 769 -20.84 -87.15 -23.56
C LYS K 769 -20.30 -86.81 -24.95
N GLU K 770 -19.16 -86.14 -25.02
CA GLU K 770 -18.70 -85.61 -26.31
C GLU K 770 -17.72 -86.59 -26.96
N PHE K 771 -17.17 -87.50 -26.17
CA PHE K 771 -16.21 -88.51 -26.64
C PHE K 771 -16.44 -89.11 -28.02
N ARG K 772 -17.64 -89.64 -28.28
CA ARG K 772 -17.94 -90.26 -29.57
C ARG K 772 -17.93 -89.28 -30.76
N GLN K 773 -17.95 -87.99 -30.46
CA GLN K 773 -17.96 -86.99 -31.50
C GLN K 773 -16.50 -86.60 -31.89
N LEU K 774 -15.51 -86.99 -31.07
CA LEU K 774 -14.13 -86.53 -31.27
C LEU K 774 -13.50 -87.16 -32.51
N ASN K 775 -12.53 -86.48 -33.08
CA ASN K 775 -11.85 -86.97 -34.24
C ASN K 775 -11.08 -88.24 -33.90
N TYR K 776 -11.14 -89.24 -34.77
CA TYR K 776 -10.50 -90.56 -34.47
C TYR K 776 -8.99 -90.54 -34.18
N ILE K 777 -8.22 -89.73 -34.89
CA ILE K 777 -6.79 -89.57 -34.68
C ILE K 777 -6.47 -88.98 -33.31
N SER K 778 -7.33 -88.07 -32.83
CA SER K 778 -7.10 -87.46 -31.52
C SER K 778 -7.43 -88.39 -30.37
N ILE K 779 -8.02 -89.54 -30.68
CA ILE K 779 -8.32 -90.48 -29.61
C ILE K 779 -7.66 -91.82 -29.75
N ALA K 780 -6.81 -91.95 -30.77
CA ALA K 780 -6.05 -93.16 -30.99
C ALA K 780 -4.84 -93.20 -30.08
N SER K 781 -4.49 -94.37 -29.58
CA SER K 781 -3.27 -94.52 -28.78
C SER K 781 -2.04 -94.55 -29.67
N VAL K 782 -0.89 -94.45 -29.03
CA VAL K 782 0.38 -94.49 -29.76
C VAL K 782 1.36 -95.44 -29.11
N SER K 783 2.25 -96.00 -29.91
CA SER K 783 3.21 -96.98 -29.45
C SER K 783 4.35 -97.03 -30.45
N SER K 784 5.48 -97.63 -30.07
CA SER K 784 6.57 -97.87 -30.99
C SER K 784 6.33 -99.27 -31.46
N ALA K 785 6.63 -99.55 -32.73
CA ALA K 785 6.48 -100.88 -33.28
C ALA K 785 7.83 -101.52 -33.49
N ASN K 786 8.28 -102.24 -32.47
CA ASN K 786 9.53 -102.97 -32.55
C ASN K 786 9.30 -104.45 -32.72
N ASN K 787 10.16 -105.07 -33.53
CA ASN K 787 10.20 -106.50 -33.65
C ASN K 787 8.88 -107.04 -34.16
N ILE K 788 8.46 -106.56 -35.32
CA ILE K 788 7.20 -106.98 -35.91
C ILE K 788 7.39 -108.41 -36.40
N ALA K 789 8.51 -108.63 -37.08
CA ALA K 789 8.87 -109.96 -37.61
C ALA K 789 8.92 -111.09 -36.55
N LYS K 790 9.26 -110.73 -35.30
CA LYS K 790 9.34 -111.68 -34.20
C LYS K 790 7.98 -112.33 -33.91
N TYR K 791 6.91 -111.57 -34.06
CA TYR K 791 5.61 -112.07 -33.64
C TYR K 791 4.66 -112.41 -34.76
N ASP K 792 5.16 -112.38 -35.99
CA ASP K 792 4.32 -112.59 -37.16
C ASP K 792 4.55 -113.97 -37.77
N VAL K 793 3.60 -114.86 -37.53
CA VAL K 793 3.60 -116.20 -38.11
C VAL K 793 2.41 -116.35 -39.04
N GLY K 794 2.66 -116.27 -40.35
CA GLY K 794 1.61 -116.35 -41.36
C GLY K 794 0.67 -115.14 -41.38
N GLY K 795 1.07 -114.07 -40.69
CA GLY K 795 0.27 -112.87 -40.63
C GLY K 795 -0.63 -112.80 -39.40
N PHE K 796 -0.46 -113.75 -38.50
CA PHE K 796 -1.21 -113.75 -37.27
C PHE K 796 -0.23 -113.68 -36.11
N PRO K 797 -0.71 -113.26 -34.93
CA PRO K 797 0.18 -113.11 -33.77
C PRO K 797 0.77 -114.44 -33.28
N GLY K 798 2.07 -114.46 -33.08
CA GLY K 798 2.75 -115.56 -32.42
C GLY K 798 2.66 -115.40 -30.91
N PRO K 799 3.30 -116.30 -30.18
CA PRO K 799 3.09 -116.35 -28.73
C PRO K 799 3.65 -115.11 -28.03
N LYS K 800 2.79 -114.48 -27.22
CA LYS K 800 3.20 -113.38 -26.40
C LYS K 800 3.28 -112.13 -27.27
N CYS K 801 2.53 -112.14 -28.37
CA CYS K 801 2.46 -111.00 -29.25
C CYS K 801 1.90 -109.81 -28.50
N PRO K 802 2.66 -108.71 -28.48
CA PRO K 802 2.21 -107.48 -27.85
C PRO K 802 0.92 -107.01 -28.53
N PHE K 803 0.22 -106.09 -27.87
CA PHE K 803 -1.12 -105.70 -28.30
C PHE K 803 -1.05 -104.83 -29.56
N HIS K 804 -0.19 -103.82 -29.56
CA HIS K 804 0.02 -102.94 -30.71
C HIS K 804 0.62 -103.70 -31.88
N ILE K 805 1.42 -104.72 -31.59
CA ILE K 805 1.99 -105.55 -32.66
C ILE K 805 0.89 -106.41 -33.31
N ARG K 806 -0.05 -106.89 -32.51
CA ARG K 806 -1.19 -107.59 -33.07
C ARG K 806 -1.98 -106.66 -34.00
N GLY K 807 -2.12 -105.38 -33.59
CA GLY K 807 -2.75 -104.34 -34.40
C GLY K 807 -2.07 -104.04 -35.74
N ILE K 808 -0.75 -103.96 -35.72
CA ILE K 808 -0.02 -103.86 -36.95
C ILE K 808 -0.33 -105.08 -37.84
N LEU K 809 -0.23 -106.27 -37.27
CA LEU K 809 -0.53 -107.51 -38.00
C LEU K 809 -1.95 -107.58 -38.54
N THR K 810 -2.95 -107.06 -37.83
CA THR K 810 -4.28 -107.06 -38.44
C THR K 810 -4.43 -106.09 -39.62
N TYR K 811 -3.68 -104.98 -39.55
CA TYR K 811 -3.59 -103.98 -40.63
C TYR K 811 -2.92 -104.55 -41.89
N ASN K 812 -1.74 -105.14 -41.74
CA ASN K 812 -1.05 -105.78 -42.86
C ASN K 812 -1.95 -106.83 -43.58
N ARG K 813 -2.88 -107.40 -42.84
CA ARG K 813 -3.84 -108.33 -43.44
C ARG K 813 -4.94 -107.59 -44.22
N ALA K 814 -5.46 -106.53 -43.62
CA ALA K 814 -6.51 -105.75 -44.26
C ALA K 814 -6.04 -104.99 -45.50
N ILE K 815 -4.73 -104.71 -45.60
CA ILE K 815 -4.17 -104.02 -46.77
C ILE K 815 -3.38 -104.96 -47.68
N LYS K 816 -3.41 -106.26 -47.33
CA LYS K 816 -3.03 -107.32 -48.26
C LYS K 816 -3.43 -106.86 -49.64
N GLY K 817 -2.45 -106.79 -50.53
CA GLY K 817 -2.71 -106.56 -51.94
C GLY K 817 -2.76 -105.11 -52.38
N ASN K 818 -3.35 -104.23 -51.57
CA ASN K 818 -3.40 -102.83 -51.94
C ASN K 818 -1.99 -102.28 -51.92
N ILE K 819 -1.55 -101.82 -53.08
CA ILE K 819 -0.20 -101.32 -53.25
C ILE K 819 -0.06 -99.96 -52.60
N ASP K 820 -0.96 -99.04 -52.91
CA ASP K 820 -0.82 -97.64 -52.48
C ASP K 820 -1.13 -97.39 -50.99
N ALA K 821 -1.41 -98.45 -50.23
CA ALA K 821 -1.51 -98.33 -48.77
C ALA K 821 -0.10 -98.22 -48.17
N PRO K 822 0.10 -97.26 -47.29
CA PRO K 822 1.39 -97.07 -46.64
C PRO K 822 1.77 -98.22 -45.70
N GLN K 823 3.06 -98.56 -45.72
CA GLN K 823 3.62 -99.62 -44.90
C GLN K 823 3.93 -99.12 -43.49
N VAL K 824 3.67 -99.96 -42.51
CA VAL K 824 4.16 -99.77 -41.14
C VAL K 824 5.62 -100.12 -41.12
N VAL K 825 6.45 -99.19 -40.69
CA VAL K 825 7.89 -99.39 -40.75
C VAL K 825 8.40 -99.83 -39.39
N GLU K 826 9.11 -100.95 -39.37
CA GLU K 826 9.76 -101.47 -38.17
C GLU K 826 10.52 -100.36 -37.44
N GLY K 827 10.23 -100.19 -36.17
CA GLY K 827 10.96 -99.22 -35.37
C GLY K 827 10.14 -97.96 -35.20
N GLU K 828 9.29 -97.68 -36.19
CA GLU K 828 8.44 -96.49 -36.26
C GLU K 828 7.24 -96.61 -35.33
N LYS K 829 6.62 -95.48 -34.98
CA LYS K 829 5.45 -95.52 -34.08
C LYS K 829 4.19 -95.72 -34.87
N VAL K 830 3.15 -96.25 -34.21
CA VAL K 830 1.82 -96.42 -34.84
C VAL K 830 0.62 -95.91 -34.03
N TYR K 831 -0.49 -95.63 -34.72
CA TYR K 831 -1.79 -95.40 -34.07
C TYR K 831 -2.47 -96.73 -33.77
N VAL K 832 -3.19 -96.79 -32.67
CA VAL K 832 -3.84 -98.03 -32.29
C VAL K 832 -5.26 -97.75 -31.85
N LEU K 833 -6.22 -98.50 -32.37
CA LEU K 833 -7.58 -98.44 -31.87
C LEU K 833 -8.08 -99.83 -31.55
N PRO K 834 -8.89 -99.96 -30.52
CA PRO K 834 -9.56 -101.23 -30.23
C PRO K 834 -10.72 -101.40 -31.21
N LEU K 835 -11.00 -102.62 -31.63
CA LEU K 835 -12.08 -102.92 -32.55
C LEU K 835 -13.12 -103.75 -31.81
N ARG K 836 -14.40 -103.53 -32.09
CA ARG K 836 -15.44 -104.22 -31.34
C ARG K 836 -15.49 -105.66 -31.81
N GLU K 837 -16.03 -106.56 -31.00
CA GLU K 837 -16.16 -107.95 -31.42
C GLU K 837 -16.98 -108.04 -32.71
N GLY K 838 -16.59 -108.93 -33.63
CA GLY K 838 -17.32 -109.21 -34.84
C GLY K 838 -16.90 -108.40 -36.06
N ASN K 839 -15.97 -107.47 -35.87
CA ASN K 839 -15.42 -106.64 -36.96
C ASN K 839 -14.85 -107.46 -38.11
N PRO K 840 -14.87 -106.90 -39.32
CA PRO K 840 -14.41 -107.61 -40.51
C PRO K 840 -12.89 -107.73 -40.62
N PHE K 841 -12.16 -107.20 -39.65
CA PHE K 841 -10.71 -107.28 -39.65
C PHE K 841 -10.20 -108.50 -38.92
N GLY K 842 -11.11 -109.23 -38.29
CA GLY K 842 -10.77 -110.51 -37.68
C GLY K 842 -10.17 -110.47 -36.30
N ASP K 843 -9.74 -109.30 -35.82
CA ASP K 843 -9.07 -109.20 -34.53
C ASP K 843 -9.59 -108.06 -33.67
N LYS K 844 -9.03 -107.92 -32.47
CA LYS K 844 -9.59 -107.02 -31.47
C LYS K 844 -8.97 -105.58 -31.48
N CYS K 845 -7.99 -105.37 -32.35
CA CYS K 845 -7.37 -104.06 -32.55
C CYS K 845 -6.77 -103.89 -33.94
N ILE K 846 -6.55 -102.64 -34.36
CA ILE K 846 -5.80 -102.33 -35.58
C ILE K 846 -4.80 -101.20 -35.32
N ALA K 847 -3.69 -101.27 -36.04
CA ALA K 847 -2.69 -100.21 -35.95
C ALA K 847 -2.25 -99.77 -37.35
N TRP K 848 -2.00 -98.47 -37.50
CA TRP K 848 -1.54 -97.95 -38.77
C TRP K 848 -0.45 -96.90 -38.53
N PRO K 849 0.33 -96.54 -39.54
CA PRO K 849 1.42 -95.59 -39.36
C PRO K 849 0.99 -94.30 -38.65
N SER K 850 1.65 -93.97 -37.55
CA SER K 850 1.30 -92.76 -36.80
C SER K 850 1.58 -91.48 -37.58
N GLY K 851 0.71 -90.48 -37.45
CA GLY K 851 0.92 -89.19 -38.08
C GLY K 851 0.25 -89.12 -39.43
N THR K 852 -0.58 -90.12 -39.70
CA THR K 852 -1.24 -90.20 -41.00
C THR K 852 -2.67 -90.63 -40.79
N GLU K 853 -3.51 -90.30 -41.76
CA GLU K 853 -4.86 -90.84 -41.86
C GLU K 853 -4.79 -92.34 -42.26
N ILE K 854 -5.72 -93.18 -41.87
CA ILE K 854 -5.73 -94.54 -42.43
C ILE K 854 -6.08 -94.41 -43.88
N THR K 855 -5.59 -95.33 -44.75
CA THR K 855 -5.99 -95.32 -46.16
C THR K 855 -7.47 -95.24 -46.29
N ASP K 856 -7.92 -94.77 -47.44
CA ASP K 856 -9.33 -94.67 -47.72
C ASP K 856 -10.04 -96.03 -47.70
N LEU K 857 -9.35 -97.06 -48.20
CA LEU K 857 -9.98 -98.34 -48.45
C LEU K 857 -10.43 -99.09 -47.19
N ILE K 858 -9.92 -98.68 -46.03
CA ILE K 858 -10.33 -99.32 -44.77
C ILE K 858 -10.80 -98.32 -43.72
N LYS K 859 -10.66 -97.03 -44.03
CA LYS K 859 -11.06 -95.97 -43.12
C LYS K 859 -12.50 -96.06 -42.62
N ASP K 860 -13.46 -96.19 -43.54
CA ASP K 860 -14.89 -96.18 -43.17
C ASP K 860 -15.27 -97.32 -42.25
N ASP K 861 -14.63 -98.48 -42.47
CA ASP K 861 -14.80 -99.68 -41.66
C ASP K 861 -14.15 -99.49 -40.29
N VAL K 862 -13.00 -98.84 -40.27
CA VAL K 862 -12.34 -98.62 -39.00
C VAL K 862 -13.24 -97.76 -38.12
N LEU K 863 -13.80 -96.69 -38.70
CA LEU K 863 -14.62 -95.78 -37.93
C LEU K 863 -15.88 -96.47 -37.43
N HIS K 864 -16.49 -97.31 -38.26
CA HIS K 864 -17.68 -98.06 -37.91
C HIS K 864 -17.44 -99.15 -36.84
N TRP K 865 -16.21 -99.69 -36.74
CA TRP K 865 -15.93 -100.77 -35.79
C TRP K 865 -15.05 -100.45 -34.55
N MET K 866 -14.38 -99.29 -34.52
CA MET K 866 -13.56 -98.88 -33.37
C MET K 866 -14.41 -98.96 -32.12
N ASP K 867 -13.82 -99.38 -30.99
CA ASP K 867 -14.58 -99.61 -29.75
C ASP K 867 -14.50 -98.45 -28.77
N TYR K 868 -15.37 -97.46 -28.96
CA TYR K 868 -15.39 -96.28 -28.10
C TYR K 868 -15.33 -96.66 -26.63
N THR K 869 -16.30 -97.47 -26.16
CA THR K 869 -16.39 -97.95 -24.78
C THR K 869 -15.05 -98.46 -24.25
N VAL K 870 -14.47 -99.45 -24.90
CA VAL K 870 -13.18 -99.98 -24.44
C VAL K 870 -12.04 -98.96 -24.49
N LEU K 871 -12.14 -98.02 -25.41
CA LEU K 871 -11.11 -97.03 -25.59
C LEU K 871 -11.21 -95.94 -24.50
N LEU K 872 -12.44 -95.56 -24.17
CA LEU K 872 -12.70 -94.64 -23.09
C LEU K 872 -12.22 -95.25 -21.76
N GLU K 873 -12.54 -96.53 -21.51
CA GLU K 873 -12.14 -97.24 -20.29
C GLU K 873 -10.62 -97.27 -20.14
N LYS K 874 -9.94 -97.63 -21.23
CA LYS K 874 -8.51 -97.83 -21.19
C LYS K 874 -7.71 -96.53 -20.99
N THR K 875 -8.09 -95.47 -21.71
CA THR K 875 -7.23 -94.33 -21.84
C THR K 875 -7.66 -93.18 -20.96
N PHE K 876 -8.91 -93.22 -20.49
CA PHE K 876 -9.43 -92.13 -19.69
C PHE K 876 -9.86 -92.60 -18.30
N ILE K 877 -10.82 -93.51 -18.22
CA ILE K 877 -11.38 -93.83 -16.91
C ILE K 877 -10.36 -94.53 -16.01
N LYS K 878 -9.74 -95.62 -16.48
CA LYS K 878 -8.80 -96.34 -15.61
C LYS K 878 -7.78 -95.41 -14.98
N PRO K 879 -7.09 -94.60 -15.79
CA PRO K 879 -6.15 -93.57 -15.27
C PRO K 879 -6.77 -92.57 -14.30
N LEU K 880 -7.99 -92.09 -14.58
CA LEU K 880 -8.73 -91.23 -13.66
C LEU K 880 -9.10 -91.93 -12.35
N GLU K 881 -9.45 -93.22 -12.39
CA GLU K 881 -9.67 -93.99 -11.17
C GLU K 881 -8.41 -93.93 -10.32
N GLY K 882 -7.27 -94.09 -10.98
CA GLY K 882 -5.99 -93.99 -10.34
C GLY K 882 -5.75 -92.65 -9.64
N PHE K 883 -6.05 -91.52 -10.29
CA PHE K 883 -5.78 -90.22 -9.66
C PHE K 883 -6.65 -90.02 -8.44
N THR K 884 -7.93 -90.31 -8.63
CA THR K 884 -8.95 -89.88 -7.69
C THR K 884 -8.96 -90.74 -6.46
N SER K 885 -8.72 -92.04 -6.65
CA SER K 885 -8.59 -92.94 -5.51
C SER K 885 -7.31 -92.63 -4.71
N ALA K 886 -6.22 -92.28 -5.39
CA ALA K 886 -5.07 -91.69 -4.67
C ALA K 886 -5.45 -90.38 -3.92
N ALA K 887 -6.14 -89.46 -4.58
CA ALA K 887 -6.51 -88.21 -3.94
C ALA K 887 -7.71 -88.32 -2.98
N LYS K 888 -8.31 -89.52 -2.91
CA LYS K 888 -9.53 -89.77 -2.14
C LYS K 888 -10.70 -88.89 -2.60
N LEU K 889 -11.03 -89.01 -3.89
CA LEU K 889 -12.02 -88.19 -4.58
C LEU K 889 -12.94 -89.07 -5.43
N ASP K 890 -14.16 -88.62 -5.73
CA ASP K 890 -14.97 -89.33 -6.72
C ASP K 890 -15.21 -88.50 -7.99
N TYR K 891 -14.97 -89.09 -9.14
CA TYR K 891 -15.31 -88.44 -10.39
C TYR K 891 -16.81 -88.61 -10.69
N GLU K 892 -17.45 -89.58 -10.06
CA GLU K 892 -18.89 -89.77 -10.24
C GLU K 892 -19.54 -89.55 -8.88
N LYS K 893 -20.57 -88.71 -8.81
CA LYS K 893 -21.26 -88.43 -7.54
C LYS K 893 -21.98 -89.65 -6.90
N LYS K 894 -21.73 -89.85 -5.61
CA LYS K 894 -22.25 -91.02 -4.90
C LYS K 894 -23.51 -90.66 -4.13
N ALA K 895 -24.56 -91.45 -4.32
CA ALA K 895 -25.79 -91.31 -3.54
C ALA K 895 -25.40 -90.94 -2.11
N SER K 896 -26.06 -89.93 -1.55
CA SER K 896 -25.49 -89.30 -0.37
C SER K 896 -26.49 -88.93 0.69
N LEU K 897 -27.07 -89.95 1.33
CA LEU K 897 -27.53 -89.88 2.71
C LEU K 897 -28.34 -88.63 3.08
N PHE K 898 -28.28 -87.64 2.19
CA PHE K 898 -29.05 -86.39 2.23
C PHE K 898 -28.77 -85.54 0.95
N ASP K 899 -29.64 -85.69 -0.03
CA ASP K 899 -29.64 -84.87 -1.23
C ASP K 899 -30.93 -84.08 -1.12
N MET K 900 -30.91 -83.09 -0.22
CA MET K 900 -32.09 -82.36 0.29
C MET K 900 -33.12 -83.25 0.96
N PHE K 901 -33.45 -82.92 2.20
CA PHE K 901 -34.35 -83.74 3.00
C PHE K 901 -35.34 -82.89 3.81
N ASP K 902 -35.97 -81.93 3.13
CA ASP K 902 -37.02 -81.08 3.70
C ASP K 902 -36.54 -80.08 4.76
N PHE K 903 -37.51 -79.52 5.50
CA PHE K 903 -37.33 -78.45 6.50
C PHE K 903 -35.89 -78.09 6.87
N MET L 1 43.72 35.91 -14.35
CA MET L 1 43.02 34.60 -14.13
C MET L 1 43.89 33.40 -14.54
N LYS L 2 43.92 32.38 -13.69
CA LYS L 2 44.65 31.14 -14.01
C LYS L 2 43.82 30.20 -14.90
N GLU L 3 44.49 29.16 -15.42
CA GLU L 3 43.87 28.01 -16.08
C GLU L 3 42.88 27.30 -15.15
N PHE L 4 41.89 26.65 -15.76
CA PHE L 4 41.01 25.72 -15.05
C PHE L 4 40.38 24.71 -16.00
N TYR L 5 40.09 23.53 -15.45
CA TYR L 5 39.65 22.42 -16.28
C TYR L 5 38.16 22.50 -16.55
N LEU L 6 37.76 21.91 -17.67
CA LEU L 6 36.38 21.80 -18.09
C LEU L 6 36.00 20.37 -17.82
N THR L 7 36.59 19.44 -18.57
CA THR L 7 36.44 18.02 -18.28
C THR L 7 37.77 17.31 -18.25
N VAL L 8 37.72 16.02 -17.88
CA VAL L 8 38.89 15.17 -17.85
C VAL L 8 38.49 13.68 -17.97
N GLU L 9 39.13 12.95 -18.87
CA GLU L 9 38.89 11.51 -18.95
C GLU L 9 40.16 10.70 -19.07
N GLN L 10 40.12 9.46 -18.60
CA GLN L 10 41.21 8.52 -18.85
C GLN L 10 40.81 7.50 -19.94
N ILE L 11 41.51 7.56 -21.07
CA ILE L 11 41.31 6.56 -22.11
C ILE L 11 42.64 5.89 -22.35
N GLY L 12 42.66 4.58 -22.09
CA GLY L 12 43.89 3.81 -22.17
C GLY L 12 44.88 4.53 -21.30
N ASP L 13 46.08 4.76 -21.85
CA ASP L 13 47.16 5.39 -21.13
C ASP L 13 47.11 6.91 -21.28
N SER L 14 45.98 7.45 -21.72
CA SER L 14 45.87 8.88 -21.95
C SER L 14 44.90 9.64 -21.01
N ILE L 15 45.32 10.81 -20.52
CA ILE L 15 44.37 11.77 -20.01
C ILE L 15 44.01 12.76 -21.12
N PHE L 16 42.71 12.80 -21.43
CA PHE L 16 42.15 13.79 -22.31
C PHE L 16 41.55 14.79 -21.38
N GLU L 17 41.93 16.06 -21.55
CA GLU L 17 41.33 17.13 -20.75
C GLU L 17 40.88 18.29 -21.65
N ARG L 18 39.69 18.79 -21.38
CA ARG L 18 39.25 20.06 -21.94
C ARG L 18 39.43 21.09 -20.85
N TYR L 19 39.88 22.28 -21.20
CA TYR L 19 40.16 23.30 -20.19
C TYR L 19 40.09 24.72 -20.76
N ILE L 20 40.03 25.71 -19.87
CA ILE L 20 40.14 27.11 -20.27
C ILE L 20 41.57 27.60 -20.03
N ASP L 21 42.24 28.07 -21.08
CA ASP L 21 43.65 28.46 -20.94
C ASP L 21 43.80 29.89 -20.38
N SER L 22 45.00 30.24 -19.95
CA SER L 22 45.33 31.54 -19.36
C SER L 22 44.86 32.75 -20.18
N ASN L 23 44.57 32.51 -21.46
CA ASN L 23 44.01 33.51 -22.38
C ASN L 23 42.46 33.56 -22.42
N GLY L 24 41.79 32.81 -21.54
CA GLY L 24 40.34 32.75 -21.54
C GLY L 24 39.68 31.90 -22.64
N ARG L 25 40.47 31.09 -23.32
CA ARG L 25 40.01 30.32 -24.49
C ARG L 25 39.96 28.83 -24.21
N GLU L 26 38.88 28.18 -24.64
CA GLU L 26 38.74 26.74 -24.48
C GLU L 26 39.71 25.95 -25.39
N ARG L 27 40.43 25.03 -24.75
CA ARG L 27 41.38 24.15 -25.44
C ARG L 27 41.26 22.67 -25.01
N THR L 28 41.87 21.78 -25.78
CA THR L 28 41.93 20.36 -25.44
C THR L 28 43.39 19.93 -25.44
N ARG L 29 43.71 18.92 -24.64
CA ARG L 29 45.02 18.28 -24.74
C ARG L 29 44.98 16.81 -24.42
N GLU L 30 45.99 16.09 -24.92
CA GLU L 30 46.20 14.68 -24.60
C GLU L 30 47.53 14.46 -23.91
N VAL L 31 47.50 13.72 -22.81
CA VAL L 31 48.73 13.47 -22.05
C VAL L 31 48.94 12.00 -21.68
N GLU L 32 50.14 11.50 -21.95
CA GLU L 32 50.51 10.16 -21.53
C GLU L 32 50.94 10.32 -20.09
N TYR L 33 49.95 10.41 -19.19
CA TYR L 33 50.19 10.74 -17.77
C TYR L 33 51.03 9.71 -17.05
N LYS L 34 52.05 10.19 -16.33
CA LYS L 34 52.91 9.33 -15.53
C LYS L 34 52.58 9.54 -14.06
N PRO L 35 51.91 8.56 -13.45
CA PRO L 35 51.42 8.67 -12.06
C PRO L 35 52.37 8.09 -10.98
N SER L 36 52.13 8.47 -9.74
CA SER L 36 52.91 7.88 -8.67
C SER L 36 52.02 7.09 -7.77
N LEU L 37 52.51 5.93 -7.34
CA LEU L 37 51.93 5.25 -6.18
C LEU L 37 53.02 5.16 -5.13
N PHE L 38 52.67 4.61 -3.97
CA PHE L 38 53.63 4.52 -2.89
C PHE L 38 53.66 3.15 -2.23
N ALA L 39 54.81 2.78 -1.67
CA ALA L 39 54.85 1.57 -0.85
C ALA L 39 55.70 1.79 0.40
N HIS L 40 55.39 1.05 1.46
CA HIS L 40 56.18 1.14 2.66
C HIS L 40 57.60 0.59 2.40
N CYS L 41 58.57 1.11 3.14
CA CYS L 41 59.97 0.73 2.97
C CYS L 41 60.66 0.75 4.34
N PRO L 42 61.81 0.06 4.44
CA PRO L 42 62.63 0.14 5.66
C PRO L 42 62.83 1.60 6.05
N GLU L 43 62.52 1.93 7.31
CA GLU L 43 62.56 3.29 7.85
C GLU L 43 63.64 4.20 7.20
N SER L 44 64.90 3.81 7.39
CA SER L 44 66.09 4.52 6.89
C SER L 44 65.96 5.36 5.58
N GLN L 45 65.57 4.74 4.46
CA GLN L 45 65.48 5.42 3.14
C GLN L 45 64.68 6.74 3.16
N ALA L 46 65.02 7.61 4.12
CA ALA L 46 64.22 8.77 4.60
C ALA L 46 63.66 9.64 3.50
N THR L 47 62.36 9.54 3.28
CA THR L 47 61.77 10.30 2.20
C THR L 47 61.25 11.61 2.67
N LYS L 48 60.64 12.31 1.71
CA LYS L 48 59.76 13.43 1.93
C LYS L 48 58.36 12.91 2.29
N TYR L 49 58.10 11.62 2.04
CA TYR L 49 56.73 11.04 2.02
C TYR L 49 56.33 10.07 3.16
N PHE L 50 55.24 10.43 3.83
CA PHE L 50 54.78 9.67 4.99
C PHE L 50 53.31 9.34 4.89
N ASP L 51 52.92 8.15 5.36
CA ASP L 51 51.48 7.83 5.33
C ASP L 51 50.76 8.48 6.52
N ILE L 52 49.44 8.34 6.61
CA ILE L 52 48.71 9.01 7.69
C ILE L 52 49.11 8.41 9.05
N TYR L 53 49.68 7.21 9.02
CA TYR L 53 50.11 6.53 10.22
C TYR L 53 51.50 7.04 10.60
N GLY L 54 52.03 7.95 9.78
CA GLY L 54 53.36 8.46 9.97
C GLY L 54 54.47 7.45 9.72
N LYS L 55 54.22 6.49 8.84
CA LYS L 55 55.22 5.47 8.44
C LYS L 55 55.80 5.82 7.05
N PRO L 56 57.12 5.66 6.88
CA PRO L 56 57.79 6.16 5.67
C PRO L 56 57.41 5.40 4.38
N CYS L 57 57.09 6.15 3.34
CA CYS L 57 56.75 5.60 2.04
C CYS L 57 57.77 5.95 1.00
N THR L 58 58.01 5.03 0.06
CA THR L 58 58.78 5.36 -1.13
C THR L 58 57.81 5.60 -2.29
N ARG L 59 58.20 6.51 -3.18
CA ARG L 59 57.44 6.89 -4.37
C ARG L 59 57.85 6.11 -5.63
N LYS L 60 56.88 5.60 -6.39
CA LYS L 60 57.22 4.96 -7.66
C LYS L 60 56.52 5.69 -8.80
N LEU L 61 57.31 6.27 -9.70
CA LEU L 61 56.77 6.80 -10.94
C LEU L 61 56.51 5.63 -11.86
N PHE L 62 55.53 5.74 -12.73
CA PHE L 62 55.22 4.67 -13.65
C PHE L 62 55.28 5.24 -15.08
N ALA L 63 55.73 4.43 -16.04
CA ALA L 63 55.93 4.96 -17.39
C ALA L 63 54.60 5.34 -18.05
N ASN L 64 53.53 4.69 -17.60
CA ASN L 64 52.19 4.92 -18.10
C ASN L 64 51.20 4.39 -17.08
N MET L 65 49.92 4.66 -17.29
CA MET L 65 48.91 4.35 -16.28
C MET L 65 48.54 2.86 -16.16
N ARG L 66 48.45 2.15 -17.29
CA ARG L 66 48.24 0.69 -17.28
C ARG L 66 49.18 0.00 -16.29
N ASP L 67 50.47 0.32 -16.40
CA ASP L 67 51.50 -0.21 -15.52
C ASP L 67 51.19 0.07 -14.07
N ALA L 68 50.83 1.31 -13.75
CA ALA L 68 50.51 1.70 -12.38
C ALA L 68 49.41 0.81 -11.85
N SER L 69 48.36 0.67 -12.65
CA SER L 69 47.18 -0.10 -12.27
C SER L 69 47.45 -1.60 -12.15
N GLN L 70 48.27 -2.12 -13.06
CA GLN L 70 48.74 -3.50 -12.99
C GLN L 70 49.67 -3.72 -11.79
N TRP L 71 50.34 -2.66 -11.36
CA TRP L 71 51.19 -2.70 -10.18
C TRP L 71 50.34 -2.85 -8.91
N ILE L 72 49.26 -2.08 -8.82
CA ILE L 72 48.27 -2.23 -7.74
C ILE L 72 47.77 -3.69 -7.60
N LYS L 73 47.28 -4.24 -8.71
CA LYS L 73 46.71 -5.59 -8.76
C LYS L 73 47.69 -6.61 -8.19
N ARG L 74 48.97 -6.47 -8.55
CA ARG L 74 50.00 -7.38 -8.11
C ARG L 74 50.33 -7.13 -6.63
N MET L 75 50.32 -5.87 -6.24
CA MET L 75 50.51 -5.52 -4.84
C MET L 75 49.41 -6.16 -3.99
N GLU L 76 48.15 -5.99 -4.41
CA GLU L 76 46.99 -6.70 -3.83
C GLU L 76 47.28 -8.20 -3.59
N ASP L 77 47.60 -8.94 -4.66
CA ASP L 77 47.77 -10.39 -4.59
C ASP L 77 48.90 -10.87 -3.66
N ILE L 78 49.85 -9.98 -3.36
CA ILE L 78 50.96 -10.33 -2.47
C ILE L 78 50.59 -9.98 -1.04
N GLY L 79 49.51 -9.23 -0.88
CA GLY L 79 49.03 -8.79 0.43
C GLY L 79 49.82 -7.67 1.06
N LEU L 80 50.35 -6.77 0.24
CA LEU L 80 50.96 -5.53 0.74
C LEU L 80 50.15 -4.27 0.38
N GLU L 81 50.36 -3.21 1.17
CA GLU L 81 49.61 -1.94 0.99
C GLU L 81 50.07 -1.25 -0.28
N ALA L 82 49.10 -0.85 -1.10
CA ALA L 82 49.36 -0.02 -2.28
C ALA L 82 48.79 1.39 -2.08
N LEU L 83 49.63 2.26 -1.52
CA LEU L 83 49.20 3.61 -1.11
C LEU L 83 49.19 4.57 -2.29
N GLY L 84 48.56 5.72 -2.11
CA GLY L 84 48.50 6.75 -3.13
C GLY L 84 47.18 6.77 -3.90
N MET L 85 46.88 7.91 -4.50
CA MET L 85 45.62 8.12 -5.21
C MET L 85 45.51 7.23 -6.44
N ASP L 86 44.59 6.27 -6.40
CA ASP L 86 44.45 5.24 -7.44
C ASP L 86 43.43 5.54 -8.57
N ASP L 87 42.71 6.66 -8.45
CA ASP L 87 41.93 7.21 -9.57
C ASP L 87 42.81 8.29 -10.22
N PHE L 88 43.53 7.89 -11.26
CA PHE L 88 44.56 8.77 -11.86
C PHE L 88 44.06 10.13 -12.31
N LYS L 89 42.79 10.18 -12.75
CA LYS L 89 42.13 11.40 -13.17
C LYS L 89 42.37 12.49 -12.17
N LEU L 90 42.01 12.22 -10.91
CA LEU L 90 42.12 13.18 -9.79
C LEU L 90 43.56 13.52 -9.49
N ALA L 91 44.43 12.53 -9.42
CA ALA L 91 45.87 12.78 -9.24
C ALA L 91 46.33 13.73 -10.31
N TYR L 92 45.85 13.53 -11.55
CA TYR L 92 46.25 14.40 -12.67
C TYR L 92 45.82 15.86 -12.44
N LEU L 93 44.55 16.02 -12.00
CA LEU L 93 43.94 17.32 -11.74
C LEU L 93 44.71 18.02 -10.66
N SER L 94 45.04 17.28 -9.61
CA SER L 94 45.84 17.80 -8.51
C SER L 94 47.24 18.23 -8.99
N ASP L 95 47.83 17.46 -9.89
CA ASP L 95 49.14 17.82 -10.42
C ASP L 95 49.10 19.08 -11.28
N THR L 96 48.11 19.14 -12.17
CA THR L 96 47.93 20.25 -13.09
C THR L 96 47.39 21.50 -12.39
N TYR L 97 46.63 21.29 -11.32
CA TYR L 97 45.94 22.39 -10.66
C TYR L 97 46.29 22.45 -9.19
N ASN L 98 47.53 22.81 -8.90
CA ASN L 98 47.96 22.85 -7.53
C ASN L 98 47.76 24.25 -7.01
N TYR L 99 46.50 24.64 -6.91
CA TYR L 99 46.08 25.94 -6.39
C TYR L 99 44.56 25.94 -6.26
N GLU L 100 44.01 27.01 -5.66
CA GLU L 100 42.57 27.14 -5.54
C GLU L 100 42.04 27.59 -6.90
N ILE L 101 41.30 26.71 -7.57
CA ILE L 101 40.77 26.97 -8.91
C ILE L 101 39.71 28.07 -8.86
N LYS L 102 40.06 29.21 -9.43
CA LYS L 102 39.21 30.36 -9.57
C LYS L 102 38.57 30.26 -10.96
N TYR L 103 37.49 29.48 -11.06
CA TYR L 103 36.77 29.33 -12.33
C TYR L 103 35.87 30.53 -12.64
N ASP L 104 35.39 30.63 -13.88
CA ASP L 104 34.44 31.69 -14.28
C ASP L 104 33.36 31.09 -15.17
N HIS L 105 32.10 31.11 -14.72
CA HIS L 105 31.04 30.37 -15.40
C HIS L 105 30.78 30.81 -16.86
N THR L 106 30.92 32.10 -17.13
CA THR L 106 30.60 32.64 -18.45
C THR L 106 31.38 32.00 -19.59
N LYS L 107 32.41 31.23 -19.23
CA LYS L 107 33.36 30.63 -20.15
C LYS L 107 33.18 29.11 -20.25
N ILE L 108 32.40 28.56 -19.33
CA ILE L 108 32.02 27.15 -19.36
C ILE L 108 30.78 27.02 -20.21
N ARG L 109 30.78 26.07 -21.14
CA ARG L 109 29.60 25.91 -22.00
C ARG L 109 28.56 24.93 -21.46
N VAL L 110 27.50 25.46 -20.87
CA VAL L 110 26.44 24.59 -20.38
C VAL L 110 25.28 24.58 -21.37
N ALA L 111 24.99 23.38 -21.88
CA ALA L 111 24.01 23.12 -22.93
C ALA L 111 22.77 22.50 -22.34
N ASN L 112 21.62 22.97 -22.79
CA ASN L 112 20.34 22.54 -22.26
C ASN L 112 19.46 22.15 -23.45
N PHE L 113 19.05 20.87 -23.53
CA PHE L 113 18.34 20.40 -24.74
C PHE L 113 17.18 19.46 -24.50
N ASP L 114 16.29 19.39 -25.48
CA ASP L 114 15.12 18.53 -25.43
C ASP L 114 14.75 18.13 -26.84
N ILE L 115 14.22 16.93 -27.01
CA ILE L 115 13.85 16.44 -28.34
C ILE L 115 12.40 15.95 -28.41
N GLU L 116 11.80 16.06 -29.59
CA GLU L 116 10.48 15.49 -29.82
C GLU L 116 10.57 14.36 -30.86
N VAL L 117 9.86 13.27 -30.58
CA VAL L 117 9.83 12.10 -31.46
C VAL L 117 8.39 11.59 -31.59
N THR L 118 7.71 11.98 -32.65
CA THR L 118 6.33 11.53 -32.90
C THR L 118 6.30 10.02 -33.15
N SER L 119 5.49 9.33 -32.34
CA SER L 119 5.42 7.87 -32.43
C SER L 119 3.99 7.32 -32.47
N PRO L 120 3.66 6.65 -33.57
CA PRO L 120 2.31 6.09 -33.79
C PRO L 120 1.95 4.96 -32.84
N ASP L 121 2.95 4.30 -32.26
CA ASP L 121 2.72 3.28 -31.25
C ASP L 121 3.21 3.79 -29.89
N GLY L 122 3.44 2.87 -28.95
CA GLY L 122 3.92 3.22 -27.62
C GLY L 122 5.21 4.01 -27.65
N PHE L 123 5.77 4.26 -26.47
CA PHE L 123 7.05 4.95 -26.34
C PHE L 123 8.07 4.57 -27.42
N PRO L 124 8.71 5.57 -28.00
CA PRO L 124 9.94 5.37 -28.77
C PRO L 124 11.07 4.97 -27.83
N GLU L 125 11.35 3.67 -27.74
CA GLU L 125 12.43 3.16 -26.92
C GLU L 125 13.75 3.74 -27.40
N PRO L 126 14.48 4.43 -26.53
CA PRO L 126 15.80 4.99 -26.87
C PRO L 126 16.73 3.94 -27.52
N SER L 127 16.68 2.70 -27.04
CA SER L 127 17.54 1.61 -27.52
C SER L 127 17.28 1.17 -28.95
N GLN L 128 16.03 1.30 -29.40
CA GLN L 128 15.72 0.99 -30.79
C GLN L 128 15.98 2.25 -31.60
N ALA L 129 15.34 3.35 -31.20
CA ALA L 129 15.34 4.59 -31.94
C ALA L 129 14.95 4.32 -33.39
N LYS L 130 13.68 3.95 -33.57
CA LYS L 130 13.19 3.59 -34.89
C LYS L 130 12.35 4.70 -35.51
N HIS L 131 11.93 5.62 -34.65
CA HIS L 131 11.11 6.75 -35.04
C HIS L 131 12.00 7.99 -35.17
N PRO L 132 11.76 8.79 -36.21
CA PRO L 132 12.54 10.00 -36.46
C PRO L 132 12.47 11.03 -35.32
N ILE L 133 13.60 11.66 -35.00
CA ILE L 133 13.62 12.86 -34.21
C ILE L 133 13.09 13.99 -35.08
N ASP L 134 11.96 14.58 -34.70
CA ASP L 134 11.39 15.69 -35.50
C ASP L 134 11.60 17.08 -34.91
N ALA L 135 12.15 17.15 -33.70
CA ALA L 135 12.47 18.43 -33.08
C ALA L 135 13.60 18.35 -32.05
N ILE L 136 14.49 19.33 -32.11
CA ILE L 136 15.48 19.52 -31.07
C ILE L 136 15.46 21.00 -30.79
N THR L 137 15.40 21.37 -29.51
CA THR L 137 15.66 22.74 -29.13
C THR L 137 16.85 22.65 -28.22
N HIS L 138 17.87 23.45 -28.50
CA HIS L 138 19.13 23.30 -27.82
C HIS L 138 19.58 24.66 -27.32
N TYR L 139 19.35 24.93 -26.03
CA TYR L 139 19.81 26.19 -25.46
C TYR L 139 21.29 26.09 -25.10
N ASP L 140 22.03 27.11 -25.49
CA ASP L 140 23.46 27.22 -25.24
C ASP L 140 23.76 28.44 -24.37
N SER L 141 24.45 28.25 -23.24
CA SER L 141 24.66 29.32 -22.26
C SER L 141 25.64 30.41 -22.70
N ILE L 142 26.70 30.03 -23.42
CA ILE L 142 27.72 30.99 -23.86
C ILE L 142 27.11 32.01 -24.82
N ASP L 143 26.38 31.54 -25.84
CA ASP L 143 25.64 32.46 -26.74
C ASP L 143 24.32 32.95 -26.16
N ASP L 144 23.76 32.21 -25.20
CA ASP L 144 22.47 32.58 -24.62
C ASP L 144 21.40 32.61 -25.76
N ARG L 145 21.30 31.51 -26.51
CA ARG L 145 20.42 31.40 -27.67
C ARG L 145 19.75 30.01 -27.71
N PHE L 146 18.48 29.97 -28.09
CA PHE L 146 17.82 28.69 -28.31
C PHE L 146 17.84 28.38 -29.79
N TYR L 147 18.58 27.33 -30.13
CA TYR L 147 18.60 26.82 -31.49
C TYR L 147 17.54 25.74 -31.67
N VAL L 148 16.52 26.05 -32.47
CA VAL L 148 15.44 25.11 -32.75
C VAL L 148 15.62 24.40 -34.10
N PHE L 149 15.86 23.10 -34.02
CA PHE L 149 16.04 22.27 -35.21
C PHE L 149 14.72 21.57 -35.52
N ASP L 150 14.00 22.09 -36.52
CA ASP L 150 12.64 21.64 -36.83
C ASP L 150 12.55 20.78 -38.10
N LEU L 151 11.83 19.67 -38.01
CA LEU L 151 11.63 18.79 -39.17
C LEU L 151 10.31 19.08 -39.82
N LEU L 152 10.36 19.34 -41.12
CA LEU L 152 9.20 19.75 -41.88
C LEU L 152 8.52 18.57 -42.55
N ASN L 153 9.34 17.65 -43.08
CA ASN L 153 8.83 16.51 -43.82
C ASN L 153 9.32 15.18 -43.24
N SER L 154 8.39 14.32 -42.86
CA SER L 154 8.73 13.02 -42.30
C SER L 154 7.65 12.01 -42.63
N PRO L 155 8.00 10.72 -42.66
CA PRO L 155 7.02 9.65 -42.88
C PRO L 155 5.72 9.80 -42.09
N TYR L 156 5.76 10.41 -40.91
CA TYR L 156 4.58 10.57 -40.05
C TYR L 156 3.83 11.89 -40.23
N GLY L 157 3.89 12.44 -41.45
CA GLY L 157 3.18 13.67 -41.78
C GLY L 157 4.08 14.76 -42.35
N ASN L 158 3.46 15.72 -43.01
CA ASN L 158 4.18 16.86 -43.57
C ASN L 158 3.63 18.17 -43.03
N VAL L 159 4.52 19.07 -42.61
CA VAL L 159 4.08 20.32 -41.99
C VAL L 159 4.76 21.57 -42.55
N GLU L 160 4.00 22.66 -42.64
CA GLU L 160 4.56 23.96 -43.01
C GLU L 160 5.28 24.51 -41.77
N GLU L 161 6.30 25.33 -41.98
CA GLU L 161 7.17 25.86 -40.91
C GLU L 161 6.45 26.46 -39.68
N TRP L 162 7.13 26.43 -38.54
CA TRP L 162 6.67 27.08 -37.33
C TRP L 162 6.90 28.60 -37.45
N SER L 163 5.87 29.36 -37.10
CA SER L 163 5.92 30.82 -37.10
C SER L 163 6.27 31.32 -35.70
N ILE L 164 7.20 32.26 -35.62
CA ILE L 164 7.54 32.83 -34.33
C ILE L 164 6.54 33.92 -33.90
N GLU L 165 5.89 34.53 -34.88
CA GLU L 165 4.99 35.64 -34.59
C GLU L 165 3.70 35.16 -33.94
N ILE L 166 3.24 33.97 -34.36
CA ILE L 166 2.12 33.28 -33.73
C ILE L 166 2.56 32.68 -32.37
N ALA L 167 3.82 32.29 -32.29
CA ALA L 167 4.39 31.76 -31.05
C ALA L 167 4.25 32.75 -29.89
N ALA L 168 4.57 34.01 -30.13
CA ALA L 168 4.55 35.02 -29.04
C ALA L 168 3.15 35.40 -28.54
N LYS L 169 2.17 35.32 -29.42
CA LYS L 169 0.80 35.74 -29.13
C LYS L 169 0.14 35.02 -27.94
N LEU L 170 -0.91 35.62 -27.40
CA LEU L 170 -1.70 35.02 -26.31
C LEU L 170 -2.58 33.84 -26.79
N GLN L 171 -2.82 32.88 -25.89
CA GLN L 171 -3.69 31.72 -26.15
C GLN L 171 -5.06 32.10 -26.70
N GLU L 172 -5.60 33.21 -26.20
CA GLU L 172 -6.92 33.69 -26.59
C GLU L 172 -6.96 34.41 -27.94
N GLN L 173 -5.85 34.36 -28.68
CA GLN L 173 -5.91 34.70 -30.11
C GLN L 173 -4.93 33.92 -30.99
N GLY L 174 -4.86 32.62 -30.73
CA GLY L 174 -4.14 31.69 -31.58
C GLY L 174 -2.74 31.40 -31.11
N GLY L 175 -2.28 32.10 -30.07
CA GLY L 175 -0.90 31.99 -29.63
C GLY L 175 -0.50 30.67 -28.99
N ASP L 176 0.79 30.56 -28.63
CA ASP L 176 1.37 29.45 -27.85
C ASP L 176 1.90 29.97 -26.52
N GLU L 177 1.75 31.28 -26.29
CA GLU L 177 2.11 31.94 -25.04
C GLU L 177 3.59 31.69 -24.61
N VAL L 178 4.48 31.55 -25.60
CA VAL L 178 5.92 31.56 -25.35
C VAL L 178 6.27 32.95 -24.78
N PRO L 179 7.00 32.99 -23.66
CA PRO L 179 7.28 34.26 -22.99
C PRO L 179 8.08 35.18 -23.91
N SER L 180 7.98 36.49 -23.72
CA SER L 180 8.69 37.46 -24.55
C SER L 180 10.21 37.52 -24.33
N GLU L 181 10.67 37.29 -23.11
CA GLU L 181 12.10 37.41 -22.80
C GLU L 181 12.96 36.56 -23.72
N ILE L 182 12.38 35.50 -24.26
CA ILE L 182 13.16 34.55 -25.04
C ILE L 182 12.99 34.58 -26.56
N ILE L 183 11.89 35.14 -27.06
CA ILE L 183 11.61 35.03 -28.49
C ILE L 183 12.72 35.71 -29.33
N ASP L 184 13.38 36.70 -28.73
CA ASP L 184 14.52 37.33 -29.37
C ASP L 184 15.77 36.45 -29.38
N LYS L 185 15.75 35.40 -28.56
CA LYS L 185 16.88 34.50 -28.42
C LYS L 185 16.68 33.16 -29.13
N ILE L 186 15.72 33.08 -30.03
CA ILE L 186 15.46 31.83 -30.76
C ILE L 186 16.10 31.87 -32.13
N ILE L 187 16.77 30.79 -32.51
CA ILE L 187 17.33 30.66 -33.86
C ILE L 187 16.64 29.48 -34.54
N TYR L 188 15.65 29.79 -35.38
CA TYR L 188 14.82 28.79 -36.01
C TYR L 188 15.43 28.22 -37.28
N MET L 189 15.69 26.92 -37.27
CA MET L 189 16.15 26.24 -38.46
C MET L 189 15.19 25.12 -38.80
N PRO L 190 14.51 25.26 -39.96
CA PRO L 190 13.61 24.23 -40.49
C PRO L 190 14.39 23.20 -41.33
N PHE L 191 13.86 21.99 -41.53
CA PHE L 191 14.57 20.98 -42.33
C PHE L 191 13.69 20.16 -43.25
N ASP L 192 14.21 19.86 -44.45
CA ASP L 192 13.41 19.15 -45.45
C ASP L 192 13.41 17.64 -45.23
N ASN L 193 14.47 17.12 -44.62
CA ASN L 193 14.53 15.71 -44.29
C ASN L 193 15.36 15.50 -43.03
N GLU L 194 15.10 14.40 -42.32
CA GLU L 194 15.79 14.11 -41.07
C GLU L 194 17.32 14.01 -41.24
N LYS L 195 17.76 13.28 -42.27
CA LYS L 195 19.19 13.10 -42.54
C LYS L 195 20.00 14.40 -42.50
N GLU L 196 19.43 15.51 -42.98
CA GLU L 196 20.11 16.81 -42.90
C GLU L 196 19.95 17.44 -41.53
N LEU L 197 18.78 17.28 -40.92
CA LEU L 197 18.55 17.82 -39.59
C LEU L 197 19.68 17.29 -38.69
N LEU L 198 19.86 15.98 -38.68
CA LEU L 198 20.84 15.35 -37.82
C LEU L 198 22.30 15.70 -38.18
N MET L 199 22.58 15.84 -39.48
CA MET L 199 23.92 16.19 -39.90
C MET L 199 24.26 17.64 -39.51
N GLU L 200 23.28 18.52 -39.60
CA GLU L 200 23.46 19.92 -39.25
C GLU L 200 23.60 20.04 -37.75
N TYR L 201 22.90 19.18 -37.01
CA TYR L 201 22.96 19.16 -35.55
C TYR L 201 24.28 18.59 -35.04
N LEU L 202 24.79 17.54 -35.69
CA LEU L 202 26.12 17.04 -35.34
C LEU L 202 27.19 18.11 -35.55
N ASN L 203 27.10 18.83 -36.69
CA ASN L 203 28.11 19.83 -37.07
C ASN L 203 28.18 20.99 -36.08
N PHE L 204 26.99 21.42 -35.66
CA PHE L 204 26.77 22.37 -34.58
C PHE L 204 27.34 21.86 -33.25
N TRP L 205 27.14 20.56 -32.97
CA TRP L 205 27.64 19.92 -31.75
C TRP L 205 29.18 19.98 -31.68
N GLN L 206 29.85 19.92 -32.84
CA GLN L 206 31.28 20.12 -32.90
C GLN L 206 31.56 21.57 -32.61
N GLN L 207 30.80 22.44 -33.25
CA GLN L 207 31.05 23.86 -33.23
C GLN L 207 30.99 24.39 -31.81
N LYS L 208 30.02 23.90 -31.04
CA LYS L 208 29.79 24.42 -29.71
C LYS L 208 29.64 23.26 -28.71
N THR L 209 30.66 22.41 -28.60
CA THR L 209 30.53 21.19 -27.81
C THR L 209 30.27 21.46 -26.33
N PRO L 210 29.16 20.93 -25.82
CA PRO L 210 28.83 21.06 -24.40
C PRO L 210 29.95 20.63 -23.49
N VAL L 211 30.03 21.29 -22.35
CA VAL L 211 30.90 20.90 -21.27
C VAL L 211 30.01 20.42 -20.13
N ILE L 212 29.00 21.22 -19.80
CA ILE L 212 27.98 20.76 -18.87
C ILE L 212 26.70 20.54 -19.66
N LEU L 213 26.20 19.33 -19.67
CA LEU L 213 25.06 19.03 -20.51
C LEU L 213 23.90 18.64 -19.60
N THR L 214 22.86 19.48 -19.57
CA THR L 214 21.72 19.22 -18.70
C THR L 214 20.39 19.15 -19.46
N GLY L 215 19.27 19.38 -18.79
CA GLY L 215 17.95 19.16 -19.37
C GLY L 215 17.10 18.31 -18.45
N TRP L 216 15.84 18.11 -18.83
CA TRP L 216 14.96 17.27 -18.01
C TRP L 216 14.90 15.86 -18.55
N ASN L 217 15.48 14.92 -17.83
CA ASN L 217 15.45 13.52 -18.21
C ASN L 217 16.40 13.22 -19.36
N VAL L 218 17.31 14.14 -19.56
CA VAL L 218 18.25 14.06 -20.64
C VAL L 218 19.04 12.72 -20.68
N GLU L 219 19.43 12.20 -19.52
CA GLU L 219 20.22 10.96 -19.46
C GLU L 219 19.46 9.66 -19.81
N SER L 220 18.16 9.59 -19.52
CA SER L 220 17.44 8.34 -19.79
C SER L 220 16.70 8.35 -21.13
N PHE L 221 16.44 9.52 -21.69
CA PHE L 221 15.82 9.58 -22.99
C PHE L 221 16.67 10.33 -24.04
N ALA L 222 16.77 11.65 -23.91
CA ALA L 222 17.29 12.49 -24.98
C ALA L 222 18.68 12.11 -25.47
N ILE L 223 19.61 11.76 -24.57
CA ILE L 223 20.98 11.41 -25.00
C ILE L 223 21.03 10.05 -25.69
N PRO L 224 20.59 9.00 -25.02
CA PRO L 224 20.50 7.69 -25.65
C PRO L 224 19.70 7.70 -26.95
N TYR L 225 18.74 8.61 -27.14
CA TYR L 225 17.92 8.59 -28.34
C TYR L 225 18.61 9.20 -29.54
N VAL L 226 19.29 10.33 -29.37
CA VAL L 226 20.02 10.93 -30.49
C VAL L 226 21.28 10.13 -30.85
N TYR L 227 21.96 9.56 -29.85
CA TYR L 227 23.12 8.68 -30.12
C TYR L 227 22.68 7.47 -30.96
N ASN L 228 21.74 6.71 -30.43
CA ASN L 228 21.18 5.54 -31.12
C ASN L 228 20.52 5.81 -32.50
N ARG L 229 19.97 7.00 -32.66
CA ARG L 229 19.31 7.36 -33.90
C ARG L 229 20.34 7.66 -35.00
N ILE L 230 21.40 8.39 -34.64
CA ILE L 230 22.51 8.62 -35.56
C ILE L 230 23.24 7.31 -35.90
N LYS L 231 23.49 6.48 -34.90
CA LYS L 231 24.06 5.15 -35.15
C LYS L 231 23.29 4.39 -36.24
N ASN L 232 21.97 4.35 -36.08
CA ASN L 232 21.10 3.65 -37.00
C ASN L 232 21.08 4.22 -38.42
N ILE L 233 21.29 5.53 -38.53
CA ILE L 233 21.32 6.20 -39.83
C ILE L 233 22.74 6.34 -40.36
N PHE L 234 23.58 7.07 -39.65
CA PHE L 234 24.91 7.39 -40.18
C PHE L 234 25.96 6.31 -39.95
N GLY L 235 25.91 5.65 -38.80
CA GLY L 235 26.91 4.68 -38.39
C GLY L 235 27.50 5.05 -37.05
N GLU L 236 27.76 4.04 -36.23
CA GLU L 236 28.31 4.22 -34.89
C GLU L 236 29.46 5.23 -34.86
N SER L 237 30.36 5.17 -35.85
CA SER L 237 31.53 6.05 -35.89
C SER L 237 31.19 7.50 -36.25
N THR L 238 29.91 7.76 -36.50
CA THR L 238 29.41 9.10 -36.75
C THR L 238 28.64 9.53 -35.50
N ALA L 239 28.13 8.53 -34.78
CA ALA L 239 27.44 8.74 -33.50
C ALA L 239 28.47 9.05 -32.42
N LYS L 240 29.66 8.50 -32.57
CA LYS L 240 30.76 8.82 -31.67
C LYS L 240 31.19 10.29 -31.79
N ARG L 241 30.66 11.02 -32.78
CA ARG L 241 31.09 12.40 -33.00
C ARG L 241 30.53 13.27 -31.90
N LEU L 242 29.51 12.77 -31.20
CA LEU L 242 28.91 13.42 -30.04
C LEU L 242 29.85 13.50 -28.83
N SER L 243 31.05 12.93 -28.97
CA SER L 243 32.06 12.93 -27.94
C SER L 243 33.29 13.68 -28.44
N PRO L 244 33.67 14.76 -27.76
CA PRO L 244 34.79 15.61 -28.20
C PRO L 244 36.08 14.82 -28.46
N HIS L 245 36.20 13.63 -27.88
CA HIS L 245 37.36 12.76 -28.05
C HIS L 245 37.01 11.50 -28.84
N ARG L 246 35.80 11.49 -29.41
CA ARG L 246 35.33 10.39 -30.25
C ARG L 246 35.32 9.03 -29.53
N LYS L 247 34.97 9.02 -28.25
CA LYS L 247 34.78 7.77 -27.51
C LYS L 247 33.55 7.83 -26.62
N THR L 248 32.78 6.75 -26.69
CA THR L 248 31.60 6.60 -25.88
C THR L 248 31.59 5.23 -25.23
N ARG L 249 30.57 4.99 -24.42
CA ARG L 249 30.33 3.68 -23.83
C ARG L 249 28.82 3.51 -23.63
N VAL L 250 28.26 2.63 -24.44
CA VAL L 250 26.90 2.12 -24.29
C VAL L 250 26.99 1.08 -23.19
N LYS L 251 26.93 1.54 -21.94
CA LYS L 251 27.13 0.64 -20.82
C LYS L 251 25.92 -0.30 -20.71
N VAL L 252 26.22 -1.60 -20.70
CA VAL L 252 25.22 -2.67 -20.69
C VAL L 252 23.92 -2.22 -19.99
N ILE L 253 22.87 -2.18 -20.81
CA ILE L 253 21.48 -1.88 -20.46
C ILE L 253 20.96 -2.59 -19.20
N GLU L 254 19.77 -2.17 -18.75
CA GLU L 254 18.94 -3.03 -17.90
C GLU L 254 17.87 -3.70 -18.79
N ASN L 255 17.55 -4.96 -18.52
CA ASN L 255 16.72 -5.76 -19.43
C ASN L 255 15.78 -6.76 -18.75
N MET L 256 14.50 -6.72 -19.13
CA MET L 256 13.51 -7.74 -18.72
C MET L 256 12.52 -7.99 -19.85
N TYR L 257 11.75 -6.95 -20.19
CA TYR L 257 10.94 -6.90 -21.41
C TYR L 257 11.16 -5.54 -22.10
N GLY L 258 12.39 -5.34 -22.56
CA GLY L 258 12.78 -4.11 -23.21
C GLY L 258 14.21 -3.75 -22.85
N SER L 259 14.69 -2.65 -23.42
CA SER L 259 16.09 -2.28 -23.27
C SER L 259 16.26 -0.82 -22.89
N ARG L 260 17.04 -0.59 -21.83
CA ARG L 260 17.32 0.77 -21.37
C ARG L 260 18.78 0.93 -20.89
N GLU L 261 19.54 1.76 -21.62
CA GLU L 261 20.97 1.96 -21.35
C GLU L 261 21.37 3.40 -21.12
N ILE L 262 22.35 3.59 -20.25
CA ILE L 262 23.01 4.90 -20.17
C ILE L 262 24.21 4.91 -21.14
N ILE L 263 24.35 6.04 -21.83
CA ILE L 263 25.43 6.23 -22.78
C ILE L 263 26.40 7.30 -22.29
N THR L 264 27.63 6.90 -21.96
CA THR L 264 28.62 7.85 -21.52
C THR L 264 29.17 8.59 -22.73
N LEU L 265 29.17 9.92 -22.68
CA LEU L 265 29.92 10.69 -23.66
C LEU L 265 31.23 11.18 -23.02
N PHE L 266 32.31 10.46 -23.26
CA PHE L 266 33.59 10.83 -22.66
C PHE L 266 33.94 12.25 -23.10
N GLY L 267 34.34 13.06 -22.12
CA GLY L 267 34.74 14.43 -22.37
C GLY L 267 33.63 15.43 -22.17
N ILE L 268 32.42 14.94 -21.87
CA ILE L 268 31.30 15.79 -21.52
C ILE L 268 30.77 15.39 -20.15
N SER L 269 30.48 16.39 -19.31
CA SER L 269 29.82 16.20 -18.01
C SER L 269 28.29 16.33 -18.07
N VAL L 270 27.60 15.20 -17.95
CA VAL L 270 26.14 15.15 -17.98
C VAL L 270 25.55 15.31 -16.56
N LEU L 271 24.79 16.37 -16.35
CA LEU L 271 24.10 16.59 -15.09
C LEU L 271 22.61 16.78 -15.38
N ASP L 272 21.92 15.66 -15.52
CA ASP L 272 20.49 15.66 -15.72
C ASP L 272 19.78 16.40 -14.58
N TYR L 273 19.17 17.52 -14.89
CA TYR L 273 18.52 18.33 -13.87
C TYR L 273 17.52 17.58 -13.00
N ILE L 274 16.89 16.57 -13.57
CA ILE L 274 15.98 15.75 -12.78
C ILE L 274 16.78 15.10 -11.63
N ASP L 275 17.98 14.60 -11.92
CA ASP L 275 18.84 14.05 -10.85
C ASP L 275 19.34 15.15 -9.86
N LEU L 276 19.77 16.29 -10.40
CA LEU L 276 20.16 17.43 -9.58
C LEU L 276 19.01 17.81 -8.67
N TYR L 277 17.82 17.96 -9.27
CA TYR L 277 16.63 18.27 -8.49
C TYR L 277 16.33 17.24 -7.43
N LYS L 278 16.42 15.96 -7.77
CA LYS L 278 16.22 14.90 -6.75
C LYS L 278 17.26 14.98 -5.65
N LYS L 279 18.50 15.29 -5.96
CA LYS L 279 19.54 15.33 -4.93
C LYS L 279 19.51 16.59 -4.08
N PHE L 280 19.34 17.74 -4.71
CA PHE L 280 19.63 18.99 -4.00
C PHE L 280 18.43 19.78 -3.45
N SER L 281 17.21 19.28 -3.64
CA SER L 281 16.02 20.01 -3.23
C SER L 281 15.43 19.57 -1.87
N PHE L 282 15.65 18.32 -1.51
CA PHE L 282 15.34 17.83 -0.18
C PHE L 282 13.88 17.65 0.20
N THR L 283 12.98 18.28 -0.57
CA THR L 283 11.57 17.83 -0.66
C THR L 283 11.44 16.40 -1.26
N ASN L 284 10.39 15.69 -0.89
CA ASN L 284 10.00 14.56 -1.73
C ASN L 284 8.67 14.87 -2.42
N GLN L 285 8.71 15.00 -3.74
CA GLN L 285 7.54 15.40 -4.52
C GLN L 285 6.67 14.22 -4.92
N PRO L 286 5.36 14.42 -5.00
CA PRO L 286 4.46 13.38 -5.51
C PRO L 286 4.74 12.99 -6.96
N SER L 287 5.41 13.87 -7.74
CA SER L 287 5.78 13.62 -9.11
C SER L 287 7.10 14.28 -9.50
N TYR L 288 7.82 13.75 -10.48
CA TYR L 288 8.98 14.46 -11.00
C TYR L 288 8.89 14.82 -12.47
N SER L 289 7.67 14.81 -12.98
CA SER L 289 7.39 15.31 -14.30
C SER L 289 7.81 16.77 -14.35
N LEU L 290 8.35 17.19 -15.50
CA LEU L 290 8.74 18.59 -15.71
C LEU L 290 7.56 19.55 -15.57
N ASP L 291 6.37 19.08 -15.87
CA ASP L 291 5.19 19.92 -15.71
C ASP L 291 4.91 20.16 -14.24
N TYR L 292 4.94 19.07 -13.46
CA TYR L 292 4.69 19.15 -12.03
C TYR L 292 5.73 20.01 -11.33
N ILE L 293 7.01 19.78 -11.59
CA ILE L 293 8.00 20.60 -10.93
C ILE L 293 7.93 22.08 -11.34
N SER L 294 7.63 22.36 -12.62
CA SER L 294 7.42 23.73 -13.09
C SER L 294 6.30 24.45 -12.33
N GLU L 295 5.21 23.73 -12.13
CA GLU L 295 4.06 24.31 -11.47
C GLU L 295 4.40 24.62 -10.00
N PHE L 296 5.23 23.78 -9.40
CA PHE L 296 5.55 23.92 -7.98
C PHE L 296 6.56 25.04 -7.78
N GLU L 297 7.59 25.04 -8.61
CA GLU L 297 8.68 25.96 -8.47
C GLU L 297 8.37 27.30 -9.13
N LEU L 298 7.60 27.28 -10.22
CA LEU L 298 7.44 28.46 -11.05
C LEU L 298 6.05 29.06 -11.05
N ASN L 299 5.10 28.33 -10.48
CA ASN L 299 3.69 28.69 -10.49
C ASN L 299 3.12 28.99 -11.88
N VAL L 300 3.78 28.44 -12.90
CA VAL L 300 3.34 28.51 -14.29
C VAL L 300 2.54 27.26 -14.58
N GLY L 301 1.46 27.41 -15.35
CA GLY L 301 0.47 26.35 -15.53
C GLY L 301 0.83 25.22 -16.47
N LYS L 302 -0.04 24.19 -16.44
CA LYS L 302 -0.06 23.00 -17.33
C LYS L 302 0.62 23.11 -18.72
N LEU L 303 0.27 24.15 -19.49
CA LEU L 303 0.60 24.20 -20.92
C LEU L 303 -0.43 23.36 -21.69
N LYS L 304 -1.59 23.98 -21.97
CA LYS L 304 -2.79 23.32 -22.51
C LYS L 304 -2.57 22.64 -23.88
N TYR L 305 -3.62 22.01 -24.42
CA TYR L 305 -3.68 21.55 -25.83
C TYR L 305 -4.71 20.45 -26.16
N ASP L 306 -5.14 20.45 -27.41
CA ASP L 306 -6.17 19.53 -27.87
C ASP L 306 -5.58 18.22 -28.43
N GLY L 307 -6.34 17.14 -28.25
CA GLY L 307 -5.90 15.79 -28.59
C GLY L 307 -4.87 15.16 -27.68
N PRO L 308 -4.66 13.85 -27.87
CA PRO L 308 -3.55 13.11 -27.21
C PRO L 308 -2.25 13.26 -27.98
N ILE L 309 -1.14 13.43 -27.26
CA ILE L 309 0.15 13.85 -27.83
C ILE L 309 0.63 13.10 -29.08
N SER L 310 0.18 11.86 -29.27
CA SER L 310 0.69 11.00 -30.34
C SER L 310 0.35 11.48 -31.75
N LYS L 311 -0.42 12.56 -31.84
CA LYS L 311 -0.62 13.25 -33.10
C LYS L 311 -0.57 14.78 -32.95
N LEU L 312 0.18 15.26 -31.95
CA LEU L 312 0.35 16.71 -31.80
C LEU L 312 1.12 17.34 -32.97
N ARG L 313 2.18 16.68 -33.47
CA ARG L 313 2.82 17.17 -34.69
C ARG L 313 1.81 17.27 -35.86
N GLU L 314 0.98 16.24 -36.02
CA GLU L 314 0.04 16.21 -37.13
C GLU L 314 -1.10 17.22 -37.00
N SER L 315 -1.69 17.33 -35.80
CA SER L 315 -2.79 18.25 -35.55
C SER L 315 -2.39 19.71 -35.38
N ASN L 316 -1.29 19.98 -34.67
CA ASN L 316 -0.94 21.38 -34.38
C ASN L 316 0.57 21.60 -34.30
N HIS L 317 1.26 21.33 -35.39
CA HIS L 317 2.73 21.45 -35.42
C HIS L 317 3.27 22.78 -34.86
N GLN L 318 2.47 23.84 -34.97
CA GLN L 318 2.77 25.13 -34.34
C GLN L 318 2.93 25.01 -32.81
N ARG L 319 1.85 24.61 -32.14
CA ARG L 319 1.84 24.30 -30.70
C ARG L 319 2.99 23.37 -30.30
N TYR L 320 3.19 22.31 -31.10
CA TYR L 320 4.25 21.33 -30.90
C TYR L 320 5.61 21.93 -30.66
N ILE L 321 6.07 22.69 -31.64
CA ILE L 321 7.41 23.27 -31.61
C ILE L 321 7.53 24.21 -30.43
N SER L 322 6.53 25.08 -30.25
CA SER L 322 6.45 25.96 -29.11
C SER L 322 6.53 25.25 -27.74
N TYR L 323 5.78 24.17 -27.53
CA TYR L 323 5.92 23.38 -26.29
C TYR L 323 7.33 22.82 -26.09
N ASN L 324 8.04 22.60 -27.20
CA ASN L 324 9.39 22.08 -27.17
C ASN L 324 10.39 23.12 -26.74
N ILE L 325 10.12 24.38 -27.07
CA ILE L 325 10.96 25.49 -26.62
C ILE L 325 10.68 25.76 -25.15
N ILE L 326 9.40 25.77 -24.79
CA ILE L 326 9.00 26.05 -23.41
C ILE L 326 9.53 24.99 -22.43
N ALA L 327 9.69 23.76 -22.92
CA ALA L 327 10.30 22.68 -22.13
C ALA L 327 11.76 23.03 -21.80
N VAL L 328 12.51 23.45 -22.80
CA VAL L 328 13.88 23.81 -22.56
C VAL L 328 13.99 25.05 -21.68
N TYR L 329 13.16 26.05 -21.94
CA TYR L 329 13.19 27.26 -21.13
C TYR L 329 12.78 27.01 -19.67
N ARG L 330 11.86 26.06 -19.42
CA ARG L 330 11.40 25.77 -18.05
C ARG L 330 12.55 25.36 -17.14
N VAL L 331 13.29 24.34 -17.55
CA VAL L 331 14.51 23.92 -16.88
C VAL L 331 15.40 25.13 -16.47
N LEU L 332 15.70 26.00 -17.44
CA LEU L 332 16.46 27.24 -17.22
C LEU L 332 15.88 28.10 -16.12
N GLN L 333 14.54 28.15 -16.05
CA GLN L 333 13.85 28.91 -15.02
C GLN L 333 13.99 28.26 -13.64
N ILE L 334 13.87 26.93 -13.57
CA ILE L 334 14.06 26.21 -12.31
C ILE L 334 15.49 26.43 -11.81
N ASP L 335 16.46 26.33 -12.72
CA ASP L 335 17.87 26.50 -12.40
C ASP L 335 18.18 27.92 -11.96
N ALA L 336 17.48 28.89 -12.54
CA ALA L 336 17.68 30.29 -12.19
C ALA L 336 17.30 30.46 -10.74
N LYS L 337 16.32 29.69 -10.28
CA LYS L 337 15.89 29.81 -8.90
C LYS L 337 16.72 28.92 -7.91
N ARG L 338 17.08 27.73 -8.37
CA ARG L 338 17.71 26.70 -7.55
C ARG L 338 19.22 26.76 -7.54
N GLN L 339 19.81 27.19 -8.66
CA GLN L 339 21.26 27.37 -8.81
C GLN L 339 22.06 26.06 -8.61
N PHE L 340 21.44 24.93 -8.96
CA PHE L 340 22.07 23.64 -8.85
C PHE L 340 23.31 23.44 -9.75
N ILE L 341 23.24 23.86 -11.02
CA ILE L 341 24.39 23.79 -11.93
C ILE L 341 25.55 24.51 -11.24
N ASN L 342 25.21 25.63 -10.67
CA ASN L 342 26.09 26.43 -9.87
C ASN L 342 26.71 25.75 -8.65
N LEU L 343 25.85 25.20 -7.76
CA LEU L 343 26.29 24.39 -6.63
C LEU L 343 27.39 23.43 -7.09
N SER L 344 27.09 22.76 -8.19
CA SER L 344 27.90 21.70 -8.75
C SER L 344 29.27 22.16 -9.22
N LEU L 345 29.32 23.35 -9.82
CA LEU L 345 30.60 23.91 -10.20
C LEU L 345 31.41 24.32 -8.96
N ASP L 346 30.75 25.00 -8.03
CA ASP L 346 31.43 25.42 -6.83
C ASP L 346 32.04 24.16 -6.16
N MET L 347 31.23 23.12 -6.00
CA MET L 347 31.73 21.95 -5.31
C MET L 347 32.87 21.24 -6.08
N GLY L 348 32.63 21.06 -7.37
CA GLY L 348 33.47 20.19 -8.17
C GLY L 348 34.85 20.79 -8.27
N TYR L 349 34.91 22.10 -8.38
CA TYR L 349 36.17 22.77 -8.53
C TYR L 349 36.79 22.93 -7.15
N TYR L 350 35.94 22.89 -6.14
CA TYR L 350 36.41 22.95 -4.76
C TYR L 350 37.12 21.62 -4.41
N ALA L 351 36.51 20.48 -4.78
CA ALA L 351 37.12 19.19 -4.53
C ALA L 351 38.17 18.78 -5.58
N LYS L 352 38.19 19.43 -6.73
CA LYS L 352 39.06 19.04 -7.84
C LYS L 352 38.63 17.68 -8.38
N ILE L 353 37.34 17.57 -8.71
CA ILE L 353 36.77 16.37 -9.32
C ILE L 353 36.00 16.69 -10.59
N GLN L 354 35.73 15.67 -11.41
CA GLN L 354 34.84 15.84 -12.55
C GLN L 354 33.55 16.42 -12.00
N ILE L 355 33.04 17.47 -12.64
CA ILE L 355 31.75 18.03 -12.18
C ILE L 355 30.71 16.95 -11.85
N GLN L 356 30.50 15.94 -12.71
CA GLN L 356 29.50 14.89 -12.41
C GLN L 356 29.70 14.08 -11.12
N SER L 357 30.90 14.08 -10.54
CA SER L 357 31.15 13.33 -9.29
C SER L 357 30.47 13.94 -8.05
N VAL L 358 29.96 15.16 -8.18
CA VAL L 358 29.19 15.73 -7.09
C VAL L 358 27.97 14.86 -6.70
N PHE L 359 27.61 13.85 -7.49
CA PHE L 359 26.52 12.97 -7.05
C PHE L 359 26.99 11.97 -6.01
N SER L 360 28.29 12.00 -5.74
CA SER L 360 28.92 11.04 -4.85
C SER L 360 29.73 11.67 -3.73
N PRO L 361 29.18 11.66 -2.51
CA PRO L 361 29.92 12.07 -1.31
C PRO L 361 31.27 11.37 -1.13
N ILE L 362 31.32 10.04 -1.29
CA ILE L 362 32.56 9.29 -1.22
C ILE L 362 33.60 9.87 -2.17
N LYS L 363 33.25 10.07 -3.43
CA LYS L 363 34.23 10.55 -4.39
C LYS L 363 34.69 11.98 -4.07
N THR L 364 33.72 12.85 -3.76
CA THR L 364 33.97 14.26 -3.36
C THR L 364 34.87 14.36 -2.14
N TRP L 365 34.54 13.65 -1.08
CA TRP L 365 35.34 13.73 0.14
C TRP L 365 36.70 13.11 -0.11
N ASP L 366 36.72 12.02 -0.89
CA ASP L 366 38.01 11.37 -1.18
C ASP L 366 38.93 12.40 -1.85
N ALA L 367 38.38 13.22 -2.75
CA ALA L 367 39.23 14.20 -3.41
C ALA L 367 39.68 15.35 -2.49
N ILE L 368 38.81 15.79 -1.57
CA ILE L 368 39.18 16.89 -0.71
C ILE L 368 40.38 16.42 0.14
N ILE L 369 40.24 15.27 0.78
CA ILE L 369 41.23 14.80 1.71
C ILE L 369 42.53 14.47 0.98
N PHE L 370 42.42 13.79 -0.16
CA PHE L 370 43.62 13.50 -0.97
C PHE L 370 44.37 14.76 -1.21
N ASN L 371 43.66 15.81 -1.60
CA ASN L 371 44.31 17.08 -1.88
C ASN L 371 44.97 17.72 -0.66
N SER L 372 44.26 17.81 0.47
CA SER L 372 44.85 18.26 1.73
C SER L 372 46.14 17.50 2.04
N LEU L 373 46.12 16.18 1.91
CA LEU L 373 47.22 15.38 2.43
C LEU L 373 48.47 15.57 1.60
N LYS L 374 48.25 15.88 0.33
CA LYS L 374 49.33 16.11 -0.60
C LYS L 374 50.05 17.41 -0.27
N GLU L 375 49.33 18.50 0.02
CA GLU L 375 50.01 19.74 0.38
C GLU L 375 50.98 19.50 1.54
N GLN L 376 50.77 18.38 2.24
CA GLN L 376 51.55 18.03 3.41
C GLN L 376 52.63 17.00 3.09
N ASN L 377 52.60 16.48 1.88
CA ASN L 377 53.47 15.37 1.47
C ASN L 377 53.05 14.04 2.09
N LYS L 378 51.86 14.00 2.69
CA LYS L 378 51.32 12.77 3.22
C LYS L 378 50.81 11.90 2.06
N VAL L 379 50.63 10.61 2.32
CA VAL L 379 50.21 9.67 1.28
C VAL L 379 48.94 8.99 1.75
N ILE L 380 47.93 8.89 0.88
CA ILE L 380 46.63 8.35 1.28
C ILE L 380 46.68 6.82 1.39
N PRO L 381 45.98 6.23 2.36
CA PRO L 381 45.94 4.78 2.52
C PRO L 381 45.33 4.11 1.31
N GLN L 382 45.68 2.86 1.06
CA GLN L 382 45.08 2.09 -0.03
C GLN L 382 43.65 1.81 0.34
N GLY L 383 42.74 1.89 -0.63
CA GLY L 383 41.35 1.47 -0.43
C GLY L 383 41.27 -0.03 -0.28
N ARG L 384 40.58 -0.51 0.76
CA ARG L 384 40.54 -1.94 1.09
C ARG L 384 39.19 -2.63 0.90
N SER L 385 39.19 -3.94 0.98
CA SER L 385 37.97 -4.70 0.88
C SER L 385 37.45 -4.88 2.31
N HIS L 386 36.29 -4.32 2.58
CA HIS L 386 35.61 -4.57 3.84
C HIS L 386 34.30 -5.26 3.55
N PRO L 387 33.91 -6.21 4.39
CA PRO L 387 32.59 -6.85 4.25
C PRO L 387 31.48 -5.90 4.66
N VAL L 388 30.47 -5.86 3.80
CA VAL L 388 29.27 -5.06 3.98
C VAL L 388 28.54 -5.67 5.14
N GLN L 389 28.37 -4.92 6.22
CA GLN L 389 27.73 -5.44 7.42
C GLN L 389 27.27 -4.28 8.25
N PRO L 390 26.09 -4.40 8.84
CA PRO L 390 25.48 -3.28 9.55
C PRO L 390 26.19 -3.01 10.84
N TYR L 391 25.85 -1.91 11.47
CA TYR L 391 26.39 -1.53 12.76
C TYR L 391 25.35 -0.67 13.49
N PRO L 392 25.43 -0.60 14.82
CA PRO L 392 24.36 0.07 15.59
C PRO L 392 24.27 1.57 15.32
N GLY L 393 23.05 2.10 15.24
CA GLY L 393 22.84 3.53 15.11
C GLY L 393 22.32 4.13 16.41
N ALA L 394 21.34 5.03 16.25
CA ALA L 394 20.57 5.65 17.34
C ALA L 394 19.18 5.00 17.56
N PHE L 395 19.15 4.04 18.47
CA PHE L 395 17.89 3.50 19.01
C PHE L 395 17.05 4.65 19.64
N VAL L 396 15.72 4.55 19.56
CA VAL L 396 14.83 5.63 20.01
C VAL L 396 13.89 5.04 21.08
N LYS L 397 13.97 5.57 22.30
CA LYS L 397 13.14 5.04 23.38
C LYS L 397 11.68 5.34 23.05
N GLU L 398 10.85 4.32 23.28
CA GLU L 398 9.41 4.39 23.13
C GLU L 398 8.85 5.49 24.01
N PRO L 399 8.27 6.52 23.41
CA PRO L 399 7.56 7.52 24.20
C PRO L 399 6.20 6.94 24.60
N ILE L 400 5.61 7.41 25.70
CA ILE L 400 4.21 7.12 26.03
C ILE L 400 3.33 8.03 25.18
N PRO L 401 2.44 7.44 24.40
CA PRO L 401 1.58 8.21 23.50
C PRO L 401 0.62 8.97 24.36
N ASN L 402 0.44 10.25 24.06
CA ASN L 402 -0.28 11.11 24.98
C ASN L 402 -0.34 12.54 24.46
N ARG L 403 -1.13 13.37 25.11
CA ARG L 403 -1.05 14.80 24.88
C ARG L 403 0.11 15.34 25.70
N TYR L 404 0.82 16.30 25.12
CA TYR L 404 1.78 17.05 25.89
C TYR L 404 1.49 18.54 25.78
N LYS L 405 1.07 19.14 26.88
CA LYS L 405 0.60 20.52 26.84
C LYS L 405 1.75 21.48 26.58
N TYR L 406 2.81 21.38 27.39
CA TYR L 406 3.91 22.33 27.35
C TYR L 406 5.21 21.64 27.01
N VAL L 407 5.87 22.12 25.96
CA VAL L 407 7.06 21.44 25.43
C VAL L 407 8.19 22.36 25.02
N MET L 408 9.38 22.06 25.54
CA MET L 408 10.62 22.67 25.08
C MET L 408 11.46 21.56 24.51
N SER L 409 12.04 21.82 23.35
CA SER L 409 13.03 20.93 22.76
C SER L 409 14.48 21.51 22.84
N PHE L 410 15.47 20.61 22.90
CA PHE L 410 16.89 21.00 22.87
C PHE L 410 17.64 20.20 21.82
N ASP L 411 18.50 20.87 21.05
CA ASP L 411 19.22 20.24 19.93
C ASP L 411 20.74 20.31 20.07
N LEU L 412 21.41 19.19 19.90
CA LEU L 412 22.84 19.17 19.84
C LEU L 412 23.25 19.66 18.45
N THR L 413 24.19 20.57 18.43
CA THR L 413 24.67 21.15 17.22
C THR L 413 25.51 20.16 16.51
N SER L 414 25.26 20.03 15.20
CA SER L 414 25.99 19.15 14.26
C SER L 414 26.60 17.92 14.90
N LEU L 415 25.78 17.07 15.45
CA LEU L 415 26.28 16.04 16.35
C LEU L 415 27.41 15.14 15.84
N TYR L 416 27.33 14.65 14.62
CA TYR L 416 28.33 13.63 14.30
C TYR L 416 29.72 14.26 14.03
N PRO L 417 29.80 15.22 13.11
CA PRO L 417 31.03 15.99 12.95
C PRO L 417 31.54 16.47 14.30
N SER L 418 30.63 16.78 15.21
CA SER L 418 31.03 17.29 16.51
C SER L 418 31.68 16.20 17.33
N ILE L 419 31.12 14.99 17.25
CA ILE L 419 31.64 13.85 18.00
C ILE L 419 32.99 13.40 17.44
N ILE L 420 33.11 13.44 16.10
CA ILE L 420 34.33 13.03 15.43
C ILE L 420 35.45 13.91 15.96
N ARG L 421 35.15 15.21 16.08
CA ARG L 421 36.09 16.20 16.55
C ARG L 421 36.31 16.05 18.05
N GLN L 422 35.23 15.93 18.80
CA GLN L 422 35.35 15.86 20.24
C GLN L 422 36.23 14.67 20.61
N VAL L 423 35.91 13.50 20.04
CA VAL L 423 36.56 12.27 20.44
C VAL L 423 37.89 12.10 19.73
N ASN L 424 38.00 12.76 18.59
CA ASN L 424 39.20 12.72 17.77
C ASN L 424 39.37 11.42 17.00
N ILE L 425 38.30 11.04 16.29
CA ILE L 425 38.14 9.75 15.60
C ILE L 425 38.66 9.83 14.16
N SER L 426 39.57 8.94 13.82
CA SER L 426 40.15 8.84 12.49
C SER L 426 40.81 7.45 12.38
N PRO L 427 41.05 6.94 11.17
CA PRO L 427 41.70 5.64 11.02
C PRO L 427 43.07 5.55 11.74
N GLU L 428 43.81 6.66 11.73
CA GLU L 428 45.18 6.66 12.25
C GLU L 428 45.27 7.19 13.67
N THR L 429 44.12 7.42 14.31
CA THR L 429 44.20 7.80 15.73
C THR L 429 43.67 6.72 16.67
N ILE L 430 43.18 5.61 16.13
CA ILE L 430 42.86 4.45 16.96
C ILE L 430 44.08 4.16 17.81
N ALA L 431 43.88 4.10 19.13
CA ALA L 431 45.01 3.94 20.06
C ALA L 431 45.03 2.62 20.86
N GLY L 432 43.95 1.85 20.79
CA GLY L 432 43.75 0.68 21.63
C GLY L 432 42.28 0.52 21.98
N THR L 433 41.99 -0.36 22.94
CA THR L 433 40.61 -0.65 23.31
C THR L 433 40.53 -0.79 24.82
N PHE L 434 39.33 -0.75 25.36
CA PHE L 434 39.11 -1.03 26.79
C PHE L 434 37.96 -2.01 27.08
N LYS L 435 37.89 -2.45 28.33
CA LYS L 435 36.85 -3.38 28.80
C LYS L 435 35.54 -2.60 28.84
N VAL L 436 34.62 -3.02 27.99
CA VAL L 436 33.38 -2.27 27.74
C VAL L 436 32.26 -2.66 28.72
N ALA L 437 31.87 -1.70 29.53
CA ALA L 437 30.69 -1.88 30.35
C ALA L 437 29.42 -1.74 29.46
N PRO L 438 28.27 -2.21 29.95
CA PRO L 438 27.01 -1.89 29.28
C PRO L 438 26.88 -0.38 29.21
N LEU L 439 26.27 0.10 28.13
CA LEU L 439 26.06 1.52 27.90
C LEU L 439 25.34 2.26 29.05
N HIS L 440 24.27 1.69 29.59
CA HIS L 440 23.57 2.31 30.73
C HIS L 440 24.57 2.63 31.86
N ASP L 441 25.55 1.77 32.06
CA ASP L 441 26.52 1.96 33.15
C ASP L 441 27.35 3.25 32.88
N TYR L 442 27.54 3.56 31.60
CA TYR L 442 28.20 4.82 31.21
C TYR L 442 27.22 5.99 31.36
N ILE L 443 26.06 5.92 30.68
CA ILE L 443 24.98 6.90 30.85
C ILE L 443 24.84 7.33 32.33
N ASN L 444 24.90 6.36 33.24
CA ASN L 444 24.66 6.64 34.66
C ASN L 444 25.94 6.97 35.46
N ALA L 445 27.08 7.04 34.77
CA ALA L 445 28.35 7.33 35.42
C ALA L 445 28.71 6.32 36.53
N VAL L 446 28.38 5.06 36.29
CA VAL L 446 28.64 4.00 37.28
C VAL L 446 29.90 3.23 36.90
N ALA L 447 30.18 3.15 35.61
CA ALA L 447 31.35 2.44 35.13
C ALA L 447 32.60 3.25 35.49
N GLU L 448 33.72 2.57 35.65
CA GLU L 448 34.99 3.25 35.91
C GLU L 448 35.46 3.98 34.65
N ARG L 449 36.15 5.11 34.83
CA ARG L 449 36.71 5.84 33.73
C ARG L 449 37.46 4.85 32.84
N PRO L 450 37.12 4.79 31.54
CA PRO L 450 37.83 3.94 30.59
C PRO L 450 39.35 4.20 30.49
N SER L 451 39.78 5.46 30.59
CA SER L 451 41.19 5.81 30.38
C SER L 451 41.56 7.14 31.00
N ASP L 452 42.80 7.24 31.48
CA ASP L 452 43.36 8.52 31.89
C ASP L 452 44.23 9.13 30.76
N VAL L 453 44.66 8.31 29.80
CA VAL L 453 45.61 8.80 28.80
C VAL L 453 45.02 9.05 27.40
N TYR L 454 43.94 8.37 27.05
CA TYR L 454 43.41 8.39 25.69
C TYR L 454 41.98 8.88 25.65
N SER L 455 41.52 9.27 24.45
CA SER L 455 40.18 9.78 24.24
C SER L 455 39.26 8.63 23.82
N CYS L 456 38.11 8.53 24.49
CA CYS L 456 37.25 7.34 24.45
C CYS L 456 35.79 7.52 23.97
N SER L 457 35.27 6.42 23.42
CA SER L 457 33.87 6.27 23.06
C SER L 457 33.36 5.01 23.73
N PRO L 458 32.11 5.02 24.21
CA PRO L 458 31.54 3.87 24.95
C PRO L 458 31.48 2.54 24.22
N ASN L 459 31.87 2.44 22.95
CA ASN L 459 32.01 1.10 22.34
C ASN L 459 33.35 0.42 22.67
N GLY L 460 34.19 1.10 23.43
CA GLY L 460 35.48 0.54 23.79
C GLY L 460 36.65 1.04 22.96
N MET L 461 36.42 2.09 22.20
CA MET L 461 37.49 2.60 21.36
C MET L 461 38.23 3.74 22.05
N MET L 462 39.56 3.75 21.86
CA MET L 462 40.46 4.73 22.44
C MET L 462 41.23 5.41 21.33
N TYR L 463 41.34 6.74 21.41
CA TYR L 463 42.05 7.55 20.40
C TYR L 463 43.15 8.37 21.01
N TYR L 464 44.14 8.78 20.22
CA TYR L 464 45.19 9.66 20.72
C TYR L 464 44.65 11.07 20.97
N LYS L 465 45.30 11.79 21.88
CA LYS L 465 44.99 13.19 22.11
C LYS L 465 46.14 14.14 21.69
N ASP L 466 47.30 13.59 21.36
CA ASP L 466 48.49 14.39 21.03
C ASP L 466 48.71 14.62 19.51
N ARG L 467 47.82 14.04 18.70
CA ARG L 467 47.80 14.20 17.25
C ARG L 467 46.46 14.83 16.93
N ASP L 468 46.33 15.39 15.73
CA ASP L 468 45.04 15.92 15.34
C ASP L 468 44.06 14.93 14.70
N GLY L 469 44.50 14.07 13.80
CA GLY L 469 43.52 13.16 13.20
C GLY L 469 43.10 13.74 11.86
N VAL L 470 43.34 13.00 10.79
CA VAL L 470 43.01 13.50 9.45
C VAL L 470 41.54 13.96 9.36
N VAL L 471 40.61 13.03 9.52
CA VAL L 471 39.19 13.33 9.43
C VAL L 471 38.75 14.53 10.30
N PRO L 472 39.12 14.53 11.58
CA PRO L 472 38.81 15.66 12.45
C PRO L 472 39.39 16.97 11.92
N THR L 473 40.66 16.97 11.49
CA THR L 473 41.21 18.16 10.81
C THR L 473 40.40 18.60 9.59
N GLU L 474 39.94 17.66 8.77
CA GLU L 474 39.24 18.00 7.53
C GLU L 474 37.86 18.58 7.72
N ILE L 475 37.02 17.98 8.58
CA ILE L 475 35.72 18.59 8.88
C ILE L 475 35.90 19.93 9.54
N THR L 476 36.88 20.09 10.42
CA THR L 476 37.09 21.38 11.10
C THR L 476 37.32 22.47 10.05
N LYS L 477 38.25 22.21 9.13
CA LYS L 477 38.53 23.06 7.96
C LYS L 477 37.20 23.45 7.30
N VAL L 478 36.40 22.44 6.98
CA VAL L 478 35.15 22.64 6.26
C VAL L 478 34.14 23.47 7.06
N PHE L 479 34.07 23.19 8.37
CA PHE L 479 33.31 24.01 9.34
C PHE L 479 33.75 25.47 9.28
N ASN L 480 35.05 25.75 9.36
CA ASN L 480 35.54 27.13 9.24
C ASN L 480 35.25 27.75 7.87
N GLN L 481 35.25 26.93 6.83
CA GLN L 481 34.99 27.46 5.49
C GLN L 481 33.54 27.95 5.35
N ARG L 482 32.62 27.20 5.93
CA ARG L 482 31.21 27.57 6.00
C ARG L 482 30.98 28.89 6.75
N LYS L 483 31.55 28.98 7.97
CA LYS L 483 31.48 30.20 8.79
C LYS L 483 31.98 31.40 8.01
N GLU L 484 33.06 31.18 7.25
CA GLU L 484 33.73 32.21 6.45
C GLU L 484 32.87 32.71 5.29
N HIS L 485 32.27 31.78 4.56
CA HIS L 485 31.41 32.14 3.44
C HIS L 485 30.07 32.71 3.90
N LYS L 486 29.48 32.10 4.94
CA LYS L 486 28.29 32.64 5.59
C LYS L 486 28.52 34.08 5.99
N GLY L 487 29.69 34.34 6.59
CA GLY L 487 30.08 35.69 6.96
C GLY L 487 30.26 36.64 5.80
N TYR L 488 30.84 36.18 4.70
CA TYR L 488 30.95 36.95 3.46
C TYR L 488 29.55 37.26 2.95
N MET L 489 28.64 36.33 3.16
CA MET L 489 27.30 36.44 2.62
C MET L 489 26.49 37.49 3.38
N LEU L 490 26.37 37.33 4.70
CA LEU L 490 25.71 38.31 5.55
C LEU L 490 26.39 39.67 5.34
N ALA L 491 27.73 39.68 5.35
CA ALA L 491 28.47 40.92 5.08
C ALA L 491 27.99 41.65 3.80
N ALA L 492 27.87 40.93 2.69
CA ALA L 492 27.47 41.54 1.43
C ALA L 492 25.97 41.84 1.37
N GLN L 493 25.18 41.05 2.09
CA GLN L 493 23.76 41.33 2.28
C GLN L 493 23.59 42.67 2.97
N ARG L 494 24.25 42.80 4.13
CA ARG L 494 24.36 44.06 4.89
C ARG L 494 24.97 45.18 4.04
N ASN L 495 25.93 44.85 3.20
CA ASN L 495 26.48 45.82 2.26
C ASN L 495 25.52 46.19 1.10
N GLY L 496 24.56 45.29 0.82
CA GLY L 496 23.50 45.57 -0.14
C GLY L 496 22.61 46.73 0.27
N GLU L 497 22.17 46.68 1.53
CA GLU L 497 21.27 47.67 2.12
C GLU L 497 21.81 49.09 2.10
N ILE L 498 23.13 49.24 2.11
CA ILE L 498 23.77 50.56 2.16
C ILE L 498 23.69 51.26 0.79
N ILE L 499 23.83 50.47 -0.29
CA ILE L 499 23.69 50.97 -1.66
C ILE L 499 22.22 51.25 -1.96
N LYS L 500 21.35 50.32 -1.57
CA LYS L 500 19.89 50.50 -1.70
C LYS L 500 19.39 51.79 -1.01
N GLU L 501 19.89 52.04 0.20
CA GLU L 501 19.56 53.25 0.97
C GLU L 501 20.21 54.52 0.39
N ALA L 502 21.41 54.37 -0.19
CA ALA L 502 22.07 55.46 -0.89
C ALA L 502 21.35 55.82 -2.19
N LEU L 503 20.87 54.78 -2.88
CA LEU L 503 20.19 54.90 -4.17
C LEU L 503 18.91 55.73 -4.12
N HIS L 504 18.41 55.97 -2.90
CA HIS L 504 17.30 56.91 -2.69
C HIS L 504 17.74 58.33 -3.08
N ASN L 505 19.06 58.52 -3.27
CA ASN L 505 19.61 59.80 -3.71
C ASN L 505 20.78 59.75 -4.73
N PRO L 506 20.48 59.46 -6.00
CA PRO L 506 21.50 59.53 -7.07
C PRO L 506 22.17 60.90 -7.13
N ASN L 507 23.47 60.90 -7.42
CA ASN L 507 24.28 62.10 -7.50
C ASN L 507 24.63 62.41 -8.96
N LEU L 508 24.53 63.68 -9.32
CA LEU L 508 24.55 64.12 -10.72
C LEU L 508 25.94 64.14 -11.41
N SER L 509 26.86 63.32 -10.90
CA SER L 509 28.24 63.29 -11.41
C SER L 509 28.51 62.02 -12.21
N VAL L 510 29.48 62.09 -13.12
CA VAL L 510 29.95 60.92 -13.85
C VAL L 510 31.01 60.25 -12.96
N ASP L 511 30.81 58.97 -12.72
CA ASP L 511 31.61 58.23 -11.73
C ASP L 511 32.10 56.87 -12.26
N GLU L 512 32.27 55.94 -11.32
CA GLU L 512 32.75 54.58 -11.55
C GLU L 512 32.63 53.89 -10.19
N PRO L 513 32.30 52.59 -10.12
CA PRO L 513 32.24 51.90 -8.83
C PRO L 513 33.48 52.02 -7.95
N LEU L 514 33.24 51.94 -6.65
CA LEU L 514 34.28 51.93 -5.63
C LEU L 514 34.93 50.56 -5.66
N ASP L 515 36.19 50.54 -6.06
CA ASP L 515 36.91 49.28 -6.12
C ASP L 515 37.40 48.86 -4.73
N VAL L 516 36.44 48.44 -3.90
CA VAL L 516 36.72 47.77 -2.62
C VAL L 516 35.91 46.45 -2.59
N ASP L 517 35.83 45.77 -1.46
CA ASP L 517 35.16 44.48 -1.54
C ASP L 517 34.03 44.02 -0.61
N TYR L 518 33.17 43.25 -1.23
CA TYR L 518 31.81 43.08 -0.76
C TYR L 518 31.74 42.00 0.29
N ARG L 519 32.80 41.18 0.35
CA ARG L 519 32.88 40.09 1.31
C ARG L 519 33.06 40.65 2.73
N PHE L 520 33.41 41.94 2.83
CA PHE L 520 33.57 42.60 4.11
C PHE L 520 32.78 43.91 4.25
N ASP L 521 32.24 44.11 5.45
CA ASP L 521 31.49 45.31 5.83
C ASP L 521 32.24 46.60 5.49
N PHE L 522 31.59 47.46 4.69
CA PHE L 522 32.16 48.76 4.33
C PHE L 522 32.61 49.54 5.54
N SER L 523 33.73 50.24 5.41
CA SER L 523 34.30 51.04 6.48
C SER L 523 33.64 52.42 6.55
N ASP L 524 34.37 53.40 7.07
CA ASP L 524 33.89 54.78 7.11
C ASP L 524 34.00 55.48 5.75
N GLU L 525 35.21 55.43 5.17
CA GLU L 525 35.52 56.17 3.94
C GLU L 525 34.63 55.77 2.78
N ILE L 526 34.21 54.51 2.80
CA ILE L 526 33.43 53.93 1.73
C ILE L 526 31.93 54.24 1.90
N LYS L 527 31.44 54.12 3.14
CA LYS L 527 30.09 54.51 3.52
C LYS L 527 29.84 56.01 3.26
N GLU L 528 30.89 56.82 3.37
CA GLU L 528 30.85 58.25 3.08
C GLU L 528 31.08 58.57 1.60
N LYS L 529 31.84 57.72 0.91
CA LYS L 529 32.08 57.89 -0.53
C LYS L 529 30.87 57.46 -1.37
N ILE L 530 30.16 56.43 -0.88
CA ILE L 530 29.01 55.85 -1.58
C ILE L 530 27.77 56.76 -1.67
N LYS L 531 27.74 57.82 -0.85
CA LYS L 531 26.67 58.83 -0.86
C LYS L 531 26.99 59.98 -1.84
N LYS L 532 28.13 59.88 -2.50
CA LYS L 532 28.59 60.84 -3.49
C LYS L 532 28.59 60.19 -4.88
N LEU L 533 28.11 58.96 -4.97
CA LEU L 533 28.11 58.27 -6.26
C LEU L 533 26.82 58.45 -7.05
N SER L 534 26.94 58.22 -8.36
CA SER L 534 25.81 58.28 -9.29
C SER L 534 25.06 56.95 -9.30
N ALA L 535 23.80 56.99 -9.72
CA ALA L 535 22.97 55.79 -9.87
C ALA L 535 23.59 54.73 -10.79
N LYS L 536 24.26 55.13 -11.87
CA LYS L 536 24.96 54.20 -12.76
C LYS L 536 26.03 53.40 -11.99
N SER L 537 26.66 54.08 -11.03
CA SER L 537 27.70 53.49 -10.22
C SER L 537 27.12 52.69 -9.05
N LEU L 538 26.08 53.24 -8.41
CA LEU L 538 25.36 52.61 -7.29
C LEU L 538 24.74 51.23 -7.63
N ASN L 539 23.92 51.20 -8.68
CA ASN L 539 23.35 49.97 -9.25
C ASN L 539 24.40 48.89 -9.63
N GLU L 540 25.56 49.34 -10.14
CA GLU L 540 26.63 48.41 -10.53
C GLU L 540 27.23 47.79 -9.29
N MET L 541 27.52 48.66 -8.32
CA MET L 541 27.97 48.25 -7.00
C MET L 541 26.95 47.29 -6.40
N LEU L 542 25.67 47.49 -6.75
CA LEU L 542 24.60 46.56 -6.37
C LEU L 542 24.59 45.22 -7.12
N PHE L 543 24.89 45.21 -8.42
CA PHE L 543 24.99 43.96 -9.18
C PHE L 543 26.07 43.04 -8.58
N ARG L 544 27.20 43.64 -8.19
CA ARG L 544 28.30 42.90 -7.59
C ARG L 544 28.05 42.55 -6.13
N ALA L 545 27.63 43.53 -5.32
CA ALA L 545 27.23 43.29 -3.92
C ALA L 545 26.28 42.08 -3.78
N GLN L 546 25.27 42.02 -4.64
CA GLN L 546 24.42 40.85 -4.71
C GLN L 546 25.19 39.62 -5.26
N ARG L 547 26.01 39.82 -6.30
CA ARG L 547 26.70 38.71 -6.97
C ARG L 547 27.70 38.04 -6.03
N THR L 548 28.17 38.81 -5.07
CA THR L 548 29.09 38.30 -4.08
C THR L 548 28.26 37.64 -3.00
N GLU L 549 27.09 38.23 -2.72
CA GLU L 549 26.19 37.57 -1.80
C GLU L 549 25.91 36.15 -2.30
N VAL L 550 25.68 36.05 -3.61
CA VAL L 550 25.25 34.81 -4.23
C VAL L 550 26.40 33.78 -4.24
N ALA L 551 27.61 34.23 -4.49
CA ALA L 551 28.73 33.30 -4.54
C ALA L 551 28.94 32.67 -3.18
N GLY L 552 28.74 33.47 -2.13
CA GLY L 552 28.92 33.07 -0.75
C GLY L 552 27.81 32.16 -0.25
N MET L 553 26.59 32.42 -0.74
CA MET L 553 25.44 31.55 -0.51
C MET L 553 25.78 30.14 -0.94
N THR L 554 26.31 30.02 -2.15
CA THR L 554 26.65 28.76 -2.77
C THR L 554 27.79 28.05 -2.06
N ALA L 555 28.93 28.69 -1.91
CA ALA L 555 30.05 28.05 -1.24
C ALA L 555 29.59 27.55 0.12
N GLN L 556 28.79 28.33 0.81
CA GLN L 556 28.43 27.96 2.16
C GLN L 556 27.48 26.77 2.18
N ILE L 557 26.48 26.81 1.30
CA ILE L 557 25.54 25.73 1.15
C ILE L 557 26.27 24.42 0.91
N ASN L 558 27.28 24.39 0.05
CA ASN L 558 27.87 23.07 -0.14
C ASN L 558 29.00 22.73 0.79
N ARG L 559 29.43 23.72 1.57
CA ARG L 559 30.17 23.43 2.78
C ARG L 559 29.24 22.67 3.75
N LYS L 560 28.03 23.19 3.93
CA LYS L 560 27.09 22.54 4.81
C LYS L 560 26.79 21.10 4.30
N LEU L 561 26.58 20.94 2.99
CA LEU L 561 26.36 19.62 2.40
C LEU L 561 27.51 18.66 2.64
N LEU L 562 28.75 19.14 2.60
CA LEU L 562 29.90 18.31 2.84
C LEU L 562 29.87 17.81 4.26
N ILE L 563 29.74 18.75 5.20
CA ILE L 563 29.53 18.46 6.61
C ILE L 563 28.47 17.40 6.85
N ASN L 564 27.26 17.58 6.33
CA ASN L 564 26.23 16.60 6.57
C ASN L 564 26.34 15.27 5.77
N SER L 565 27.35 15.10 4.90
CA SER L 565 27.45 13.85 4.14
C SER L 565 28.69 13.01 4.49
N LEU L 566 29.62 13.62 5.24
CA LEU L 566 30.77 12.92 5.73
C LEU L 566 30.41 11.65 6.48
N TYR L 567 29.45 11.74 7.41
CA TYR L 567 29.10 10.56 8.19
C TYR L 567 28.78 9.40 7.23
N GLY L 568 27.84 9.62 6.31
CA GLY L 568 27.51 8.67 5.25
C GLY L 568 28.70 7.98 4.60
N ALA L 569 29.74 8.76 4.32
CA ALA L 569 30.94 8.20 3.74
C ALA L 569 31.70 7.34 4.76
N LEU L 570 31.82 7.82 6.01
CA LEU L 570 32.55 7.09 7.03
C LEU L 570 31.82 5.82 7.33
N GLY L 571 30.53 5.78 6.99
CA GLY L 571 29.72 4.60 7.21
C GLY L 571 29.73 3.65 6.01
N ASN L 572 30.47 4.01 4.97
CA ASN L 572 30.40 3.29 3.73
C ASN L 572 31.68 2.54 3.44
N VAL L 573 31.53 1.25 3.11
CA VAL L 573 32.68 0.35 2.97
C VAL L 573 33.58 0.71 1.80
N TRP L 574 33.10 1.58 0.92
CA TRP L 574 33.83 1.92 -0.30
C TRP L 574 34.67 3.16 -0.14
N PHE L 575 34.50 3.85 0.99
CA PHE L 575 35.27 5.02 1.35
C PHE L 575 36.57 4.55 1.99
N ARG L 576 37.69 5.15 1.59
CA ARG L 576 39.01 4.69 2.03
C ARG L 576 39.37 5.02 3.48
N TYR L 577 38.49 5.74 4.14
CA TYR L 577 38.69 6.05 5.53
C TYR L 577 37.69 5.31 6.37
N TYR L 578 36.92 4.45 5.71
CA TYR L 578 35.92 3.66 6.44
C TYR L 578 36.61 2.73 7.41
N ASP L 579 36.07 2.65 8.61
CA ASP L 579 36.54 1.73 9.63
C ASP L 579 35.36 1.43 10.53
N LEU L 580 34.90 0.19 10.50
CA LEU L 580 33.70 -0.23 11.23
C LEU L 580 33.68 0.24 12.69
N ARG L 581 34.75 -0.05 13.41
CA ARG L 581 34.82 0.33 14.79
C ARG L 581 34.60 1.83 14.95
N ASN L 582 35.15 2.62 14.04
CA ASN L 582 35.08 4.06 14.15
C ASN L 582 33.66 4.55 13.92
N ALA L 583 32.94 3.89 13.02
CA ALA L 583 31.55 4.25 12.79
C ALA L 583 30.70 3.92 14.04
N THR L 584 31.05 2.84 14.70
CA THR L 584 30.35 2.43 15.91
C THR L 584 30.69 3.37 17.08
N ALA L 585 31.93 3.84 17.10
CA ALA L 585 32.35 4.80 18.11
C ALA L 585 31.51 6.09 18.05
N ILE L 586 31.24 6.58 16.83
CA ILE L 586 30.39 7.75 16.60
C ILE L 586 28.95 7.58 17.17
N THR L 587 28.21 6.57 16.66
CA THR L 587 26.81 6.41 17.01
C THR L 587 26.64 6.15 18.51
N THR L 588 27.31 5.11 19.01
CA THR L 588 27.36 4.79 20.44
C THR L 588 27.70 5.98 21.34
N PHE L 589 28.74 6.75 20.99
CA PHE L 589 29.01 7.98 21.72
C PHE L 589 27.74 8.85 21.70
N GLY L 590 27.16 9.07 20.52
CA GLY L 590 25.95 9.86 20.45
C GLY L 590 24.85 9.29 21.32
N GLN L 591 24.70 7.96 21.30
CA GLN L 591 23.61 7.38 22.05
C GLN L 591 23.86 7.63 23.53
N MET L 592 25.15 7.67 23.89
CA MET L 592 25.52 7.95 25.27
C MET L 592 25.20 9.40 25.56
N ALA L 593 25.72 10.30 24.74
CA ALA L 593 25.50 11.72 24.90
C ALA L 593 24.01 12.03 25.16
N LEU L 594 23.14 11.64 24.25
CA LEU L 594 21.70 11.90 24.37
C LEU L 594 21.09 11.45 25.70
N GLN L 595 21.38 10.22 26.10
CA GLN L 595 20.80 9.64 27.29
C GLN L 595 21.49 10.16 28.53
N TRP L 596 22.75 10.55 28.39
CA TRP L 596 23.46 11.17 29.49
C TRP L 596 22.84 12.51 29.85
N ILE L 597 22.49 13.29 28.82
CA ILE L 597 21.98 14.62 29.08
C ILE L 597 20.52 14.56 29.49
N GLU L 598 19.85 13.49 29.05
CA GLU L 598 18.53 13.15 29.53
C GLU L 598 18.57 13.00 31.07
N ARG L 599 19.49 12.18 31.56
CA ARG L 599 19.67 12.00 32.99
C ARG L 599 19.89 13.35 33.63
N LYS L 600 20.88 14.09 33.14
CA LYS L 600 21.20 15.40 33.69
C LYS L 600 19.99 16.33 33.71
N VAL L 601 19.24 16.37 32.62
CA VAL L 601 18.08 17.27 32.51
C VAL L 601 16.95 16.89 33.48
N ASN L 602 16.70 15.60 33.60
CA ASN L 602 15.81 15.10 34.66
C ASN L 602 16.29 15.44 36.05
N GLU L 603 17.56 15.16 36.33
CA GLU L 603 18.11 15.42 37.65
C GLU L 603 17.93 16.89 38.00
N TYR L 604 18.25 17.76 37.05
CA TYR L 604 18.15 19.21 37.24
C TYR L 604 16.73 19.71 37.51
N LEU L 605 15.81 19.42 36.60
CA LEU L 605 14.42 19.83 36.80
C LEU L 605 13.75 19.28 38.08
N ASN L 606 14.08 18.04 38.44
CA ASN L 606 13.57 17.48 39.68
C ASN L 606 14.01 18.30 40.89
N GLU L 607 15.31 18.63 40.97
CA GLU L 607 15.85 19.46 42.06
C GLU L 607 15.19 20.83 42.08
N VAL L 608 15.04 21.40 40.90
CA VAL L 608 14.53 22.74 40.69
C VAL L 608 13.02 22.85 40.94
N CYS L 609 12.25 21.85 40.51
CA CYS L 609 10.82 21.85 40.82
C CYS L 609 10.53 21.26 42.19
N GLY L 610 11.58 20.86 42.90
CA GLY L 610 11.46 20.38 44.28
C GLY L 610 10.73 19.07 44.47
N THR L 611 10.41 18.43 43.33
CA THR L 611 9.83 17.09 43.28
C THR L 611 10.99 16.08 43.20
N GLU L 612 10.72 14.79 43.40
CA GLU L 612 11.77 13.77 43.16
C GLU L 612 11.36 12.69 42.14
N GLY L 613 12.33 12.35 41.28
CA GLY L 613 12.24 11.24 40.35
C GLY L 613 11.12 11.16 39.33
N GLU L 614 10.56 12.29 38.91
CA GLU L 614 9.60 12.29 37.81
C GLU L 614 10.26 12.41 36.42
N ALA L 615 9.51 11.98 35.40
CA ALA L 615 10.02 11.95 34.04
C ALA L 615 9.76 13.30 33.43
N PHE L 616 10.82 14.06 33.19
CA PHE L 616 10.68 15.33 32.50
C PHE L 616 10.87 15.15 31.01
N VAL L 617 11.83 14.30 30.65
CA VAL L 617 12.20 14.04 29.26
C VAL L 617 11.22 13.05 28.62
N LEU L 618 10.40 13.59 27.73
CA LEU L 618 9.36 12.93 26.97
C LEU L 618 9.89 11.91 25.99
N TYR L 619 10.98 12.29 25.33
CA TYR L 619 11.34 11.73 24.04
C TYR L 619 12.67 12.29 23.62
N GLY L 620 13.39 11.48 22.84
CA GLY L 620 14.64 11.89 22.23
C GLY L 620 14.87 11.06 21.01
N ASP L 621 15.49 11.66 19.99
CA ASP L 621 15.85 10.94 18.78
C ASP L 621 17.17 11.50 18.31
N THR L 622 18.21 10.69 18.36
CA THR L 622 19.53 11.06 17.86
C THR L 622 20.20 12.27 18.50
N ASP L 623 19.82 13.48 18.07
CA ASP L 623 20.42 14.76 18.53
C ASP L 623 19.53 15.69 19.36
N SER L 624 18.25 15.39 19.55
CA SER L 624 17.35 16.33 20.21
C SER L 624 16.68 15.65 21.36
N ILE L 625 16.30 16.43 22.37
CA ILE L 625 15.43 15.95 23.44
C ILE L 625 14.23 16.88 23.64
N TYR L 626 13.12 16.26 24.03
CA TYR L 626 11.88 16.97 24.28
C TYR L 626 11.47 16.84 25.72
N VAL L 627 11.39 18.02 26.34
CA VAL L 627 11.15 18.18 27.75
C VAL L 627 9.77 18.78 27.96
N SER L 628 9.04 18.19 28.90
CA SER L 628 7.75 18.69 29.33
C SER L 628 7.98 19.92 30.20
N ALA L 629 7.22 20.98 29.95
CA ALA L 629 7.30 22.17 30.79
C ALA L 629 6.01 22.40 31.57
N ASP L 630 5.22 21.34 31.73
CA ASP L 630 4.02 21.43 32.55
C ASP L 630 4.35 21.89 33.96
N LYS L 631 5.30 21.20 34.59
CA LYS L 631 5.63 21.42 36.00
C LYS L 631 6.32 22.75 36.26
N ILE L 632 7.08 23.22 35.26
CA ILE L 632 7.69 24.54 35.31
C ILE L 632 6.59 25.59 35.22
N ILE L 633 5.72 25.46 34.21
CA ILE L 633 4.54 26.31 34.10
C ILE L 633 3.59 26.15 35.31
N ASP L 634 3.45 24.91 35.80
CA ASP L 634 2.52 24.59 36.88
C ASP L 634 3.08 25.04 38.22
N LYS L 635 4.41 25.23 38.28
CA LYS L 635 5.04 25.72 39.50
C LYS L 635 4.72 27.17 39.74
N VAL L 636 4.75 27.99 38.68
CA VAL L 636 4.37 29.39 38.82
C VAL L 636 2.84 29.58 38.72
N GLY L 637 2.20 28.75 37.91
CA GLY L 637 0.76 28.79 37.67
C GLY L 637 0.41 29.91 36.71
N GLU L 638 -0.58 29.70 35.85
CA GLU L 638 -1.11 30.78 35.03
C GLU L 638 -1.49 31.99 35.94
N SER L 639 -0.42 32.72 36.27
CA SER L 639 -0.40 33.90 37.14
C SER L 639 0.55 34.79 36.38
N LYS L 640 0.37 36.11 36.51
CA LYS L 640 1.25 37.09 35.84
C LYS L 640 1.49 36.63 34.39
N PHE L 641 0.59 35.77 33.90
CA PHE L 641 0.60 35.38 32.52
C PHE L 641 -0.48 36.15 31.79
N ARG L 642 -0.08 37.34 31.37
CA ARG L 642 -0.92 38.27 30.63
C ARG L 642 -1.56 37.54 29.45
N ASP L 643 -0.72 36.93 28.63
CA ASP L 643 -1.11 36.23 27.42
C ASP L 643 -0.11 35.10 27.09
N THR L 644 -0.27 34.53 25.91
CA THR L 644 0.58 33.46 25.45
C THR L 644 2.04 33.90 25.40
N ASN L 645 2.28 35.05 24.79
CA ASN L 645 3.62 35.59 24.66
C ASN L 645 4.40 35.63 25.98
N HIS L 646 3.67 35.70 27.09
CA HIS L 646 4.29 35.86 28.39
C HIS L 646 4.82 34.57 29.00
N TRP L 647 4.16 33.45 28.75
CA TRP L 647 4.75 32.19 29.21
C TRP L 647 5.86 31.72 28.26
N VAL L 648 5.71 32.04 26.98
CA VAL L 648 6.77 31.79 26.03
C VAL L 648 8.06 32.56 26.42
N ASP L 649 7.91 33.82 26.85
CA ASP L 649 9.08 34.59 27.33
C ASP L 649 9.69 33.96 28.57
N PHE L 650 8.83 33.66 29.56
CA PHE L 650 9.20 32.90 30.74
C PHE L 650 10.04 31.64 30.41
N LEU L 651 9.50 30.77 29.55
CA LEU L 651 10.23 29.54 29.18
C LEU L 651 11.50 29.83 28.41
N ASP L 652 11.49 30.89 27.61
CA ASP L 652 12.65 31.23 26.80
C ASP L 652 13.79 31.65 27.72
N LYS L 653 13.43 32.30 28.81
CA LYS L 653 14.39 32.75 29.81
C LYS L 653 14.80 31.57 30.66
N PHE L 654 13.86 30.72 31.03
CA PHE L 654 14.17 29.53 31.80
C PHE L 654 15.19 28.64 31.10
N ALA L 655 14.95 28.41 29.81
CA ALA L 655 15.78 27.55 29.00
C ALA L 655 17.18 28.11 28.91
N ARG L 656 17.28 29.41 28.64
CA ARG L 656 18.54 30.07 28.40
C ARG L 656 19.35 30.23 29.69
N GLU L 657 18.70 30.77 30.72
CA GLU L 657 19.37 31.26 31.92
C GLU L 657 19.64 30.18 32.93
N ARG L 658 18.85 29.11 32.91
CA ARG L 658 18.93 28.07 33.92
C ARG L 658 19.16 26.70 33.31
N MET L 659 18.47 26.38 32.21
CA MET L 659 18.57 25.05 31.67
C MET L 659 19.88 24.85 30.91
N GLU L 660 20.25 25.84 30.12
CA GLU L 660 21.39 25.68 29.23
C GLU L 660 22.74 25.61 29.98
N PRO L 661 22.94 26.42 31.03
CA PRO L 661 24.17 26.32 31.84
C PRO L 661 24.32 24.98 32.54
N ALA L 662 23.19 24.35 32.84
CA ALA L 662 23.16 23.06 33.53
C ALA L 662 23.53 21.94 32.60
N ILE L 663 22.99 22.04 31.39
CA ILE L 663 23.33 21.13 30.31
C ILE L 663 24.82 21.22 29.98
N ASP L 664 25.36 22.43 29.90
CA ASP L 664 26.78 22.62 29.66
C ASP L 664 27.65 21.99 30.77
N ARG L 665 27.24 22.13 32.02
CA ARG L 665 27.92 21.49 33.12
C ARG L 665 27.92 19.98 32.91
N GLY L 666 26.76 19.44 32.50
CA GLY L 666 26.59 18.01 32.25
C GLY L 666 27.48 17.46 31.14
N PHE L 667 27.68 18.22 30.09
CA PHE L 667 28.44 17.72 28.94
C PHE L 667 29.94 17.86 29.19
N ARG L 668 30.30 18.80 30.06
CA ARG L 668 31.67 18.95 30.43
C ARG L 668 32.01 17.76 31.29
N GLU L 669 31.21 17.52 32.32
CA GLU L 669 31.42 16.33 33.16
C GLU L 669 31.65 15.08 32.26
N MET L 670 30.74 14.85 31.29
CA MET L 670 30.82 13.72 30.38
C MET L 670 32.13 13.66 29.62
N CYS L 671 32.56 14.80 29.11
CA CYS L 671 33.80 14.93 28.37
C CYS L 671 35.04 14.58 29.21
N GLU L 672 35.03 14.95 30.50
CA GLU L 672 36.13 14.57 31.42
C GLU L 672 36.02 13.08 31.72
N TYR L 673 34.79 12.58 31.78
CA TYR L 673 34.54 11.15 31.93
C TYR L 673 35.18 10.29 30.82
N MET L 674 35.04 10.71 29.56
CA MET L 674 35.55 9.97 28.43
C MET L 674 36.93 10.46 28.06
N ASN L 675 37.49 11.34 28.90
CA ASN L 675 38.80 11.93 28.66
C ASN L 675 38.99 12.47 27.24
N ASN L 676 37.92 13.07 26.70
CA ASN L 676 37.88 13.54 25.33
C ASN L 676 38.79 14.74 25.01
N LYS L 677 39.20 14.85 23.75
CA LYS L 677 40.15 15.86 23.32
C LYS L 677 39.64 17.28 23.49
N GLN L 678 38.37 17.46 23.17
CA GLN L 678 37.76 18.77 23.10
C GLN L 678 36.25 18.60 23.37
N HIS L 679 35.70 19.41 24.25
CA HIS L 679 34.26 19.41 24.47
C HIS L 679 33.54 20.24 23.37
N LEU L 680 32.62 19.57 22.67
CA LEU L 680 31.93 20.16 21.53
C LEU L 680 30.44 19.85 21.52
N MET L 681 29.98 19.10 22.51
CA MET L 681 28.56 18.81 22.69
C MET L 681 27.85 20.06 23.12
N PHE L 682 27.28 20.78 22.16
CA PHE L 682 26.67 22.07 22.46
C PHE L 682 25.18 21.92 22.22
N MET L 683 24.41 21.93 23.29
CA MET L 683 22.97 21.67 23.20
C MET L 683 22.26 22.94 23.57
N ASP L 684 21.56 23.55 22.62
CA ASP L 684 20.76 24.73 22.96
C ASP L 684 19.27 24.60 22.67
N ARG L 685 18.49 25.51 23.23
CA ARG L 685 17.06 25.42 23.10
C ARG L 685 16.61 25.62 21.67
N GLU L 686 15.62 24.81 21.28
CA GLU L 686 15.14 24.82 19.92
C GLU L 686 13.75 25.43 19.89
N ALA L 687 12.73 24.60 20.13
CA ALA L 687 11.33 24.98 20.05
C ALA L 687 10.60 25.14 21.41
N ILE L 688 9.75 26.16 21.51
CA ILE L 688 8.84 26.30 22.65
C ILE L 688 7.42 26.03 22.15
N ALA L 689 6.74 25.05 22.74
CA ALA L 689 5.42 24.67 22.27
C ALA L 689 4.39 24.60 23.38
N GLY L 690 3.14 24.84 23.01
CA GLY L 690 2.03 24.70 23.93
C GLY L 690 0.79 25.28 23.32
N PRO L 691 -0.32 25.23 24.06
CA PRO L 691 -1.60 25.75 23.58
C PRO L 691 -1.74 27.25 23.81
N PRO L 692 -2.56 27.94 23.00
CA PRO L 692 -2.76 29.37 23.22
C PRO L 692 -3.36 29.58 24.61
N LEU L 693 -2.83 30.56 25.35
CA LEU L 693 -3.24 30.79 26.74
C LEU L 693 -4.75 30.81 26.89
N GLY L 694 -5.24 30.06 27.86
CA GLY L 694 -6.65 30.08 28.21
C GLY L 694 -7.58 29.33 27.27
N SER L 695 -7.01 28.68 26.25
CA SER L 695 -7.81 27.97 25.24
C SER L 695 -8.16 26.58 25.75
N LYS L 696 -8.51 25.69 24.82
CA LYS L 696 -8.84 24.32 25.17
C LYS L 696 -8.11 23.38 24.23
N GLY L 697 -7.09 23.91 23.55
CA GLY L 697 -6.22 23.08 22.75
C GLY L 697 -5.27 22.26 23.63
N ILE L 698 -4.74 21.17 23.08
CA ILE L 698 -3.94 20.24 23.86
C ILE L 698 -2.45 20.54 23.75
N GLY L 699 -2.08 21.54 22.96
CA GLY L 699 -0.68 21.92 22.78
C GLY L 699 0.10 21.00 21.84
N GLY L 700 0.19 19.71 22.17
CA GLY L 700 1.00 18.78 21.40
C GLY L 700 0.68 17.35 21.75
N PHE L 701 1.06 16.41 20.87
CA PHE L 701 0.86 15.00 21.15
C PHE L 701 1.93 14.13 20.44
N TRP L 702 2.19 12.93 20.97
CA TRP L 702 3.05 11.94 20.31
C TRP L 702 2.19 10.74 20.12
N THR L 703 2.24 10.12 18.95
CA THR L 703 1.61 8.81 18.83
C THR L 703 2.62 7.68 19.01
N GLY L 704 3.90 7.96 18.72
CA GLY L 704 4.90 6.94 18.79
C GLY L 704 6.29 7.45 18.49
N LYS L 705 7.20 6.51 18.21
CA LYS L 705 8.57 6.85 17.86
C LYS L 705 8.51 7.55 16.52
N LYS L 706 9.19 8.68 16.44
CA LYS L 706 9.28 9.44 15.18
C LYS L 706 7.95 10.03 14.72
N ARG L 707 6.97 10.13 15.62
CA ARG L 707 5.61 10.51 15.21
C ARG L 707 4.91 11.43 16.20
N TYR L 708 4.95 12.74 15.96
CA TYR L 708 4.42 13.73 16.90
C TYR L 708 4.08 15.08 16.29
N ALA L 709 3.33 15.89 17.03
CA ALA L 709 2.95 17.24 16.59
C ALA L 709 3.01 18.26 17.73
N LEU L 710 3.53 19.44 17.41
CA LEU L 710 3.66 20.54 18.38
C LEU L 710 3.14 21.83 17.80
N ASN L 711 2.59 22.65 18.70
CA ASN L 711 2.09 23.97 18.36
C ASN L 711 3.11 24.98 18.82
N VAL L 712 3.99 25.39 17.90
CA VAL L 712 5.23 26.05 18.25
C VAL L 712 5.16 27.56 18.17
N TRP L 713 5.48 28.21 19.30
CA TRP L 713 5.52 29.67 19.42
C TRP L 713 6.89 30.26 19.09
N ASP L 714 7.96 29.59 19.53
CA ASP L 714 9.31 30.11 19.31
C ASP L 714 10.24 29.00 18.80
N MET L 715 10.99 29.31 17.75
CA MET L 715 12.02 28.42 17.23
C MET L 715 13.36 29.18 17.14
N GLU L 716 14.32 28.75 17.95
CA GLU L 716 15.68 29.26 17.86
C GLU L 716 15.70 30.79 17.84
N GLY L 717 15.02 31.41 18.79
CA GLY L 717 15.02 32.86 18.88
C GLY L 717 14.05 33.58 17.97
N THR L 718 13.30 32.84 17.13
CA THR L 718 12.26 33.47 16.30
C THR L 718 10.88 33.36 16.96
N ARG L 719 10.36 34.48 17.45
CA ARG L 719 8.99 34.55 17.95
C ARG L 719 8.08 34.76 16.74
N TYR L 720 7.30 33.75 16.39
CA TYR L 720 6.42 33.86 15.24
C TYR L 720 5.23 34.73 15.57
N ALA L 721 4.78 35.53 14.61
CA ALA L 721 3.52 36.29 14.74
C ALA L 721 2.35 35.36 15.12
N GLU L 722 2.19 34.25 14.39
CA GLU L 722 1.17 33.24 14.68
C GLU L 722 1.80 31.86 15.00
N PRO L 723 1.08 31.01 15.73
CA PRO L 723 1.62 29.70 16.12
C PRO L 723 1.86 28.88 14.87
N LYS L 724 2.92 28.08 14.89
CA LYS L 724 3.38 27.35 13.71
C LYS L 724 3.42 25.87 14.05
N LEU L 725 2.67 25.07 13.30
CA LEU L 725 2.61 23.62 13.55
C LEU L 725 3.92 22.92 13.20
N LYS L 726 4.48 22.19 14.15
CA LYS L 726 5.64 21.36 13.88
C LYS L 726 5.17 19.94 13.97
N ILE L 727 5.04 19.30 12.80
CA ILE L 727 4.56 17.94 12.72
C ILE L 727 5.64 17.07 12.13
N MET L 728 6.10 16.10 12.89
CA MET L 728 7.08 15.16 12.36
C MET L 728 6.44 13.79 12.22
N GLY L 729 6.73 13.15 11.11
CA GLY L 729 6.42 11.75 10.94
C GLY L 729 5.04 11.44 10.43
N LEU L 730 4.05 12.18 10.89
CA LEU L 730 2.65 11.87 10.60
C LEU L 730 2.30 12.02 9.14
N GLU L 731 1.08 11.63 8.82
CA GLU L 731 0.66 11.51 7.43
C GLU L 731 0.68 12.86 6.66
N THR L 732 0.45 13.96 7.36
CA THR L 732 0.50 15.27 6.74
C THR L 732 1.84 15.55 6.05
N GLN L 733 2.85 14.78 6.43
CA GLN L 733 4.22 15.04 6.02
C GLN L 733 4.75 14.11 4.95
N LYS L 734 3.92 13.16 4.52
CA LYS L 734 4.36 12.10 3.61
C LYS L 734 3.87 12.35 2.19
N SER L 735 4.78 12.24 1.23
CA SER L 735 4.45 12.53 -0.17
C SER L 735 3.40 11.61 -0.70
N SER L 736 3.14 10.53 0.04
CA SER L 736 2.23 9.49 -0.45
C SER L 736 0.78 9.71 -0.03
N THR L 737 0.53 10.59 0.92
CA THR L 737 -0.86 10.78 1.32
C THR L 737 -1.53 11.77 0.38
N PRO L 738 -2.85 11.65 0.21
CA PRO L 738 -3.57 12.49 -0.76
C PRO L 738 -3.50 13.96 -0.35
N LYS L 739 -3.44 14.86 -1.33
CA LYS L 739 -3.29 16.28 -1.04
C LYS L 739 -4.41 16.85 -0.19
N ALA L 740 -5.66 16.53 -0.51
CA ALA L 740 -6.78 17.01 0.29
C ALA L 740 -6.74 16.47 1.70
N VAL L 741 -6.18 15.27 1.86
CA VAL L 741 -6.13 14.64 3.16
C VAL L 741 -5.04 15.31 3.97
N GLN L 742 -3.92 15.56 3.33
CA GLN L 742 -2.83 16.29 3.95
C GLN L 742 -3.36 17.57 4.56
N LYS L 743 -4.15 18.32 3.79
CA LYS L 743 -4.62 19.61 4.25
C LYS L 743 -5.56 19.36 5.41
N ALA L 744 -6.38 18.32 5.26
CA ALA L 744 -7.48 18.04 6.19
C ALA L 744 -6.99 17.56 7.56
N LEU L 745 -6.10 16.60 7.58
CA LEU L 745 -5.50 16.20 8.84
C LEU L 745 -4.70 17.34 9.46
N LYS L 746 -4.19 18.26 8.66
CA LYS L 746 -3.43 19.38 9.22
C LYS L 746 -4.34 20.32 10.00
N GLU L 747 -5.50 20.62 9.41
CA GLU L 747 -6.50 21.47 10.07
C GLU L 747 -7.02 20.75 11.28
N CYS L 748 -7.03 19.42 11.22
CA CYS L 748 -7.48 18.56 12.32
C CYS L 748 -6.50 18.66 13.47
N ILE L 749 -5.21 18.55 13.16
CA ILE L 749 -4.19 18.76 14.15
C ILE L 749 -4.19 20.23 14.64
N ARG L 750 -4.29 21.19 13.72
CA ARG L 750 -4.24 22.60 14.13
C ARG L 750 -5.30 22.89 15.20
N ARG L 751 -6.53 22.43 14.97
CA ARG L 751 -7.61 22.62 15.93
C ARG L 751 -7.37 21.73 17.12
N MET L 752 -6.90 20.52 16.87
CA MET L 752 -6.56 19.67 18.00
C MET L 752 -5.68 20.43 18.98
N LEU L 753 -4.61 21.01 18.44
CA LEU L 753 -3.60 21.67 19.28
C LEU L 753 -4.02 23.01 19.83
N GLN L 754 -4.83 23.76 19.08
CA GLN L 754 -5.13 25.17 19.42
C GLN L 754 -6.47 25.45 20.09
N GLU L 755 -7.55 25.09 19.42
CA GLU L 755 -8.90 25.11 20.00
C GLU L 755 -9.16 23.65 20.43
N GLY L 756 -10.11 23.38 21.30
CA GLY L 756 -10.17 22.03 21.83
C GLY L 756 -10.74 20.85 21.03
N GLU L 757 -11.68 20.14 21.63
CA GLU L 757 -12.26 18.93 21.07
C GLU L 757 -13.50 19.27 20.23
N GLU L 758 -14.35 20.17 20.74
CA GLU L 758 -15.47 20.74 19.98
C GLU L 758 -15.05 21.18 18.59
N SER L 759 -13.98 21.98 18.51
CA SER L 759 -13.42 22.42 17.23
C SER L 759 -13.09 21.27 16.30
N LEU L 760 -12.26 20.33 16.77
CA LEU L 760 -11.99 19.12 16.00
C LEU L 760 -13.29 18.51 15.50
N GLN L 761 -14.17 18.18 16.44
CA GLN L 761 -15.45 17.59 16.16
C GLN L 761 -16.22 18.36 15.07
N GLU L 762 -16.31 19.68 15.26
CA GLU L 762 -16.96 20.56 14.30
C GLU L 762 -16.28 20.44 12.94
N TYR L 763 -14.96 20.55 12.91
CA TYR L 763 -14.27 20.38 11.64
C TYR L 763 -14.50 19.01 10.98
N PHE L 764 -14.35 17.91 11.72
CA PHE L 764 -14.59 16.55 11.20
C PHE L 764 -15.92 16.40 10.46
N LYS L 765 -16.98 17.00 11.01
CA LYS L 765 -18.28 17.02 10.35
C LYS L 765 -18.20 17.74 9.00
N GLU L 766 -17.49 18.87 9.00
CA GLU L 766 -17.23 19.64 7.78
C GLU L 766 -16.61 18.75 6.70
N PHE L 767 -15.39 18.27 6.95
CA PHE L 767 -14.63 17.55 5.93
C PHE L 767 -15.26 16.25 5.47
N GLU L 768 -16.22 15.76 6.24
CA GLU L 768 -16.91 14.54 5.88
C GLU L 768 -17.85 14.80 4.72
N LYS L 769 -18.72 15.80 4.86
CA LYS L 769 -19.74 16.08 3.83
C LYS L 769 -19.16 16.72 2.57
N GLU L 770 -17.95 17.29 2.67
CA GLU L 770 -17.24 17.79 1.49
C GLU L 770 -16.55 16.65 0.76
N PHE L 771 -16.18 15.61 1.50
CA PHE L 771 -15.23 14.62 0.99
C PHE L 771 -15.59 14.04 -0.37
N ARG L 772 -16.84 13.65 -0.56
CA ARG L 772 -17.23 12.96 -1.78
C ARG L 772 -17.22 13.89 -2.99
N GLN L 773 -17.16 15.20 -2.73
CA GLN L 773 -17.17 16.21 -3.80
C GLN L 773 -15.75 16.62 -4.19
N LEU L 774 -14.77 15.99 -3.55
CA LEU L 774 -13.37 16.28 -3.83
C LEU L 774 -12.88 15.69 -5.14
N ASN L 775 -12.02 16.45 -5.79
CA ASN L 775 -11.44 16.11 -7.07
C ASN L 775 -10.53 14.90 -6.93
N TYR L 776 -10.69 13.92 -7.82
CA TYR L 776 -9.99 12.66 -7.67
C TYR L 776 -8.46 12.73 -7.51
N ILE L 777 -7.83 13.78 -8.00
CA ILE L 777 -6.38 13.89 -7.93
C ILE L 777 -5.93 14.30 -6.55
N SER L 778 -6.70 15.16 -5.91
CA SER L 778 -6.41 15.59 -4.54
C SER L 778 -6.66 14.45 -3.52
N ILE L 779 -7.42 13.44 -3.91
CA ILE L 779 -7.72 12.38 -2.97
C ILE L 779 -7.06 11.06 -3.33
N ALA L 780 -6.31 11.10 -4.43
CA ALA L 780 -5.48 10.00 -4.83
C ALA L 780 -4.24 9.86 -3.92
N SER L 781 -3.97 8.62 -3.54
CA SER L 781 -2.72 8.25 -2.90
C SER L 781 -1.61 8.32 -3.95
N VAL L 782 -0.36 8.36 -3.47
CA VAL L 782 0.80 8.41 -4.35
C VAL L 782 1.73 7.32 -3.91
N SER L 783 2.27 6.55 -4.86
CA SER L 783 3.36 5.65 -4.55
C SER L 783 4.42 5.63 -5.64
N SER L 784 5.70 5.54 -5.24
CA SER L 784 6.78 5.13 -6.15
C SER L 784 6.40 3.76 -6.68
N ALA L 785 6.78 3.48 -7.92
CA ALA L 785 6.42 2.22 -8.57
C ALA L 785 7.65 1.40 -8.89
N ASN L 786 8.14 0.64 -7.93
CA ASN L 786 9.37 -0.12 -8.15
C ASN L 786 9.17 -1.61 -8.49
N ASN L 787 10.06 -2.12 -9.33
CA ASN L 787 10.10 -3.53 -9.66
C ASN L 787 8.77 -4.03 -10.24
N ILE L 788 8.17 -3.25 -11.15
CA ILE L 788 6.89 -3.66 -11.76
C ILE L 788 6.98 -5.05 -12.41
N ALA L 789 8.03 -5.25 -13.19
CA ALA L 789 8.26 -6.46 -13.99
C ALA L 789 8.47 -7.72 -13.15
N LYS L 790 8.86 -7.54 -11.89
CA LYS L 790 8.92 -8.63 -10.93
C LYS L 790 7.52 -9.21 -10.71
N TYR L 791 6.57 -8.32 -10.41
CA TYR L 791 5.24 -8.77 -10.01
C TYR L 791 4.24 -8.96 -11.15
N ASP L 792 4.71 -8.80 -12.38
CA ASP L 792 3.86 -8.92 -13.54
C ASP L 792 3.95 -10.32 -14.12
N VAL L 793 2.84 -11.03 -14.12
CA VAL L 793 2.79 -12.31 -14.81
C VAL L 793 1.57 -12.31 -15.72
N GLY L 794 1.84 -12.24 -17.02
CA GLY L 794 0.82 -12.20 -18.06
C GLY L 794 -0.20 -11.09 -17.86
N GLY L 795 0.27 -9.93 -17.38
CA GLY L 795 -0.59 -8.81 -17.04
C GLY L 795 -1.20 -8.85 -15.65
N PHE L 796 -0.91 -9.89 -14.87
CA PHE L 796 -1.56 -10.08 -13.57
C PHE L 796 -0.62 -10.13 -12.37
N PRO L 797 -1.10 -9.70 -11.20
CA PRO L 797 -0.29 -9.73 -9.98
C PRO L 797 0.21 -11.15 -9.69
N GLY L 798 1.52 -11.27 -9.53
CA GLY L 798 2.12 -12.52 -9.10
C GLY L 798 2.15 -12.61 -7.59
N PRO L 799 2.73 -13.70 -7.08
CA PRO L 799 2.84 -13.92 -5.63
C PRO L 799 3.40 -12.70 -4.93
N LYS L 800 2.70 -12.22 -3.89
CA LYS L 800 3.21 -11.20 -2.96
C LYS L 800 3.07 -9.74 -3.47
N CYS L 801 2.33 -9.56 -4.57
CA CYS L 801 2.28 -8.28 -5.29
C CYS L 801 1.71 -7.12 -4.50
N PRO L 802 2.47 -6.01 -4.41
CA PRO L 802 2.09 -4.84 -3.62
C PRO L 802 0.86 -4.10 -4.20
N PHE L 803 0.12 -3.44 -3.32
CA PHE L 803 -1.12 -2.79 -3.70
C PHE L 803 -0.91 -1.79 -4.84
N HIS L 804 0.06 -0.90 -4.67
CA HIS L 804 0.32 0.07 -5.71
C HIS L 804 0.69 -0.56 -7.07
N ILE L 805 1.47 -1.64 -7.04
CA ILE L 805 1.87 -2.32 -8.27
C ILE L 805 0.70 -3.10 -8.87
N ARG L 806 -0.18 -3.64 -8.03
CA ARG L 806 -1.40 -4.26 -8.53
C ARG L 806 -2.14 -3.18 -9.32
N GLY L 807 -2.33 -2.02 -8.69
CA GLY L 807 -2.95 -0.87 -9.34
C GLY L 807 -2.42 -0.61 -10.74
N ILE L 808 -1.10 -0.73 -10.89
CA ILE L 808 -0.43 -0.36 -12.13
C ILE L 808 -0.80 -1.33 -13.22
N LEU L 809 -0.84 -2.60 -12.83
CA LEU L 809 -1.13 -3.68 -13.74
C LEU L 809 -2.55 -3.59 -14.29
N THR L 810 -3.50 -3.22 -13.44
CA THR L 810 -4.88 -3.02 -13.87
C THR L 810 -5.05 -1.76 -14.75
N TYR L 811 -4.07 -0.86 -14.67
CA TYR L 811 -4.04 0.25 -15.60
C TYR L 811 -3.52 -0.22 -16.96
N ASN L 812 -2.44 -1.01 -16.96
CA ASN L 812 -1.94 -1.61 -18.22
C ASN L 812 -2.95 -2.48 -18.99
N ARG L 813 -3.82 -3.18 -18.27
CA ARG L 813 -4.88 -3.96 -18.91
C ARG L 813 -5.98 -3.07 -19.48
N ALA L 814 -6.30 -1.98 -18.77
CA ALA L 814 -7.40 -1.09 -19.16
C ALA L 814 -7.09 -0.35 -20.46
N ILE L 815 -5.80 -0.11 -20.68
CA ILE L 815 -5.32 0.55 -21.91
C ILE L 815 -4.35 -0.28 -22.71
N LYS L 816 -4.57 -1.60 -22.71
CA LYS L 816 -3.98 -2.50 -23.69
C LYS L 816 -4.35 -1.97 -25.07
N GLY L 817 -3.57 -2.33 -26.08
CA GLY L 817 -3.86 -1.97 -27.46
C GLY L 817 -3.93 -0.47 -27.75
N ASN L 818 -4.87 0.21 -27.09
CA ASN L 818 -5.03 1.65 -27.13
C ASN L 818 -3.68 2.34 -26.89
N ILE L 819 -3.00 2.68 -27.99
CA ILE L 819 -1.59 3.05 -27.97
C ILE L 819 -1.28 4.32 -27.22
N ASP L 820 -1.69 5.47 -27.76
CA ASP L 820 -1.38 6.79 -27.20
C ASP L 820 -1.86 7.03 -25.76
N ALA L 821 -1.55 6.06 -24.91
CA ALA L 821 -1.81 6.12 -23.48
C ALA L 821 -0.49 6.38 -22.76
N PRO L 822 -0.49 7.31 -21.81
CA PRO L 822 0.69 7.54 -20.97
C PRO L 822 0.94 6.27 -20.17
N GLN L 823 2.21 5.87 -20.09
CA GLN L 823 2.60 4.59 -19.55
C GLN L 823 3.27 4.76 -18.19
N VAL L 824 3.30 3.72 -17.38
CA VAL L 824 4.05 3.78 -16.14
C VAL L 824 5.50 3.39 -16.42
N VAL L 825 6.40 4.27 -16.03
CA VAL L 825 7.83 4.02 -16.15
C VAL L 825 8.30 3.39 -14.86
N GLU L 826 8.97 2.24 -14.95
CA GLU L 826 9.60 1.62 -13.78
C GLU L 826 10.42 2.65 -12.99
N GLY L 827 10.19 2.71 -11.69
CA GLY L 827 10.88 3.66 -10.84
C GLY L 827 10.33 5.07 -10.91
N GLU L 828 9.04 5.21 -11.21
CA GLU L 828 8.40 6.52 -11.17
C GLU L 828 7.07 6.48 -10.42
N LYS L 829 6.60 7.65 -9.98
CA LYS L 829 5.48 7.68 -9.05
C LYS L 829 4.11 7.55 -9.73
N VAL L 830 3.13 7.04 -8.97
CA VAL L 830 1.78 6.80 -9.48
C VAL L 830 0.70 7.33 -8.55
N TYR L 831 -0.37 7.84 -9.13
CA TYR L 831 -1.62 8.06 -8.38
C TYR L 831 -2.34 6.73 -8.24
N VAL L 832 -2.84 6.48 -7.03
CA VAL L 832 -3.53 5.24 -6.68
C VAL L 832 -4.93 5.57 -6.17
N LEU L 833 -5.90 4.77 -6.60
CA LEU L 833 -7.25 4.85 -6.09
C LEU L 833 -7.79 3.44 -5.92
N PRO L 834 -8.66 3.22 -4.92
CA PRO L 834 -9.38 1.95 -4.74
C PRO L 834 -10.65 1.87 -5.57
N LEU L 835 -11.00 0.67 -6.02
CA LEU L 835 -12.24 0.44 -6.76
C LEU L 835 -13.24 -0.43 -6.00
N ARG L 836 -14.52 -0.11 -6.17
CA ARG L 836 -15.61 -0.85 -5.55
C ARG L 836 -15.72 -2.24 -6.16
N GLU L 837 -16.12 -3.25 -5.36
CA GLU L 837 -16.15 -4.64 -5.81
C GLU L 837 -17.07 -4.76 -7.00
N GLY L 838 -16.56 -5.43 -8.04
CA GLY L 838 -17.30 -5.68 -9.27
C GLY L 838 -17.06 -4.65 -10.35
N ASN L 839 -15.92 -3.97 -10.27
CA ASN L 839 -15.59 -2.89 -11.22
C ASN L 839 -15.20 -3.45 -12.59
N PRO L 840 -15.41 -2.65 -13.64
CA PRO L 840 -15.18 -3.10 -15.02
C PRO L 840 -13.69 -3.28 -15.38
N PHE L 841 -12.80 -2.99 -14.43
CA PHE L 841 -11.38 -3.29 -14.57
C PHE L 841 -11.06 -4.66 -14.00
N GLY L 842 -11.89 -5.11 -13.05
CA GLY L 842 -11.79 -6.43 -12.43
C GLY L 842 -10.70 -6.58 -11.37
N ASP L 843 -10.37 -5.48 -10.71
CA ASP L 843 -9.40 -5.49 -9.60
C ASP L 843 -9.72 -4.41 -8.58
N LYS L 844 -9.16 -4.54 -7.39
CA LYS L 844 -9.55 -3.68 -6.28
C LYS L 844 -9.03 -2.24 -6.35
N CYS L 845 -8.11 -1.97 -7.27
CA CYS L 845 -7.53 -0.65 -7.40
C CYS L 845 -6.90 -0.41 -8.77
N ILE L 846 -6.67 0.87 -9.08
CA ILE L 846 -6.04 1.30 -10.32
C ILE L 846 -4.95 2.32 -9.99
N ALA L 847 -3.88 2.30 -10.77
CA ALA L 847 -2.80 3.24 -10.55
C ALA L 847 -2.33 3.75 -11.89
N TRP L 848 -1.92 5.02 -11.92
CA TRP L 848 -1.51 5.65 -13.16
C TRP L 848 -0.47 6.73 -12.87
N PRO L 849 0.27 7.17 -13.91
CA PRO L 849 1.36 8.13 -13.71
C PRO L 849 0.98 9.39 -12.94
N SER L 850 1.58 9.54 -11.76
CA SER L 850 1.41 10.71 -10.89
C SER L 850 1.72 12.02 -11.60
N GLY L 851 0.98 13.06 -11.24
CA GLY L 851 1.13 14.38 -11.88
C GLY L 851 0.26 14.62 -13.11
N THR L 852 -0.40 13.57 -13.59
CA THR L 852 -1.23 13.62 -14.76
C THR L 852 -2.62 13.09 -14.42
N GLU L 853 -3.62 13.45 -15.23
CA GLU L 853 -4.93 12.80 -15.17
C GLU L 853 -4.90 11.57 -16.07
N ILE L 854 -5.76 10.59 -15.79
CA ILE L 854 -5.91 9.42 -16.67
C ILE L 854 -6.46 9.81 -18.03
N THR L 855 -6.04 9.10 -19.06
CA THR L 855 -6.58 9.29 -20.42
C THR L 855 -8.10 9.29 -20.44
N ASP L 856 -8.69 10.01 -21.39
CA ASP L 856 -10.15 10.06 -21.58
C ASP L 856 -10.85 8.69 -21.63
N LEU L 857 -10.22 7.70 -22.28
CA LEU L 857 -10.86 6.43 -22.56
C LEU L 857 -11.14 5.51 -21.37
N ILE L 858 -10.56 5.82 -20.23
CA ILE L 858 -10.91 5.15 -18.98
C ILE L 858 -11.34 6.11 -17.87
N LYS L 859 -11.18 7.42 -18.10
CA LYS L 859 -11.37 8.45 -17.05
C LYS L 859 -12.74 8.41 -16.37
N ASP L 860 -13.79 8.48 -17.18
CA ASP L 860 -15.16 8.54 -16.67
C ASP L 860 -15.54 7.28 -15.88
N ASP L 861 -15.23 6.12 -16.44
CA ASP L 861 -15.44 4.84 -15.77
C ASP L 861 -14.71 4.79 -14.41
N VAL L 862 -13.52 5.35 -14.33
CA VAL L 862 -12.78 5.43 -13.05
C VAL L 862 -13.52 6.23 -11.95
N LEU L 863 -14.19 7.32 -12.32
CA LEU L 863 -14.89 8.13 -11.32
C LEU L 863 -16.26 7.55 -10.92
N HIS L 864 -16.73 6.53 -11.64
CA HIS L 864 -17.94 5.80 -11.26
C HIS L 864 -17.66 4.71 -10.23
N TRP L 865 -16.44 4.18 -10.25
CA TRP L 865 -16.07 3.01 -9.45
C TRP L 865 -15.06 3.30 -8.34
N MET L 866 -14.73 4.58 -8.14
CA MET L 866 -13.87 5.05 -7.04
C MET L 866 -14.48 4.69 -5.72
N ASP L 867 -13.76 3.96 -4.89
CA ASP L 867 -14.32 3.65 -3.57
C ASP L 867 -14.14 4.80 -2.54
N TYR L 868 -15.13 5.69 -2.48
CA TYR L 868 -15.08 6.85 -1.58
C TYR L 868 -15.06 6.44 -0.11
N THR L 869 -15.73 5.35 0.23
CA THR L 869 -15.69 4.84 1.59
C THR L 869 -14.34 4.22 1.93
N VAL L 870 -13.86 3.27 1.13
CA VAL L 870 -12.55 2.68 1.41
C VAL L 870 -11.46 3.76 1.51
N LEU L 871 -11.53 4.74 0.62
CA LEU L 871 -10.50 5.77 0.54
C LEU L 871 -10.57 6.71 1.72
N LEU L 872 -11.78 7.12 2.10
CA LEU L 872 -12.00 7.94 3.30
C LEU L 872 -11.53 7.23 4.58
N GLU L 873 -11.80 5.93 4.70
CA GLU L 873 -11.27 5.13 5.79
C GLU L 873 -9.75 5.00 5.65
N LYS L 874 -9.28 4.58 4.49
CA LYS L 874 -7.86 4.30 4.39
C LYS L 874 -6.98 5.54 4.61
N THR L 875 -7.32 6.67 3.98
CA THR L 875 -6.44 7.85 4.02
C THR L 875 -6.72 8.83 5.13
N PHE L 876 -7.96 8.92 5.58
CA PHE L 876 -8.36 9.99 6.49
C PHE L 876 -8.62 9.50 7.91
N ILE L 877 -9.60 8.62 8.08
CA ILE L 877 -10.01 8.22 9.43
C ILE L 877 -8.93 7.44 10.18
N LYS L 878 -8.42 6.38 9.57
CA LYS L 878 -7.38 5.57 10.22
C LYS L 878 -6.29 6.41 10.90
N PRO L 879 -5.70 7.37 10.19
CA PRO L 879 -4.66 8.18 10.82
C PRO L 879 -5.21 9.08 11.91
N LEU L 880 -6.48 9.48 11.81
CA LEU L 880 -7.09 10.39 12.78
C LEU L 880 -7.42 9.64 14.07
N GLU L 881 -7.95 8.42 13.93
CA GLU L 881 -8.14 7.52 15.06
C GLU L 881 -6.83 7.39 15.82
N GLY L 882 -5.71 7.22 15.10
CA GLY L 882 -4.38 7.24 15.70
C GLY L 882 -4.08 8.49 16.51
N PHE L 883 -4.20 9.65 15.86
CA PHE L 883 -3.98 10.95 16.50
C PHE L 883 -4.80 11.09 17.78
N THR L 884 -6.13 11.07 17.61
CA THR L 884 -7.06 11.27 18.68
C THR L 884 -6.94 10.21 19.75
N SER L 885 -6.67 8.98 19.34
CA SER L 885 -6.44 7.89 20.28
C SER L 885 -5.35 8.25 21.27
N ALA L 886 -4.20 8.63 20.73
CA ALA L 886 -3.01 9.04 21.46
C ALA L 886 -3.26 10.26 22.34
N ALA L 887 -3.82 11.31 21.73
CA ALA L 887 -4.14 12.53 22.45
C ALA L 887 -5.39 12.39 23.38
N LYS L 888 -5.87 11.14 23.48
CA LYS L 888 -7.12 10.78 24.17
C LYS L 888 -8.22 11.80 23.89
N LEU L 889 -8.55 11.93 22.61
CA LEU L 889 -9.62 12.81 22.15
C LEU L 889 -10.61 12.00 21.31
N ASP L 890 -11.73 12.62 20.96
CA ASP L 890 -12.74 11.96 20.15
C ASP L 890 -13.16 12.88 19.04
N TYR L 891 -12.90 12.46 17.80
CA TYR L 891 -13.32 13.24 16.64
C TYR L 891 -14.85 13.20 16.54
N GLU L 892 -15.42 12.02 16.76
CA GLU L 892 -16.86 11.89 16.95
C GLU L 892 -17.21 12.50 18.30
N LYS L 893 -18.41 13.02 18.43
CA LYS L 893 -18.95 13.32 19.75
C LYS L 893 -19.94 12.21 20.06
N LYS L 894 -20.38 11.55 19.00
CA LYS L 894 -21.59 10.71 18.98
C LYS L 894 -21.79 9.83 20.23
N ALA L 895 -23.05 9.72 20.67
CA ALA L 895 -23.43 8.97 21.88
C ALA L 895 -22.88 9.55 23.19
N SER L 896 -21.85 10.42 23.08
CA SER L 896 -21.22 11.13 24.20
C SER L 896 -22.08 11.11 25.46
N LEU L 897 -21.63 10.32 26.44
CA LEU L 897 -22.39 10.04 27.65
C LEU L 897 -22.60 11.26 28.56
N PHE L 898 -22.31 12.44 28.01
CA PHE L 898 -22.38 13.73 28.72
C PHE L 898 -23.67 14.02 29.50
N ASP L 899 -23.56 14.99 30.41
CA ASP L 899 -24.71 15.66 31.01
C ASP L 899 -24.63 17.14 30.59
N MET L 900 -25.79 17.79 30.45
CA MET L 900 -25.83 19.17 29.95
C MET L 900 -26.95 20.07 30.55
N PHE L 901 -26.56 21.29 30.93
CA PHE L 901 -27.37 22.34 31.57
C PHE L 901 -28.84 22.04 31.82
N ASP L 902 -29.73 22.58 30.97
CA ASP L 902 -31.16 22.45 31.15
C ASP L 902 -31.52 21.10 31.78
N PHE L 903 -32.04 21.15 33.01
CA PHE L 903 -32.22 19.96 33.84
C PHE L 903 -33.28 19.00 33.31
O5' 3DR M . -40.69 -33.55 25.69
P 3DR M . -40.46 -33.90 24.12
OP1 3DR M . -41.79 -33.87 23.46
OP2 3DR M . -39.34 -33.11 23.56
C2' 3DR M . -44.48 -34.19 27.26
C5' 3DR M . -41.89 -32.90 26.13
C4' 3DR M . -42.32 -33.24 27.55
O4' 3DR M . -43.30 -32.26 27.98
C1' 3DR M . -44.61 -32.71 27.66
C3' 3DR M . -43.09 -34.54 27.80
O3' 3DR M . -43.13 -34.83 29.22
N1 DOC N . -51.20 -26.96 35.47
C2 DOC N . -50.33 -28.01 35.08
N3 DOC N . -50.45 -28.52 33.82
C4 DOC N . -51.36 -28.03 32.98
C5 DOC N . -52.24 -26.96 33.34
C6 DOC N . -52.13 -26.47 34.57
O2 DOC N . -49.50 -28.43 35.89
N4 DOC N . -51.44 -28.56 31.76
C1' DOC N . -51.07 -26.38 36.84
C2' DOC N . -50.08 -25.22 36.82
C3' DOC N . -50.97 -23.98 36.82
C4' DOC N . -52.23 -24.44 37.54
O4' DOC N . -52.29 -25.89 37.35
C5' DOC N . -53.46 -23.78 36.98
O5' DOC N . -54.38 -23.39 37.98
P DOC N . -55.96 -23.47 37.70
OP1 DOC N . -56.64 -23.16 38.99
OP2 DOC N . -56.28 -22.70 36.48
O5' DGP O . 14.92 99.34 19.24
C5' DGP O . 16.24 99.86 19.59
C4' DGP O . 16.89 99.21 20.83
O4' DGP O . 16.42 97.84 21.07
C3' DGP O . 18.39 99.09 20.72
O3' DGP O . 19.03 100.32 21.16
C2' DGP O . 18.65 97.84 21.56
C1' DGP O . 17.46 96.92 21.28
N9 DGP O . 17.63 96.03 20.11
C8 DGP O . 18.49 94.96 20.04
N7 DGP O . 18.49 94.34 18.90
C5 DGP O . 17.56 95.00 18.12
C6 DGP O . 17.13 94.76 16.78
O6 DGP O . 17.49 93.89 15.99
N1 DGP O . 16.17 95.66 16.33
C2 DGP O . 15.66 96.68 17.11
N2 DGP O . 14.72 97.44 16.50
N3 DGP O . 16.05 96.92 18.39
C4 DGP O . 17.01 96.06 18.85
O5' 3DR P . 24.39 87.36 12.76
P 3DR P . 25.30 87.08 11.47
OP1 3DR P . 24.41 86.69 10.36
OP2 3DR P . 26.18 88.23 11.29
C2' 3DR P . 21.36 88.13 14.95
C5' 3DR P . 24.80 88.31 13.77
C4' 3DR P . 23.70 88.68 14.75
O4' 3DR P . 22.87 89.74 14.19
C1' 3DR P . 21.59 89.22 13.91
C3' 3DR P . 22.76 87.57 15.18
O3' 3DR P . 23.00 87.33 16.56
N1 DOC Q . 13.05 94.79 20.83
C2 DOC Q . 14.16 93.93 20.88
N3 DOC Q . 14.36 93.08 19.83
C4 DOC Q . 13.54 93.12 18.79
C5 DOC Q . 12.41 94.00 18.71
C6 DOC Q . 12.21 94.82 19.75
O2 DOC Q . 14.92 93.93 21.86
N4 DOC Q . 13.75 92.29 17.78
C1' DOC Q . 12.80 95.74 21.96
C2' DOC Q . 13.67 97.00 21.87
C3' DOC Q . 12.71 98.17 21.78
C4' DOC Q . 11.45 97.55 22.37
O4' DOC Q . 11.48 96.20 21.85
C5' DOC Q . 10.14 98.26 21.99
O5' DOC Q . 9.00 97.61 22.50
P DOC Q . 7.56 97.82 21.79
OP1 DOC Q . 6.66 98.52 22.75
OP2 DOC Q . 7.65 98.29 20.38
O3' DGP R . 17.96 -85.77 -14.26
P DGP S . 18.34 -84.31 -13.70
OP1 DGP S . 17.28 -83.83 -12.77
OP2 DGP S . 18.72 -83.46 -14.87
O5' DGP S . 19.68 -84.66 -12.86
C5' DGP S . 19.70 -85.60 -11.75
C4' DGP S . 20.89 -86.53 -11.83
O4' DGP S . 20.51 -87.72 -12.57
C3' DGP S . 22.02 -85.86 -12.62
O3' DGP S . 22.92 -85.18 -11.73
C2' DGP S . 22.65 -87.02 -13.41
C1' DGP S . 21.57 -88.10 -13.45
N9 DGP S . 21.14 -88.38 -14.83
C8 DGP S . 21.43 -89.56 -15.44
N7 DGP S . 21.02 -89.66 -16.67
C5 DGP S . 20.43 -88.44 -16.93
C6 DGP S . 19.82 -88.01 -18.13
O6 DGP S . 19.70 -88.66 -19.17
N1 DGP S . 19.31 -86.72 -18.07
C2 DGP S . 19.40 -85.91 -16.94
N2 DGP S . 18.84 -84.69 -17.10
N3 DGP S . 19.98 -86.32 -15.79
C4 DGP S . 20.49 -87.62 -15.82
O5' 3DR T . 26.98 -93.18 -25.21
P 3DR T . 27.26 -93.15 -26.77
OP1 3DR T . 26.52 -92.03 -27.39
OP2 3DR T . 28.72 -93.14 -27.01
C2' 3DR T . 23.97 -93.25 -22.27
C5' 3DR T . 25.88 -93.97 -24.77
C4' 3DR T . 25.96 -94.14 -23.27
O4' 3DR T . 26.31 -92.88 -22.67
C1' 3DR T . 25.08 -92.20 -22.48
C3' 3DR T . 24.63 -94.59 -22.65
O3' 3DR T . 24.88 -95.50 -21.55
P DGP U . -16.60 -123.69 -14.85
OP1 DGP U . -15.24 -123.15 -14.63
OP2 DGP U . -17.19 -123.85 -16.21
O5' DGP U . -16.77 -125.03 -13.99
C5' DGP U . -16.39 -126.32 -14.48
C4' DGP U . -14.99 -126.76 -14.00
O4' DGP U . -14.76 -126.66 -12.54
C3' DGP U . -14.64 -128.20 -14.41
O3' DGP U . -13.58 -128.26 -15.39
C2' DGP U . -14.17 -128.82 -13.09
C1' DGP U . -13.68 -127.55 -12.36
N9 DGP U . -13.31 -127.86 -10.98
C8 DGP U . -13.74 -127.31 -9.80
N7 DGP U . -13.17 -127.87 -8.77
C5 DGP U . -12.34 -128.86 -9.30
C6 DGP U . -11.46 -129.80 -8.71
O6 DGP U . -11.22 -129.98 -7.51
N1 DGP U . -10.80 -130.62 -9.62
C2 DGP U . -10.95 -130.54 -10.99
N2 DGP U . -10.25 -131.39 -11.74
N3 DGP U . -11.76 -129.66 -11.56
C4 DGP U . -12.41 -128.86 -10.66
N1 DOC V . 16.03 -89.05 -14.04
C2 DOC V . 17.01 -89.97 -14.38
N3 DOC V . 17.23 -90.25 -15.69
C4 DOC V . 16.54 -89.63 -16.67
C5 DOC V . 15.52 -88.68 -16.32
C6 DOC V . 15.32 -88.41 -15.02
O2 DOC V . 17.63 -90.51 -13.44
N4 DOC V . 16.81 -89.96 -17.93
C1' DOC V . 15.83 -88.79 -12.60
C2' DOC V . 16.77 -87.71 -12.05
C3' DOC V . 15.90 -86.87 -11.13
C4' DOC V . 14.67 -87.76 -11.01
O4' DOC V . 14.56 -88.26 -12.36
C5' DOC V . 13.38 -87.07 -10.65
O5' DOC V . 12.80 -86.43 -11.79
P DOC V . 11.23 -86.17 -11.77
OP1 DOC V . 10.77 -86.05 -10.34
OP2 DOC V . 11.01 -85.10 -12.77
O5' DGP W . 21.17 15.48 11.81
C5' DGP W . 21.44 14.87 13.10
C4' DGP W . 22.51 13.77 13.11
O4' DGP W . 22.04 12.56 12.43
C3' DGP W . 23.81 14.19 12.44
O3' DGP W . 24.76 14.73 13.43
C2' DGP W . 24.27 12.89 11.76
C1' DGP W . 23.04 11.98 11.63
N9 DGP W . 22.67 11.86 10.21
C8 DGP W . 23.19 10.88 9.41
N7 DGP W . 22.79 10.95 8.17
C5 DGP W . 21.96 12.04 8.12
C6 DGP W . 21.24 12.59 7.02
O6 DGP W . 21.22 12.16 5.85
N1 DGP W . 20.48 13.72 7.34
C2 DGP W . 20.42 14.26 8.61
N2 DGP W . 19.63 15.36 8.70
N3 DGP W . 21.09 13.76 9.67
C4 DGP W . 21.86 12.65 9.38
O5' 3DR X . 27.40 6.59 -1.54
P 3DR X . 28.02 7.48 -2.72
OP1 3DR X . 26.92 7.87 -3.65
OP2 3DR X . 28.96 8.50 -2.18
C2' 3DR X . 24.38 7.41 1.37
C5' 3DR X . 27.76 6.76 -0.14
C4' 3DR X . 26.63 7.36 0.67
O4' 3DR X . 25.94 8.32 -0.16
C1' 3DR X . 24.61 8.48 0.30
C3' 3DR X . 25.49 6.40 1.05
O3' 3DR X . 25.80 5.53 2.16
P DGP Y . -15.51 -22.39 7.40
OP1 DGP Y . -14.96 -22.65 6.05
OP2 DGP Y . -16.68 -21.49 7.59
O5' DGP Y . -15.69 -23.76 8.22
C5' DGP Y . -15.61 -25.07 7.60
C4' DGP Y . -14.17 -25.60 7.53
O4' DGP Y . -13.70 -26.05 8.84
C3' DGP Y . -13.92 -26.77 6.56
O3' DGP Y . -12.73 -26.53 5.77
C2' DGP Y . -13.69 -27.95 7.49
C1' DGP Y . -12.96 -27.25 8.64
N9 DGP Y . -12.95 -28.09 9.84
C8 DGP Y . -12.43 -29.35 9.92
N7 DGP Y . -12.56 -29.90 11.08
C5 DGP Y . -13.24 -28.94 11.82
C6 DGP Y . -13.67 -28.97 13.16
O6 DGP Y . -13.52 -29.89 13.95
N1 DGP Y . -14.33 -27.79 13.55
C2 DGP Y . -14.55 -26.71 12.72
N2 DGP Y . -15.19 -25.67 13.26
N3 DGP Y . -14.14 -26.66 11.45
C4 DGP Y . -13.50 -27.81 11.07
N1 DOC Z . 17.72 11.30 10.82
C2 DOC Z . 18.54 10.36 10.19
N3 DOC Z . 18.59 10.33 8.82
C4 DOC Z . 17.86 11.18 8.12
C5 DOC Z . 17.01 12.15 8.74
C6 DOC Z . 16.97 12.19 10.08
O2 DOC Z . 19.22 9.61 10.92
N4 DOC Z . 17.93 11.12 6.79
C1' DOC Z . 17.73 11.29 12.29
C2' DOC Z . 18.85 12.20 12.76
C3' DOC Z . 18.11 13.46 13.20
C4' DOC Z . 16.84 12.85 13.76
O4' DOC Z . 16.53 11.76 12.84
C5' DOC Z . 15.72 13.87 13.83
O5' DOC Z . 14.50 13.39 14.34
P DOC Z . 13.17 14.19 13.95
OP1 DOC Z . 12.32 14.41 15.16
OP2 DOC Z . 13.56 15.30 13.03
CA CA AA . -52.31 -20.31 37.60
CA CA BA . -48.55 -11.04 36.96
CA CA CA . 13.20 110.91 20.23
CA CA DA . 10.56 101.99 21.60
CA CA EA . 16.62 -81.48 -10.77
CA CA FA . 17.87 -74.49 -8.06
CA CA GA . 21.71 24.12 18.51
CA CA HA . 16.87 17.50 15.08
#